data_7JZX
#
_entry.id   7JZX
#
_cell.length_a   1.00
_cell.length_b   1.00
_cell.length_c   1.00
_cell.angle_alpha   90.00
_cell.angle_beta   90.00
_cell.angle_gamma   90.00
#
_symmetry.space_group_name_H-M   'P 1'
#
loop_
_entity.id
_entity.type
_entity.pdbx_description
1 polymer 'CRISPR-associated endonuclease Cas6/Csy4'
2 polymer 'Type I-F CRISPR-associated protein Csy2'
3 polymer 'CRISPR type I-F/YPEST-associated protein Csy3'
4 polymer 'CRISPR-associated protein Csy1'
5 polymer 'RNA (61-MER)'
6 polymer AcrF7
#
loop_
_entity_poly.entity_id
_entity_poly.type
_entity_poly.pdbx_seq_one_letter_code
_entity_poly.pdbx_strand_id
1 'polypeptide(L)'
;MDHYLDIRLRPDPEFPPAQLMSVLFGKLHQALVAQGGDRIGVSFPDLDESRSRLGERLRIHASADDLRALLARPWLEGLR
DHLQFGEPAVVPHPTPYRQVSRVQAKSNPERLRRRLMRRHDLSEEEARKRIPDTVARALDLPFVTLRSQSTGQHFRLFIR
HGPLQVTAEEGGFTCYGLSKGGFVPWF
;
C
2 'polypeptide(L)'
;MSVTDPEALLLLPRLSIQNANAISSPLTWGFPSPGAFTGFVHALQRRVGISLDIELDGVGIVCHRFEAQISQPAGKRTKV
FNLTRNPLNRDGSTAAIVEEGRAHLEVSLLLGVHGDGLDDHPAQEIARQVQEQAGAMRLAGGSILPWCNERFPAPNAELL
MLGGSDEQRRKNQRRLTRRLLPGFALVSREALLQQHLETLRTTLPEATTLDALLDLCRINFEPPATSSEEEASPPDAAWQ
VRDKPGWLVPIPAGYNALSPLYLPGEVRNARDRETPLRFVENLFGLGEWLSPHRVAALSDLLWYHHAEPDKGLYRWSTPR
FVEHAIA
;
B
3 'polypeptide(L)'
;MSKPILSTASVLAFERKLDPSDALMSAGAWAQRDASQEWPAVTVREKSVRGTISNRLKTKDRDPAKLDASIQSPNLQTVD
VANLPSDADTLKVRFTLRVLGGAGTPSACNDAAYRDKLLQTVATYVNDQGFAELARRYAHNLANARFLWRNRVGAEAVEV
RINHIRQGEVARAWRFDALAIGLRDFKADAELDALAELIASGLSGSGHVLLEVVAFARIGDGQEVFPSQELILDKGDKKG
QKSKTLYSVRDAAAIHSQKIGNALRTIDTWYPDEDGLGPIAVEPYGSVTSQGKAYRQPKQKLDFYTLLDNWVLRDEAPAV
EQQHYVIANLIRGGVFGEAEEK
;
E,D,F,G,H,I
4 'polypeptide(L)'
;MTSPLPTPTWQELRQFIESFIQERLQGKLDKLQPDEDDKRQTLLATHRREAWLADAARRVGQLQLVTHTLKPIHPDARGS
NLHSLPQAPGQPGLAGSHELGDRLVSDVVGNAAALDVFKFLSLQYQGKNLLNWLTEDSAEALQALSDNAEQAREWRQAFI
GITTVKGAPASHSLAKQLYFPLPGSGYHLLAPLFPTSLVHHVHALLREARFGDAAKAAREARSRQESWPHGFSEYPNLAI
QKFGGTKPQNISQLNNERRGENWLLPSLPPNWQRQNVNAPMRHSSVFEHDFGRTPEVSRLTRTLQRFLAKTVHNNLAIRQ
RRAQLVAQICDEALQYAARLRELEPGWSATPGCQLHDAEQLWLDPLRAQTDETFLQRRLRGDWPAEVGNRFANWLNRAVS
SDSQILGSPEAAQWSQELSKELTMFKEILEDERD
;
A
5 'polyribonucleotide' CUAAGAAAUUCACGGCGGGCUUGAUGUCCGCGUCUACCUGAUUCACUGCCGUAUAGGCAGC M
6 'polypeptide(L)'
;MSHASHNGEAPKRIEAMTTFTSIVTTNPDFGGFEFYVEAGQQFDDSAYEEAYGVSVPSAVVEEMNAKAAQLKDGEWLNVS
HEA
;
J
#
loop_
_chem_comp.id
_chem_comp.type
_chem_comp.name
_chem_comp.formula
A RNA linking ADENOSINE-5'-MONOPHOSPHATE 'C10 H14 N5 O7 P'
C RNA linking CYTIDINE-5'-MONOPHOSPHATE 'C9 H14 N3 O8 P'
G RNA linking GUANOSINE-5'-MONOPHOSPHATE 'C10 H14 N5 O8 P'
U RNA linking URIDINE-5'-MONOPHOSPHATE 'C9 H13 N2 O9 P'
#
# COMPACT_ATOMS: atom_id res chain seq x y z
N MET A 1 73.87 31.44 -5.78
CA MET A 1 72.49 31.78 -6.06
C MET A 1 71.97 32.84 -5.09
N ASP A 2 72.20 34.10 -5.43
CA ASP A 2 71.76 35.21 -4.60
C ASP A 2 70.66 36.05 -5.24
N HIS A 3 70.10 35.60 -6.36
CA HIS A 3 69.04 36.33 -7.03
C HIS A 3 67.77 35.48 -7.11
N TYR A 4 66.65 36.16 -7.31
CA TYR A 4 65.35 35.51 -7.27
C TYR A 4 64.36 36.34 -8.08
N LEU A 5 63.28 35.69 -8.48
CA LEU A 5 62.21 36.34 -9.23
C LEU A 5 60.89 35.69 -8.84
N ASP A 6 59.99 36.48 -8.27
CA ASP A 6 58.68 35.99 -7.86
C ASP A 6 57.72 36.03 -9.03
N ILE A 7 57.18 34.88 -9.38
CA ILE A 7 56.11 34.78 -10.36
C ILE A 7 54.84 34.50 -9.58
N ARG A 8 54.05 35.53 -9.36
CA ARG A 8 52.83 35.42 -8.59
C ARG A 8 51.67 35.21 -9.53
N LEU A 9 50.86 34.19 -9.25
CA LEU A 9 49.69 33.93 -10.06
C LEU A 9 48.63 34.99 -9.81
N ARG A 10 48.16 35.59 -10.89
CA ARG A 10 46.98 36.43 -10.76
C ARG A 10 45.78 35.55 -10.45
N PRO A 11 44.80 36.06 -9.71
CA PRO A 11 43.53 35.33 -9.62
C PRO A 11 42.83 35.38 -10.96
N ASP A 12 42.15 34.28 -11.29
CA ASP A 12 41.62 34.15 -12.60
C ASP A 12 40.19 33.64 -12.45
N PRO A 13 39.23 34.20 -13.20
CA PRO A 13 37.85 33.71 -13.09
C PRO A 13 37.67 32.32 -13.65
N GLU A 14 38.58 31.87 -14.51
CA GLU A 14 38.41 30.66 -15.29
C GLU A 14 39.18 29.48 -14.72
N PHE A 15 40.25 29.72 -13.96
CA PHE A 15 41.17 28.68 -13.56
C PHE A 15 41.45 28.73 -12.07
N PRO A 16 41.56 27.60 -11.40
CA PRO A 16 42.04 27.59 -10.02
C PRO A 16 43.55 27.82 -10.01
N PRO A 17 44.11 28.23 -8.88
CA PRO A 17 45.55 28.52 -8.86
C PRO A 17 46.44 27.29 -9.01
N ALA A 18 45.94 26.11 -8.65
CA ALA A 18 46.75 24.90 -8.77
C ALA A 18 46.94 24.51 -10.23
N GLN A 19 45.93 24.75 -11.05
CA GLN A 19 46.00 24.44 -12.48
C GLN A 19 47.00 25.34 -13.18
N LEU A 20 46.93 26.64 -12.90
CA LEU A 20 47.90 27.57 -13.46
C LEU A 20 49.30 27.32 -12.92
N MET A 21 49.38 26.83 -11.68
CA MET A 21 50.69 26.53 -11.10
C MET A 21 51.33 25.33 -11.78
N SER A 22 50.53 24.31 -12.11
CA SER A 22 51.06 23.17 -12.84
C SER A 22 51.44 23.52 -14.27
N VAL A 23 50.66 24.40 -14.91
CA VAL A 23 50.99 24.86 -16.26
C VAL A 23 52.28 25.66 -16.24
N LEU A 24 52.45 26.53 -15.25
CA LEU A 24 53.66 27.31 -15.11
C LEU A 24 54.86 26.43 -14.78
N PHE A 25 54.63 25.36 -14.01
CA PHE A 25 55.70 24.43 -13.68
C PHE A 25 56.16 23.66 -14.91
N GLY A 26 55.23 23.24 -15.77
CA GLY A 26 55.62 22.56 -17.00
C GLY A 26 56.34 23.49 -17.97
N LYS A 27 55.88 24.75 -18.05
CA LYS A 27 56.56 25.72 -18.90
C LYS A 27 57.96 26.04 -18.39
N LEU A 28 58.13 26.09 -17.06
CA LEU A 28 59.45 26.31 -16.49
C LEU A 28 60.35 25.10 -16.73
N HIS A 29 59.79 23.90 -16.67
CA HIS A 29 60.55 22.69 -17.01
C HIS A 29 61.03 22.71 -18.45
N GLN A 30 60.18 23.16 -19.38
CA GLN A 30 60.60 23.25 -20.78
C GLN A 30 61.68 24.32 -20.96
N ALA A 31 61.56 25.43 -20.22
CA ALA A 31 62.59 26.45 -20.28
C ALA A 31 63.92 25.97 -19.69
N LEU A 32 63.85 25.11 -18.68
CA LEU A 32 65.08 24.64 -18.05
C LEU A 32 65.76 23.55 -18.88
N VAL A 33 64.98 22.70 -19.55
CA VAL A 33 65.60 21.71 -20.42
C VAL A 33 66.08 22.36 -21.71
N ALA A 34 65.51 23.51 -22.06
CA ALA A 34 66.07 24.29 -23.15
C ALA A 34 67.33 25.02 -22.69
N GLN A 35 67.42 25.31 -21.39
CA GLN A 35 68.54 26.09 -20.87
C GLN A 35 69.76 25.21 -20.65
N GLY A 36 69.58 24.08 -19.99
CA GLY A 36 70.71 23.29 -19.54
C GLY A 36 71.15 23.71 -18.15
N GLY A 37 72.19 23.05 -17.66
CA GLY A 37 72.74 23.35 -16.35
C GLY A 37 71.86 22.85 -15.21
N ASP A 38 72.42 22.97 -14.01
CA ASP A 38 71.77 22.47 -12.79
C ASP A 38 71.75 23.53 -11.70
N ARG A 39 71.72 24.81 -12.07
CA ARG A 39 71.91 25.89 -11.12
C ARG A 39 70.68 26.76 -10.90
N ILE A 40 69.49 26.29 -11.28
CA ILE A 40 68.27 27.07 -11.20
C ILE A 40 67.25 26.28 -10.38
N GLY A 41 66.87 26.83 -9.24
CA GLY A 41 65.94 26.14 -8.35
C GLY A 41 64.69 26.94 -8.04
N VAL A 42 63.65 26.28 -7.55
CA VAL A 42 62.36 26.92 -7.29
C VAL A 42 62.05 26.86 -5.81
N SER A 43 61.05 27.63 -5.42
CA SER A 43 60.50 27.60 -4.06
C SER A 43 59.08 28.13 -4.11
N PHE A 44 58.36 27.95 -3.02
CA PHE A 44 56.94 28.28 -2.95
C PHE A 44 56.70 29.08 -1.68
N PRO A 45 56.79 30.41 -1.76
CA PRO A 45 56.77 31.22 -0.54
C PRO A 45 55.42 31.31 0.15
N ASP A 46 54.32 31.03 -0.55
CA ASP A 46 53.01 31.00 0.07
C ASP A 46 52.58 29.60 0.45
N LEU A 47 53.53 28.75 0.84
CA LEU A 47 53.25 27.36 1.19
C LEU A 47 52.39 27.26 2.44
N ASP A 48 51.34 26.45 2.33
CA ASP A 48 50.44 26.17 3.45
C ASP A 48 50.53 24.69 3.74
N GLU A 49 51.27 24.33 4.80
CA GLU A 49 51.53 22.92 5.10
C GLU A 49 50.30 22.24 5.69
N SER A 50 49.34 23.01 6.19
CA SER A 50 48.18 22.42 6.84
C SER A 50 47.24 21.78 5.82
N ARG A 51 46.98 22.46 4.71
CA ARG A 51 46.11 21.93 3.66
C ARG A 51 46.91 21.38 2.49
N SER A 52 48.24 21.37 2.58
CA SER A 52 49.18 20.91 1.54
C SER A 52 48.95 21.64 0.23
N ARG A 53 48.96 22.97 0.31
CA ARG A 53 48.77 23.84 -0.84
C ARG A 53 50.09 24.53 -1.17
N LEU A 54 50.30 24.79 -2.46
CA LEU A 54 51.54 25.43 -2.88
C LEU A 54 51.44 26.95 -2.91
N GLY A 55 50.24 27.48 -2.69
CA GLY A 55 50.06 28.92 -2.71
C GLY A 55 50.01 29.46 -4.11
N GLU A 56 50.13 30.78 -4.20
CA GLU A 56 50.01 31.49 -5.47
C GLU A 56 51.30 32.23 -5.83
N ARG A 57 52.44 31.78 -5.33
CA ARG A 57 53.73 32.34 -5.68
C ARG A 57 54.70 31.22 -5.99
N LEU A 58 55.53 31.43 -7.00
CA LEU A 58 56.61 30.51 -7.34
C LEU A 58 57.87 31.33 -7.57
N ARG A 59 58.87 31.12 -6.72
CA ARG A 59 60.07 31.93 -6.70
C ARG A 59 61.22 31.16 -7.32
N ILE A 60 61.75 31.68 -8.42
CA ILE A 60 62.81 31.01 -9.17
C ILE A 60 64.16 31.54 -8.70
N HIS A 61 64.93 30.68 -8.05
CA HIS A 61 66.24 31.02 -7.51
C HIS A 61 67.31 30.69 -8.53
N ALA A 62 68.09 31.71 -8.92
CA ALA A 62 69.21 31.50 -9.82
C ALA A 62 70.24 32.61 -9.65
N SER A 63 71.17 32.71 -10.58
CA SER A 63 72.00 33.90 -10.70
C SER A 63 71.23 34.99 -11.44
N ALA A 64 71.87 36.16 -11.56
CA ALA A 64 71.20 37.29 -12.20
C ALA A 64 71.07 37.11 -13.71
N ASP A 65 72.14 36.63 -14.36
CA ASP A 65 72.13 36.52 -15.81
C ASP A 65 71.25 35.36 -16.28
N ASP A 66 71.12 34.31 -15.47
CA ASP A 66 70.23 33.21 -15.82
C ASP A 66 68.76 33.65 -15.78
N LEU A 67 68.40 34.46 -14.78
CA LEU A 67 67.05 35.01 -14.73
C LEU A 67 66.82 36.02 -15.84
N ARG A 68 67.86 36.78 -16.20
CA ARG A 68 67.71 37.70 -17.33
C ARG A 68 67.61 36.96 -18.66
N ALA A 69 68.16 35.75 -18.72
CA ALA A 69 67.95 34.90 -19.89
C ALA A 69 66.52 34.36 -19.90
N LEU A 70 66.04 33.90 -18.75
CA LEU A 70 64.74 33.21 -18.71
C LEU A 70 63.57 34.17 -18.83
N LEU A 71 63.74 35.44 -18.45
CA LEU A 71 62.59 36.35 -18.50
C LEU A 71 62.24 36.78 -19.92
N ALA A 72 63.13 36.56 -20.89
CA ALA A 72 62.90 36.96 -22.28
C ALA A 72 62.55 35.79 -23.19
N ARG A 73 62.69 34.57 -22.72
CA ARG A 73 62.48 33.36 -23.50
C ARG A 73 60.99 33.10 -23.68
N PRO A 74 60.58 32.38 -24.74
CA PRO A 74 59.14 32.23 -25.03
C PRO A 74 58.39 31.27 -24.13
N TRP A 75 58.94 30.84 -23.00
CA TRP A 75 58.17 29.99 -22.09
C TRP A 75 57.08 30.78 -21.37
N LEU A 76 57.24 32.09 -21.27
CA LEU A 76 56.22 32.94 -20.67
C LEU A 76 55.23 33.48 -21.69
N GLU A 77 55.41 33.16 -22.97
CA GLU A 77 54.44 33.56 -23.99
C GLU A 77 53.16 32.77 -23.82
N GLY A 78 52.03 33.47 -23.81
CA GLY A 78 50.75 32.84 -23.53
C GLY A 78 50.40 32.77 -22.06
N LEU A 79 51.34 33.06 -21.17
CA LEU A 79 51.11 33.02 -19.74
C LEU A 79 51.05 34.39 -19.10
N ARG A 80 51.36 35.45 -19.85
CA ARG A 80 51.60 36.76 -19.24
C ARG A 80 50.31 37.43 -18.79
N ASP A 81 49.15 36.86 -19.13
CA ASP A 81 47.90 37.38 -18.60
C ASP A 81 47.37 36.55 -17.44
N HIS A 82 48.11 35.53 -17.00
CA HIS A 82 47.80 34.84 -15.76
C HIS A 82 48.91 35.01 -14.72
N LEU A 83 49.96 35.76 -15.05
CA LEU A 83 51.09 35.96 -14.16
C LEU A 83 51.32 37.45 -13.95
N GLN A 84 52.06 37.76 -12.89
CA GLN A 84 52.68 39.07 -12.74
C GLN A 84 54.13 38.86 -12.33
N PHE A 85 55.03 39.59 -12.98
CA PHE A 85 56.46 39.41 -12.80
C PHE A 85 57.05 40.54 -12.00
N GLY A 86 57.94 40.21 -11.10
CA GLY A 86 58.78 41.19 -10.47
C GLY A 86 60.05 41.44 -11.26
N GLU A 87 61.08 41.84 -10.55
CA GLU A 87 62.38 41.99 -11.17
C GLU A 87 63.35 41.01 -10.54
N PRO A 88 64.41 40.60 -11.26
CA PRO A 88 65.47 39.84 -10.61
C PRO A 88 66.21 40.71 -9.60
N ALA A 89 65.99 40.44 -8.32
CA ALA A 89 66.55 41.25 -7.25
C ALA A 89 67.41 40.37 -6.37
N VAL A 90 68.21 41.01 -5.51
CA VAL A 90 69.07 40.25 -4.62
C VAL A 90 68.24 39.71 -3.46
N VAL A 91 68.77 38.70 -2.79
CA VAL A 91 68.05 38.05 -1.70
C VAL A 91 68.29 38.83 -0.41
N PRO A 92 67.36 38.81 0.54
CA PRO A 92 67.67 39.35 1.87
C PRO A 92 68.55 38.39 2.65
N HIS A 93 69.04 38.88 3.79
CA HIS A 93 69.87 38.08 4.69
C HIS A 93 69.76 38.68 6.07
N PRO A 94 69.77 37.87 7.15
CA PRO A 94 69.91 36.41 7.18
C PRO A 94 68.60 35.66 6.89
N THR A 95 68.69 34.68 6.01
CA THR A 95 67.57 33.84 5.64
C THR A 95 67.94 32.37 5.81
N PRO A 96 67.09 31.61 6.48
CA PRO A 96 67.34 30.16 6.58
C PRO A 96 67.06 29.48 5.25
N TYR A 97 67.75 28.37 5.04
CA TYR A 97 67.68 27.62 3.80
C TYR A 97 66.88 26.34 4.03
N ARG A 98 66.25 25.85 2.97
CA ARG A 98 65.55 24.58 3.07
C ARG A 98 65.62 23.85 1.73
N GLN A 99 65.22 22.59 1.76
CA GLN A 99 65.32 21.71 0.61
C GLN A 99 63.96 21.58 -0.07
N VAL A 100 63.95 21.74 -1.40
CA VAL A 100 62.77 21.55 -2.22
C VAL A 100 62.97 20.30 -3.08
N SER A 101 62.58 19.16 -2.55
CA SER A 101 62.84 17.88 -3.20
C SER A 101 61.55 17.24 -3.67
N ARG A 102 61.66 16.43 -4.69
CA ARG A 102 60.52 15.63 -5.13
C ARG A 102 60.44 14.35 -4.31
N VAL A 103 59.24 14.02 -3.86
CA VAL A 103 59.00 12.81 -3.08
C VAL A 103 58.11 11.88 -3.88
N GLN A 104 58.64 10.71 -4.22
CA GLN A 104 57.91 9.70 -4.95
C GLN A 104 57.55 8.56 -4.01
N ALA A 105 56.42 7.92 -4.29
CA ALA A 105 55.94 6.81 -3.47
C ALA A 105 55.51 5.67 -4.37
N LYS A 106 55.52 4.46 -3.80
CA LYS A 106 55.01 3.28 -4.47
C LYS A 106 53.49 3.26 -4.35
N SER A 107 52.81 4.12 -5.11
CA SER A 107 51.38 4.32 -4.94
C SER A 107 50.54 3.36 -5.77
N ASN A 108 51.15 2.53 -6.59
CA ASN A 108 50.43 1.52 -7.37
C ASN A 108 51.08 0.16 -7.14
N PRO A 109 50.36 -0.77 -6.53
CA PRO A 109 50.95 -2.11 -6.32
C PRO A 109 51.09 -2.90 -7.61
N GLU A 110 50.23 -2.67 -8.61
CA GLU A 110 50.26 -3.49 -9.81
C GLU A 110 51.46 -3.17 -10.69
N ARG A 111 51.96 -1.93 -10.65
CA ARG A 111 53.19 -1.61 -11.36
C ARG A 111 54.39 -2.30 -10.73
N LEU A 112 54.40 -2.38 -9.40
CA LEU A 112 55.42 -3.15 -8.71
C LEU A 112 55.29 -4.64 -9.00
N ARG A 113 54.06 -5.13 -9.18
CA ARG A 113 53.85 -6.52 -9.53
C ARG A 113 54.37 -6.82 -10.94
N ARG A 114 54.17 -5.89 -11.87
CA ARG A 114 54.69 -6.08 -13.22
C ARG A 114 56.21 -6.01 -13.24
N ARG A 115 56.80 -5.16 -12.40
CA ARG A 115 58.26 -5.12 -12.30
C ARG A 115 58.81 -6.40 -11.67
N LEU A 116 58.11 -6.93 -10.67
CA LEU A 116 58.53 -8.18 -10.03
C LEU A 116 58.41 -9.35 -10.97
N MET A 117 57.37 -9.36 -11.81
CA MET A 117 57.20 -10.40 -12.81
C MET A 117 58.24 -10.28 -13.91
N ARG A 118 58.69 -9.06 -14.20
CA ARG A 118 59.73 -8.89 -15.18
C ARG A 118 61.11 -9.24 -14.63
N ARG A 119 61.30 -9.11 -13.32
CA ARG A 119 62.61 -9.30 -12.71
C ARG A 119 62.80 -10.67 -12.07
N HIS A 120 61.74 -11.44 -11.89
CA HIS A 120 61.87 -12.75 -11.25
C HIS A 120 61.08 -13.84 -11.97
N ASP A 121 60.47 -13.51 -13.11
CA ASP A 121 59.74 -14.44 -13.99
C ASP A 121 58.54 -15.08 -13.29
N LEU A 122 57.99 -14.42 -12.28
CA LEU A 122 56.91 -15.01 -11.50
C LEU A 122 55.58 -14.80 -12.21
N SER A 123 54.52 -15.34 -11.60
CA SER A 123 53.17 -15.19 -12.13
C SER A 123 52.47 -14.03 -11.44
N GLU A 124 51.18 -13.87 -11.77
CA GLU A 124 50.39 -12.84 -11.10
C GLU A 124 50.05 -13.27 -9.68
N GLU A 125 49.89 -14.59 -9.46
CA GLU A 125 49.54 -15.07 -8.13
C GLU A 125 50.72 -14.99 -7.18
N GLU A 126 51.92 -15.27 -7.67
CA GLU A 126 53.13 -15.08 -6.85
C GLU A 126 53.35 -13.60 -6.56
N ALA A 127 52.95 -12.73 -7.49
CA ALA A 127 53.07 -11.30 -7.29
C ALA A 127 52.09 -10.80 -6.23
N ARG A 128 50.84 -11.29 -6.28
CA ARG A 128 49.84 -10.86 -5.31
C ARG A 128 50.10 -11.50 -3.95
N LYS A 129 50.78 -12.65 -3.91
CA LYS A 129 51.22 -13.20 -2.64
C LYS A 129 52.43 -12.45 -2.11
N ARG A 130 53.23 -11.86 -3.01
CA ARG A 130 54.41 -11.13 -2.62
C ARG A 130 54.15 -9.65 -2.34
N ILE A 131 53.37 -8.99 -3.19
CA ILE A 131 53.07 -7.57 -3.01
C ILE A 131 51.58 -7.38 -2.77
N PRO A 132 51.13 -7.31 -1.53
CA PRO A 132 49.71 -7.10 -1.25
C PRO A 132 49.29 -5.66 -1.50
N ASP A 133 48.00 -5.41 -1.28
CA ASP A 133 47.44 -4.08 -1.54
C ASP A 133 47.60 -3.14 -0.35
N THR A 134 48.25 -3.59 0.73
CA THR A 134 48.59 -2.70 1.83
C THR A 134 49.91 -1.97 1.61
N VAL A 135 50.50 -2.08 0.42
CA VAL A 135 51.73 -1.36 0.11
C VAL A 135 51.44 0.01 -0.48
N ALA A 136 50.18 0.27 -0.85
CA ALA A 136 49.82 1.54 -1.47
C ALA A 136 49.92 2.68 -0.47
N ARG A 137 50.91 3.56 -0.67
CA ARG A 137 51.17 4.67 0.22
C ARG A 137 50.69 5.96 -0.44
N ALA A 138 49.87 6.72 0.29
CA ALA A 138 49.34 7.98 -0.19
C ALA A 138 50.05 9.12 0.53
N LEU A 139 50.65 10.03 -0.24
CA LEU A 139 51.42 11.12 0.32
C LEU A 139 50.52 12.31 0.62
N ASP A 140 50.71 12.88 1.80
CA ASP A 140 50.03 14.12 2.18
C ASP A 140 50.92 15.33 1.91
N LEU A 141 51.15 15.57 0.63
CA LEU A 141 52.11 16.57 0.19
C LEU A 141 51.51 17.44 -0.91
N PRO A 142 51.93 18.70 -1.02
CA PRO A 142 51.51 19.51 -2.15
C PRO A 142 52.20 19.06 -3.43
N PHE A 143 51.53 19.32 -4.55
CA PHE A 143 51.93 18.72 -5.81
C PHE A 143 51.48 19.58 -6.97
N VAL A 144 52.19 19.42 -8.09
CA VAL A 144 51.74 19.92 -9.38
C VAL A 144 51.40 18.73 -10.27
N THR A 145 50.38 18.90 -11.10
CA THR A 145 49.90 17.84 -11.97
C THR A 145 50.49 18.04 -13.35
N LEU A 146 51.43 17.18 -13.72
CA LEU A 146 52.18 17.37 -14.95
C LEU A 146 51.92 16.23 -15.93
N ARG A 147 52.00 16.57 -17.21
CA ARG A 147 51.89 15.61 -18.29
C ARG A 147 53.24 15.56 -18.99
N SER A 148 53.76 14.35 -19.18
CA SER A 148 55.08 14.22 -19.79
C SER A 148 54.99 14.39 -21.30
N GLN A 149 56.14 14.60 -21.92
CA GLN A 149 56.19 14.81 -23.37
C GLN A 149 56.87 13.66 -24.09
N SER A 150 57.80 12.97 -23.44
CA SER A 150 58.36 11.75 -24.03
C SER A 150 57.33 10.65 -24.06
N THR A 151 56.85 10.22 -22.90
CA THR A 151 55.65 9.42 -22.83
C THR A 151 54.43 10.34 -22.77
N GLY A 152 53.24 9.76 -22.77
CA GLY A 152 52.02 10.52 -22.74
C GLY A 152 51.25 10.44 -21.44
N GLN A 153 51.93 10.26 -20.32
CA GLN A 153 51.23 9.98 -19.08
C GLN A 153 51.11 11.23 -18.22
N HIS A 154 50.06 11.27 -17.41
CA HIS A 154 49.79 12.37 -16.49
C HIS A 154 50.14 11.95 -15.07
N PHE A 155 51.09 12.66 -14.47
CA PHE A 155 51.58 12.30 -13.16
C PHE A 155 51.55 13.50 -12.23
N ARG A 156 51.50 13.21 -10.94
CA ARG A 156 51.53 14.22 -9.91
C ARG A 156 52.95 14.32 -9.37
N LEU A 157 53.51 15.52 -9.39
CA LEU A 157 54.88 15.77 -8.96
C LEU A 157 54.84 16.35 -7.56
N PHE A 158 55.04 15.50 -6.56
CA PHE A 158 54.92 15.90 -5.16
C PHE A 158 56.17 16.64 -4.71
N ILE A 159 55.96 17.85 -4.20
CA ILE A 159 57.04 18.72 -3.77
C ILE A 159 56.97 18.82 -2.25
N ARG A 160 58.04 18.43 -1.58
CA ARG A 160 58.13 18.50 -0.13
C ARG A 160 59.20 19.52 0.23
N HIS A 161 58.84 20.47 1.08
CA HIS A 161 59.78 21.46 1.58
C HIS A 161 60.47 20.90 2.81
N GLY A 162 61.80 20.90 2.80
CA GLY A 162 62.56 20.29 3.87
C GLY A 162 62.55 21.11 5.14
N PRO A 163 63.22 20.60 6.16
CA PRO A 163 63.33 21.34 7.41
C PRO A 163 64.28 22.52 7.25
N LEU A 164 64.03 23.57 8.03
CA LEU A 164 64.76 24.81 7.87
C LEU A 164 66.19 24.67 8.39
N GLN A 165 67.13 25.29 7.69
CA GLN A 165 68.55 25.17 8.00
C GLN A 165 69.22 26.52 7.85
N VAL A 166 70.13 26.83 8.77
CA VAL A 166 70.72 28.16 8.84
C VAL A 166 71.64 28.42 7.66
N THR A 167 72.56 27.51 7.38
CA THR A 167 73.55 27.73 6.34
C THR A 167 73.50 26.57 5.34
N ALA A 168 73.49 26.92 4.06
CA ALA A 168 73.33 25.95 2.99
C ALA A 168 74.66 25.30 2.61
N GLU A 169 74.55 24.27 1.78
CA GLU A 169 75.68 23.61 1.17
C GLU A 169 75.61 23.79 -0.33
N GLU A 170 76.72 23.50 -1.00
CA GLU A 170 76.72 23.49 -2.45
C GLU A 170 75.95 22.28 -2.97
N GLY A 171 75.29 22.47 -4.09
CA GLY A 171 74.50 21.39 -4.66
C GLY A 171 73.81 21.85 -5.92
N GLY A 172 73.44 20.86 -6.73
CA GLY A 172 72.81 21.14 -8.00
C GLY A 172 71.31 20.95 -7.93
N PHE A 173 70.62 21.25 -9.02
CA PHE A 173 69.17 21.18 -9.07
C PHE A 173 68.75 20.42 -10.31
N THR A 174 67.64 19.69 -10.20
CA THR A 174 67.12 19.02 -11.37
C THR A 174 66.46 20.04 -12.29
N CYS A 175 66.12 19.60 -13.49
CA CYS A 175 65.55 20.49 -14.49
CA CYS A 175 65.53 20.46 -14.52
C CYS A 175 64.06 20.78 -14.26
N TYR A 176 63.46 20.19 -13.23
CA TYR A 176 62.16 20.62 -12.76
C TYR A 176 62.28 21.77 -11.77
N GLY A 177 63.49 22.26 -11.52
CA GLY A 177 63.72 23.28 -10.53
C GLY A 177 63.76 22.78 -9.10
N LEU A 178 63.69 21.48 -8.90
CA LEU A 178 63.74 20.93 -7.55
C LEU A 178 65.15 20.52 -7.20
N SER A 179 65.31 19.99 -5.99
CA SER A 179 66.65 19.74 -5.46
C SER A 179 67.11 18.33 -5.74
N LYS A 180 68.31 18.20 -6.28
CA LYS A 180 69.08 16.96 -6.21
C LYS A 180 70.33 17.17 -5.36
N GLY A 181 70.21 18.04 -4.35
CA GLY A 181 71.32 18.36 -3.48
C GLY A 181 71.38 19.83 -3.14
N GLY A 182 70.89 20.68 -4.03
CA GLY A 182 70.97 22.11 -3.82
C GLY A 182 69.96 22.59 -2.78
N PHE A 183 70.26 23.77 -2.23
CA PHE A 183 69.39 24.44 -1.27
C PHE A 183 69.09 25.85 -1.74
N VAL A 184 67.93 26.35 -1.32
CA VAL A 184 67.47 27.69 -1.72
C VAL A 184 67.23 28.54 -0.48
N PRO A 185 67.43 29.85 -0.55
CA PRO A 185 67.03 30.71 0.55
C PRO A 185 65.52 30.77 0.69
N TRP A 186 65.05 30.96 1.91
CA TRP A 186 63.63 30.95 2.22
C TRP A 186 63.27 32.21 2.98
N PHE A 187 62.37 33.00 2.42
CA PHE A 187 61.92 34.23 3.05
C PHE A 187 60.54 34.64 2.58
N VAL B 3 4.85 22.73 38.48
CA VAL B 3 4.58 23.95 39.23
C VAL B 3 5.70 24.97 39.08
N THR B 4 6.94 24.58 39.35
CA THR B 4 8.08 25.46 39.07
C THR B 4 8.67 25.10 37.72
N ASP B 5 9.47 26.01 37.16
CA ASP B 5 10.02 25.78 35.83
C ASP B 5 11.27 24.91 35.93
N PRO B 6 11.43 23.93 35.05
CA PRO B 6 12.63 23.11 35.09
C PRO B 6 13.84 23.85 34.51
N GLU B 7 14.98 23.68 35.17
CA GLU B 7 16.20 24.30 34.67
C GLU B 7 16.77 23.50 33.51
N ALA B 8 16.52 22.19 33.49
CA ALA B 8 16.88 21.35 32.37
C ALA B 8 15.73 20.40 32.09
N LEU B 9 15.79 19.77 30.93
CA LEU B 9 14.74 18.87 30.49
C LEU B 9 15.39 17.57 30.04
N LEU B 10 15.40 16.57 30.92
CA LEU B 10 16.00 15.28 30.65
C LEU B 10 15.09 14.50 29.74
N LEU B 11 15.65 13.69 28.87
CA LEU B 11 14.88 12.81 28.00
C LEU B 11 15.31 11.38 28.26
N LEU B 12 14.53 10.65 29.05
CA LEU B 12 14.63 9.21 29.02
C LEU B 12 14.13 8.72 27.67
N PRO B 13 14.91 7.92 26.96
CA PRO B 13 14.52 7.54 25.60
C PRO B 13 13.51 6.42 25.62
N ARG B 14 13.25 5.79 24.48
CA ARG B 14 12.14 4.87 24.34
C ARG B 14 12.29 3.65 25.25
N LEU B 15 11.51 3.63 26.31
CA LEU B 15 11.51 2.58 27.31
C LEU B 15 10.43 1.57 26.95
N SER B 16 10.79 0.31 26.86
CA SER B 16 9.84 -0.72 26.48
C SER B 16 9.26 -1.33 27.74
N ILE B 17 7.94 -1.23 27.90
CA ILE B 17 7.23 -1.71 29.07
C ILE B 17 6.40 -2.90 28.62
N GLN B 18 6.49 -4.02 29.33
CA GLN B 18 5.88 -5.20 28.74
C GLN B 18 4.49 -5.50 29.27
N ASN B 19 4.23 -5.34 30.56
CA ASN B 19 2.86 -5.56 31.02
C ASN B 19 2.42 -4.37 31.87
N ALA B 20 2.05 -3.29 31.21
CA ALA B 20 1.58 -2.11 31.91
C ALA B 20 0.12 -2.30 32.28
N ASN B 21 -0.42 -1.34 33.01
CA ASN B 21 -1.80 -1.45 33.46
C ASN B 21 -2.70 -0.81 32.41
N ALA B 22 -3.52 -1.63 31.74
CA ALA B 22 -4.46 -1.07 30.78
C ALA B 22 -5.64 -0.42 31.46
N ILE B 23 -6.04 -0.91 32.63
CA ILE B 23 -7.12 -0.31 33.41
C ILE B 23 -6.54 0.93 34.08
N SER B 24 -6.71 2.09 33.46
CA SER B 24 -6.21 3.31 34.06
C SER B 24 -7.12 3.77 35.19
N SER B 25 -8.39 3.44 35.11
CA SER B 25 -9.40 3.96 36.02
C SER B 25 -10.63 3.04 35.97
N PRO B 26 -11.60 3.19 36.87
CA PRO B 26 -12.84 2.42 36.72
C PRO B 26 -13.63 2.68 35.45
N LEU B 27 -13.53 3.86 34.84
CA LEU B 27 -14.27 4.14 33.63
C LEU B 27 -13.42 4.13 32.37
N THR B 28 -12.10 4.19 32.47
CA THR B 28 -11.24 4.29 31.30
C THR B 28 -10.30 3.08 31.21
N TRP B 29 -10.20 2.51 30.02
CA TRP B 29 -9.18 1.52 29.71
C TRP B 29 -8.27 2.08 28.63
N GLY B 30 -7.07 1.53 28.55
CA GLY B 30 -6.18 1.95 27.50
C GLY B 30 -4.80 2.26 28.01
N PHE B 31 -4.33 3.44 27.69
CA PHE B 31 -3.06 3.89 28.20
C PHE B 31 -3.15 4.07 29.71
N PRO B 32 -2.10 3.72 30.46
CA PRO B 32 -2.17 3.86 31.92
C PRO B 32 -2.22 5.31 32.34
N SER B 33 -2.65 5.51 33.59
CA SER B 33 -2.91 6.84 34.09
C SER B 33 -1.60 7.62 34.22
N PRO B 34 -1.65 8.94 34.06
CA PRO B 34 -0.44 9.75 34.23
C PRO B 34 0.09 9.76 35.64
N GLY B 35 -0.72 9.38 36.62
CA GLY B 35 -0.24 9.15 37.97
C GLY B 35 0.83 8.08 38.06
N ALA B 36 0.80 7.10 37.16
CA ALA B 36 1.87 6.10 37.12
C ALA B 36 3.20 6.73 36.73
N PHE B 37 3.17 7.67 35.80
CA PHE B 37 4.40 8.29 35.32
C PHE B 37 4.91 9.34 36.30
N THR B 38 4.00 10.07 36.96
CA THR B 38 4.43 11.01 38.00
C THR B 38 4.94 10.28 39.23
N GLY B 39 4.35 9.14 39.57
CA GLY B 39 4.89 8.32 40.64
C GLY B 39 6.21 7.68 40.24
N PHE B 40 6.40 7.41 38.95
CA PHE B 40 7.68 6.91 38.48
C PHE B 40 8.78 7.95 38.60
N VAL B 41 8.48 9.21 38.25
CA VAL B 41 9.53 10.22 38.37
C VAL B 41 9.75 10.58 39.82
N HIS B 42 8.74 10.43 40.68
CA HIS B 42 9.03 10.64 42.10
C HIS B 42 9.81 9.48 42.68
N ALA B 43 9.63 8.27 42.14
CA ALA B 43 10.48 7.16 42.55
C ALA B 43 11.90 7.35 42.09
N LEU B 44 12.09 7.88 40.88
CA LEU B 44 13.42 8.18 40.37
C LEU B 44 14.09 9.26 41.22
N GLN B 45 13.32 10.26 41.64
CA GLN B 45 13.88 11.29 42.52
C GLN B 45 14.19 10.73 43.90
N ARG B 46 13.33 9.86 44.42
CA ARG B 46 13.55 9.23 45.71
C ARG B 46 14.72 8.26 45.70
N ARG B 47 15.09 7.73 44.54
CA ARG B 47 16.16 6.74 44.47
C ARG B 47 17.50 7.29 44.02
N VAL B 48 17.55 8.22 43.06
CA VAL B 48 18.84 8.80 42.70
C VAL B 48 18.80 10.32 42.67
N GLY B 49 17.62 10.91 42.80
CA GLY B 49 17.53 12.36 42.81
C GLY B 49 18.13 12.99 44.04
N ILE B 50 18.07 12.30 45.18
CA ILE B 50 18.64 12.83 46.41
C ILE B 50 20.15 12.72 46.42
N SER B 51 20.72 11.75 45.70
CA SER B 51 22.16 11.56 45.62
C SER B 51 22.83 12.52 44.65
N LEU B 52 22.17 12.86 43.56
CA LEU B 52 22.74 13.79 42.59
C LEU B 52 22.43 15.25 42.89
N ASP B 53 21.69 15.50 43.98
CA ASP B 53 21.25 16.84 44.40
C ASP B 53 20.47 17.54 43.28
N ILE B 54 19.55 16.81 42.66
CA ILE B 54 18.63 17.36 41.69
C ILE B 54 17.21 17.01 42.12
N GLU B 55 16.24 17.49 41.36
CA GLU B 55 14.83 17.33 41.69
C GLU B 55 14.09 17.01 40.40
N LEU B 56 13.85 15.72 40.16
CA LEU B 56 13.21 15.27 38.93
C LEU B 56 11.70 15.43 39.07
N ASP B 57 11.14 16.47 38.49
CA ASP B 57 9.71 16.72 38.56
C ASP B 57 9.14 16.80 37.16
N GLY B 58 7.94 16.25 36.97
CA GLY B 58 7.26 16.38 35.71
C GLY B 58 7.64 15.34 34.69
N VAL B 59 6.65 14.78 33.98
CA VAL B 59 6.87 13.78 32.95
C VAL B 59 6.12 14.20 31.71
N GLY B 60 6.79 14.20 30.56
CA GLY B 60 6.13 14.31 29.28
C GLY B 60 5.98 12.93 28.68
N ILE B 61 4.74 12.49 28.52
CA ILE B 61 4.43 11.12 28.13
C ILE B 61 4.22 11.08 26.63
N VAL B 62 4.99 10.26 25.91
CA VAL B 62 5.09 10.38 24.47
C VAL B 62 4.49 9.19 23.71
N CYS B 63 4.66 7.95 24.18
CA CYS B 63 3.95 6.76 23.67
C CYS B 63 4.16 6.53 22.18
N HIS B 64 5.40 6.15 21.84
CA HIS B 64 5.71 5.78 20.46
C HIS B 64 4.91 4.57 20.00
N ARG B 65 4.70 3.60 20.88
CA ARG B 65 4.01 2.37 20.53
C ARG B 65 3.15 1.92 21.69
N PHE B 66 1.95 1.42 21.38
CA PHE B 66 1.03 0.89 22.38
C PHE B 66 0.35 -0.33 21.79
N GLU B 67 0.34 -1.43 22.53
CA GLU B 67 -0.35 -2.64 22.11
C GLU B 67 -1.02 -3.27 23.31
N ALA B 68 -2.33 -3.13 23.40
CA ALA B 68 -3.08 -3.68 24.51
C ALA B 68 -3.30 -5.16 24.29
N GLN B 69 -3.20 -5.93 25.37
CA GLN B 69 -3.48 -7.36 25.32
C GLN B 69 -4.97 -7.58 25.49
N ILE B 70 -5.69 -7.30 24.41
CA ILE B 70 -7.13 -7.42 24.36
C ILE B 70 -7.51 -8.37 23.24
N SER B 71 -8.80 -8.63 23.12
CA SER B 71 -9.33 -9.48 22.06
C SER B 71 -10.81 -9.20 21.95
N GLN B 72 -11.27 -8.97 20.73
CA GLN B 72 -12.67 -8.71 20.50
C GLN B 72 -13.40 -10.03 20.39
N PRO B 73 -14.40 -10.30 21.22
CA PRO B 73 -15.15 -11.54 21.10
C PRO B 73 -15.96 -11.59 19.82
N ALA B 74 -16.26 -12.80 19.36
CA ALA B 74 -16.97 -12.99 18.11
C ALA B 74 -18.43 -12.61 18.26
N GLY B 75 -18.89 -11.72 17.39
CA GLY B 75 -20.26 -11.26 17.44
C GLY B 75 -20.50 -10.09 18.37
N LYS B 76 -19.46 -9.53 18.97
CA LYS B 76 -19.59 -8.39 19.85
C LYS B 76 -18.71 -7.26 19.34
N ARG B 77 -19.20 -6.04 19.48
CA ARG B 77 -18.42 -4.87 19.06
C ARG B 77 -17.38 -4.51 20.10
N THR B 78 -17.66 -4.78 21.37
CA THR B 78 -16.77 -4.44 22.46
C THR B 78 -15.63 -5.45 22.56
N LYS B 79 -14.71 -5.21 23.49
CA LYS B 79 -13.51 -6.00 23.67
C LYS B 79 -13.44 -6.59 25.06
N VAL B 80 -12.54 -7.54 25.25
CA VAL B 80 -12.33 -8.20 26.52
C VAL B 80 -10.83 -8.40 26.67
N PHE B 81 -10.39 -8.63 27.91
CA PHE B 81 -8.97 -8.63 28.23
C PHE B 81 -8.40 -10.04 28.28
N ASN B 82 -7.25 -10.22 27.65
CA ASN B 82 -6.50 -11.46 27.79
C ASN B 82 -5.86 -11.48 29.17
N LEU B 83 -6.15 -12.51 29.95
CA LEU B 83 -5.70 -12.59 31.32
C LEU B 83 -4.50 -13.51 31.42
N THR B 84 -4.12 -13.78 32.66
CA THR B 84 -3.07 -14.73 32.99
C THR B 84 -3.71 -15.91 33.71
N ARG B 85 -2.90 -16.89 34.07
CA ARG B 85 -3.36 -18.03 34.83
C ARG B 85 -2.72 -17.96 36.20
N ASN B 86 -3.53 -17.62 37.20
CA ASN B 86 -3.08 -17.52 38.55
C ASN B 86 -2.82 -18.93 39.08
N PRO B 87 -2.05 -19.05 40.17
CA PRO B 87 -1.90 -20.36 40.82
C PRO B 87 -3.21 -20.89 41.38
N LEU B 88 -3.21 -22.20 41.63
CA LEU B 88 -4.35 -22.84 42.26
C LEU B 88 -4.39 -22.49 43.74
N ASN B 89 -5.45 -22.92 44.42
CA ASN B 89 -5.57 -22.68 45.84
C ASN B 89 -4.79 -23.76 46.60
N ARG B 90 -4.99 -23.84 47.91
CA ARG B 90 -4.38 -24.92 48.68
C ARG B 90 -5.17 -26.21 48.50
N ASP B 91 -6.37 -26.13 47.95
CA ASP B 91 -7.19 -27.33 47.73
C ASP B 91 -7.07 -27.90 46.33
N GLY B 92 -6.51 -27.16 45.38
CA GLY B 92 -6.34 -27.63 44.04
C GLY B 92 -7.30 -27.08 43.02
N SER B 93 -8.31 -26.33 43.45
CA SER B 93 -9.25 -25.74 42.52
C SER B 93 -8.67 -24.47 41.92
N THR B 94 -9.24 -24.05 40.80
CA THR B 94 -8.82 -22.81 40.17
C THR B 94 -9.27 -21.62 41.01
N ALA B 95 -8.38 -20.66 41.20
CA ALA B 95 -8.68 -19.49 42.01
C ALA B 95 -9.73 -18.61 41.35
N ALA B 96 -10.37 -17.78 42.16
CA ALA B 96 -11.33 -16.81 41.63
C ALA B 96 -10.59 -15.77 40.82
N ILE B 97 -10.94 -15.67 39.54
CA ILE B 97 -10.17 -14.86 38.60
C ILE B 97 -10.49 -13.38 38.84
N VAL B 98 -9.46 -12.55 38.78
CA VAL B 98 -9.61 -11.10 38.85
C VAL B 98 -9.01 -10.54 37.56
N GLU B 99 -9.73 -9.61 36.94
CA GLU B 99 -9.39 -9.20 35.59
C GLU B 99 -8.46 -8.00 35.63
N GLU B 100 -7.22 -8.21 35.25
CA GLU B 100 -6.23 -7.16 35.17
C GLU B 100 -5.81 -7.00 33.72
N GLY B 101 -5.97 -5.78 33.20
CA GLY B 101 -5.63 -5.50 31.83
C GLY B 101 -4.16 -5.23 31.70
N ARG B 102 -3.52 -5.94 30.78
CA ARG B 102 -2.10 -5.79 30.51
C ARG B 102 -1.93 -5.14 29.15
N ALA B 103 -0.86 -4.37 29.01
CA ALA B 103 -0.59 -3.71 27.74
C ALA B 103 0.90 -3.51 27.60
N HIS B 104 1.38 -3.51 26.36
CA HIS B 104 2.77 -3.26 26.06
C HIS B 104 2.91 -1.82 25.62
N LEU B 105 3.88 -1.12 26.18
CA LEU B 105 4.09 0.29 25.90
C LEU B 105 5.46 0.50 25.26
N GLU B 106 5.65 1.69 24.71
CA GLU B 106 6.98 2.20 24.39
C GLU B 106 6.87 3.72 24.51
N VAL B 107 7.21 4.25 25.68
CA VAL B 107 7.10 5.67 25.96
C VAL B 107 8.50 6.23 26.14
N SER B 108 8.64 7.53 25.93
CA SER B 108 9.84 8.26 26.29
C SER B 108 9.40 9.43 27.16
N LEU B 109 10.17 9.70 28.21
CA LEU B 109 9.72 10.57 29.27
C LEU B 109 10.60 11.82 29.32
N LEU B 110 9.95 12.98 29.39
CA LEU B 110 10.64 14.24 29.58
C LEU B 110 10.60 14.59 31.05
N LEU B 111 11.68 14.26 31.78
CA LEU B 111 11.76 14.55 33.20
C LEU B 111 12.38 15.92 33.36
N GLY B 112 11.63 16.85 33.97
CA GLY B 112 12.15 18.18 34.18
C GLY B 112 13.04 18.23 35.39
N VAL B 113 14.32 18.48 35.16
CA VAL B 113 15.35 18.37 36.18
C VAL B 113 15.83 19.76 36.53
N HIS B 114 15.65 20.16 37.78
CA HIS B 114 16.15 21.43 38.28
C HIS B 114 16.76 21.22 39.65
N GLY B 115 17.85 21.92 39.93
CA GLY B 115 18.49 21.80 41.22
C GLY B 115 19.94 22.25 41.12
N ASP B 116 20.64 22.09 42.23
CA ASP B 116 22.06 22.44 42.31
C ASP B 116 22.97 21.27 41.93
N GLY B 117 22.44 20.25 41.29
CA GLY B 117 23.28 19.13 40.90
C GLY B 117 23.60 19.12 39.43
N LEU B 118 22.96 20.01 38.67
CA LEU B 118 23.34 20.19 37.26
C LEU B 118 24.71 20.84 37.15
N ASP B 119 25.09 21.61 38.18
CA ASP B 119 26.36 22.32 38.15
C ASP B 119 27.49 21.46 38.69
N ASP B 120 27.18 20.54 39.60
CA ASP B 120 28.22 19.70 40.20
C ASP B 120 28.67 18.62 39.23
N HIS B 121 27.74 17.91 38.64
CA HIS B 121 28.03 16.80 37.74
C HIS B 121 27.84 17.23 36.29
N PRO B 122 28.43 16.52 35.33
CA PRO B 122 28.08 16.75 33.93
C PRO B 122 26.66 16.33 33.63
N ALA B 123 26.16 16.79 32.48
CA ALA B 123 24.81 16.47 32.08
C ALA B 123 24.68 14.99 31.69
N GLN B 124 25.70 14.47 31.01
CA GLN B 124 25.65 13.10 30.54
C GLN B 124 25.74 12.11 31.69
N GLU B 125 26.40 12.50 32.78
CA GLU B 125 26.53 11.61 33.93
C GLU B 125 25.20 11.44 34.64
N ILE B 126 24.47 12.54 34.87
CA ILE B 126 23.21 12.41 35.57
C ILE B 126 22.14 11.82 34.66
N ALA B 127 22.27 12.04 33.35
CA ALA B 127 21.39 11.37 32.41
C ALA B 127 21.62 9.86 32.41
N ARG B 128 22.88 9.43 32.41
CA ARG B 128 23.20 8.01 32.43
C ARG B 128 22.80 7.37 33.76
N GLN B 129 22.91 8.11 34.87
CA GLN B 129 22.57 7.52 36.15
C GLN B 129 21.07 7.38 36.34
N VAL B 130 20.28 8.35 35.84
CA VAL B 130 18.84 8.12 35.95
C VAL B 130 18.37 7.09 34.93
N GLN B 131 19.12 6.88 33.83
CA GLN B 131 18.72 5.78 32.95
C GLN B 131 19.05 4.42 33.55
N GLU B 132 20.20 4.30 34.21
CA GLU B 132 20.53 3.07 34.92
C GLU B 132 19.59 2.81 36.09
N GLN B 133 19.11 3.85 36.75
CA GLN B 133 18.14 3.65 37.82
C GLN B 133 16.77 3.30 37.28
N ALA B 134 16.39 3.87 36.12
CA ALA B 134 15.12 3.50 35.51
C ALA B 134 15.17 2.12 34.88
N GLY B 135 16.36 1.61 34.58
CA GLY B 135 16.46 0.27 34.02
C GLY B 135 16.11 -0.85 34.97
N ALA B 136 16.05 -0.59 36.28
CA ALA B 136 15.67 -1.60 37.26
C ALA B 136 14.36 -1.25 37.95
N MET B 137 13.43 -0.68 37.20
CA MET B 137 12.19 -0.16 37.76
C MET B 137 10.99 -0.64 36.97
N ARG B 138 9.83 -0.05 37.23
CA ARG B 138 8.62 -0.36 36.49
C ARG B 138 7.73 0.88 36.44
N LEU B 139 7.02 1.04 35.32
CA LEU B 139 6.28 2.26 35.03
C LEU B 139 4.81 2.26 35.39
N ALA B 140 4.08 1.20 35.14
CA ALA B 140 2.67 1.19 35.53
C ALA B 140 2.29 -0.18 36.06
N GLY B 141 3.27 -0.89 36.59
CA GLY B 141 3.11 -2.30 36.86
C GLY B 141 3.83 -3.19 35.88
N GLY B 142 4.54 -2.61 34.91
CA GLY B 142 5.19 -3.37 33.87
C GLY B 142 6.69 -3.08 33.84
N SER B 143 7.46 -4.14 33.64
CA SER B 143 8.91 -4.04 33.70
C SER B 143 9.44 -3.24 32.53
N ILE B 144 10.49 -2.47 32.77
CA ILE B 144 11.13 -1.68 31.73
C ILE B 144 12.15 -2.59 31.05
N LEU B 145 11.92 -2.90 29.78
CA LEU B 145 12.83 -3.77 29.05
C LEU B 145 14.12 -3.02 28.74
N PRO B 146 15.27 -3.68 28.89
CA PRO B 146 16.55 -2.97 28.98
C PRO B 146 17.38 -2.88 27.71
N TRP B 147 16.83 -3.25 26.54
CA TRP B 147 17.45 -3.02 25.22
C TRP B 147 18.81 -3.74 25.10
N CYS B 148 18.74 -5.06 25.02
CA CYS B 148 19.96 -5.86 24.86
C CYS B 148 20.09 -6.36 23.42
N ASN B 149 21.33 -6.29 22.91
CA ASN B 149 21.76 -6.92 21.64
C ASN B 149 20.95 -6.45 20.43
N GLU B 150 20.49 -5.22 20.46
CA GLU B 150 19.76 -4.63 19.35
C GLU B 150 20.74 -3.89 18.44
N ARG B 151 20.21 -3.03 17.57
CA ARG B 151 21.04 -2.27 16.63
C ARG B 151 22.01 -1.34 17.36
N PHE B 152 21.48 -0.36 18.09
CA PHE B 152 22.29 0.53 18.91
C PHE B 152 21.46 0.96 20.10
N PRO B 153 22.08 1.14 21.27
CA PRO B 153 21.30 1.56 22.45
C PRO B 153 20.90 3.01 22.37
N ALA B 154 19.67 3.32 22.74
CA ALA B 154 19.20 4.69 22.70
C ALA B 154 19.70 5.43 23.93
N PRO B 155 20.58 6.44 23.77
CA PRO B 155 21.13 7.11 24.94
C PRO B 155 20.23 8.25 25.39
N ASN B 156 20.68 9.01 26.37
CA ASN B 156 19.90 10.15 26.85
C ASN B 156 20.45 11.45 26.35
N ALA B 157 19.70 12.51 26.61
CA ALA B 157 20.16 13.87 26.37
C ALA B 157 19.51 14.74 27.43
N GLU B 158 20.32 15.29 28.32
CA GLU B 158 19.81 16.25 29.29
C GLU B 158 19.96 17.62 28.64
N LEU B 159 18.84 18.18 28.24
CA LEU B 159 18.81 19.46 27.54
C LEU B 159 18.75 20.57 28.57
N LEU B 160 19.84 21.31 28.73
CA LEU B 160 19.83 22.47 29.60
C LEU B 160 18.95 23.55 29.00
N MET B 161 17.79 23.77 29.61
CA MET B 161 16.78 24.66 29.03
C MET B 161 17.20 26.12 29.15
N LEU B 162 18.12 26.43 30.06
CA LEU B 162 18.66 27.77 30.12
C LEU B 162 19.55 28.02 28.91
N GLY B 163 18.99 28.70 27.91
CA GLY B 163 19.68 28.91 26.67
C GLY B 163 20.23 30.31 26.59
N GLY B 164 21.35 30.45 25.87
CA GLY B 164 21.96 31.75 25.72
C GLY B 164 21.16 32.66 24.80
N SER B 165 20.45 32.08 23.84
CA SER B 165 19.64 32.86 22.92
C SER B 165 18.29 32.18 22.73
N ASP B 166 17.38 32.89 22.09
CA ASP B 166 16.09 32.30 21.74
C ASP B 166 16.24 31.34 20.58
N GLU B 167 17.19 31.62 19.67
CA GLU B 167 17.34 30.78 18.48
C GLU B 167 17.99 29.45 18.85
N GLN B 168 18.99 29.46 19.72
CA GLN B 168 19.60 28.22 20.17
C GLN B 168 18.63 27.39 20.99
N ARG B 169 17.77 28.07 21.77
CA ARG B 169 16.75 27.38 22.54
C ARG B 169 15.74 26.70 21.63
N ARG B 170 15.25 27.42 20.61
CA ARG B 170 14.31 26.83 19.65
C ARG B 170 14.98 25.73 18.83
N LYS B 171 16.27 25.86 18.58
CA LYS B 171 17.01 24.84 17.86
C LYS B 171 17.10 23.54 18.65
N ASN B 172 17.39 23.63 19.95
CA ASN B 172 17.51 22.38 20.71
C ASN B 172 16.14 21.82 21.07
N GLN B 173 15.10 22.66 21.16
CA GLN B 173 13.74 22.13 21.29
C GLN B 173 13.32 21.38 20.03
N ARG B 174 13.69 21.89 18.85
CA ARG B 174 13.38 21.18 17.62
C ARG B 174 14.21 19.91 17.48
N ARG B 175 15.44 19.94 17.98
CA ARG B 175 16.28 18.75 17.96
C ARG B 175 15.75 17.66 18.88
N LEU B 176 15.12 18.06 19.98
CA LEU B 176 14.57 17.08 20.90
C LEU B 176 13.23 16.57 20.40
N THR B 177 12.45 17.44 19.74
CA THR B 177 11.18 17.03 19.17
C THR B 177 11.37 16.07 18.00
N ARG B 178 12.46 16.24 17.24
CA ARG B 178 12.77 15.27 16.20
C ARG B 178 13.24 13.95 16.80
N ARG B 179 13.66 13.97 18.06
CA ARG B 179 14.14 12.77 18.73
C ARG B 179 12.99 11.99 19.36
N LEU B 180 11.90 12.65 19.72
CA LEU B 180 10.74 11.94 20.24
C LEU B 180 9.53 12.09 19.32
N LEU B 181 9.77 12.00 18.02
CA LEU B 181 8.75 12.35 17.03
C LEU B 181 7.64 11.34 16.72
N PRO B 182 7.89 10.00 16.52
CA PRO B 182 6.77 9.13 16.09
C PRO B 182 5.67 8.89 17.12
N GLY B 183 5.78 9.51 18.30
CA GLY B 183 4.81 9.35 19.35
C GLY B 183 3.83 10.49 19.43
N PHE B 184 3.13 10.56 20.56
CA PHE B 184 2.03 11.50 20.74
C PHE B 184 2.07 12.00 22.18
N ALA B 185 2.37 13.27 22.38
CA ALA B 185 2.45 13.78 23.74
C ALA B 185 1.08 13.86 24.37
N LEU B 186 1.00 13.57 25.66
CA LEU B 186 -0.26 13.59 26.40
C LEU B 186 -0.28 14.80 27.30
N VAL B 187 -1.31 15.63 27.15
CA VAL B 187 -1.50 16.79 28.00
C VAL B 187 -2.90 16.72 28.59
N SER B 188 -3.13 17.51 29.63
CA SER B 188 -4.41 17.61 30.28
C SER B 188 -5.11 18.88 29.83
N ARG B 189 -6.20 18.73 29.10
CA ARG B 189 -6.96 19.86 28.58
C ARG B 189 -8.28 19.86 29.32
N GLU B 190 -8.30 20.49 30.49
CA GLU B 190 -9.49 20.52 31.34
C GLU B 190 -10.31 21.79 31.18
N ALA B 191 -9.68 22.89 30.74
CA ALA B 191 -10.43 24.09 30.42
C ALA B 191 -11.31 23.87 29.21
N LEU B 192 -10.89 23.02 28.28
CA LEU B 192 -11.73 22.64 27.16
C LEU B 192 -12.94 21.84 27.62
N LEU B 193 -12.75 20.97 28.62
CA LEU B 193 -13.88 20.21 29.15
C LEU B 193 -14.85 21.12 29.89
N GLN B 194 -14.32 22.12 30.60
CA GLN B 194 -15.19 23.04 31.33
C GLN B 194 -15.96 23.96 30.38
N GLN B 195 -15.32 24.42 29.30
CA GLN B 195 -16.05 25.26 28.36
C GLN B 195 -17.01 24.45 27.49
N HIS B 196 -16.72 23.15 27.28
CA HIS B 196 -17.69 22.31 26.61
C HIS B 196 -18.87 22.03 27.52
N LEU B 197 -18.62 21.94 28.83
CA LEU B 197 -19.70 21.86 29.80
C LEU B 197 -20.53 23.13 29.80
N GLU B 198 -19.90 24.28 29.63
CA GLU B 198 -20.62 25.55 29.56
C GLU B 198 -21.52 25.62 28.34
N THR B 199 -21.02 25.17 27.19
CA THR B 199 -21.87 25.17 25.99
C THR B 199 -22.97 24.11 26.08
N LEU B 200 -22.68 22.97 26.72
CA LEU B 200 -23.69 21.94 26.93
C LEU B 200 -24.79 22.43 27.86
N ARG B 201 -24.42 23.20 28.89
CA ARG B 201 -25.39 23.76 29.81
C ARG B 201 -26.15 24.90 29.17
N THR B 202 -25.53 25.60 28.21
CA THR B 202 -26.24 26.56 27.39
C THR B 202 -27.34 25.88 26.58
N THR B 203 -27.03 24.73 25.98
CA THR B 203 -28.04 24.00 25.21
C THR B 203 -29.12 23.42 26.12
N LEU B 204 -28.74 22.51 27.02
CA LEU B 204 -29.70 21.92 27.95
C LEU B 204 -29.21 22.13 29.38
N PRO B 205 -30.05 22.66 30.27
CA PRO B 205 -29.58 22.98 31.62
C PRO B 205 -29.39 21.74 32.47
N GLU B 206 -28.91 21.98 33.70
CA GLU B 206 -28.55 20.99 34.74
C GLU B 206 -27.74 19.80 34.21
N ALA B 207 -26.93 20.03 33.18
CA ALA B 207 -26.03 19.04 32.63
C ALA B 207 -24.71 19.15 33.37
N THR B 208 -24.18 18.02 33.81
CA THR B 208 -22.92 18.06 34.52
C THR B 208 -21.76 17.64 33.63
N THR B 209 -20.56 17.73 34.18
CA THR B 209 -19.36 17.65 33.37
C THR B 209 -18.97 16.22 33.06
N LEU B 210 -19.63 15.24 33.69
CA LEU B 210 -19.48 13.87 33.21
C LEU B 210 -20.19 13.70 31.86
N ASP B 211 -21.31 14.39 31.67
CA ASP B 211 -21.96 14.38 30.36
C ASP B 211 -21.13 15.10 29.31
N ALA B 212 -20.42 16.16 29.72
CA ALA B 212 -19.53 16.83 28.78
C ALA B 212 -18.32 15.97 28.45
N LEU B 213 -17.82 15.22 29.43
CA LEU B 213 -16.71 14.30 29.19
C LEU B 213 -17.12 13.16 28.26
N LEU B 214 -18.30 12.60 28.49
CA LEU B 214 -18.80 11.54 27.62
C LEU B 214 -19.11 12.06 26.23
N ASP B 215 -19.58 13.29 26.14
CA ASP B 215 -19.85 13.91 24.84
C ASP B 215 -18.57 14.15 24.07
N LEU B 216 -17.49 14.50 24.79
CA LEU B 216 -16.20 14.65 24.12
C LEU B 216 -15.59 13.29 23.79
N CYS B 217 -16.05 12.23 24.47
CA CYS B 217 -15.51 10.90 24.19
C CYS B 217 -16.10 10.29 22.92
N ARG B 218 -17.43 10.24 22.80
CA ARG B 218 -18.07 9.41 21.80
C ARG B 218 -18.06 10.06 20.42
N ILE B 219 -18.27 9.22 19.40
CA ILE B 219 -18.55 9.69 18.05
C ILE B 219 -20.05 9.83 17.82
N ASN B 220 -20.59 10.96 18.24
CA ASN B 220 -22.02 11.19 18.13
C ASN B 220 -22.41 11.70 16.75
N PHE B 221 -23.58 11.28 16.30
CA PHE B 221 -24.06 11.60 14.96
C PHE B 221 -25.18 12.62 15.05
N GLU B 222 -25.31 13.45 14.04
CA GLU B 222 -26.36 14.46 14.03
C GLU B 222 -27.15 14.39 12.75
N PRO B 223 -28.48 14.53 12.80
CA PRO B 223 -29.30 14.40 11.61
C PRO B 223 -29.28 15.68 10.80
N PRO B 224 -29.54 15.61 9.48
CA PRO B 224 -29.62 16.84 8.69
C PRO B 224 -30.87 17.65 8.99
N TRP B 239 -26.74 12.61 7.30
CA TRP B 239 -26.22 12.41 8.64
C TRP B 239 -24.73 12.75 8.67
N GLN B 240 -24.33 13.53 9.68
CA GLN B 240 -22.96 14.01 9.77
C GLN B 240 -22.45 13.82 11.19
N VAL B 241 -21.25 13.26 11.32
CA VAL B 241 -20.58 13.15 12.60
C VAL B 241 -20.22 14.53 13.12
N ARG B 242 -20.52 14.80 14.38
CA ARG B 242 -20.02 16.01 15.01
C ARG B 242 -18.51 15.91 15.17
N ASP B 243 -17.80 16.89 14.62
CA ASP B 243 -16.34 16.83 14.55
C ASP B 243 -15.72 17.04 15.93
N LYS B 244 -14.55 16.43 16.13
CA LYS B 244 -13.80 16.59 17.35
C LYS B 244 -12.43 17.18 17.05
N PRO B 245 -12.03 18.22 17.76
CA PRO B 245 -10.66 18.71 17.63
C PRO B 245 -9.67 17.83 18.36
N GLY B 246 -8.80 17.16 17.62
CA GLY B 246 -7.76 16.36 18.23
C GLY B 246 -8.24 15.04 18.77
N TRP B 247 -7.33 14.35 19.44
CA TRP B 247 -7.61 13.03 20.00
C TRP B 247 -7.92 13.17 21.49
N LEU B 248 -9.14 13.61 21.77
CA LEU B 248 -9.56 13.81 23.15
C LEU B 248 -9.88 12.48 23.81
N VAL B 249 -9.32 12.26 24.99
CA VAL B 249 -9.51 11.01 25.71
C VAL B 249 -9.98 11.30 27.13
N PRO B 250 -10.69 10.38 27.79
CA PRO B 250 -10.92 10.52 29.22
C PRO B 250 -9.79 9.93 30.02
N ILE B 251 -9.23 10.73 30.91
CA ILE B 251 -8.13 10.27 31.74
C ILE B 251 -8.46 10.52 33.21
N PRO B 252 -7.98 9.69 34.13
CA PRO B 252 -8.15 10.00 35.55
C PRO B 252 -7.18 11.07 35.99
N ALA B 253 -7.72 12.24 36.32
CA ALA B 253 -6.90 13.36 36.74
C ALA B 253 -6.81 13.43 38.27
N GLY B 254 -6.37 12.34 38.86
CA GLY B 254 -6.10 12.34 40.27
C GLY B 254 -7.20 11.72 41.11
N TYR B 255 -7.26 12.16 42.35
CA TYR B 255 -8.16 11.58 43.34
C TYR B 255 -8.94 12.66 44.05
N ASN B 256 -9.88 12.21 44.87
CA ASN B 256 -10.80 13.07 45.60
C ASN B 256 -11.12 12.38 46.92
N ALA B 257 -11.30 13.17 47.97
CA ALA B 257 -11.48 12.60 49.30
C ALA B 257 -12.83 11.96 49.45
N LEU B 258 -12.89 10.87 50.21
CA LEU B 258 -14.13 10.26 50.64
C LEU B 258 -14.26 10.24 52.15
N SER B 259 -13.19 9.90 52.84
CA SER B 259 -13.11 9.90 54.29
C SER B 259 -12.26 11.07 54.74
N PRO B 260 -12.40 11.50 55.99
CA PRO B 260 -11.42 12.44 56.55
C PRO B 260 -10.07 11.77 56.70
N LEU B 261 -9.04 12.59 56.83
CA LEU B 261 -7.69 12.10 56.91
C LEU B 261 -7.46 11.41 58.25
N TYR B 262 -7.10 10.15 58.20
CA TYR B 262 -6.85 9.37 59.40
C TYR B 262 -5.41 9.53 59.86
N LEU B 263 -5.18 9.26 61.13
CA LEU B 263 -3.85 9.30 61.70
C LEU B 263 -3.02 8.13 61.16
N PRO B 264 -1.68 8.20 61.26
CA PRO B 264 -0.83 7.08 60.83
C PRO B 264 -1.15 5.72 61.41
N GLY B 265 -1.14 5.58 62.73
CA GLY B 265 -1.47 4.29 63.32
C GLY B 265 -2.94 4.16 63.67
N GLU B 266 -3.81 4.56 62.77
CA GLU B 266 -5.24 4.59 63.03
C GLU B 266 -6.04 3.65 62.15
N VAL B 267 -5.77 3.63 60.88
CA VAL B 267 -6.46 2.74 59.96
C VAL B 267 -5.81 1.37 60.03
N ARG B 268 -6.61 0.34 59.85
CA ARG B 268 -6.15 -1.03 59.92
C ARG B 268 -5.64 -1.46 58.54
N ASN B 269 -4.55 -2.23 58.55
CA ASN B 269 -4.03 -2.94 57.38
C ASN B 269 -3.48 -1.99 56.30
N ALA B 270 -3.01 -0.83 56.71
CA ALA B 270 -2.42 0.13 55.79
C ALA B 270 -1.08 -0.38 55.24
N ARG B 271 -0.47 0.41 54.36
CA ARG B 271 0.84 0.02 53.85
C ARG B 271 1.92 0.23 54.89
N ASP B 272 2.00 1.43 55.45
CA ASP B 272 2.90 1.67 56.57
C ASP B 272 2.11 2.32 57.67
N ARG B 273 2.65 2.25 58.88
CA ARG B 273 2.02 2.85 60.05
C ARG B 273 2.65 4.18 60.42
N GLU B 274 3.08 4.94 59.42
CA GLU B 274 3.65 6.26 59.64
C GLU B 274 3.19 7.29 58.61
N THR B 275 2.21 6.97 57.79
CA THR B 275 1.72 7.82 56.72
C THR B 275 0.21 7.91 56.77
N PRO B 276 -0.39 9.10 56.75
CA PRO B 276 -1.83 9.23 56.93
C PRO B 276 -2.61 8.71 55.73
N LEU B 277 -3.59 7.85 55.99
CA LEU B 277 -4.40 7.25 54.95
C LEU B 277 -5.72 7.97 54.82
N ARG B 278 -6.18 8.07 53.58
CA ARG B 278 -7.45 8.73 53.29
C ARG B 278 -8.12 7.97 52.16
N PHE B 279 -9.32 7.48 52.39
CA PHE B 279 -10.05 6.75 51.37
C PHE B 279 -10.41 7.70 50.23
N VAL B 280 -10.07 7.32 49.01
CA VAL B 280 -10.25 8.22 47.88
C VAL B 280 -11.02 7.58 46.74
N GLU B 281 -11.12 8.33 45.65
CA GLU B 281 -11.97 8.02 44.52
C GLU B 281 -11.51 8.89 43.37
N ASN B 282 -11.55 8.35 42.16
CA ASN B 282 -10.92 8.98 41.00
C ASN B 282 -11.64 10.27 40.59
N LEU B 283 -10.98 11.03 39.73
CA LEU B 283 -11.54 12.24 39.15
C LEU B 283 -11.18 12.24 37.68
N PHE B 284 -12.14 11.91 36.84
CA PHE B 284 -11.88 11.68 35.43
C PHE B 284 -11.93 12.99 34.69
N GLY B 285 -10.76 13.53 34.37
CA GLY B 285 -10.70 14.76 33.61
C GLY B 285 -10.66 14.47 32.12
N LEU B 286 -10.13 15.39 31.34
CA LEU B 286 -10.03 15.19 29.90
C LEU B 286 -8.59 15.38 29.49
N GLY B 287 -8.08 14.47 28.66
CA GLY B 287 -6.75 14.56 28.13
C GLY B 287 -6.79 14.66 26.61
N GLU B 288 -5.64 14.92 26.03
CA GLU B 288 -5.58 15.16 24.59
C GLU B 288 -4.24 14.71 24.08
N TRP B 289 -4.22 13.58 23.37
CA TRP B 289 -3.01 13.08 22.74
C TRP B 289 -2.69 13.98 21.55
N LEU B 290 -1.64 14.77 21.67
CA LEU B 290 -1.27 15.67 20.60
C LEU B 290 0.18 15.39 20.20
N SER B 291 0.55 15.89 19.03
CA SER B 291 1.87 15.63 18.51
C SER B 291 2.89 16.55 19.18
N PRO B 292 4.15 16.12 19.30
CA PRO B 292 5.12 16.91 20.07
C PRO B 292 5.49 18.27 19.50
N HIS B 293 5.34 18.53 18.21
CA HIS B 293 5.63 19.88 17.75
C HIS B 293 4.38 20.73 17.58
N ARG B 294 3.27 20.37 18.21
CA ARG B 294 2.13 21.28 18.28
C ARG B 294 2.21 22.16 19.51
N VAL B 295 3.25 22.00 20.32
CA VAL B 295 3.28 22.69 21.62
C VAL B 295 4.21 23.90 21.56
N ALA B 296 5.22 23.86 20.69
CA ALA B 296 6.27 24.87 20.43
C ALA B 296 7.15 25.16 21.65
N ALA B 297 6.98 24.48 22.78
CA ALA B 297 7.84 24.58 23.95
C ALA B 297 7.63 23.32 24.77
N LEU B 298 8.65 22.50 24.86
CA LEU B 298 8.58 21.24 25.59
C LEU B 298 8.68 21.41 27.09
N SER B 299 8.93 22.63 27.58
CA SER B 299 8.91 22.87 29.02
C SER B 299 7.49 23.00 29.54
N ASP B 300 6.51 23.03 28.63
CA ASP B 300 5.14 22.71 28.96
C ASP B 300 5.01 21.19 28.97
N LEU B 301 3.79 20.70 28.72
CA LEU B 301 3.44 19.26 28.52
C LEU B 301 4.00 18.27 29.56
N LEU B 302 4.44 18.75 30.72
CA LEU B 302 4.98 17.93 31.79
C LEU B 302 3.91 17.78 32.87
N TRP B 303 3.84 16.60 33.46
CA TRP B 303 2.78 16.26 34.39
C TRP B 303 3.28 16.42 35.83
N TYR B 304 2.74 17.39 36.54
CA TYR B 304 3.09 17.60 37.94
C TYR B 304 1.94 17.17 38.83
N HIS B 305 2.20 17.18 40.13
CA HIS B 305 1.21 16.86 41.16
C HIS B 305 0.64 18.15 41.72
N HIS B 306 -0.62 18.12 42.13
CA HIS B 306 -1.23 19.20 42.90
C HIS B 306 -2.07 18.57 44.00
N ALA B 307 -1.62 18.69 45.24
CA ALA B 307 -2.28 17.93 46.28
C ALA B 307 -3.44 18.66 46.92
N GLU B 308 -3.16 19.81 47.57
CA GLU B 308 -4.09 20.51 48.44
C GLU B 308 -4.75 19.58 49.47
N PRO B 309 -3.97 19.02 50.40
CA PRO B 309 -4.44 17.85 51.13
C PRO B 309 -5.51 18.12 52.18
N ASP B 310 -5.79 19.38 52.50
CA ASP B 310 -6.84 19.66 53.46
C ASP B 310 -8.23 19.40 52.88
N LYS B 311 -8.36 19.50 51.57
CA LYS B 311 -9.62 19.40 50.87
C LYS B 311 -9.81 18.05 50.18
N GLY B 312 -8.78 17.22 50.15
CA GLY B 312 -8.78 16.12 49.21
C GLY B 312 -8.10 16.59 47.96
N LEU B 313 -8.67 16.26 46.81
CA LEU B 313 -8.33 16.87 45.51
C LEU B 313 -6.85 16.63 45.14
N TYR B 314 -6.35 15.47 45.52
CA TYR B 314 -5.02 15.04 45.10
C TYR B 314 -5.07 14.78 43.61
N ARG B 315 -4.54 15.70 42.82
CA ARG B 315 -4.71 15.63 41.38
C ARG B 315 -3.38 15.88 40.69
N TRP B 316 -3.29 15.36 39.48
CA TRP B 316 -2.17 15.62 38.59
C TRP B 316 -2.69 16.19 37.28
N SER B 317 -1.91 17.10 36.71
CA SER B 317 -2.27 17.71 35.44
C SER B 317 -0.99 18.19 34.78
N THR B 318 -1.14 18.77 33.60
CA THR B 318 -0.08 19.53 32.95
C THR B 318 -0.41 20.99 33.16
N PRO B 319 0.14 21.64 34.18
CA PRO B 319 0.02 23.08 34.25
C PRO B 319 0.91 23.71 33.21
N ARG B 320 0.62 24.98 32.92
CA ARG B 320 1.28 25.76 31.89
C ARG B 320 1.19 25.11 30.52
N PHE B 321 0.09 24.44 30.19
CA PHE B 321 -0.03 23.94 28.83
C PHE B 321 -0.40 25.07 27.88
N VAL B 322 -1.54 25.71 28.09
CA VAL B 322 -1.91 26.89 27.30
C VAL B 322 -2.00 28.09 28.23
N ILE C 5 -37.36 30.95 -29.19
CA ILE C 5 -36.54 31.82 -28.35
C ILE C 5 -35.08 31.65 -28.77
N LEU C 6 -34.73 30.45 -29.22
CA LEU C 6 -33.45 30.09 -29.82
C LEU C 6 -32.28 30.38 -28.88
N SER C 7 -32.24 29.62 -27.79
CA SER C 7 -31.06 29.61 -26.96
C SER C 7 -29.92 28.88 -27.68
N THR C 8 -28.70 29.13 -27.22
CA THR C 8 -27.54 28.51 -27.86
C THR C 8 -27.46 27.04 -27.48
N ALA C 9 -26.76 26.26 -28.32
CA ALA C 9 -26.64 24.84 -28.07
C ALA C 9 -25.67 24.60 -26.93
N SER C 10 -25.90 23.52 -26.19
CA SER C 10 -25.03 23.22 -25.06
C SER C 10 -23.70 22.68 -25.53
N VAL C 11 -23.68 21.97 -26.65
CA VAL C 11 -22.40 21.55 -27.23
C VAL C 11 -22.27 22.16 -28.63
N LEU C 12 -21.04 22.52 -28.96
CA LEU C 12 -20.66 22.96 -30.29
C LEU C 12 -19.22 22.52 -30.50
N ALA C 13 -19.02 21.59 -31.41
CA ALA C 13 -17.71 21.06 -31.68
C ALA C 13 -17.42 21.26 -33.16
N PHE C 14 -16.56 22.21 -33.47
CA PHE C 14 -16.14 22.43 -34.84
C PHE C 14 -14.82 21.71 -35.04
N GLU C 15 -14.78 20.84 -36.04
CA GLU C 15 -13.53 20.17 -36.38
C GLU C 15 -12.58 21.18 -36.99
N ARG C 16 -11.29 20.96 -36.75
CA ARG C 16 -10.26 21.91 -37.15
C ARG C 16 -10.10 21.87 -38.66
N LYS C 17 -10.35 23.00 -39.31
CA LYS C 17 -9.90 23.19 -40.66
C LYS C 17 -8.48 23.74 -40.61
N LEU C 18 -7.81 23.72 -41.77
CA LEU C 18 -6.38 24.01 -41.90
C LEU C 18 -5.55 23.11 -40.99
N ASP C 19 -5.56 21.81 -41.32
CA ASP C 19 -4.75 20.82 -40.63
C ASP C 19 -3.31 20.84 -41.14
N PRO C 20 -2.33 21.22 -40.34
CA PRO C 20 -0.94 21.08 -40.76
C PRO C 20 -0.36 19.77 -40.24
N SER C 21 0.85 19.48 -40.69
CA SER C 21 1.59 18.32 -40.24
C SER C 21 2.67 18.76 -39.27
N ASP C 22 3.38 17.78 -38.72
CA ASP C 22 4.54 18.08 -37.90
C ASP C 22 5.65 18.61 -38.80
N ALA C 23 6.15 19.78 -38.47
CA ALA C 23 7.09 20.49 -39.33
C ALA C 23 8.47 19.86 -39.17
N LEU C 24 8.72 18.83 -39.97
CA LEU C 24 10.00 18.11 -39.97
C LEU C 24 11.12 19.02 -40.44
N MET C 25 12.14 19.21 -39.62
CA MET C 25 13.25 20.08 -40.00
C MET C 25 14.48 19.26 -40.35
N SER C 26 15.09 19.57 -41.47
CA SER C 26 16.31 18.98 -41.98
C SER C 26 17.33 20.08 -42.24
N ALA C 27 18.49 19.69 -42.73
CA ALA C 27 19.60 20.63 -42.87
C ALA C 27 20.31 20.43 -44.18
N GLY C 28 20.99 21.48 -44.62
CA GLY C 28 21.72 21.40 -45.87
C GLY C 28 22.35 22.74 -46.18
N ALA C 29 22.83 22.87 -47.40
CA ALA C 29 23.48 24.09 -47.85
C ALA C 29 22.54 24.85 -48.77
N TRP C 30 22.68 26.17 -48.76
CA TRP C 30 21.97 27.00 -49.72
C TRP C 30 22.56 26.82 -51.11
N ALA C 31 21.83 27.32 -52.11
CA ALA C 31 22.03 27.19 -53.55
C ALA C 31 21.88 25.76 -54.04
N GLN C 32 21.54 24.80 -53.18
CA GLN C 32 21.07 23.50 -53.60
C GLN C 32 19.79 23.16 -52.87
N ARG C 33 18.95 24.17 -52.66
CA ARG C 33 17.59 23.94 -52.21
C ARG C 33 16.70 23.40 -53.31
N ASP C 34 17.16 23.46 -54.56
CA ASP C 34 16.44 22.88 -55.67
C ASP C 34 16.58 21.37 -55.72
N ALA C 35 17.61 20.81 -55.09
CA ALA C 35 17.79 19.38 -54.95
C ALA C 35 17.72 18.97 -53.48
N SER C 36 16.77 19.55 -52.75
CA SER C 36 16.65 19.40 -51.30
C SER C 36 15.66 18.32 -50.91
N GLN C 37 15.88 17.07 -51.34
CA GLN C 37 15.02 15.97 -50.93
C GLN C 37 15.73 14.90 -50.13
N GLU C 38 17.04 14.78 -50.27
CA GLU C 38 17.84 13.81 -49.55
C GLU C 38 18.65 14.47 -48.45
N TRP C 39 18.20 15.64 -48.00
CA TRP C 39 18.90 16.38 -46.96
C TRP C 39 18.79 15.65 -45.63
N PRO C 40 19.88 15.57 -44.86
CA PRO C 40 19.83 14.82 -43.61
C PRO C 40 19.03 15.57 -42.56
N ALA C 41 18.37 14.82 -41.70
CA ALA C 41 17.51 15.42 -40.71
C ALA C 41 18.32 15.99 -39.56
N VAL C 42 17.78 17.05 -38.97
CA VAL C 42 18.39 17.66 -37.80
C VAL C 42 18.06 16.79 -36.59
N THR C 43 19.07 16.16 -36.02
CA THR C 43 18.88 15.20 -34.96
C THR C 43 18.94 15.87 -33.60
N VAL C 44 18.01 15.53 -32.72
CA VAL C 44 17.96 16.06 -31.38
C VAL C 44 18.93 15.24 -30.53
N ARG C 45 19.92 15.91 -29.96
CA ARG C 45 20.94 15.27 -29.16
C ARG C 45 20.99 15.92 -27.78
N GLU C 46 21.68 15.25 -26.86
CA GLU C 46 21.77 15.71 -25.48
C GLU C 46 23.10 16.40 -25.25
N LYS C 47 23.09 17.41 -24.39
CA LYS C 47 24.31 18.07 -23.98
C LYS C 47 24.15 18.57 -22.56
N SER C 48 25.25 18.63 -21.83
CA SER C 48 25.25 18.97 -20.43
C SER C 48 25.43 20.48 -20.24
N VAL C 49 24.61 21.07 -19.40
CA VAL C 49 24.71 22.49 -19.08
C VAL C 49 24.86 22.64 -17.58
N ARG C 50 25.76 23.53 -17.17
CA ARG C 50 25.93 23.86 -15.76
C ARG C 50 25.73 25.35 -15.61
N GLY C 51 24.85 25.74 -14.71
CA GLY C 51 24.51 27.13 -14.55
C GLY C 51 24.72 27.59 -13.13
N THR C 52 25.23 28.82 -13.02
CA THR C 52 25.20 29.49 -11.74
C THR C 52 23.88 30.25 -11.65
N ILE C 53 23.39 30.46 -10.42
CA ILE C 53 22.05 30.98 -10.23
C ILE C 53 21.99 32.44 -10.66
N SER C 54 20.87 32.80 -11.29
CA SER C 54 20.67 34.14 -11.79
C SER C 54 19.24 34.63 -11.61
N ASN C 55 18.39 33.87 -10.93
CA ASN C 55 17.03 34.31 -10.69
C ASN C 55 16.99 35.31 -9.54
N ARG C 56 15.84 35.95 -9.38
CA ARG C 56 15.69 36.95 -8.33
C ARG C 56 15.64 36.28 -6.96
N LEU C 57 16.38 36.86 -6.02
CA LEU C 57 16.32 36.41 -4.63
C LEU C 57 15.14 37.07 -3.93
N LYS C 58 14.59 36.36 -2.94
CA LYS C 58 13.34 36.74 -2.30
C LYS C 58 13.54 37.38 -0.93
N THR C 59 14.57 38.24 -0.81
CA THR C 59 14.91 39.18 0.26
C THR C 59 15.21 38.53 1.61
N LYS C 60 15.13 37.21 1.70
CA LYS C 60 15.63 36.50 2.87
C LYS C 60 16.91 35.75 2.56
N ASP C 61 17.12 35.36 1.30
CA ASP C 61 18.32 34.68 0.85
C ASP C 61 19.33 35.62 0.24
N ARG C 62 19.26 36.91 0.56
CA ARG C 62 20.20 37.89 0.05
C ARG C 62 21.41 38.06 0.96
N ASP C 63 21.62 37.15 1.90
CA ASP C 63 22.83 37.18 2.71
C ASP C 63 24.05 36.87 1.84
N PRO C 64 25.20 37.47 2.12
CA PRO C 64 26.39 37.18 1.30
C PRO C 64 26.89 35.76 1.46
N ALA C 65 26.89 35.23 2.70
CA ALA C 65 27.33 33.87 2.91
C ALA C 65 26.36 32.85 2.32
N LYS C 66 25.05 33.15 2.41
CA LYS C 66 24.05 32.26 1.82
C LYS C 66 24.13 32.24 0.31
N LEU C 67 24.32 33.41 -0.32
CA LEU C 67 24.45 33.47 -1.77
C LEU C 67 25.75 32.83 -2.23
N ASP C 68 26.83 32.97 -1.46
CA ASP C 68 28.09 32.36 -1.86
C ASP C 68 28.06 30.84 -1.71
N ALA C 69 27.40 30.35 -0.67
CA ALA C 69 27.21 28.91 -0.55
C ALA C 69 26.26 28.37 -1.61
N SER C 70 25.32 29.19 -2.07
CA SER C 70 24.42 28.74 -3.13
C SER C 70 25.11 28.73 -4.48
N ILE C 71 26.02 29.67 -4.75
CA ILE C 71 26.78 29.61 -5.99
C ILE C 71 27.95 28.66 -5.90
N GLN C 72 28.25 28.12 -4.73
CA GLN C 72 29.27 27.08 -4.64
C GLN C 72 28.75 25.72 -5.12
N SER C 73 27.43 25.52 -5.15
CA SER C 73 26.85 24.26 -5.60
C SER C 73 25.97 24.50 -6.81
N PRO C 74 26.52 24.57 -8.02
CA PRO C 74 25.71 24.87 -9.19
C PRO C 74 24.96 23.66 -9.68
N ASN C 75 23.80 23.90 -10.29
CA ASN C 75 22.93 22.83 -10.73
C ASN C 75 23.33 22.31 -12.11
N LEU C 76 23.20 21.01 -12.28
CA LEU C 76 23.57 20.34 -13.52
C LEU C 76 22.33 19.85 -14.24
N GLN C 77 22.23 20.19 -15.52
CA GLN C 77 21.16 19.67 -16.35
C GLN C 77 21.77 19.07 -17.59
N THR C 78 21.04 18.16 -18.22
CA THR C 78 21.38 17.67 -19.54
C THR C 78 20.22 18.01 -20.46
N VAL C 79 20.40 19.02 -21.30
CA VAL C 79 19.33 19.55 -22.15
C VAL C 79 19.42 18.90 -23.51
N ASP C 80 18.26 18.70 -24.14
CA ASP C 80 18.22 18.36 -25.55
C ASP C 80 18.49 19.62 -26.36
N VAL C 81 19.39 19.52 -27.31
CA VAL C 81 19.69 20.62 -28.20
C VAL C 81 19.59 20.09 -29.63
N ALA C 82 19.15 20.95 -30.55
CA ALA C 82 19.12 20.62 -31.96
C ALA C 82 19.87 21.70 -32.70
N ASN C 83 21.02 21.36 -33.24
CA ASN C 83 21.82 22.30 -34.00
C ASN C 83 21.96 21.80 -35.42
N LEU C 84 22.21 22.74 -36.33
CA LEU C 84 22.56 22.36 -37.68
C LEU C 84 23.94 21.72 -37.69
N PRO C 85 24.21 20.86 -38.65
CA PRO C 85 25.57 20.39 -38.88
C PRO C 85 26.48 21.55 -39.26
N SER C 86 27.76 21.37 -38.95
CA SER C 86 28.76 22.42 -39.11
C SER C 86 29.02 22.81 -40.55
N ASP C 87 28.66 21.96 -41.52
CA ASP C 87 28.87 22.28 -42.93
C ASP C 87 27.54 22.52 -43.63
N ALA C 88 26.51 22.90 -42.88
CA ALA C 88 25.19 23.15 -43.43
C ALA C 88 24.63 24.41 -42.81
N ASP C 89 24.20 25.36 -43.65
CA ASP C 89 23.75 26.66 -43.17
C ASP C 89 22.31 26.97 -43.55
N THR C 90 21.50 25.96 -43.86
CA THR C 90 20.14 26.17 -44.29
C THR C 90 19.25 25.18 -43.56
N LEU C 91 18.11 25.64 -43.07
CA LEU C 91 17.18 24.81 -42.35
C LEU C 91 15.91 24.64 -43.16
N LYS C 92 15.68 23.43 -43.68
CA LYS C 92 14.48 23.12 -44.44
C LYS C 92 13.42 22.64 -43.46
N VAL C 93 12.38 23.44 -43.27
CA VAL C 93 11.25 23.09 -42.42
C VAL C 93 10.08 22.78 -43.33
N ARG C 94 9.66 21.53 -43.36
CA ARG C 94 8.75 21.04 -44.39
C ARG C 94 7.57 20.33 -43.75
N PHE C 95 6.37 20.82 -44.03
CA PHE C 95 5.16 20.19 -43.56
C PHE C 95 4.15 20.20 -44.69
N THR C 96 3.03 19.53 -44.48
CA THR C 96 1.92 19.53 -45.42
C THR C 96 0.66 20.05 -44.74
N LEU C 97 -0.17 20.71 -45.52
CA LEU C 97 -1.33 21.44 -45.00
C LEU C 97 -2.55 21.12 -45.84
N ARG C 98 -3.57 20.54 -45.21
CA ARG C 98 -4.87 20.33 -45.82
C ARG C 98 -5.79 21.47 -45.45
N VAL C 99 -6.54 21.98 -46.42
CA VAL C 99 -7.61 22.94 -46.20
C VAL C 99 -8.93 22.24 -46.48
N LEU C 100 -9.73 22.03 -45.46
CA LEU C 100 -10.83 21.06 -45.54
C LEU C 100 -12.07 21.63 -46.20
N GLY C 101 -12.65 22.65 -45.61
CA GLY C 101 -13.88 23.17 -46.17
C GLY C 101 -15.10 22.72 -45.40
N GLY C 102 -16.14 23.54 -45.44
CA GLY C 102 -17.32 23.29 -44.64
C GLY C 102 -17.15 23.89 -43.26
N ALA C 103 -16.91 25.20 -43.20
CA ALA C 103 -16.51 25.84 -41.96
C ALA C 103 -17.64 25.99 -40.97
N GLY C 104 -18.89 26.04 -41.43
CA GLY C 104 -20.00 26.29 -40.55
C GLY C 104 -20.66 25.08 -39.94
N THR C 105 -20.49 23.90 -40.54
CA THR C 105 -21.14 22.70 -40.03
C THR C 105 -20.40 22.21 -38.79
N PRO C 106 -21.03 22.16 -37.63
CA PRO C 106 -20.37 21.61 -36.45
C PRO C 106 -20.43 20.10 -36.44
N SER C 107 -19.38 19.50 -35.88
CA SER C 107 -19.34 18.06 -35.71
C SER C 107 -20.23 17.56 -34.58
N ALA C 108 -20.67 18.45 -33.70
CA ALA C 108 -21.56 18.08 -32.61
C ALA C 108 -22.40 19.30 -32.25
N CYS C 109 -23.71 19.11 -32.16
CA CYS C 109 -24.63 20.19 -31.85
C CYS C 109 -25.93 19.60 -31.34
N ASN C 110 -26.41 20.09 -30.19
CA ASN C 110 -27.67 19.60 -29.67
C ASN C 110 -28.87 20.18 -30.40
N ASP C 111 -29.00 21.50 -30.39
CA ASP C 111 -30.18 22.17 -30.92
C ASP C 111 -30.15 22.13 -32.44
N ALA C 112 -31.19 21.56 -33.05
CA ALA C 112 -31.27 21.53 -34.50
C ALA C 112 -31.58 22.92 -35.05
N ALA C 113 -32.39 23.70 -34.34
CA ALA C 113 -32.75 25.03 -34.81
C ALA C 113 -31.56 25.99 -34.74
N TYR C 114 -30.76 25.88 -33.67
CA TYR C 114 -29.57 26.71 -33.56
C TYR C 114 -28.52 26.32 -34.59
N ARG C 115 -28.40 25.03 -34.88
CA ARG C 115 -27.47 24.57 -35.90
C ARG C 115 -27.89 25.06 -37.28
N ASP C 116 -29.19 25.02 -37.57
CA ASP C 116 -29.68 25.54 -38.85
C ASP C 116 -29.52 27.05 -38.94
N LYS C 117 -29.69 27.75 -37.82
CA LYS C 117 -29.52 29.20 -37.82
C LYS C 117 -28.05 29.59 -38.01
N LEU C 118 -27.14 28.84 -37.40
CA LEU C 118 -25.71 29.10 -37.57
C LEU C 118 -25.24 28.75 -38.97
N LEU C 119 -25.82 27.69 -39.55
CA LEU C 119 -25.52 27.35 -40.93
C LEU C 119 -26.03 28.42 -41.89
N GLN C 120 -27.21 28.97 -41.62
CA GLN C 120 -27.72 30.06 -42.42
C GLN C 120 -26.86 31.32 -42.27
N THR C 121 -26.35 31.56 -41.05
CA THR C 121 -25.49 32.71 -40.79
C THR C 121 -24.17 32.61 -41.56
N VAL C 122 -23.52 31.45 -41.50
CA VAL C 122 -22.28 31.25 -42.23
C VAL C 122 -22.54 31.26 -43.74
N ALA C 123 -23.71 30.77 -44.17
CA ALA C 123 -24.05 30.80 -45.59
C ALA C 123 -24.23 32.22 -46.10
N THR C 124 -24.90 33.09 -45.32
CA THR C 124 -25.00 34.49 -45.73
C THR C 124 -23.65 35.20 -45.66
N TYR C 125 -22.77 34.76 -44.75
CA TYR C 125 -21.41 35.31 -44.74
C TYR C 125 -20.69 34.98 -46.05
N VAL C 126 -20.61 33.70 -46.40
CA VAL C 126 -19.88 33.24 -47.59
C VAL C 126 -20.52 33.78 -48.87
N ASN C 127 -21.85 33.95 -48.89
CA ASN C 127 -22.49 34.54 -50.04
C ASN C 127 -22.18 36.03 -50.16
N ASP C 128 -22.23 36.76 -49.04
CA ASP C 128 -21.97 38.20 -49.11
C ASP C 128 -20.49 38.47 -49.34
N GLN C 129 -19.61 37.72 -48.68
CA GLN C 129 -18.18 37.83 -48.91
C GLN C 129 -17.53 36.48 -48.60
N GLY C 130 -16.97 35.86 -49.63
CA GLY C 130 -16.42 34.53 -49.47
C GLY C 130 -15.14 34.56 -48.65
N PHE C 131 -14.52 33.38 -48.55
CA PHE C 131 -13.27 33.26 -47.81
C PHE C 131 -12.16 33.92 -48.65
N ALA C 132 -12.16 35.24 -48.66
CA ALA C 132 -11.19 36.01 -49.42
C ALA C 132 -10.23 36.77 -48.54
N GLU C 133 -10.71 37.36 -47.45
CA GLU C 133 -9.82 38.03 -46.51
C GLU C 133 -9.10 37.02 -45.64
N LEU C 134 -9.84 36.03 -45.13
CA LEU C 134 -9.24 34.98 -44.30
C LEU C 134 -8.22 34.18 -45.09
N ALA C 135 -8.55 33.84 -46.35
CA ALA C 135 -7.61 33.08 -47.15
C ALA C 135 -6.41 33.89 -47.55
N ARG C 136 -6.58 35.22 -47.75
CA ARG C 136 -5.43 36.07 -48.04
C ARG C 136 -4.50 36.15 -46.85
N ARG C 137 -5.05 36.21 -45.65
CA ARG C 137 -4.19 36.28 -44.47
C ARG C 137 -3.56 34.94 -44.12
N TYR C 138 -4.27 33.82 -44.37
CA TYR C 138 -3.66 32.50 -44.24
C TYR C 138 -2.55 32.30 -45.26
N ALA C 139 -2.77 32.78 -46.49
CA ALA C 139 -1.74 32.70 -47.51
C ALA C 139 -0.55 33.58 -47.18
N HIS C 140 -0.77 34.67 -46.45
CA HIS C 140 0.36 35.48 -45.99
C HIS C 140 1.15 34.74 -44.93
N ASN C 141 0.47 34.13 -43.97
CA ASN C 141 1.18 33.39 -42.93
C ASN C 141 1.83 32.11 -43.46
N LEU C 142 1.42 31.65 -44.63
CA LEU C 142 2.23 30.66 -45.34
C LEU C 142 3.39 31.33 -46.07
N ALA C 143 3.16 32.51 -46.62
CA ALA C 143 4.15 33.16 -47.48
C ALA C 143 5.32 33.70 -46.68
N ASN C 144 5.06 34.59 -45.74
CA ASN C 144 6.07 34.88 -44.73
C ASN C 144 6.12 33.71 -43.78
N ALA C 145 7.33 33.26 -43.44
CA ALA C 145 7.50 32.03 -42.68
C ALA C 145 7.33 32.33 -41.19
N ARG C 146 6.07 32.57 -40.81
CA ARG C 146 5.78 32.75 -39.41
C ARG C 146 5.75 31.43 -38.67
N PHE C 147 5.59 30.32 -39.38
CA PHE C 147 5.64 29.02 -38.74
C PHE C 147 7.06 28.65 -38.32
N LEU C 148 8.06 29.21 -38.97
CA LEU C 148 9.41 29.30 -38.40
C LEU C 148 9.34 30.30 -37.27
N TRP C 149 9.24 29.82 -36.04
CA TRP C 149 8.93 30.70 -34.92
C TRP C 149 10.15 31.49 -34.47
N ARG C 150 11.19 30.80 -34.01
CA ARG C 150 12.43 31.45 -33.61
C ARG C 150 13.54 31.16 -34.61
N ASN C 151 13.34 30.20 -35.51
CA ASN C 151 14.30 29.93 -36.57
C ASN C 151 14.30 30.99 -37.66
N ARG C 152 13.44 32.00 -37.56
CA ARG C 152 13.31 33.08 -38.52
C ARG C 152 13.94 34.36 -38.03
N VAL C 153 14.08 34.54 -36.71
CA VAL C 153 14.31 35.87 -36.13
C VAL C 153 15.68 36.44 -36.41
N GLY C 154 16.61 35.64 -36.90
CA GLY C 154 17.91 36.18 -37.24
C GLY C 154 18.44 35.56 -38.51
N ALA C 155 17.54 35.02 -39.32
CA ALA C 155 17.93 34.37 -40.56
C ALA C 155 18.28 35.41 -41.60
N GLU C 156 19.28 35.11 -42.42
CA GLU C 156 19.71 36.04 -43.45
C GLU C 156 18.70 36.08 -44.59
N ALA C 157 18.28 34.92 -45.07
CA ALA C 157 17.31 34.87 -46.15
C ALA C 157 16.40 33.68 -45.91
N VAL C 158 15.10 33.93 -45.92
CA VAL C 158 14.10 32.88 -45.77
C VAL C 158 13.34 32.77 -47.08
N GLU C 159 13.16 31.55 -47.56
CA GLU C 159 12.42 31.32 -48.78
C GLU C 159 11.44 30.18 -48.56
N VAL C 160 10.17 30.43 -48.89
CA VAL C 160 9.10 29.46 -48.71
C VAL C 160 8.64 28.98 -50.07
N ARG C 161 8.65 27.67 -50.26
CA ARG C 161 8.16 27.06 -51.49
C ARG C 161 6.91 26.27 -51.16
N ILE C 162 5.80 26.66 -51.75
CA ILE C 162 4.49 26.10 -51.46
C ILE C 162 4.00 25.41 -52.72
N ASN C 163 3.89 24.08 -52.67
CA ASN C 163 3.47 23.29 -53.81
C ASN C 163 2.05 22.81 -53.58
N HIS C 164 1.18 23.05 -54.55
CA HIS C 164 -0.14 22.46 -54.54
C HIS C 164 -0.03 21.05 -55.07
N ILE C 165 -0.25 20.06 -54.22
CA ILE C 165 -0.11 18.66 -54.58
C ILE C 165 -1.47 18.15 -55.05
N ARG C 166 -1.57 17.89 -56.34
CA ARG C 166 -2.72 17.23 -56.96
C ARG C 166 -2.50 15.72 -56.85
N GLN C 167 -3.13 14.93 -57.75
CA GLN C 167 -3.29 13.48 -57.72
C GLN C 167 -2.08 12.68 -57.22
N GLY C 168 -0.89 13.01 -57.69
CA GLY C 168 0.29 12.51 -57.01
C GLY C 168 1.45 13.48 -56.98
N GLU C 169 1.28 14.66 -57.58
CA GLU C 169 2.40 15.52 -57.89
C GLU C 169 1.96 16.97 -57.74
N VAL C 170 2.91 17.89 -57.98
CA VAL C 170 2.62 19.31 -57.90
C VAL C 170 1.77 19.72 -59.09
N ALA C 171 0.83 20.63 -58.85
CA ALA C 171 0.03 21.20 -59.92
C ALA C 171 0.37 22.66 -60.15
N ARG C 172 0.75 23.36 -59.09
CA ARG C 172 1.09 24.77 -59.16
C ARG C 172 2.04 25.06 -58.01
N ALA C 173 3.28 25.39 -58.34
CA ALA C 173 4.32 25.59 -57.34
C ALA C 173 4.52 27.08 -57.11
N TRP C 174 4.70 27.46 -55.85
CA TRP C 174 4.94 28.84 -55.46
C TRP C 174 6.34 29.00 -54.88
N ARG C 175 6.78 30.24 -54.82
CA ARG C 175 8.15 30.53 -54.39
C ARG C 175 8.18 31.95 -53.83
N PHE C 176 8.17 32.07 -52.51
CA PHE C 176 8.10 33.37 -51.86
C PHE C 176 9.40 33.70 -51.17
N ASP C 177 9.66 34.99 -51.03
CA ASP C 177 10.74 35.50 -50.21
C ASP C 177 10.12 36.00 -48.92
N ALA C 178 10.34 35.29 -47.83
CA ALA C 178 9.57 35.50 -46.62
C ALA C 178 10.03 36.69 -45.80
N LEU C 179 11.10 37.38 -46.20
CA LEU C 179 11.51 38.58 -45.49
C LEU C 179 11.00 39.86 -46.15
N ALA C 180 10.73 39.84 -47.45
CA ALA C 180 10.09 40.99 -48.07
C ALA C 180 8.63 41.07 -47.69
N ILE C 181 7.96 39.93 -47.60
CA ILE C 181 6.61 39.85 -47.05
C ILE C 181 6.76 39.93 -45.53
N GLY C 182 6.35 41.05 -44.95
CA GLY C 182 6.60 41.29 -43.55
C GLY C 182 5.73 40.45 -42.64
N LEU C 183 6.06 40.48 -41.36
CA LEU C 183 5.29 39.78 -40.35
C LEU C 183 4.11 40.59 -39.84
N ARG C 184 3.86 41.78 -40.40
CA ARG C 184 2.77 42.60 -39.90
C ARG C 184 1.92 43.28 -40.95
N ASP C 185 2.33 43.32 -42.22
CA ASP C 185 1.55 43.94 -43.27
C ASP C 185 0.89 42.88 -44.14
N PHE C 186 -0.41 42.98 -44.31
CA PHE C 186 -1.16 42.09 -45.20
C PHE C 186 -1.46 42.87 -46.49
N LYS C 187 -0.46 42.94 -47.36
CA LYS C 187 -0.56 43.61 -48.64
C LYS C 187 -1.14 42.66 -49.68
N ALA C 188 -0.99 43.00 -50.95
CA ALA C 188 -1.43 42.14 -52.04
C ALA C 188 -0.32 41.96 -53.05
N ASP C 189 0.01 40.70 -53.34
CA ASP C 189 0.94 40.36 -54.41
C ASP C 189 0.16 39.69 -55.52
N ALA C 190 0.87 39.24 -56.54
CA ALA C 190 0.23 38.54 -57.64
C ALA C 190 0.19 37.03 -57.39
N GLU C 191 1.28 36.46 -56.89
CA GLU C 191 1.29 35.05 -56.55
C GLU C 191 0.50 34.79 -55.27
N LEU C 192 0.50 35.76 -54.35
CA LEU C 192 -0.24 35.61 -53.11
C LEU C 192 -1.74 35.60 -53.35
N ASP C 193 -2.20 36.28 -54.39
CA ASP C 193 -3.62 36.22 -54.73
C ASP C 193 -4.01 34.89 -55.34
N ALA C 194 -3.10 34.25 -56.08
CA ALA C 194 -3.39 32.92 -56.60
C ALA C 194 -3.39 31.89 -55.49
N LEU C 195 -2.45 32.00 -54.54
CA LEU C 195 -2.49 31.12 -53.37
C LEU C 195 -3.70 31.38 -52.50
N ALA C 196 -4.11 32.64 -52.37
CA ALA C 196 -5.30 32.96 -51.60
C ALA C 196 -6.56 32.44 -52.28
N GLU C 197 -6.59 32.45 -53.60
CA GLU C 197 -7.74 31.87 -54.30
C GLU C 197 -7.74 30.35 -54.20
N LEU C 198 -6.57 29.74 -54.10
CA LEU C 198 -6.51 28.29 -53.87
C LEU C 198 -7.03 27.93 -52.49
N ILE C 199 -6.59 28.66 -51.45
CA ILE C 199 -7.10 28.42 -50.11
C ILE C 199 -8.57 28.79 -50.01
N ALA C 200 -9.01 29.76 -50.82
CA ALA C 200 -10.43 30.10 -50.91
C ALA C 200 -11.24 28.96 -51.49
N SER C 201 -10.73 28.32 -52.54
CA SER C 201 -11.42 27.18 -53.13
C SER C 201 -11.43 25.99 -52.20
N GLY C 202 -10.37 25.83 -51.40
CA GLY C 202 -10.36 24.75 -50.43
C GLY C 202 -11.30 25.00 -49.26
N LEU C 203 -11.44 26.26 -48.86
CA LEU C 203 -12.26 26.59 -47.70
C LEU C 203 -13.74 26.56 -48.04
N SER C 204 -14.09 26.89 -49.28
CA SER C 204 -15.49 26.91 -49.70
C SER C 204 -16.05 25.52 -50.00
N GLY C 205 -15.22 24.49 -49.96
CA GLY C 205 -15.66 23.15 -50.28
C GLY C 205 -15.71 22.85 -51.76
N SER C 206 -15.29 23.77 -52.61
CA SER C 206 -15.40 23.60 -54.05
C SER C 206 -14.18 22.92 -54.65
N GLY C 207 -13.26 22.43 -53.85
CA GLY C 207 -12.08 21.76 -54.37
C GLY C 207 -11.22 21.18 -53.27
N HIS C 208 -10.39 20.21 -53.61
CA HIS C 208 -9.47 19.61 -52.65
C HIS C 208 -8.17 20.40 -52.66
N VAL C 209 -7.64 20.69 -51.48
CA VAL C 209 -6.39 21.44 -51.35
C VAL C 209 -5.47 20.68 -50.40
N LEU C 210 -4.32 20.26 -50.91
CA LEU C 210 -3.23 19.74 -50.11
C LEU C 210 -1.96 20.46 -50.53
N LEU C 211 -1.45 21.30 -49.64
CA LEU C 211 -0.27 22.10 -49.91
C LEU C 211 0.91 21.51 -49.17
N GLU C 212 2.06 21.49 -49.82
CA GLU C 212 3.32 21.14 -49.16
C GLU C 212 4.13 22.42 -49.00
N VAL C 213 4.38 22.83 -47.76
CA VAL C 213 5.03 24.09 -47.48
C VAL C 213 6.45 23.81 -47.02
N VAL C 214 7.43 24.29 -47.78
CA VAL C 214 8.84 23.99 -47.56
C VAL C 214 9.59 25.30 -47.37
N ALA C 215 10.12 25.51 -46.17
CA ALA C 215 10.73 26.79 -45.88
C ALA C 215 12.20 26.61 -45.53
N PHE C 216 13.04 27.37 -46.21
CA PHE C 216 14.48 27.36 -45.98
C PHE C 216 14.87 28.61 -45.21
N ALA C 217 15.90 28.50 -44.38
CA ALA C 217 16.35 29.63 -43.59
C ALA C 217 17.87 29.60 -43.45
N ARG C 218 18.53 30.65 -43.94
CA ARG C 218 19.97 30.79 -43.75
C ARG C 218 20.20 31.21 -42.31
N ILE C 219 20.34 30.23 -41.42
CA ILE C 219 20.68 30.51 -40.04
C ILE C 219 22.18 30.61 -39.85
N GLY C 220 22.94 29.77 -40.53
CA GLY C 220 24.37 29.80 -40.39
C GLY C 220 24.94 28.41 -40.21
N ASP C 221 26.24 28.27 -40.35
CA ASP C 221 26.88 26.97 -40.27
C ASP C 221 26.92 26.49 -38.82
N GLY C 222 26.10 25.50 -38.50
CA GLY C 222 26.18 24.90 -37.19
C GLY C 222 25.48 25.65 -36.10
N GLN C 223 24.57 26.57 -36.44
CA GLN C 223 23.81 27.32 -35.47
C GLN C 223 22.73 26.45 -34.85
N GLU C 224 22.01 27.04 -33.90
CA GLU C 224 20.97 26.31 -33.19
C GLU C 224 19.63 26.53 -33.88
N VAL C 225 18.92 25.45 -34.15
CA VAL C 225 17.55 25.53 -34.57
C VAL C 225 16.66 25.16 -33.40
N PHE C 226 15.40 25.52 -33.50
CA PHE C 226 14.50 25.53 -32.35
C PHE C 226 13.25 24.75 -32.71
N PRO C 227 13.26 23.44 -32.53
CA PRO C 227 12.04 22.66 -32.64
C PRO C 227 11.20 22.83 -31.38
N SER C 228 9.99 22.29 -31.43
CA SER C 228 9.07 22.46 -30.33
C SER C 228 9.50 21.59 -29.16
N GLN C 229 9.02 21.93 -27.98
CA GLN C 229 9.57 21.39 -26.75
C GLN C 229 8.54 20.55 -26.01
N GLU C 230 8.93 19.33 -25.68
CA GLU C 230 8.11 18.42 -24.90
C GLU C 230 8.25 18.73 -23.42
N LEU C 231 7.32 18.19 -22.64
CA LEU C 231 7.38 18.29 -21.18
C LEU C 231 7.97 17.02 -20.61
N ILE C 232 8.44 17.12 -19.37
CA ILE C 232 9.24 16.07 -18.77
C ILE C 232 8.45 15.39 -17.67
N LEU C 233 9.01 14.31 -17.12
CA LEU C 233 8.30 13.46 -16.17
C LEU C 233 8.49 13.89 -14.73
N ASP C 234 9.65 14.46 -14.41
CA ASP C 234 10.03 14.94 -13.06
C ASP C 234 9.93 13.83 -12.02
N LYS C 235 10.80 12.83 -12.21
CA LYS C 235 10.86 11.66 -11.36
C LYS C 235 12.27 11.35 -10.91
N GLY C 236 13.28 11.90 -11.57
CA GLY C 236 14.67 11.57 -11.27
C GLY C 236 15.39 12.59 -10.43
N ASP C 237 16.72 12.57 -10.49
CA ASP C 237 17.56 13.36 -9.62
C ASP C 237 17.72 14.79 -10.15
N LYS C 238 18.65 15.52 -9.52
CA LYS C 238 18.93 16.90 -9.86
C LYS C 238 20.30 17.12 -10.48
N LYS C 239 20.98 16.04 -10.89
CA LYS C 239 22.23 16.15 -11.64
C LYS C 239 22.07 15.72 -13.08
N GLY C 240 21.35 14.62 -13.32
CA GLY C 240 20.97 14.18 -14.65
C GLY C 240 19.53 14.57 -14.93
N GLN C 241 19.20 15.81 -14.58
CA GLN C 241 17.82 16.25 -14.38
C GLN C 241 16.97 16.18 -15.66
N LYS C 242 17.60 16.33 -16.84
CA LYS C 242 16.95 16.38 -18.15
C LYS C 242 15.90 17.50 -18.19
N SER C 243 16.38 18.72 -18.05
CA SER C 243 15.48 19.85 -17.87
C SER C 243 14.79 20.28 -19.16
N LYS C 244 15.28 19.87 -20.32
CA LYS C 244 14.69 20.29 -21.58
C LYS C 244 14.70 19.13 -22.56
N THR C 245 13.53 18.75 -23.05
CA THR C 245 13.38 17.74 -24.09
C THR C 245 12.69 18.36 -25.30
N LEU C 246 13.28 18.15 -26.46
CA LEU C 246 12.76 18.69 -27.71
C LEU C 246 11.99 17.63 -28.45
N TYR C 247 11.14 18.07 -29.36
CA TYR C 247 10.29 17.17 -30.12
C TYR C 247 11.07 16.52 -31.23
N SER C 248 10.91 15.20 -31.36
CA SER C 248 11.52 14.48 -32.46
C SER C 248 10.58 13.35 -32.82
N VAL C 249 10.26 13.22 -34.11
CA VAL C 249 9.30 12.21 -34.52
C VAL C 249 9.98 10.86 -34.75
N ARG C 250 10.97 10.79 -35.63
CA ARG C 250 11.77 9.58 -35.76
C ARG C 250 13.21 10.02 -36.03
N ASP C 251 13.95 10.26 -34.94
CA ASP C 251 15.34 10.75 -34.96
C ASP C 251 15.49 12.00 -35.81
N ALA C 252 14.52 12.90 -35.70
CA ALA C 252 14.43 14.06 -36.59
C ALA C 252 13.63 15.13 -35.87
N ALA C 253 14.24 16.27 -35.62
CA ALA C 253 13.59 17.35 -34.89
C ALA C 253 12.39 17.86 -35.67
N ALA C 254 11.40 18.36 -34.93
CA ALA C 254 10.17 18.77 -35.55
C ALA C 254 9.47 19.79 -34.68
N ILE C 255 8.85 20.76 -35.31
CA ILE C 255 7.91 21.64 -34.63
C ILE C 255 6.60 20.88 -34.54
N HIS C 256 5.83 21.15 -33.49
CA HIS C 256 4.53 20.53 -33.32
C HIS C 256 3.57 21.03 -34.37
N SER C 257 2.47 20.30 -34.56
CA SER C 257 1.48 20.72 -35.55
C SER C 257 0.68 21.92 -35.08
N GLN C 258 0.44 22.03 -33.77
CA GLN C 258 -0.34 23.16 -33.28
C GLN C 258 0.45 24.45 -33.22
N LYS C 259 1.79 24.39 -33.20
CA LYS C 259 2.57 25.61 -33.34
C LYS C 259 2.44 26.17 -34.74
N ILE C 260 2.48 25.29 -35.76
CA ILE C 260 2.27 25.71 -37.13
C ILE C 260 0.84 26.21 -37.33
N GLY C 261 -0.12 25.55 -36.69
CA GLY C 261 -1.49 26.01 -36.75
C GLY C 261 -1.69 27.36 -36.08
N ASN C 262 -0.95 27.62 -35.00
CA ASN C 262 -1.04 28.91 -34.33
C ASN C 262 -0.39 30.00 -35.15
N ALA C 263 0.66 29.68 -35.88
CA ALA C 263 1.32 30.72 -36.67
C ALA C 263 0.60 30.96 -37.97
N LEU C 264 -0.13 29.97 -38.48
CA LEU C 264 -0.98 30.19 -39.64
C LEU C 264 -2.21 31.01 -39.28
N ARG C 265 -2.67 30.93 -38.04
CA ARG C 265 -3.86 31.63 -37.61
C ARG C 265 -3.59 33.06 -37.17
N THR C 266 -2.35 33.55 -37.24
CA THR C 266 -2.04 34.90 -36.78
C THR C 266 -2.51 35.89 -37.86
N ILE C 267 -3.82 36.09 -37.88
CA ILE C 267 -4.49 36.92 -38.87
C ILE C 267 -5.33 38.01 -38.23
N ASP C 268 -5.41 38.04 -36.91
CA ASP C 268 -6.37 38.86 -36.18
C ASP C 268 -5.76 40.23 -35.94
N THR C 269 -6.03 41.16 -36.86
CA THR C 269 -5.65 42.55 -36.68
C THR C 269 -6.83 43.44 -36.37
N TRP C 270 -7.94 42.85 -35.91
CA TRP C 270 -9.16 43.58 -35.65
C TRP C 270 -9.49 43.67 -34.17
N TYR C 271 -8.52 43.39 -33.31
CA TYR C 271 -8.83 43.43 -31.88
C TYR C 271 -8.89 44.89 -31.43
N PRO C 272 -9.67 45.19 -30.37
CA PRO C 272 -9.91 46.59 -30.00
C PRO C 272 -8.71 47.34 -29.47
N ASP C 273 -7.61 46.67 -29.15
CA ASP C 273 -6.41 47.36 -28.71
C ASP C 273 -5.67 47.87 -29.95
N GLU C 274 -4.43 48.34 -29.77
CA GLU C 274 -3.72 49.02 -30.84
C GLU C 274 -3.30 48.05 -31.93
N ASP C 275 -3.39 48.50 -33.17
CA ASP C 275 -2.90 47.73 -34.31
C ASP C 275 -1.40 47.93 -34.54
N GLY C 276 -0.73 48.73 -33.72
CA GLY C 276 0.71 48.86 -33.78
C GLY C 276 1.47 47.64 -33.32
N LEU C 277 0.80 46.70 -32.66
CA LEU C 277 1.42 45.45 -32.25
C LEU C 277 1.41 44.40 -33.35
N GLY C 278 0.50 44.50 -34.31
CA GLY C 278 0.41 43.53 -35.38
C GLY C 278 -0.67 42.51 -35.11
N PRO C 279 -0.71 41.46 -35.91
CA PRO C 279 -1.74 40.43 -35.72
C PRO C 279 -1.45 39.52 -34.54
N ILE C 280 -2.54 39.02 -33.95
CA ILE C 280 -2.46 37.95 -32.96
C ILE C 280 -3.15 36.73 -33.55
N ALA C 281 -3.02 35.61 -32.86
CA ALA C 281 -3.69 34.41 -33.32
C ALA C 281 -5.16 34.46 -32.98
N VAL C 282 -5.98 33.92 -33.87
CA VAL C 282 -7.42 33.92 -33.68
C VAL C 282 -7.75 32.91 -32.59
N GLU C 283 -8.12 33.41 -31.42
CA GLU C 283 -8.58 32.60 -30.32
C GLU C 283 -9.81 33.25 -29.72
N PRO C 284 -10.72 32.48 -29.13
CA PRO C 284 -11.78 33.09 -28.34
C PRO C 284 -11.17 33.70 -27.09
N TYR C 285 -11.63 34.90 -26.76
CA TYR C 285 -11.01 35.79 -25.78
C TYR C 285 -9.54 36.00 -26.11
N GLY C 286 -9.30 36.65 -27.26
CA GLY C 286 -8.07 36.51 -28.02
C GLY C 286 -6.79 36.79 -27.28
N SER C 287 -6.09 35.71 -26.93
CA SER C 287 -5.11 35.70 -25.86
C SER C 287 -3.77 35.32 -26.44
N VAL C 288 -2.72 35.97 -25.95
CA VAL C 288 -1.35 35.65 -26.32
C VAL C 288 -0.62 35.14 -25.09
N THR C 289 0.17 34.08 -25.27
CA THR C 289 0.86 33.46 -24.14
C THR C 289 2.16 34.16 -23.79
N SER C 290 2.83 34.74 -24.79
CA SER C 290 4.06 35.48 -24.51
C SER C 290 3.76 36.76 -23.74
N GLN C 291 2.87 37.59 -24.27
CA GLN C 291 2.56 38.86 -23.65
C GLN C 291 1.61 38.73 -22.47
N GLY C 292 1.00 37.56 -22.27
CA GLY C 292 0.18 37.33 -21.09
C GLY C 292 -1.10 38.11 -21.03
N LYS C 293 -1.53 38.71 -22.13
CA LYS C 293 -2.65 39.62 -22.16
C LYS C 293 -3.77 39.02 -22.98
N ALA C 294 -5.00 39.20 -22.51
CA ALA C 294 -6.19 38.68 -23.19
C ALA C 294 -6.88 39.85 -23.87
N TYR C 295 -6.54 40.09 -25.12
CA TYR C 295 -7.32 41.00 -25.94
C TYR C 295 -8.68 40.38 -26.23
N ARG C 296 -9.62 41.24 -26.60
CA ARG C 296 -11.03 40.89 -26.77
C ARG C 296 -11.58 40.24 -25.51
N GLN C 297 -11.38 40.91 -24.39
CA GLN C 297 -12.00 40.51 -23.15
C GLN C 297 -13.51 40.64 -23.27
N PRO C 298 -14.28 39.79 -22.58
CA PRO C 298 -15.74 39.83 -22.76
C PRO C 298 -16.43 41.02 -22.14
N LYS C 299 -15.70 41.94 -21.48
CA LYS C 299 -16.36 43.16 -21.00
C LYS C 299 -16.60 44.13 -22.14
N GLN C 300 -15.65 44.26 -23.05
CA GLN C 300 -15.98 44.78 -24.36
C GLN C 300 -16.75 43.70 -25.12
N LYS C 301 -17.59 44.12 -26.05
CA LYS C 301 -18.39 43.15 -26.79
C LYS C 301 -17.68 42.70 -28.06
N LEU C 302 -16.42 42.29 -27.94
CA LEU C 302 -15.66 41.90 -29.11
C LEU C 302 -15.00 40.54 -28.97
N ASP C 303 -15.36 39.74 -27.97
CA ASP C 303 -14.91 38.37 -27.91
C ASP C 303 -15.76 37.52 -28.84
N PHE C 304 -15.32 36.29 -29.09
CA PHE C 304 -15.96 35.44 -30.08
C PHE C 304 -17.34 34.99 -29.63
N TYR C 305 -17.52 34.79 -28.33
CA TYR C 305 -18.77 34.24 -27.86
C TYR C 305 -19.90 35.26 -27.88
N THR C 306 -19.62 36.50 -27.49
CA THR C 306 -20.64 37.54 -27.57
C THR C 306 -20.94 37.89 -29.02
N LEU C 307 -19.93 37.91 -29.88
CA LEU C 307 -20.15 38.17 -31.30
C LEU C 307 -20.95 37.06 -31.96
N LEU C 308 -20.69 35.81 -31.58
CA LEU C 308 -21.42 34.69 -32.17
C LEU C 308 -22.85 34.64 -31.65
N ASP C 309 -23.06 34.90 -30.36
CA ASP C 309 -24.40 34.91 -29.81
C ASP C 309 -25.19 36.15 -30.19
N ASN C 310 -24.54 37.18 -30.70
CA ASN C 310 -25.29 38.27 -31.30
C ASN C 310 -25.53 38.05 -32.79
N TRP C 311 -24.64 37.33 -33.47
CA TRP C 311 -24.80 37.14 -34.90
C TRP C 311 -25.76 36.02 -35.23
N VAL C 312 -25.89 35.03 -34.34
CA VAL C 312 -26.73 33.88 -34.63
C VAL C 312 -28.07 33.98 -33.92
N LEU C 313 -28.05 34.27 -32.61
CA LEU C 313 -29.29 34.25 -31.84
C LEU C 313 -30.18 35.44 -32.15
N ARG C 314 -29.70 36.65 -31.86
CA ARG C 314 -30.54 37.84 -31.94
C ARG C 314 -30.31 38.66 -33.18
N ASP C 315 -29.58 38.11 -34.16
CA ASP C 315 -29.41 38.69 -35.51
C ASP C 315 -28.76 40.06 -35.48
N GLU C 316 -27.99 40.37 -34.45
CA GLU C 316 -27.21 41.60 -34.39
C GLU C 316 -25.90 41.33 -35.11
N ALA C 317 -25.91 41.55 -36.41
CA ALA C 317 -24.75 41.23 -37.23
C ALA C 317 -23.65 42.24 -36.99
N PRO C 318 -22.44 41.82 -36.62
CA PRO C 318 -21.36 42.77 -36.39
C PRO C 318 -20.79 43.35 -37.67
N ALA C 319 -19.70 44.11 -37.54
CA ALA C 319 -19.02 44.62 -38.71
C ALA C 319 -18.38 43.49 -39.51
N VAL C 320 -17.88 43.85 -40.70
CA VAL C 320 -17.25 42.84 -41.56
C VAL C 320 -15.97 42.31 -40.94
N GLU C 321 -15.30 43.13 -40.13
CA GLU C 321 -14.03 42.73 -39.53
C GLU C 321 -14.24 41.72 -38.40
N GLN C 322 -15.17 42.00 -37.50
CA GLN C 322 -15.40 41.07 -36.40
C GLN C 322 -16.07 39.79 -36.89
N GLN C 323 -16.79 39.84 -37.99
CA GLN C 323 -17.33 38.59 -38.51
C GLN C 323 -16.29 37.82 -39.31
N HIS C 324 -15.29 38.50 -39.90
CA HIS C 324 -14.09 37.79 -40.36
C HIS C 324 -13.42 37.05 -39.22
N TYR C 325 -13.35 37.70 -38.05
CA TYR C 325 -12.74 37.05 -36.88
C TYR C 325 -13.56 35.86 -36.39
N VAL C 326 -14.89 35.98 -36.44
CA VAL C 326 -15.77 34.89 -35.99
C VAL C 326 -15.65 33.68 -36.93
N ILE C 327 -15.63 33.93 -38.24
CA ILE C 327 -15.47 32.84 -39.19
C ILE C 327 -14.06 32.25 -39.12
N ALA C 328 -13.07 33.06 -38.75
CA ALA C 328 -11.73 32.51 -38.51
C ALA C 328 -11.71 31.62 -37.27
N ASN C 329 -12.51 31.93 -36.27
CA ASN C 329 -12.65 31.02 -35.14
C ASN C 329 -13.39 29.74 -35.51
N LEU C 330 -14.37 29.84 -36.39
CA LEU C 330 -15.07 28.62 -36.83
C LEU C 330 -14.17 27.75 -37.69
N ILE C 331 -13.26 28.36 -38.43
CA ILE C 331 -12.23 27.61 -39.15
C ILE C 331 -11.24 27.00 -38.17
N ARG C 332 -10.90 27.73 -37.10
CA ARG C 332 -9.96 27.25 -36.10
C ARG C 332 -10.49 26.04 -35.35
N GLY C 333 -11.81 25.95 -35.17
CA GLY C 333 -12.39 24.85 -34.44
C GLY C 333 -12.47 25.17 -32.96
N GLY C 334 -12.91 24.19 -32.19
CA GLY C 334 -12.91 24.32 -30.75
C GLY C 334 -14.06 23.56 -30.13
N VAL C 335 -14.11 23.65 -28.80
CA VAL C 335 -15.20 23.11 -28.02
C VAL C 335 -16.00 24.28 -27.49
N PHE C 336 -17.03 24.69 -28.21
CA PHE C 336 -17.86 25.81 -27.79
C PHE C 336 -19.12 25.26 -27.15
N GLY C 337 -19.81 26.08 -26.39
CA GLY C 337 -21.04 25.67 -25.73
C GLY C 337 -20.79 25.45 -24.25
N GLU C 338 -21.83 25.68 -23.47
CA GLU C 338 -21.73 25.69 -22.01
C GLU C 338 -21.95 24.30 -21.45
N ALA C 339 -22.13 24.21 -20.13
CA ALA C 339 -22.43 22.94 -19.48
C ALA C 339 -23.88 22.91 -19.00
N ILE D 5 2.09 53.33 -10.67
CA ILE D 5 3.13 52.88 -9.75
C ILE D 5 4.24 52.19 -10.56
N LEU D 6 3.84 51.49 -11.62
CA LEU D 6 4.73 50.85 -12.60
C LEU D 6 5.67 49.84 -11.91
N SER D 7 5.05 48.77 -11.40
CA SER D 7 5.81 47.70 -10.79
C SER D 7 6.51 46.84 -11.84
N THR D 8 7.36 45.94 -11.36
CA THR D 8 8.11 45.07 -12.24
C THR D 8 7.22 43.94 -12.73
N ALA D 9 7.35 43.59 -14.01
CA ALA D 9 6.51 42.57 -14.62
C ALA D 9 6.81 41.20 -14.05
N SER D 10 5.81 40.32 -14.09
CA SER D 10 5.96 39.01 -13.46
C SER D 10 6.82 38.08 -14.31
N VAL D 11 6.71 38.18 -15.63
CA VAL D 11 7.60 37.45 -16.52
C VAL D 11 8.42 38.43 -17.35
N LEU D 12 9.68 38.08 -17.53
CA LEU D 12 10.57 38.79 -18.46
C LEU D 12 11.56 37.76 -18.97
N ALA D 13 11.29 37.22 -20.15
CA ALA D 13 12.19 36.26 -20.76
C ALA D 13 12.82 36.95 -21.95
N PHE D 14 14.06 37.36 -21.80
CA PHE D 14 14.83 37.95 -22.89
C PHE D 14 15.47 36.83 -23.68
N GLU D 15 15.44 36.94 -25.00
CA GLU D 15 16.13 35.97 -25.82
C GLU D 15 17.63 36.22 -25.76
N ARG D 16 18.40 35.21 -26.13
CA ARG D 16 19.84 35.33 -26.15
C ARG D 16 20.26 36.03 -27.43
N LYS D 17 20.88 37.20 -27.29
CA LYS D 17 21.63 37.75 -28.40
C LYS D 17 23.06 37.20 -28.32
N LEU D 18 23.79 37.36 -29.42
CA LEU D 18 25.12 36.75 -29.59
C LEU D 18 25.08 35.24 -29.44
N ASP D 19 24.39 34.59 -30.39
CA ASP D 19 24.31 33.14 -30.45
C ASP D 19 25.60 32.53 -30.97
N PRO D 20 26.37 31.78 -30.18
CA PRO D 20 27.51 31.06 -30.69
C PRO D 20 27.13 29.65 -31.11
N SER D 21 28.07 28.97 -31.74
CA SER D 21 27.88 27.60 -32.17
C SER D 21 28.79 26.68 -31.36
N ASP D 22 28.55 25.38 -31.49
CA ASP D 22 29.42 24.40 -30.86
C ASP D 22 30.77 24.42 -31.55
N ALA D 23 31.81 24.66 -30.77
CA ALA D 23 33.15 24.92 -31.31
C ALA D 23 33.82 23.60 -31.66
N LEU D 24 33.71 23.21 -32.92
CA LEU D 24 34.35 22.00 -33.40
C LEU D 24 35.86 22.15 -33.42
N MET D 25 36.58 21.22 -32.78
CA MET D 25 38.03 21.27 -32.76
C MET D 25 38.59 20.19 -33.66
N SER D 26 39.36 20.60 -34.66
CA SER D 26 40.07 19.74 -35.58
C SER D 26 41.56 20.04 -35.50
N ALA D 27 42.37 19.05 -35.85
CA ALA D 27 43.80 19.12 -35.62
C ALA D 27 44.54 19.30 -36.93
N GLY D 28 45.81 19.68 -36.83
CA GLY D 28 46.61 19.86 -38.02
C GLY D 28 47.94 20.47 -37.66
N ALA D 29 48.69 20.85 -38.69
CA ALA D 29 50.01 21.40 -38.51
C ALA D 29 50.01 22.91 -38.75
N TRP D 30 50.88 23.61 -38.01
CA TRP D 30 51.09 25.03 -38.24
C TRP D 30 51.81 25.24 -39.56
N ALA D 31 51.80 26.50 -40.02
CA ALA D 31 52.29 27.02 -41.30
C ALA D 31 51.49 26.54 -42.50
N GLN D 32 50.48 25.69 -42.30
CA GLN D 32 49.46 25.42 -43.30
C GLN D 32 48.08 25.63 -42.69
N ARG D 33 47.91 26.74 -41.97
CA ARG D 33 46.59 27.13 -41.51
C ARG D 33 45.75 27.70 -42.65
N ASP D 34 46.36 28.11 -43.74
CA ASP D 34 45.61 28.70 -44.84
C ASP D 34 44.88 27.67 -45.67
N ALA D 35 45.26 26.40 -45.57
CA ALA D 35 44.58 25.30 -46.25
C ALA D 35 43.82 24.41 -45.27
N SER D 36 43.35 25.00 -44.18
CA SER D 36 42.77 24.24 -43.08
C SER D 36 41.26 24.03 -43.25
N GLN D 37 40.84 23.50 -44.40
CA GLN D 37 39.46 23.07 -44.54
C GLN D 37 39.32 21.56 -44.65
N GLU D 38 40.43 20.85 -44.84
CA GLU D 38 40.44 19.39 -44.89
C GLU D 38 41.24 18.81 -43.72
N TRP D 39 41.23 19.50 -42.60
CA TRP D 39 42.00 19.06 -41.45
C TRP D 39 41.26 17.93 -40.73
N PRO D 40 41.98 16.96 -40.17
CA PRO D 40 41.31 15.87 -39.48
C PRO D 40 40.75 16.32 -38.14
N ALA D 41 39.63 15.73 -37.76
CA ALA D 41 38.95 16.14 -36.55
C ALA D 41 39.54 15.45 -35.33
N VAL D 42 39.53 16.17 -34.21
CA VAL D 42 40.05 15.64 -32.95
C VAL D 42 39.00 14.69 -32.39
N THR D 43 39.32 13.41 -32.35
CA THR D 43 38.38 12.38 -31.92
C THR D 43 38.62 12.06 -30.45
N VAL D 44 37.52 11.81 -29.74
CA VAL D 44 37.57 11.46 -28.33
C VAL D 44 37.84 9.96 -28.25
N ARG D 45 38.92 9.58 -27.58
CA ARG D 45 39.32 8.19 -27.48
C ARG D 45 39.32 7.77 -26.01
N GLU D 46 38.96 6.52 -25.75
CA GLU D 46 38.91 6.02 -24.39
C GLU D 46 40.31 5.72 -23.87
N LYS D 47 40.45 5.74 -22.55
CA LYS D 47 41.67 5.29 -21.90
C LYS D 47 41.34 4.72 -20.54
N SER D 48 41.81 3.51 -20.30
CA SER D 48 41.55 2.79 -19.05
C SER D 48 42.66 3.10 -18.05
N VAL D 49 42.28 3.70 -16.92
CA VAL D 49 43.23 4.01 -15.87
C VAL D 49 42.89 3.24 -14.60
N GLN D 77 38.82 1.95 -13.81
CA GLN D 77 38.10 3.08 -14.37
C GLN D 77 38.58 3.37 -15.78
N THR D 78 37.70 3.94 -16.59
CA THR D 78 38.04 4.35 -17.95
C THR D 78 37.63 5.80 -18.13
N VAL D 79 38.53 6.59 -18.73
CA VAL D 79 38.30 8.02 -18.92
C VAL D 79 38.42 8.37 -20.40
N ASP D 80 37.71 9.42 -20.81
CA ASP D 80 37.82 9.94 -22.16
C ASP D 80 38.92 10.97 -22.23
N VAL D 81 39.91 10.74 -23.09
CA VAL D 81 40.94 11.72 -23.38
C VAL D 81 40.79 12.15 -24.82
N ALA D 82 41.32 13.33 -25.14
CA ALA D 82 41.28 13.88 -26.48
C ALA D 82 42.61 14.55 -26.76
N ASN D 83 43.38 13.97 -27.66
CA ASN D 83 44.68 14.50 -28.00
C ASN D 83 44.74 14.79 -29.48
N LEU D 84 45.69 15.64 -29.87
CA LEU D 84 46.04 15.79 -31.26
C LEU D 84 46.73 14.53 -31.74
N PRO D 85 46.71 14.27 -33.04
CA PRO D 85 47.62 13.28 -33.61
C PRO D 85 49.08 13.67 -33.40
N SER D 86 49.96 12.68 -33.48
CA SER D 86 51.37 12.89 -33.17
C SER D 86 52.13 13.61 -34.28
N ASP D 87 51.47 14.00 -35.37
CA ASP D 87 52.07 14.80 -36.42
C ASP D 87 51.39 16.15 -36.53
N ALA D 88 50.65 16.55 -35.50
CA ALA D 88 49.83 17.75 -35.54
C ALA D 88 50.05 18.54 -34.27
N ASP D 89 50.33 19.84 -34.40
CA ASP D 89 50.59 20.70 -33.27
C ASP D 89 49.58 21.84 -33.14
N THR D 90 48.62 21.92 -34.05
CA THR D 90 47.76 23.08 -34.12
C THR D 90 46.31 22.65 -33.98
N LEU D 91 45.64 23.21 -32.99
CA LEU D 91 44.24 22.93 -32.73
C LEU D 91 43.38 24.00 -33.39
N LYS D 92 42.59 23.60 -34.37
CA LYS D 92 41.69 24.51 -35.08
C LYS D 92 40.32 24.43 -34.44
N VAL D 93 39.97 25.41 -33.63
CA VAL D 93 38.68 25.49 -32.98
C VAL D 93 37.84 26.48 -33.77
N ARG D 94 36.73 26.01 -34.31
CA ARG D 94 35.94 26.80 -35.25
C ARG D 94 34.48 26.81 -34.82
N PHE D 95 33.90 28.01 -34.77
CA PHE D 95 32.47 28.16 -34.46
C PHE D 95 31.95 29.35 -35.24
N THR D 96 30.63 29.46 -35.30
CA THR D 96 29.97 30.60 -35.91
C THR D 96 29.16 31.37 -34.88
N LEU D 97 29.05 32.67 -35.10
CA LEU D 97 28.44 33.58 -34.14
C LEU D 97 27.40 34.43 -34.85
N ARG D 98 26.16 34.35 -34.39
CA ARG D 98 25.08 35.20 -34.88
C ARG D 98 24.83 36.31 -33.88
N VAL D 99 25.06 37.55 -34.32
CA VAL D 99 24.79 38.74 -33.54
C VAL D 99 23.45 39.29 -33.98
N LEU D 100 22.47 39.29 -33.08
CA LEU D 100 21.07 39.40 -33.50
C LEU D 100 20.54 40.84 -33.48
N GLY D 101 20.51 41.46 -32.32
CA GLY D 101 19.94 42.79 -32.28
C GLY D 101 18.50 42.78 -31.79
N GLY D 102 18.09 43.91 -31.20
CA GLY D 102 16.85 43.96 -30.45
C GLY D 102 17.12 43.66 -28.99
N ALA D 103 18.04 44.41 -28.40
CA ALA D 103 18.65 44.02 -27.14
C ALA D 103 17.73 44.20 -25.95
N GLY D 104 16.81 45.16 -26.00
CA GLY D 104 15.93 45.41 -24.88
C GLY D 104 14.55 44.83 -24.99
N THR D 105 14.20 44.24 -26.12
CA THR D 105 12.85 43.73 -26.33
C THR D 105 12.73 42.32 -25.79
N PRO D 106 11.85 42.07 -24.83
CA PRO D 106 11.70 40.72 -24.30
C PRO D 106 10.86 39.84 -25.19
N SER D 107 11.06 38.53 -25.05
CA SER D 107 10.21 37.54 -25.71
C SER D 107 8.93 37.26 -24.95
N ALA D 108 8.85 37.65 -23.68
CA ALA D 108 7.64 37.48 -22.88
C ALA D 108 7.64 38.56 -21.82
N CYS D 109 6.51 39.28 -21.70
CA CYS D 109 6.38 40.31 -20.69
C CYS D 109 4.90 40.57 -20.46
N ASN D 110 4.50 40.62 -19.19
CA ASN D 110 3.10 40.83 -18.85
C ASN D 110 2.69 42.29 -18.93
N ASP D 111 3.30 43.15 -18.13
CA ASP D 111 2.92 44.56 -18.05
C ASP D 111 3.40 45.28 -19.30
N ALA D 112 2.46 45.75 -20.11
CA ALA D 112 2.83 46.47 -21.32
C ALA D 112 3.35 47.86 -21.01
N ALA D 113 2.95 48.43 -19.87
CA ALA D 113 3.51 49.71 -19.45
C ALA D 113 4.96 49.56 -19.04
N TYR D 114 5.28 48.48 -18.33
CA TYR D 114 6.66 48.19 -17.97
C TYR D 114 7.49 47.85 -19.19
N ARG D 115 6.90 47.15 -20.16
CA ARG D 115 7.59 46.84 -21.39
C ARG D 115 7.90 48.11 -22.18
N ASP D 116 6.96 49.06 -22.21
CA ASP D 116 7.22 50.31 -22.90
C ASP D 116 8.24 51.17 -22.17
N LYS D 117 8.21 51.15 -20.83
CA LYS D 117 9.22 51.88 -20.07
C LYS D 117 10.60 51.27 -20.22
N LEU D 118 10.68 49.95 -20.31
CA LEU D 118 11.96 49.27 -20.50
C LEU D 118 12.50 49.51 -21.90
N LEU D 119 11.63 49.50 -22.91
CA LEU D 119 12.07 49.80 -24.27
C LEU D 119 12.48 51.24 -24.41
N GLN D 120 11.82 52.15 -23.68
CA GLN D 120 12.22 53.55 -23.70
C GLN D 120 13.56 53.75 -23.01
N THR D 121 13.78 53.02 -21.90
CA THR D 121 15.04 53.10 -21.16
C THR D 121 16.20 52.59 -22.02
N VAL D 122 16.03 51.43 -22.64
CA VAL D 122 17.04 50.87 -23.53
C VAL D 122 17.26 51.77 -24.74
N ALA D 123 16.19 52.41 -25.24
CA ALA D 123 16.33 53.30 -26.39
C ALA D 123 17.09 54.58 -26.05
N THR D 124 16.86 55.15 -24.86
CA THR D 124 17.66 56.29 -24.44
C THR D 124 19.10 55.90 -24.16
N TYR D 125 19.33 54.66 -23.71
CA TYR D 125 20.70 54.17 -23.59
C TYR D 125 21.39 54.12 -24.95
N VAL D 126 20.72 53.52 -25.94
CA VAL D 126 21.31 53.30 -27.26
C VAL D 126 21.53 54.62 -27.97
N ASN D 127 20.58 55.54 -27.88
CA ASN D 127 20.73 56.83 -28.54
C ASN D 127 21.74 57.72 -27.81
N ASP D 128 21.81 57.61 -26.49
CA ASP D 128 22.78 58.38 -25.73
C ASP D 128 24.18 57.85 -25.94
N GLN D 129 24.33 56.53 -25.94
CA GLN D 129 25.62 55.89 -26.17
C GLN D 129 25.38 54.50 -26.74
N GLY D 130 25.74 54.32 -28.01
CA GLY D 130 25.42 53.10 -28.71
C GLY D 130 26.21 51.91 -28.18
N PHE D 131 25.99 50.75 -28.81
CA PHE D 131 26.71 49.55 -28.43
C PHE D 131 28.16 49.67 -28.92
N ALA D 132 28.92 50.48 -28.18
CA ALA D 132 30.28 50.80 -28.56
C ALA D 132 31.30 50.39 -27.52
N GLU D 133 30.89 50.29 -26.26
CA GLU D 133 31.75 49.68 -25.26
C GLU D 133 31.51 48.19 -25.16
N LEU D 134 30.22 47.79 -25.17
CA LEU D 134 29.87 46.38 -25.14
C LEU D 134 30.40 45.65 -26.37
N ALA D 135 30.20 46.22 -27.56
CA ALA D 135 30.63 45.53 -28.77
C ALA D 135 32.13 45.54 -28.92
N ARG D 136 32.81 46.57 -28.40
CA ARG D 136 34.26 46.56 -28.38
C ARG D 136 34.79 45.47 -27.47
N ARG D 137 34.12 45.25 -26.34
CA ARG D 137 34.55 44.19 -25.45
C ARG D 137 34.23 42.79 -26.00
N TYR D 138 33.10 42.64 -26.68
CA TYR D 138 32.81 41.36 -27.34
C TYR D 138 33.77 41.10 -28.48
N ALA D 139 34.16 42.14 -29.21
CA ALA D 139 35.18 42.00 -30.24
C ALA D 139 36.53 41.68 -29.65
N HIS D 140 36.81 42.12 -28.42
CA HIS D 140 38.06 41.73 -27.78
C HIS D 140 38.04 40.26 -27.40
N ASN D 141 36.92 39.79 -26.84
CA ASN D 141 36.80 38.38 -26.50
C ASN D 141 36.77 37.48 -27.72
N LEU D 142 36.40 38.01 -28.89
CA LEU D 142 36.66 37.27 -30.12
C LEU D 142 38.11 37.40 -30.54
N ALA D 143 38.76 38.51 -30.22
CA ALA D 143 40.12 38.75 -30.68
C ALA D 143 41.13 37.90 -29.93
N ASN D 144 41.25 38.11 -28.62
CA ASN D 144 41.99 37.16 -27.80
C ASN D 144 41.13 35.91 -27.65
N ALA D 145 41.73 34.75 -27.83
CA ALA D 145 40.97 33.52 -27.90
C ALA D 145 40.58 33.06 -26.49
N ARG D 146 39.65 33.78 -25.89
CA ARG D 146 39.14 33.34 -24.61
C ARG D 146 38.17 32.18 -24.76
N PHE D 147 37.59 32.00 -25.94
CA PHE D 147 36.78 30.82 -26.20
C PHE D 147 37.61 29.56 -26.25
N LEU D 148 38.89 29.67 -26.61
CA LEU D 148 39.86 28.65 -26.30
C LEU D 148 40.09 28.74 -24.80
N TRP D 149 39.44 27.89 -24.04
CA TRP D 149 39.46 28.08 -22.59
C TRP D 149 40.78 27.62 -21.99
N ARG D 150 41.01 26.32 -21.98
CA ARG D 150 42.23 25.76 -21.42
C ARG D 150 43.23 25.41 -22.51
N ASN D 151 42.87 25.59 -23.76
CA ASN D 151 43.78 25.36 -24.87
C ASN D 151 44.61 26.58 -25.18
N ARG D 152 44.54 27.61 -24.34
CA ARG D 152 45.22 28.88 -24.54
C ARG D 152 46.30 29.14 -23.49
N VAL D 153 46.21 28.51 -22.31
CA VAL D 153 47.08 28.86 -21.20
C VAL D 153 48.54 28.47 -21.44
N GLY D 154 48.79 27.43 -22.21
CA GLY D 154 50.15 27.08 -22.52
C GLY D 154 50.40 27.06 -24.01
N ALA D 155 49.57 27.79 -24.76
CA ALA D 155 49.67 27.80 -26.20
C ALA D 155 50.81 28.71 -26.63
N GLU D 156 51.57 28.25 -27.61
CA GLU D 156 52.75 29.00 -28.03
C GLU D 156 52.37 30.18 -28.90
N ALA D 157 51.39 30.00 -29.78
CA ALA D 157 50.93 31.09 -30.63
C ALA D 157 49.49 30.80 -31.02
N VAL D 158 48.60 31.75 -30.75
CA VAL D 158 47.20 31.64 -31.12
C VAL D 158 46.90 32.71 -32.17
N GLU D 159 46.29 32.29 -33.27
CA GLU D 159 45.86 33.22 -34.30
C GLU D 159 44.38 33.00 -34.56
N VAL D 160 43.59 34.06 -34.42
CA VAL D 160 42.15 34.01 -34.55
C VAL D 160 41.74 34.71 -35.84
N ARG D 161 41.07 33.97 -36.72
CA ARG D 161 40.57 34.52 -37.98
C ARG D 161 39.07 34.64 -37.89
N ILE D 162 38.57 35.86 -38.02
CA ILE D 162 37.14 36.15 -37.96
C ILE D 162 36.70 36.61 -39.33
N ASN D 163 35.77 35.87 -39.94
CA ASN D 163 35.29 36.14 -41.28
C ASN D 163 33.83 36.58 -41.20
N HIS D 164 33.55 37.79 -41.66
CA HIS D 164 32.17 38.21 -41.83
C HIS D 164 31.60 37.53 -43.05
N ILE D 165 30.53 36.75 -42.87
CA ILE D 165 29.94 35.97 -43.94
C ILE D 165 28.60 36.61 -44.28
N ARG D 166 28.57 37.35 -45.38
CA ARG D 166 27.34 37.95 -45.89
C ARG D 166 27.12 37.41 -47.30
N GLN D 167 25.92 36.87 -47.52
CA GLN D 167 25.51 36.18 -48.75
C GLN D 167 26.41 35.01 -49.12
N GLY D 168 27.06 34.40 -48.13
CA GLY D 168 27.69 33.12 -48.34
C GLY D 168 29.19 33.06 -48.24
N GLU D 169 29.93 33.95 -48.90
CA GLU D 169 31.34 33.66 -49.13
C GLU D 169 32.27 34.25 -48.05
N VAL D 170 32.45 35.59 -48.01
CA VAL D 170 33.19 36.40 -47.05
C VAL D 170 32.79 37.84 -47.36
N ALA D 171 32.48 38.63 -46.34
CA ALA D 171 32.22 40.04 -46.57
C ALA D 171 33.45 40.84 -46.18
N ARG D 172 34.13 40.41 -45.13
CA ARG D 172 35.25 41.14 -44.55
C ARG D 172 36.00 40.16 -43.65
N ALA D 173 37.31 40.06 -43.83
CA ALA D 173 38.11 39.06 -43.13
C ALA D 173 39.03 39.74 -42.14
N TRP D 174 39.08 39.20 -40.92
CA TRP D 174 39.97 39.67 -39.87
C TRP D 174 40.97 38.58 -39.51
N ARG D 175 42.12 39.01 -39.00
CA ARG D 175 43.16 38.07 -38.60
C ARG D 175 43.93 38.69 -37.45
N PHE D 176 43.93 38.04 -36.30
CA PHE D 176 44.47 38.61 -35.08
C PHE D 176 45.58 37.74 -34.52
N ASP D 177 46.39 38.34 -33.66
CA ASP D 177 47.34 37.62 -32.82
C ASP D 177 46.75 37.62 -31.43
N ALA D 178 46.17 36.49 -31.03
CA ALA D 178 45.39 36.45 -29.80
C ALA D 178 46.22 36.50 -28.53
N LEU D 179 47.55 36.45 -28.63
CA LEU D 179 48.40 36.62 -27.47
C LEU D 179 48.88 38.05 -27.29
N ALA D 180 49.08 38.80 -28.38
CA ALA D 180 49.41 40.21 -28.25
C ALA D 180 48.20 41.00 -27.77
N ILE D 181 47.00 40.54 -28.09
CA ILE D 181 45.77 41.09 -27.54
C ILE D 181 45.52 40.35 -26.23
N GLY D 182 45.61 41.07 -25.11
CA GLY D 182 45.61 40.39 -23.83
C GLY D 182 44.23 39.99 -23.37
N LEU D 183 44.19 39.14 -22.35
CA LEU D 183 42.91 38.76 -21.74
C LEU D 183 42.48 39.79 -20.72
N ARG D 184 43.40 40.60 -20.22
CA ARG D 184 43.09 41.45 -19.07
C ARG D 184 42.69 42.85 -19.49
N ASP D 185 43.37 43.42 -20.49
CA ASP D 185 43.20 44.82 -20.85
C ASP D 185 42.40 44.92 -22.14
N PHE D 186 41.58 45.97 -22.24
CA PHE D 186 40.84 46.28 -23.46
C PHE D 186 41.49 47.50 -24.11
N LYS D 187 42.42 47.24 -25.03
CA LYS D 187 43.22 48.28 -25.68
C LYS D 187 42.69 48.51 -27.08
N ALA D 188 42.90 49.73 -27.60
CA ALA D 188 42.41 50.06 -28.93
C ALA D 188 43.28 49.45 -30.01
N ASP D 189 42.67 49.18 -31.15
CA ASP D 189 43.36 48.68 -32.32
C ASP D 189 42.64 49.18 -33.55
N ALA D 190 43.24 48.99 -34.72
CA ALA D 190 42.63 49.50 -35.94
C ALA D 190 41.57 48.55 -36.50
N GLU D 191 41.87 47.25 -36.52
CA GLU D 191 40.90 46.28 -37.00
C GLU D 191 39.83 46.00 -35.96
N LEU D 192 40.16 46.18 -34.68
CA LEU D 192 39.20 45.89 -33.62
C LEU D 192 38.07 46.91 -33.59
N ASP D 193 38.33 48.15 -34.02
CA ASP D 193 37.23 49.10 -34.13
C ASP D 193 36.29 48.75 -35.28
N ALA D 194 36.82 48.21 -36.37
CA ALA D 194 35.94 47.79 -37.47
C ALA D 194 35.12 46.58 -37.08
N LEU D 195 35.73 45.65 -36.33
CA LEU D 195 34.98 44.51 -35.81
C LEU D 195 33.94 44.95 -34.77
N ALA D 196 34.29 45.93 -33.95
CA ALA D 196 33.35 46.48 -32.98
C ALA D 196 32.20 47.20 -33.64
N GLU D 197 32.47 47.89 -34.76
CA GLU D 197 31.39 48.52 -35.49
C GLU D 197 30.49 47.50 -36.18
N LEU D 198 31.06 46.37 -36.60
CA LEU D 198 30.22 45.31 -37.16
C LEU D 198 29.30 44.70 -36.11
N ILE D 199 29.85 44.35 -34.94
CA ILE D 199 29.03 43.81 -33.87
C ILE D 199 28.07 44.87 -33.32
N ALA D 200 28.43 46.16 -33.44
CA ALA D 200 27.54 47.25 -33.06
C ALA D 200 26.34 47.34 -33.98
N SER D 201 26.58 47.28 -35.30
CA SER D 201 25.50 47.30 -36.27
C SER D 201 24.63 46.06 -36.16
N GLY D 202 25.22 44.93 -35.76
CA GLY D 202 24.42 43.74 -35.55
C GLY D 202 23.56 43.84 -34.32
N LEU D 203 24.10 44.42 -33.24
CA LEU D 203 23.33 44.53 -32.00
C LEU D 203 22.29 45.65 -32.07
N SER D 204 22.47 46.62 -32.96
CA SER D 204 21.50 47.69 -33.09
C SER D 204 20.38 47.38 -34.07
N GLY D 205 20.41 46.22 -34.71
CA GLY D 205 19.41 45.87 -35.70
C GLY D 205 19.70 46.41 -37.08
N SER D 206 20.82 47.08 -37.29
CA SER D 206 21.11 47.75 -38.53
C SER D 206 21.78 46.85 -39.57
N GLY D 207 21.78 45.55 -39.36
CA GLY D 207 22.38 44.64 -40.33
C GLY D 207 22.43 43.21 -39.84
N HIS D 208 22.63 42.28 -40.77
CA HIS D 208 22.80 40.88 -40.41
C HIS D 208 24.27 40.58 -40.24
N VAL D 209 24.66 40.17 -39.03
CA VAL D 209 26.05 39.88 -38.73
C VAL D 209 26.16 38.41 -38.38
N LEU D 210 26.87 37.66 -39.21
CA LEU D 210 27.22 36.27 -38.95
C LEU D 210 28.72 36.14 -39.13
N LEU D 211 29.40 35.70 -38.08
CA LEU D 211 30.86 35.67 -38.04
C LEU D 211 31.33 34.25 -37.86
N GLU D 212 32.20 33.78 -38.73
CA GLU D 212 32.86 32.48 -38.56
C GLU D 212 34.20 32.72 -37.89
N VAL D 213 34.38 32.15 -36.70
CA VAL D 213 35.54 32.42 -35.87
C VAL D 213 36.41 31.17 -35.81
N VAL D 214 37.62 31.25 -36.36
CA VAL D 214 38.55 30.13 -36.46
C VAL D 214 39.81 30.48 -35.70
N ALA D 215 40.17 29.66 -34.71
CA ALA D 215 41.35 29.94 -33.91
C ALA D 215 42.32 28.76 -33.98
N PHE D 216 43.58 29.07 -34.22
CA PHE D 216 44.63 28.05 -34.34
C PHE D 216 45.56 28.12 -33.15
N ALA D 217 45.54 27.08 -32.34
CA ALA D 217 46.34 27.04 -31.12
C ALA D 217 47.50 26.08 -31.29
N ARG D 218 48.72 26.63 -31.35
CA ARG D 218 49.93 25.82 -31.31
C ARG D 218 50.11 25.29 -29.91
N ILE D 219 49.79 24.01 -29.70
CA ILE D 219 49.91 23.39 -28.40
C ILE D 219 51.12 22.47 -28.34
N GLY D 220 51.44 21.81 -29.44
CA GLY D 220 52.53 20.86 -29.46
C GLY D 220 52.07 19.55 -30.08
N ASP D 221 53.01 18.68 -30.43
CA ASP D 221 52.68 17.45 -31.14
C ASP D 221 51.98 16.48 -30.20
N GLY D 222 50.69 16.27 -30.42
CA GLY D 222 49.97 15.30 -29.65
C GLY D 222 49.67 15.70 -28.22
N GLN D 223 49.75 17.00 -27.91
CA GLN D 223 49.41 17.47 -26.58
C GLN D 223 47.90 17.36 -26.36
N GLU D 224 47.52 17.29 -25.10
CA GLU D 224 46.14 17.05 -24.74
C GLU D 224 45.33 18.32 -24.92
N VAL D 225 44.27 18.23 -25.70
CA VAL D 225 43.33 19.31 -25.84
C VAL D 225 42.15 19.05 -24.93
N PHE D 226 41.40 20.10 -24.64
CA PHE D 226 40.37 20.05 -23.61
C PHE D 226 39.04 20.47 -24.23
N PRO D 227 38.27 19.53 -24.76
CA PRO D 227 36.90 19.82 -25.13
C PRO D 227 36.04 19.88 -23.88
N SER D 228 34.78 20.28 -24.08
CA SER D 228 33.91 20.44 -22.93
C SER D 228 33.47 19.07 -22.44
N GLN D 229 32.94 19.05 -21.23
CA GLN D 229 32.84 17.81 -20.48
C GLN D 229 31.40 17.50 -20.12
N GLU D 230 30.92 16.36 -20.59
CA GLU D 230 29.55 15.93 -20.38
C GLU D 230 29.42 15.21 -19.04
N LEU D 231 28.27 14.59 -18.83
CA LEU D 231 28.06 13.74 -17.66
C LEU D 231 27.27 12.49 -18.03
N LYS D 242 34.02 4.82 -16.26
CA LYS D 242 33.30 5.88 -16.94
C LYS D 242 33.09 7.07 -16.03
N SER D 243 34.19 7.60 -15.49
CA SER D 243 34.12 8.74 -14.58
C SER D 243 34.05 10.07 -15.31
N LYS D 244 34.59 10.15 -16.53
CA LYS D 244 34.63 11.40 -17.28
C LYS D 244 34.23 11.13 -18.71
N THR D 245 33.31 11.94 -19.23
CA THR D 245 32.93 11.91 -20.63
C THR D 245 33.21 13.26 -21.25
N LEU D 246 33.64 13.25 -22.50
CA LEU D 246 33.94 14.49 -23.21
C LEU D 246 32.91 14.71 -24.30
N TYR D 247 32.60 15.97 -24.54
CA TYR D 247 31.56 16.34 -25.49
C TYR D 247 32.07 16.16 -26.90
N SER D 248 31.27 15.49 -27.72
CA SER D 248 31.64 15.25 -29.10
C SER D 248 30.36 15.22 -29.91
N VAL D 249 30.33 16.00 -30.99
CA VAL D 249 29.10 16.09 -31.78
C VAL D 249 28.94 14.88 -32.70
N ARG D 250 29.83 14.70 -33.67
CA ARG D 250 29.78 13.54 -34.55
C ARG D 250 31.22 13.09 -34.76
N ASP D 251 31.71 12.25 -33.85
CA ASP D 251 33.06 11.67 -33.85
C ASP D 251 34.14 12.75 -33.94
N ALA D 252 33.91 13.85 -33.23
CA ALA D 252 34.81 15.01 -33.27
C ALA D 252 34.58 15.80 -32.00
N ALA D 253 35.65 16.12 -31.28
CA ALA D 253 35.51 16.81 -30.00
C ALA D 253 35.01 18.23 -30.22
N ALA D 254 34.39 18.78 -29.18
CA ALA D 254 33.77 20.08 -29.30
C ALA D 254 33.64 20.71 -27.93
N ILE D 255 33.77 22.02 -27.88
CA ILE D 255 33.44 22.80 -26.70
C ILE D 255 31.97 23.17 -26.81
N HIS D 256 31.29 23.25 -25.68
CA HIS D 256 29.88 23.60 -25.67
C HIS D 256 29.68 25.04 -26.14
N SER D 257 28.48 25.32 -26.64
CA SER D 257 28.18 26.66 -27.11
C SER D 257 28.07 27.65 -25.96
N GLN D 258 27.53 27.22 -24.82
CA GLN D 258 27.42 28.11 -23.67
C GLN D 258 28.77 28.42 -23.05
N LYS D 259 29.77 27.56 -23.25
CA LYS D 259 31.11 27.88 -22.79
C LYS D 259 31.73 28.98 -23.63
N ILE D 260 31.51 28.92 -24.95
CA ILE D 260 31.93 29.99 -25.85
C ILE D 260 31.20 31.27 -25.53
N GLY D 261 29.92 31.17 -25.17
CA GLY D 261 29.16 32.35 -24.80
C GLY D 261 29.61 32.96 -23.48
N ASN D 262 30.02 32.13 -22.52
CA ASN D 262 30.58 32.65 -21.29
C ASN D 262 31.92 33.29 -21.52
N ALA D 263 32.69 32.79 -22.48
CA ALA D 263 33.96 33.43 -22.79
C ALA D 263 33.77 34.73 -23.52
N LEU D 264 32.73 34.83 -24.34
CA LEU D 264 32.45 36.07 -25.05
C LEU D 264 31.90 37.14 -24.13
N ARG D 265 31.16 36.74 -23.11
CA ARG D 265 30.58 37.67 -22.15
C ARG D 265 31.54 38.10 -21.05
N THR D 266 32.78 37.59 -21.04
CA THR D 266 33.74 37.94 -19.99
C THR D 266 34.25 39.35 -20.28
N ILE D 267 33.40 40.32 -19.97
CA ILE D 267 33.65 41.73 -20.28
C ILE D 267 33.50 42.62 -19.06
N ASP D 268 32.94 42.11 -17.97
CA ASP D 268 32.54 42.93 -16.82
C ASP D 268 33.77 43.31 -16.02
N THR D 269 34.22 44.54 -16.21
CA THR D 269 35.27 45.13 -15.39
C THR D 269 34.76 46.27 -14.51
N TRP D 270 33.45 46.45 -14.41
CA TRP D 270 32.86 47.57 -13.69
C TRP D 270 32.34 47.15 -12.32
N TYR D 271 32.58 45.91 -11.92
CA TYR D 271 32.18 45.40 -10.63
C TYR D 271 33.11 45.96 -9.55
N PRO D 272 32.76 45.82 -8.25
CA PRO D 272 33.72 46.26 -7.22
C PRO D 272 34.94 45.35 -7.18
N ASP D 273 36.05 45.88 -7.69
CA ASP D 273 37.20 45.07 -8.06
C ASP D 273 38.27 45.16 -6.99
N GLU D 274 38.48 44.06 -6.28
CA GLU D 274 39.64 43.91 -5.43
C GLU D 274 40.38 42.66 -5.88
N ASP D 275 41.53 42.41 -5.25
CA ASP D 275 42.35 41.21 -5.38
C ASP D 275 43.03 41.08 -6.76
N GLY D 276 42.71 41.95 -7.70
CA GLY D 276 43.34 41.88 -9.02
C GLY D 276 42.66 40.93 -9.97
N LEU D 277 41.40 40.60 -9.71
CA LEU D 277 40.62 39.81 -10.66
C LEU D 277 40.22 40.67 -11.84
N GLY D 278 40.39 40.13 -13.04
CA GLY D 278 40.17 40.89 -14.24
C GLY D 278 38.69 40.98 -14.61
N PRO D 279 38.39 40.84 -15.90
CA PRO D 279 37.00 40.78 -16.32
C PRO D 279 36.36 39.48 -15.87
N ILE D 280 35.13 39.57 -15.38
CA ILE D 280 34.33 38.42 -15.08
C ILE D 280 33.17 38.37 -16.08
N ALA D 281 32.44 37.27 -16.10
CA ALA D 281 31.33 37.13 -17.02
C ALA D 281 30.13 37.92 -16.50
N VAL D 282 29.39 38.51 -17.43
CA VAL D 282 28.23 39.32 -17.10
C VAL D 282 27.12 38.38 -16.62
N GLU D 283 26.88 38.38 -15.33
CA GLU D 283 25.83 37.60 -14.69
C GLU D 283 25.09 38.49 -13.71
N PRO D 284 23.82 38.23 -13.48
CA PRO D 284 23.17 38.83 -12.31
C PRO D 284 23.75 38.19 -11.08
N TYR D 285 23.97 39.01 -10.05
CA TYR D 285 24.74 38.68 -8.85
C TYR D 285 26.11 38.14 -9.25
N GLY D 286 26.87 39.00 -9.94
CA GLY D 286 27.93 38.59 -10.85
C GLY D 286 29.01 37.74 -10.25
N SER D 287 28.97 36.46 -10.57
CA SER D 287 29.57 35.42 -9.76
C SER D 287 30.63 34.67 -10.53
N VAL D 288 31.63 34.17 -9.83
CA VAL D 288 32.60 33.24 -10.36
C VAL D 288 32.54 31.96 -9.53
N THR D 289 32.23 30.85 -10.19
CA THR D 289 32.11 29.58 -9.49
C THR D 289 33.47 28.99 -9.16
N SER D 290 34.50 29.35 -9.91
CA SER D 290 35.86 28.89 -9.61
C SER D 290 36.37 29.50 -8.32
N GLN D 291 36.11 30.79 -8.12
CA GLN D 291 36.55 31.46 -6.91
C GLN D 291 35.53 31.38 -5.80
N GLY D 292 34.31 30.94 -6.10
CA GLY D 292 33.29 30.76 -5.07
C GLY D 292 32.73 32.03 -4.52
N LYS D 293 33.07 33.17 -5.09
CA LYS D 293 32.67 34.47 -4.59
C LYS D 293 31.66 35.07 -5.55
N ALA D 294 30.65 35.73 -4.99
CA ALA D 294 29.64 36.39 -5.78
C ALA D 294 29.88 37.89 -5.65
N TYR D 295 30.52 38.48 -6.65
CA TYR D 295 30.56 39.94 -6.72
C TYR D 295 29.20 40.44 -7.17
N ARG D 296 29.02 41.76 -7.03
CA ARG D 296 27.73 42.44 -7.24
C ARG D 296 26.63 41.79 -6.42
N GLN D 297 26.89 41.71 -5.11
CA GLN D 297 25.93 41.16 -4.18
C GLN D 297 24.76 42.13 -4.01
N PRO D 298 23.59 41.62 -3.64
CA PRO D 298 22.46 42.53 -3.36
C PRO D 298 22.59 43.33 -2.06
N LYS D 299 23.58 43.03 -1.21
CA LYS D 299 23.82 43.86 -0.04
C LYS D 299 24.36 45.23 -0.47
N GLN D 300 25.25 45.24 -1.44
CA GLN D 300 25.54 46.47 -2.17
C GLN D 300 24.47 46.69 -3.23
N LYS D 301 24.45 47.89 -3.78
CA LYS D 301 23.47 48.21 -4.82
C LYS D 301 24.09 48.08 -6.21
N LEU D 302 24.58 46.89 -6.55
CA LEU D 302 25.29 46.74 -7.81
C LEU D 302 24.97 45.47 -8.57
N ASP D 303 23.98 44.68 -8.15
CA ASP D 303 23.53 43.56 -8.94
C ASP D 303 22.68 44.06 -10.10
N PHE D 304 22.42 43.18 -11.06
CA PHE D 304 21.67 43.58 -12.25
C PHE D 304 20.23 43.89 -11.91
N TYR D 305 19.67 43.18 -10.93
CA TYR D 305 18.25 43.32 -10.64
C TYR D 305 17.92 44.64 -9.97
N THR D 306 18.69 45.05 -8.96
CA THR D 306 18.43 46.34 -8.33
C THR D 306 18.79 47.49 -9.24
N LEU D 307 19.82 47.33 -10.09
CA LEU D 307 20.15 48.38 -11.04
C LEU D 307 19.06 48.52 -12.10
N LEU D 308 18.45 47.41 -12.50
CA LEU D 308 17.36 47.49 -13.47
C LEU D 308 16.10 48.07 -12.85
N ASP D 309 15.77 47.66 -11.63
CA ASP D 309 14.60 48.20 -10.95
C ASP D 309 14.78 49.65 -10.53
N ASN D 310 16.02 50.14 -10.45
CA ASN D 310 16.22 51.56 -10.26
C ASN D 310 16.25 52.32 -11.57
N TRP D 311 16.70 51.70 -12.65
CA TRP D 311 16.81 52.41 -13.93
C TRP D 311 15.47 52.48 -14.64
N VAL D 312 14.60 51.51 -14.43
CA VAL D 312 13.36 51.45 -15.19
C VAL D 312 12.19 52.02 -14.40
N LEU D 313 12.00 51.56 -13.16
CA LEU D 313 10.80 51.95 -12.41
C LEU D 313 10.88 53.38 -11.92
N ARG D 314 11.86 53.68 -11.08
CA ARG D 314 11.96 54.97 -10.42
C ARG D 314 12.96 55.89 -11.08
N ASP D 315 13.46 55.51 -12.26
CA ASP D 315 14.23 56.35 -13.18
C ASP D 315 15.55 56.82 -12.56
N GLU D 316 16.06 56.10 -11.57
CA GLU D 316 17.37 56.39 -11.00
C GLU D 316 18.40 55.77 -11.93
N ALA D 317 18.85 56.56 -12.89
CA ALA D 317 19.82 56.08 -13.86
C ALA D 317 21.17 55.88 -13.20
N PRO D 318 21.75 54.69 -13.28
CA PRO D 318 23.07 54.48 -12.67
C PRO D 318 24.19 55.12 -13.47
N ALA D 319 25.43 54.86 -13.08
CA ALA D 319 26.56 55.32 -13.86
C ALA D 319 26.60 54.57 -15.19
N VAL D 320 27.39 55.13 -16.13
CA VAL D 320 27.41 54.59 -17.49
C VAL D 320 28.01 53.20 -17.51
N GLU D 321 28.90 52.90 -16.56
CA GLU D 321 29.48 51.57 -16.47
C GLU D 321 28.46 50.53 -16.04
N GLN D 322 27.68 50.84 -15.01
CA GLN D 322 26.71 49.87 -14.53
C GLN D 322 25.56 49.70 -15.50
N GLN D 323 25.24 50.74 -16.29
CA GLN D 323 24.21 50.55 -17.29
C GLN D 323 24.74 49.81 -18.52
N HIS D 324 26.03 49.93 -18.82
CA HIS D 324 26.67 49.00 -19.76
C HIS D 324 26.52 47.56 -19.28
N TYR D 325 26.71 47.34 -17.98
CA TYR D 325 26.57 46.00 -17.41
C TYR D 325 25.13 45.50 -17.50
N VAL D 326 24.16 46.38 -17.30
CA VAL D 326 22.76 46.01 -17.35
C VAL D 326 22.36 45.62 -18.78
N ILE D 327 22.78 46.42 -19.76
CA ILE D 327 22.48 46.10 -21.15
C ILE D 327 23.24 44.84 -21.60
N ALA D 328 24.42 44.59 -21.01
CA ALA D 328 25.12 43.34 -21.30
C ALA D 328 24.38 42.13 -20.73
N ASN D 329 23.71 42.29 -19.58
CA ASN D 329 22.83 41.23 -19.11
C ASN D 329 21.61 41.05 -20.01
N LEU D 330 21.10 42.13 -20.58
CA LEU D 330 19.97 41.98 -21.50
C LEU D 330 20.39 41.31 -22.79
N ILE D 331 21.64 41.50 -23.22
CA ILE D 331 22.18 40.75 -24.35
C ILE D 331 22.42 39.30 -23.97
N ARG D 332 22.77 39.04 -22.71
CA ARG D 332 22.94 37.67 -22.23
C ARG D 332 21.63 36.89 -22.26
N GLY D 333 20.52 37.55 -21.96
CA GLY D 333 19.25 36.87 -21.88
C GLY D 333 19.00 36.41 -20.47
N GLY D 334 17.91 35.66 -20.30
CA GLY D 334 17.60 35.08 -19.02
C GLY D 334 16.12 35.17 -18.70
N VAL D 335 15.81 34.77 -17.47
CA VAL D 335 14.46 34.83 -16.95
C VAL D 335 14.44 35.82 -15.81
N PHE D 336 13.96 37.02 -16.06
CA PHE D 336 13.91 38.07 -15.05
C PHE D 336 12.47 38.23 -14.59
N GLY D 337 12.28 38.70 -13.39
CA GLY D 337 10.95 38.87 -12.85
C GLY D 337 10.74 37.90 -11.71
N GLU D 338 9.71 38.18 -10.91
CA GLU D 338 9.41 37.40 -9.73
C GLU D 338 8.46 36.26 -10.07
N ALA D 339 7.92 35.61 -9.04
CA ALA D 339 7.01 34.48 -9.24
C ALA D 339 5.78 34.62 -8.37
N ILE E 5 -52.21 -15.11 -24.16
CA ILE E 5 -52.25 -13.65 -24.23
C ILE E 5 -50.98 -13.16 -24.91
N LEU E 6 -49.94 -14.00 -24.89
CA LEU E 6 -48.65 -13.79 -25.55
C LEU E 6 -47.99 -12.49 -25.04
N SER E 7 -47.62 -12.53 -23.77
CA SER E 7 -46.85 -11.44 -23.20
C SER E 7 -45.40 -11.49 -23.68
N THR E 8 -44.73 -10.35 -23.58
CA THR E 8 -43.33 -10.28 -23.97
C THR E 8 -42.48 -11.02 -22.95
N ALA E 9 -41.47 -11.74 -23.45
CA ALA E 9 -40.56 -12.48 -22.58
C ALA E 9 -39.73 -11.52 -21.75
N SER E 10 -39.30 -11.97 -20.57
CA SER E 10 -38.64 -11.08 -19.63
C SER E 10 -37.22 -10.77 -20.07
N VAL E 11 -36.59 -11.69 -20.80
CA VAL E 11 -35.26 -11.45 -21.35
C VAL E 11 -35.27 -11.72 -22.85
N LEU E 12 -34.49 -10.93 -23.58
CA LEU E 12 -34.27 -11.11 -25.01
C LEU E 12 -32.86 -10.65 -25.30
N ALA E 13 -31.95 -11.59 -25.49
CA ALA E 13 -30.56 -11.27 -25.78
C ALA E 13 -30.27 -11.79 -27.18
N PHE E 14 -30.29 -10.91 -28.15
CA PHE E 14 -30.00 -11.27 -29.52
C PHE E 14 -28.51 -11.14 -29.74
N GLU E 15 -27.89 -12.19 -30.26
CA GLU E 15 -26.47 -12.15 -30.55
C GLU E 15 -26.20 -11.29 -31.76
N ARG E 16 -24.94 -10.89 -31.90
CA ARG E 16 -24.55 -9.88 -32.88
C ARG E 16 -24.20 -10.52 -34.20
N LYS E 17 -25.03 -10.32 -35.21
CA LYS E 17 -24.61 -10.61 -36.56
C LYS E 17 -23.85 -9.41 -37.09
N LEU E 18 -23.15 -9.61 -38.21
CA LEU E 18 -22.18 -8.67 -38.76
C LEU E 18 -21.11 -8.32 -37.72
N ASP E 19 -20.29 -9.32 -37.40
CA ASP E 19 -19.17 -9.16 -36.50
C ASP E 19 -17.95 -8.57 -37.22
N PRO E 20 -17.57 -7.33 -36.95
CA PRO E 20 -16.34 -6.81 -37.52
C PRO E 20 -15.17 -6.98 -36.56
N SER E 21 -13.99 -6.59 -37.04
CA SER E 21 -12.78 -6.73 -36.26
C SER E 21 -12.23 -5.36 -35.91
N ASP E 22 -11.12 -5.35 -35.18
CA ASP E 22 -10.42 -4.11 -34.90
C ASP E 22 -9.72 -3.63 -36.15
N ALA E 23 -10.08 -2.43 -36.61
CA ALA E 23 -9.59 -1.92 -37.88
C ALA E 23 -8.16 -1.43 -37.71
N LEU E 24 -7.21 -2.32 -37.97
CA LEU E 24 -5.79 -1.97 -37.93
C LEU E 24 -5.47 -0.99 -39.05
N MET E 25 -4.82 0.11 -38.72
CA MET E 25 -4.46 1.10 -39.72
C MET E 25 -2.95 1.17 -39.88
N SER E 26 -2.48 0.97 -41.10
CA SER E 26 -1.08 1.10 -41.49
C SER E 26 -0.97 2.21 -42.51
N ALA E 27 0.23 2.38 -43.06
CA ALA E 27 0.54 3.55 -43.85
C ALA E 27 1.47 3.21 -44.98
N GLY E 28 1.45 4.05 -46.00
CA GLY E 28 2.31 3.85 -47.15
C GLY E 28 1.97 4.85 -48.23
N ALA E 29 2.56 4.64 -49.39
CA ALA E 29 2.33 5.51 -50.52
C ALA E 29 1.23 4.95 -51.40
N TRP E 30 0.49 5.84 -52.05
CA TRP E 30 -0.46 5.44 -53.07
C TRP E 30 0.30 4.90 -54.29
N ALA E 31 -0.44 4.23 -55.17
CA ALA E 31 0.00 3.55 -56.39
C ALA E 31 0.95 2.39 -56.11
N GLN E 32 1.10 1.97 -54.86
CA GLN E 32 1.66 0.66 -54.52
C GLN E 32 0.77 -0.02 -53.51
N ARG E 33 -0.54 0.20 -53.66
CA ARG E 33 -1.53 -0.46 -52.82
C ARG E 33 -1.69 -1.93 -53.16
N ASP E 34 -1.24 -2.35 -54.32
CA ASP E 34 -1.29 -3.76 -54.66
C ASP E 34 -0.26 -4.58 -53.90
N ALA E 35 0.83 -3.95 -53.48
CA ALA E 35 1.85 -4.60 -52.66
C ALA E 35 1.77 -4.13 -51.21
N SER E 36 0.56 -3.76 -50.77
CA SER E 36 0.37 -3.15 -49.46
C SER E 36 0.03 -4.19 -48.40
N GLN E 37 0.88 -5.20 -48.24
CA GLN E 37 0.75 -6.11 -47.11
C GLN E 37 1.88 -5.97 -46.11
N GLU E 38 3.04 -5.49 -46.54
CA GLU E 38 4.16 -5.28 -45.65
C GLU E 38 4.32 -3.79 -45.33
N TRP E 39 3.20 -3.08 -45.29
CA TRP E 39 3.23 -1.66 -44.99
C TRP E 39 3.48 -1.47 -43.49
N PRO E 40 4.24 -0.45 -43.12
CA PRO E 40 4.48 -0.20 -41.70
C PRO E 40 3.24 0.34 -41.03
N ALA E 41 3.02 -0.08 -39.79
CA ALA E 41 1.81 0.29 -39.08
C ALA E 41 1.92 1.68 -38.50
N VAL E 42 0.79 2.37 -38.43
CA VAL E 42 0.74 3.72 -37.85
C VAL E 42 0.85 3.59 -36.34
N THR E 43 1.94 4.07 -35.79
CA THR E 43 2.18 3.97 -34.35
C THR E 43 1.55 5.16 -33.64
N VAL E 44 0.91 4.88 -32.52
CA VAL E 44 0.38 5.93 -31.65
C VAL E 44 1.54 6.43 -30.80
N ARG E 45 1.87 7.69 -30.96
CA ARG E 45 2.95 8.32 -30.20
C ARG E 45 2.40 9.51 -29.42
N GLU E 46 3.23 10.02 -28.52
CA GLU E 46 2.82 11.08 -27.61
C GLU E 46 3.37 12.41 -28.08
N LYS E 47 2.63 13.47 -27.80
CA LYS E 47 3.12 14.81 -27.99
C LYS E 47 2.48 15.72 -26.95
N SER E 48 3.18 16.78 -26.59
CA SER E 48 2.72 17.69 -25.56
C SER E 48 2.10 18.93 -26.18
N VAL E 49 0.88 19.24 -25.74
CA VAL E 49 0.19 20.44 -26.19
C VAL E 49 0.08 21.42 -25.03
N ARG E 50 0.07 22.71 -25.34
CA ARG E 50 -0.06 23.77 -24.37
C ARG E 50 -1.09 24.76 -24.88
N GLY E 51 -2.24 24.79 -24.26
CA GLY E 51 -3.34 25.62 -24.72
C GLY E 51 -3.61 26.75 -23.77
N THR E 52 -4.36 27.73 -24.25
CA THR E 52 -4.92 28.74 -23.38
C THR E 52 -6.28 28.26 -22.89
N ILE E 53 -7.07 29.18 -22.35
CA ILE E 53 -8.45 28.84 -22.07
C ILE E 53 -9.33 29.39 -23.19
N SER E 54 -10.28 28.57 -23.62
CA SER E 54 -11.18 28.91 -24.71
C SER E 54 -12.61 28.51 -24.44
N ASN E 55 -12.92 28.01 -23.25
CA ASN E 55 -14.29 27.68 -22.91
C ASN E 55 -15.05 28.94 -22.51
N ARG E 56 -16.37 28.81 -22.48
CA ARG E 56 -17.21 29.94 -22.11
C ARG E 56 -17.11 30.21 -20.62
N LEU E 57 -16.89 31.47 -20.27
CA LEU E 57 -16.85 31.87 -18.87
C LEU E 57 -18.26 32.18 -18.38
N LYS E 58 -18.49 31.98 -17.09
CA LYS E 58 -19.82 31.88 -16.54
C LYS E 58 -20.31 33.18 -15.88
N THR E 59 -19.91 34.33 -16.43
CA THR E 59 -20.37 35.70 -16.11
C THR E 59 -19.85 36.17 -14.74
N LYS E 60 -19.19 35.28 -14.00
CA LYS E 60 -18.52 35.64 -12.76
C LYS E 60 -17.01 35.53 -12.90
N ASP E 61 -16.53 34.76 -13.87
CA ASP E 61 -15.12 34.66 -14.17
C ASP E 61 -14.70 35.58 -15.30
N ARG E 62 -15.54 36.53 -15.66
CA ARG E 62 -15.27 37.46 -16.75
C ARG E 62 -14.50 38.69 -16.31
N ASP E 63 -13.90 38.68 -15.12
CA ASP E 63 -13.06 39.79 -14.71
C ASP E 63 -11.79 39.81 -15.54
N PRO E 64 -11.31 40.99 -15.92
CA PRO E 64 -10.12 41.04 -16.79
C PRO E 64 -8.85 40.56 -16.12
N ALA E 65 -8.65 40.90 -14.84
CA ALA E 65 -7.46 40.44 -14.13
C ALA E 65 -7.50 38.93 -13.91
N LYS E 66 -8.68 38.38 -13.64
CA LYS E 66 -8.80 36.93 -13.47
C LYS E 66 -8.60 36.20 -14.78
N LEU E 67 -9.08 36.78 -15.90
CA LEU E 67 -8.87 36.15 -17.20
C LEU E 67 -7.40 36.19 -17.61
N ASP E 68 -6.73 37.32 -17.36
CA ASP E 68 -5.31 37.40 -17.67
C ASP E 68 -4.49 36.49 -16.76
N ALA E 69 -4.88 36.37 -15.49
CA ALA E 69 -4.18 35.45 -14.59
C ALA E 69 -4.45 34.00 -14.95
N SER E 70 -5.59 33.73 -15.59
CA SER E 70 -5.87 32.37 -16.04
C SER E 70 -5.13 32.03 -17.32
N ILE E 71 -4.92 33.00 -18.20
CA ILE E 71 -4.10 32.72 -19.38
C ILE E 71 -2.61 32.85 -19.13
N GLN E 72 -2.21 33.34 -17.96
CA GLN E 72 -0.79 33.32 -17.61
C GLN E 72 -0.33 31.96 -17.10
N SER E 73 -1.25 31.12 -16.62
CA SER E 73 -0.94 29.78 -16.14
C SER E 73 -1.64 28.78 -17.04
N PRO E 74 -1.06 28.43 -18.18
CA PRO E 74 -1.75 27.56 -19.14
C PRO E 74 -1.71 26.11 -18.71
N ASN E 75 -2.60 25.32 -19.31
CA ASN E 75 -2.67 23.90 -19.00
C ASN E 75 -1.79 23.12 -19.95
N LEU E 76 -0.81 22.42 -19.37
CA LEU E 76 0.08 21.57 -20.13
C LEU E 76 -0.50 20.17 -20.19
N GLN E 77 -0.74 19.68 -21.40
CA GLN E 77 -1.17 18.31 -21.56
C GLN E 77 -0.11 17.55 -22.32
N THR E 78 -0.27 16.23 -22.34
CA THR E 78 0.35 15.37 -23.32
C THR E 78 -0.77 14.61 -24.00
N VAL E 79 -0.74 14.53 -25.32
CA VAL E 79 -1.80 13.87 -26.06
C VAL E 79 -1.20 12.75 -26.90
N ASP E 80 -1.99 11.72 -27.14
CA ASP E 80 -1.61 10.66 -28.06
C ASP E 80 -2.06 11.06 -29.45
N VAL E 81 -1.13 11.09 -30.39
CA VAL E 81 -1.43 11.40 -31.78
C VAL E 81 -0.88 10.29 -32.66
N ALA E 82 -1.55 10.07 -33.79
CA ALA E 82 -1.08 9.13 -34.80
C ALA E 82 -1.11 9.85 -36.13
N ASN E 83 0.06 10.05 -36.71
CA ASN E 83 0.18 10.62 -38.03
C ASN E 83 0.71 9.56 -38.98
N LEU E 84 0.51 9.80 -40.27
CA LEU E 84 1.24 9.06 -41.26
C LEU E 84 2.71 9.49 -41.22
N PRO E 85 3.63 8.65 -41.69
CA PRO E 85 5.01 9.10 -41.83
C PRO E 85 5.11 10.16 -42.92
N SER E 86 6.25 10.87 -42.91
CA SER E 86 6.48 11.97 -43.83
C SER E 86 6.59 11.53 -45.28
N ASP E 87 6.83 10.25 -45.54
CA ASP E 87 6.94 9.73 -46.90
C ASP E 87 5.82 8.76 -47.22
N ALA E 88 4.60 9.07 -46.78
CA ALA E 88 3.45 8.19 -46.94
C ALA E 88 2.19 9.03 -46.92
N ASP E 89 1.29 8.79 -47.86
CA ASP E 89 0.07 9.57 -47.99
C ASP E 89 -1.17 8.70 -48.14
N THR E 90 -1.14 7.48 -47.62
CA THR E 90 -2.25 6.56 -47.82
C THR E 90 -2.44 5.75 -46.55
N LEU E 91 -3.65 5.78 -46.02
CA LEU E 91 -3.99 5.09 -44.79
C LEU E 91 -4.73 3.80 -45.11
N LYS E 92 -4.09 2.67 -44.88
CA LYS E 92 -4.69 1.37 -45.13
C LYS E 92 -5.38 0.90 -43.86
N VAL E 93 -6.69 1.01 -43.84
CA VAL E 93 -7.50 0.54 -42.72
C VAL E 93 -8.06 -0.82 -43.11
N ARG E 94 -7.65 -1.86 -42.39
CA ARG E 94 -8.00 -3.23 -42.75
C ARG E 94 -8.70 -3.89 -41.58
N PHE E 95 -9.87 -4.47 -41.85
CA PHE E 95 -10.55 -5.28 -40.86
C PHE E 95 -11.17 -6.46 -41.59
N THR E 96 -11.74 -7.38 -40.82
CA THR E 96 -12.50 -8.49 -41.36
C THR E 96 -13.92 -8.44 -40.83
N LEU E 97 -14.87 -8.73 -41.70
CA LEU E 97 -16.28 -8.67 -41.34
C LEU E 97 -16.88 -10.05 -41.55
N ARG E 98 -17.34 -10.66 -40.47
CA ARG E 98 -17.95 -11.98 -40.52
C ARG E 98 -19.45 -11.84 -40.34
N VAL E 99 -20.21 -12.30 -41.32
CA VAL E 99 -21.66 -12.26 -41.29
C VAL E 99 -22.14 -13.65 -40.90
N LEU E 100 -22.91 -13.73 -39.81
CA LEU E 100 -23.23 -15.03 -39.22
C LEU E 100 -24.53 -15.61 -39.75
N GLY E 101 -25.64 -14.92 -39.54
CA GLY E 101 -26.89 -15.43 -40.06
C GLY E 101 -27.75 -16.08 -39.01
N GLY E 102 -29.05 -16.09 -39.25
CA GLY E 102 -30.01 -16.50 -38.24
C GLY E 102 -30.41 -15.33 -37.37
N ALA E 103 -30.92 -14.27 -37.99
CA ALA E 103 -31.12 -12.99 -37.31
C ALA E 103 -32.26 -13.03 -36.31
N GLY E 104 -33.23 -13.91 -36.49
CA GLY E 104 -34.38 -13.93 -35.61
C GLY E 104 -34.25 -14.75 -34.36
N THR E 105 -33.36 -15.75 -34.35
CA THR E 105 -33.26 -16.65 -33.21
C THR E 105 -32.60 -15.95 -32.04
N PRO E 106 -33.29 -15.79 -30.91
CA PRO E 106 -32.65 -15.17 -29.75
C PRO E 106 -31.80 -16.18 -29.01
N SER E 107 -30.90 -15.66 -28.17
CA SER E 107 -30.09 -16.54 -27.35
C SER E 107 -30.63 -16.72 -25.95
N ALA E 108 -31.57 -15.88 -25.52
CA ALA E 108 -32.16 -16.03 -24.20
C ALA E 108 -33.59 -15.51 -24.27
N CYS E 109 -34.55 -16.36 -23.91
CA CYS E 109 -35.95 -15.98 -23.92
C CYS E 109 -36.72 -16.91 -23.01
N ASN E 110 -37.60 -16.34 -22.18
CA ASN E 110 -38.36 -17.11 -21.21
C ASN E 110 -39.66 -17.65 -21.77
N ASP E 111 -40.49 -16.77 -22.33
CA ASP E 111 -41.77 -17.17 -22.89
C ASP E 111 -41.48 -17.92 -24.18
N ALA E 112 -41.74 -19.23 -24.18
CA ALA E 112 -41.50 -20.04 -25.37
C ALA E 112 -42.48 -19.71 -26.49
N ALA E 113 -43.70 -19.30 -26.12
CA ALA E 113 -44.67 -18.89 -27.12
C ALA E 113 -44.24 -17.60 -27.81
N TYR E 114 -43.61 -16.70 -27.04
CA TYR E 114 -43.07 -15.49 -27.64
C TYR E 114 -41.91 -15.78 -28.56
N ARG E 115 -41.09 -16.78 -28.21
CA ARG E 115 -39.99 -17.20 -29.06
C ARG E 115 -40.50 -17.78 -30.38
N ASP E 116 -41.53 -18.63 -30.31
CA ASP E 116 -42.10 -19.22 -31.51
C ASP E 116 -42.78 -18.17 -32.38
N LYS E 117 -43.44 -17.19 -31.75
CA LYS E 117 -44.09 -16.13 -32.53
C LYS E 117 -43.06 -15.20 -33.17
N LEU E 118 -41.95 -14.93 -32.47
CA LEU E 118 -40.91 -14.11 -33.05
C LEU E 118 -40.23 -14.82 -34.21
N LEU E 119 -40.00 -16.12 -34.08
CA LEU E 119 -39.41 -16.88 -35.18
C LEU E 119 -40.35 -16.95 -36.38
N GLN E 120 -41.66 -17.09 -36.13
CA GLN E 120 -42.61 -17.10 -37.23
C GLN E 120 -42.71 -15.73 -37.90
N THR E 121 -42.62 -14.65 -37.12
CA THR E 121 -42.67 -13.31 -37.68
C THR E 121 -41.43 -13.01 -38.53
N VAL E 122 -40.25 -13.37 -38.02
CA VAL E 122 -39.01 -13.11 -38.76
C VAL E 122 -38.93 -14.01 -39.99
N ALA E 123 -39.38 -15.25 -39.89
CA ALA E 123 -39.39 -16.13 -41.06
C ALA E 123 -40.43 -15.67 -42.09
N THR E 124 -41.54 -15.08 -41.63
CA THR E 124 -42.50 -14.48 -42.53
C THR E 124 -41.89 -13.29 -43.26
N TYR E 125 -41.07 -12.50 -42.56
CA TYR E 125 -40.37 -11.39 -43.20
C TYR E 125 -39.38 -11.88 -44.23
N VAL E 126 -38.59 -12.91 -43.88
CA VAL E 126 -37.53 -13.39 -44.76
C VAL E 126 -38.12 -14.07 -46.00
N ASN E 127 -39.18 -14.85 -45.83
CA ASN E 127 -39.83 -15.48 -46.98
C ASN E 127 -40.56 -14.46 -47.83
N ASP E 128 -41.14 -13.44 -47.20
CA ASP E 128 -41.83 -12.39 -47.94
C ASP E 128 -40.84 -11.52 -48.70
N GLN E 129 -39.80 -11.04 -48.01
CA GLN E 129 -38.77 -10.23 -48.62
C GLN E 129 -37.48 -10.44 -47.86
N GLY E 130 -36.54 -11.17 -48.46
CA GLY E 130 -35.33 -11.57 -47.79
C GLY E 130 -34.41 -10.41 -47.51
N PHE E 131 -33.24 -10.73 -46.97
CA PHE E 131 -32.26 -9.70 -46.58
C PHE E 131 -31.64 -9.08 -47.84
N ALA E 132 -32.43 -8.25 -48.51
CA ALA E 132 -32.00 -7.63 -49.75
C ALA E 132 -31.77 -6.15 -49.62
N GLU E 133 -32.67 -5.43 -48.96
CA GLU E 133 -32.46 -4.02 -48.73
C GLU E 133 -31.40 -3.79 -47.66
N LEU E 134 -31.45 -4.58 -46.59
CA LEU E 134 -30.46 -4.49 -45.51
C LEU E 134 -29.07 -4.84 -46.02
N ALA E 135 -28.96 -5.89 -46.83
CA ALA E 135 -27.66 -6.29 -47.33
C ALA E 135 -27.12 -5.31 -48.36
N ARG E 136 -28.01 -4.68 -49.12
CA ARG E 136 -27.57 -3.63 -50.04
C ARG E 136 -27.04 -2.42 -49.28
N ARG E 137 -27.69 -2.06 -48.19
CA ARG E 137 -27.20 -0.92 -47.43
C ARG E 137 -25.94 -1.23 -46.62
N TYR E 138 -25.81 -2.46 -46.12
CA TYR E 138 -24.57 -2.87 -45.48
C TYR E 138 -23.43 -2.95 -46.50
N ALA E 139 -23.75 -3.38 -47.72
CA ALA E 139 -22.75 -3.40 -48.78
C ALA E 139 -22.35 -2.00 -49.21
N HIS E 140 -23.27 -1.04 -49.11
CA HIS E 140 -22.90 0.35 -49.36
C HIS E 140 -22.00 0.89 -48.26
N ASN E 141 -22.32 0.59 -47.00
CA ASN E 141 -21.49 1.06 -45.91
C ASN E 141 -20.14 0.35 -45.85
N LEU E 142 -20.01 -0.79 -46.51
CA LEU E 142 -18.68 -1.32 -46.80
C LEU E 142 -18.06 -0.64 -48.01
N ALA E 143 -18.89 -0.27 -48.98
CA ALA E 143 -18.39 0.28 -50.23
C ALA E 143 -17.89 1.71 -50.07
N ASN E 144 -18.77 2.62 -49.68
CA ASN E 144 -18.30 3.92 -49.25
C ASN E 144 -17.70 3.75 -47.86
N ALA E 145 -16.48 4.26 -47.69
CA ALA E 145 -15.72 3.94 -46.49
C ALA E 145 -16.18 4.84 -45.34
N ARG E 146 -17.37 4.53 -44.83
CA ARG E 146 -17.86 5.25 -43.68
C ARG E 146 -17.16 4.81 -42.40
N PHE E 147 -16.63 3.59 -42.38
CA PHE E 147 -15.88 3.13 -41.23
C PHE E 147 -14.57 3.89 -41.07
N LEU E 148 -14.04 4.44 -42.15
CA LEU E 148 -13.11 5.55 -42.05
C LEU E 148 -13.94 6.73 -41.58
N TRP E 149 -13.90 7.02 -40.28
CA TRP E 149 -14.87 7.96 -39.73
C TRP E 149 -14.45 9.40 -40.00
N ARG E 150 -13.34 9.83 -39.42
CA ARG E 150 -12.81 11.16 -39.65
C ARG E 150 -11.63 11.14 -40.60
N ASN E 151 -11.15 9.96 -40.96
CA ASN E 151 -10.07 9.82 -41.93
C ASN E 151 -10.57 9.93 -43.36
N ARG E 152 -11.86 10.20 -43.55
CA ARG E 152 -12.51 10.26 -44.84
C ARG E 152 -12.88 11.67 -45.27
N VAL E 153 -13.07 12.59 -44.31
CA VAL E 153 -13.70 13.86 -44.58
C VAL E 153 -12.83 14.79 -45.41
N GLY E 154 -11.53 14.59 -45.43
CA GLY E 154 -10.68 15.41 -46.26
C GLY E 154 -9.79 14.58 -47.15
N ALA E 155 -10.19 13.33 -47.38
CA ALA E 155 -9.40 12.41 -48.16
C ALA E 155 -9.57 12.69 -49.64
N GLU E 156 -8.47 12.62 -50.37
CA GLU E 156 -8.50 12.99 -51.79
C GLU E 156 -9.11 11.90 -52.63
N ALA E 157 -8.74 10.64 -52.38
CA ALA E 157 -9.31 9.52 -53.11
C ALA E 157 -9.35 8.33 -52.18
N VAL E 158 -10.53 7.75 -51.98
CA VAL E 158 -10.71 6.59 -51.12
C VAL E 158 -11.07 5.40 -52.00
N GLU E 159 -10.39 4.28 -51.78
CA GLU E 159 -10.65 3.07 -52.53
C GLU E 159 -10.75 1.90 -51.58
N VAL E 160 -11.86 1.18 -51.63
CA VAL E 160 -12.14 0.06 -50.75
C VAL E 160 -12.06 -1.23 -51.54
N ARG E 161 -11.26 -2.17 -51.05
CA ARG E 161 -11.13 -3.48 -51.66
C ARG E 161 -11.70 -4.50 -50.69
N ILE E 162 -12.75 -5.21 -51.11
CA ILE E 162 -13.44 -6.18 -50.28
C ILE E 162 -13.22 -7.55 -50.88
N ASN E 163 -12.50 -8.40 -50.17
CA ASN E 163 -12.16 -9.74 -50.64
C ASN E 163 -12.97 -10.75 -49.84
N HIS E 164 -13.90 -11.42 -50.50
CA HIS E 164 -14.60 -12.55 -49.88
C HIS E 164 -13.61 -13.69 -49.72
N ILE E 165 -13.46 -14.19 -48.50
CA ILE E 165 -12.45 -15.17 -48.19
C ILE E 165 -13.14 -16.52 -47.98
N ARG E 166 -12.92 -17.43 -48.92
CA ARG E 166 -13.29 -18.83 -48.82
C ARG E 166 -12.11 -19.56 -48.15
N GLN E 167 -11.99 -20.87 -48.39
CA GLN E 167 -11.21 -21.87 -47.64
C GLN E 167 -9.87 -21.41 -47.07
N GLY E 168 -9.08 -20.70 -47.85
CA GLY E 168 -8.02 -19.92 -47.22
C GLY E 168 -7.72 -18.62 -47.92
N GLU E 169 -8.40 -18.34 -49.02
CA GLU E 169 -7.97 -17.31 -49.95
C GLU E 169 -9.19 -16.60 -50.52
N VAL E 170 -8.94 -15.69 -51.46
CA VAL E 170 -10.01 -14.90 -52.04
C VAL E 170 -10.86 -15.77 -52.96
N ALA E 171 -12.17 -15.62 -52.86
CA ALA E 171 -13.09 -16.26 -53.78
C ALA E 171 -13.69 -15.25 -54.74
N ARG E 172 -13.81 -14.00 -54.31
CA ARG E 172 -14.34 -12.94 -55.15
C ARG E 172 -13.77 -11.63 -54.64
N ALA E 173 -13.12 -10.87 -55.52
CA ALA E 173 -12.43 -9.65 -55.14
C ALA E 173 -13.18 -8.45 -55.68
N TRP E 174 -13.50 -7.51 -54.81
CA TRP E 174 -14.15 -6.26 -55.17
C TRP E 174 -13.17 -5.10 -55.09
N ARG E 175 -13.48 -4.03 -55.80
CA ARG E 175 -12.65 -2.84 -55.76
C ARG E 175 -13.55 -1.64 -56.06
N PHE E 176 -13.81 -0.83 -55.05
CA PHE E 176 -14.76 0.27 -55.15
C PHE E 176 -14.02 1.60 -55.11
N ASP E 177 -14.73 2.65 -55.53
CA ASP E 177 -14.27 4.01 -55.35
C ASP E 177 -15.24 4.67 -54.38
N ALA E 178 -14.81 4.83 -53.14
CA ALA E 178 -15.71 5.20 -52.06
C ALA E 178 -16.14 6.65 -52.08
N LEU E 179 -15.52 7.50 -52.90
CA LEU E 179 -15.97 8.87 -53.02
C LEU E 179 -17.04 9.05 -54.08
N ALA E 180 -17.08 8.18 -55.10
CA ALA E 180 -18.17 8.23 -56.05
C ALA E 180 -19.44 7.60 -55.48
N ILE E 181 -19.30 6.59 -54.64
CA ILE E 181 -20.43 6.01 -53.92
C ILE E 181 -20.71 6.92 -52.73
N GLY E 182 -21.88 7.55 -52.74
CA GLY E 182 -22.15 8.62 -51.80
C GLY E 182 -22.38 8.13 -50.39
N LEU E 183 -22.25 9.06 -49.46
CA LEU E 183 -22.49 8.79 -48.06
C LEU E 183 -23.96 8.89 -47.67
N ARG E 184 -24.84 9.22 -48.61
CA ARG E 184 -26.25 9.37 -48.26
C ARG E 184 -27.23 8.74 -49.23
N ASP E 185 -26.83 8.39 -50.45
CA ASP E 185 -27.75 7.87 -51.45
C ASP E 185 -27.43 6.40 -51.67
N PHE E 186 -28.41 5.53 -51.44
CA PHE E 186 -28.25 4.10 -51.65
C PHE E 186 -28.76 3.77 -53.06
N LYS E 187 -27.88 3.95 -54.03
CA LYS E 187 -28.20 3.67 -55.42
C LYS E 187 -28.02 2.18 -55.71
N ALA E 188 -28.00 1.82 -56.98
CA ALA E 188 -27.82 0.44 -57.41
C ALA E 188 -26.71 0.35 -58.44
N ASP E 189 -25.71 -0.47 -58.16
CA ASP E 189 -24.62 -0.72 -59.09
C ASP E 189 -24.64 -2.21 -59.43
N ALA E 190 -23.62 -2.64 -60.18
CA ALA E 190 -23.49 -4.04 -60.54
C ALA E 190 -22.70 -4.82 -59.50
N GLU E 191 -21.53 -4.32 -59.10
CA GLU E 191 -20.73 -5.00 -58.09
C GLU E 191 -21.34 -4.91 -56.71
N LEU E 192 -22.02 -3.80 -56.43
CA LEU E 192 -22.68 -3.63 -55.14
C LEU E 192 -23.84 -4.60 -55.00
N ASP E 193 -24.49 -4.96 -56.11
CA ASP E 193 -25.52 -5.97 -56.05
C ASP E 193 -24.94 -7.36 -55.81
N ALA E 194 -23.73 -7.63 -56.31
CA ALA E 194 -23.09 -8.92 -56.03
C ALA E 194 -22.67 -9.02 -54.56
N LEU E 195 -22.15 -7.93 -54.00
CA LEU E 195 -21.87 -7.89 -52.57
C LEU E 195 -23.15 -7.97 -51.75
N ALA E 196 -24.25 -7.40 -52.25
CA ALA E 196 -25.52 -7.51 -51.55
C ALA E 196 -26.06 -8.92 -51.56
N GLU E 197 -25.91 -9.65 -52.67
CA GLU E 197 -26.30 -11.05 -52.69
C GLU E 197 -25.42 -11.90 -51.79
N LEU E 198 -24.13 -11.54 -51.66
CA LEU E 198 -23.26 -12.29 -50.75
C LEU E 198 -23.65 -12.06 -49.30
N ILE E 199 -23.92 -10.81 -48.92
CA ILE E 199 -24.36 -10.54 -47.55
C ILE E 199 -25.76 -11.08 -47.30
N ALA E 200 -26.59 -11.16 -48.35
CA ALA E 200 -27.90 -11.81 -48.26
C ALA E 200 -27.77 -13.29 -47.98
N SER E 201 -26.82 -13.96 -48.66
CA SER E 201 -26.59 -15.37 -48.39
C SER E 201 -25.96 -15.57 -47.03
N GLY E 202 -25.22 -14.58 -46.54
CA GLY E 202 -24.65 -14.70 -45.21
C GLY E 202 -25.68 -14.56 -44.11
N LEU E 203 -26.57 -13.56 -44.24
CA LEU E 203 -27.55 -13.30 -43.20
C LEU E 203 -28.66 -14.34 -43.16
N SER E 204 -28.91 -15.01 -44.29
CA SER E 204 -29.96 -16.00 -44.34
C SER E 204 -29.54 -17.35 -43.82
N GLY E 205 -28.26 -17.55 -43.52
CA GLY E 205 -27.78 -18.82 -43.05
C GLY E 205 -27.40 -19.79 -44.14
N SER E 206 -27.37 -19.36 -45.39
CA SER E 206 -27.05 -20.24 -46.50
C SER E 206 -25.58 -20.23 -46.87
N GLY E 207 -24.71 -19.71 -46.02
CA GLY E 207 -23.30 -19.70 -46.34
C GLY E 207 -22.44 -18.99 -45.32
N HIS E 208 -21.14 -19.31 -45.30
CA HIS E 208 -20.21 -18.65 -44.40
C HIS E 208 -19.53 -17.50 -45.14
N VAL E 209 -19.65 -16.29 -44.59
CA VAL E 209 -19.19 -15.08 -45.24
C VAL E 209 -18.11 -14.44 -44.36
N LEU E 210 -16.92 -14.29 -44.91
CA LEU E 210 -15.81 -13.64 -44.23
C LEU E 210 -15.16 -12.65 -45.18
N LEU E 211 -15.51 -11.37 -45.05
CA LEU E 211 -15.05 -10.33 -45.97
C LEU E 211 -13.92 -9.53 -45.35
N GLU E 212 -12.74 -9.62 -45.94
CA GLU E 212 -11.62 -8.77 -45.56
C GLU E 212 -11.79 -7.44 -46.26
N VAL E 213 -12.07 -6.39 -45.51
CA VAL E 213 -12.41 -5.09 -46.07
C VAL E 213 -11.23 -4.14 -45.85
N VAL E 214 -10.54 -3.81 -46.94
CA VAL E 214 -9.34 -2.98 -46.91
C VAL E 214 -9.65 -1.67 -47.61
N ALA E 215 -9.37 -0.56 -46.94
CA ALA E 215 -9.73 0.75 -47.47
C ALA E 215 -8.55 1.69 -47.38
N PHE E 216 -8.20 2.30 -48.50
CA PHE E 216 -7.08 3.22 -48.60
C PHE E 216 -7.61 4.64 -48.67
N ALA E 217 -6.87 5.58 -48.10
CA ALA E 217 -7.31 6.97 -48.02
C ALA E 217 -6.17 7.92 -48.30
N ARG E 218 -6.27 8.67 -49.39
CA ARG E 218 -5.29 9.69 -49.71
C ARG E 218 -5.48 10.87 -48.77
N ILE E 219 -4.77 10.87 -47.65
CA ILE E 219 -4.81 12.00 -46.74
C ILE E 219 -3.71 13.01 -47.05
N GLY E 220 -2.48 12.55 -47.16
CA GLY E 220 -1.37 13.45 -47.42
C GLY E 220 -0.11 13.01 -46.71
N ASP E 221 1.03 13.61 -47.07
CA ASP E 221 2.30 13.26 -46.47
C ASP E 221 2.32 13.72 -45.03
N GLY E 222 2.36 12.76 -44.10
CA GLY E 222 2.53 13.11 -42.71
C GLY E 222 1.32 13.72 -42.04
N GLN E 223 0.16 13.63 -42.66
CA GLN E 223 -1.03 14.18 -42.05
C GLN E 223 -1.53 13.28 -40.92
N GLU E 224 -2.42 13.81 -40.11
CA GLU E 224 -2.89 13.11 -38.94
C GLU E 224 -4.01 12.16 -39.34
N VAL E 225 -3.93 10.93 -38.82
CA VAL E 225 -5.03 10.02 -38.90
C VAL E 225 -5.68 9.95 -37.54
N PHE E 226 -6.92 9.45 -37.51
CA PHE E 226 -7.77 9.58 -36.33
C PHE E 226 -8.27 8.20 -35.96
N PRO E 227 -7.52 7.47 -35.15
CA PRO E 227 -8.01 6.18 -34.67
C PRO E 227 -9.00 6.39 -33.54
N SER E 228 -9.49 5.27 -33.02
CA SER E 228 -10.47 5.34 -31.96
C SER E 228 -9.81 5.78 -30.66
N GLN E 229 -10.55 6.53 -29.87
CA GLN E 229 -9.99 7.16 -28.69
C GLN E 229 -10.50 6.44 -27.46
N GLU E 230 -9.57 6.06 -26.58
CA GLU E 230 -9.94 5.39 -25.35
C GLU E 230 -10.35 6.42 -24.31
N LEU E 231 -10.71 5.93 -23.13
CA LEU E 231 -10.98 6.80 -22.01
C LEU E 231 -9.81 6.74 -21.05
N ILE E 232 -9.56 7.86 -20.38
CA ILE E 232 -8.38 8.01 -19.55
C ILE E 232 -8.78 7.81 -18.09
N LEU E 233 -7.82 7.39 -17.28
CA LEU E 233 -8.05 7.04 -15.88
C LEU E 233 -8.24 8.28 -15.00
N ASP E 234 -7.44 9.33 -15.25
CA ASP E 234 -7.38 10.57 -14.48
C ASP E 234 -7.07 10.30 -13.01
N LYS E 235 -5.86 9.75 -12.79
CA LYS E 235 -5.33 9.52 -11.46
C LYS E 235 -4.05 10.29 -11.18
N GLY E 236 -3.55 11.09 -12.12
CA GLY E 236 -2.24 11.70 -11.96
C GLY E 236 -2.24 13.21 -11.85
N ASP E 237 -1.08 13.81 -12.12
CA ASP E 237 -0.93 15.26 -12.01
C ASP E 237 -1.57 15.95 -13.20
N LYS E 238 -1.52 17.28 -13.18
CA LYS E 238 -2.21 18.08 -14.20
C LYS E 238 -1.27 18.74 -15.19
N LYS E 239 0.03 18.44 -15.12
CA LYS E 239 0.99 18.85 -16.14
C LYS E 239 1.29 17.74 -17.12
N GLY E 240 1.33 16.50 -16.64
CA GLY E 240 1.39 15.32 -17.48
C GLY E 240 0.02 14.71 -17.61
N GLN E 241 -0.97 15.58 -17.89
CA GLN E 241 -2.40 15.29 -17.72
C GLN E 241 -2.87 14.07 -18.50
N LYS E 242 -2.32 13.85 -19.70
CA LYS E 242 -2.73 12.79 -20.64
C LYS E 242 -4.22 12.90 -20.96
N SER E 243 -4.55 14.00 -21.63
CA SER E 243 -5.95 14.29 -21.93
C SER E 243 -6.54 13.35 -22.97
N LYS E 244 -5.82 13.05 -24.05
CA LYS E 244 -6.32 12.17 -25.09
C LYS E 244 -5.41 10.97 -25.21
N THR E 245 -5.99 9.78 -25.11
CA THR E 245 -5.28 8.55 -25.40
C THR E 245 -5.99 7.81 -26.52
N LEU E 246 -5.22 7.19 -27.39
CA LEU E 246 -5.74 6.54 -28.58
C LEU E 246 -5.65 5.04 -28.45
N TYR E 247 -6.53 4.35 -29.15
CA TYR E 247 -6.55 2.90 -29.13
C TYR E 247 -5.42 2.38 -29.99
N SER E 248 -4.80 1.30 -29.53
CA SER E 248 -3.76 0.62 -30.30
C SER E 248 -3.68 -0.80 -29.79
N VAL E 249 -3.77 -1.77 -30.71
CA VAL E 249 -3.78 -3.16 -30.27
C VAL E 249 -2.37 -3.63 -29.92
N ARG E 250 -1.41 -3.52 -30.84
CA ARG E 250 -0.04 -3.90 -30.52
C ARG E 250 0.90 -3.01 -31.34
N ASP E 251 1.28 -1.88 -30.74
CA ASP E 251 2.15 -0.86 -31.35
C ASP E 251 1.68 -0.44 -32.73
N ALA E 252 0.35 -0.31 -32.88
CA ALA E 252 -0.28 -0.09 -34.17
C ALA E 252 -1.65 0.50 -33.90
N ALA E 253 -1.93 1.68 -34.44
CA ALA E 253 -3.19 2.36 -34.20
C ALA E 253 -4.35 1.54 -34.76
N ALA E 254 -5.51 1.70 -34.14
CA ALA E 254 -6.64 0.89 -34.54
C ALA E 254 -7.93 1.60 -34.17
N ILE E 255 -8.94 1.36 -34.97
CA ILE E 255 -10.30 1.78 -34.69
C ILE E 255 -10.99 0.64 -33.97
N HIS E 256 -11.88 0.97 -33.04
CA HIS E 256 -12.58 -0.05 -32.26
C HIS E 256 -13.50 -0.85 -33.17
N SER E 257 -13.78 -2.09 -32.75
CA SER E 257 -14.65 -2.94 -33.55
C SER E 257 -16.08 -2.45 -33.54
N GLN E 258 -16.54 -1.89 -32.42
CA GLN E 258 -17.91 -1.41 -32.36
C GLN E 258 -18.07 -0.09 -33.10
N LYS E 259 -16.98 0.65 -33.33
CA LYS E 259 -17.06 1.84 -34.17
C LYS E 259 -17.28 1.47 -35.63
N ILE E 260 -16.53 0.48 -36.11
CA ILE E 260 -16.75 -0.06 -37.44
C ILE E 260 -18.15 -0.65 -37.55
N GLY E 261 -18.59 -1.37 -36.53
CA GLY E 261 -19.93 -1.93 -36.54
C GLY E 261 -21.02 -0.89 -36.53
N ASN E 262 -20.77 0.25 -35.89
CA ASN E 262 -21.73 1.34 -35.94
C ASN E 262 -21.76 2.01 -37.30
N ALA E 263 -20.60 2.15 -37.94
CA ALA E 263 -20.56 2.82 -39.22
C ALA E 263 -21.14 1.93 -40.32
N LEU E 264 -21.08 0.62 -40.13
CA LEU E 264 -21.76 -0.30 -41.05
C LEU E 264 -23.27 -0.28 -40.84
N ARG E 265 -23.73 0.09 -39.67
CA ARG E 265 -25.15 0.05 -39.36
C ARG E 265 -25.89 1.33 -39.73
N THR E 266 -25.23 2.35 -40.28
CA THR E 266 -25.92 3.58 -40.65
C THR E 266 -26.70 3.35 -41.94
N ILE E 267 -27.82 2.64 -41.78
CA ILE E 267 -28.68 2.32 -42.90
C ILE E 267 -30.08 2.88 -42.74
N ASP E 268 -30.37 3.50 -41.61
CA ASP E 268 -31.73 3.91 -41.25
C ASP E 268 -32.02 5.26 -41.87
N THR E 269 -32.65 5.25 -43.04
CA THR E 269 -33.18 6.45 -43.64
C THR E 269 -34.69 6.54 -43.51
N TRP E 270 -35.26 5.83 -42.54
CA TRP E 270 -36.71 5.72 -42.39
C TRP E 270 -37.20 6.33 -41.08
N TYR E 271 -36.37 7.13 -40.45
CA TYR E 271 -36.78 7.79 -39.22
C TYR E 271 -37.75 8.93 -39.56
N PRO E 272 -38.69 9.26 -38.67
CA PRO E 272 -39.79 10.16 -39.04
C PRO E 272 -39.40 11.62 -39.23
N ASP E 273 -38.14 12.00 -39.05
CA ASP E 273 -37.73 13.37 -39.32
C ASP E 273 -37.43 13.48 -40.82
N GLU E 274 -36.79 14.58 -41.23
CA GLU E 274 -36.49 14.75 -42.65
C GLU E 274 -35.39 13.78 -43.08
N ASP E 275 -35.50 13.29 -44.31
CA ASP E 275 -34.48 12.44 -44.89
C ASP E 275 -33.37 13.22 -45.58
N GLY E 276 -33.41 14.56 -45.50
CA GLY E 276 -32.31 15.36 -45.98
C GLY E 276 -31.07 15.30 -45.10
N LEU E 277 -31.21 14.82 -43.87
CA LEU E 277 -30.08 14.57 -43.00
C LEU E 277 -29.34 13.29 -43.35
N GLY E 278 -30.01 12.35 -44.01
CA GLY E 278 -29.36 11.13 -44.44
C GLY E 278 -29.48 10.03 -43.40
N PRO E 279 -28.78 8.92 -43.63
CA PRO E 279 -28.92 7.76 -42.76
C PRO E 279 -28.27 7.94 -41.41
N ILE E 280 -28.98 7.49 -40.37
CA ILE E 280 -28.45 7.38 -39.03
C ILE E 280 -28.27 5.91 -38.71
N ALA E 281 -27.61 5.64 -37.59
CA ALA E 281 -27.30 4.28 -37.21
C ALA E 281 -28.52 3.60 -36.62
N VAL E 282 -28.67 2.31 -36.92
CA VAL E 282 -29.82 1.54 -36.48
C VAL E 282 -29.67 1.27 -34.99
N GLU E 283 -30.49 1.94 -34.19
CA GLU E 283 -30.54 1.75 -32.75
C GLU E 283 -32.00 1.80 -32.32
N PRO E 284 -32.36 1.09 -31.25
CA PRO E 284 -33.66 1.34 -30.63
C PRO E 284 -33.62 2.72 -30.00
N TYR E 285 -34.72 3.46 -30.17
CA TYR E 285 -34.79 4.91 -29.94
C TYR E 285 -33.68 5.61 -30.71
N GLY E 286 -33.77 5.52 -32.04
CA GLY E 286 -32.65 5.72 -32.93
C GLY E 286 -31.97 7.06 -32.82
N SER E 287 -30.79 7.03 -32.22
CA SER E 287 -30.16 8.22 -31.66
C SER E 287 -28.77 8.41 -32.25
N VAL E 288 -28.42 9.66 -32.50
CA VAL E 288 -27.06 10.02 -32.86
C VAL E 288 -26.46 10.81 -31.71
N THR E 289 -25.40 10.28 -31.12
CA THR E 289 -24.80 10.91 -29.96
C THR E 289 -23.96 12.11 -30.32
N SER E 290 -23.59 12.28 -31.59
CA SER E 290 -22.96 13.50 -32.02
C SER E 290 -23.95 14.65 -32.00
N GLN E 291 -25.13 14.43 -32.56
CA GLN E 291 -26.16 15.45 -32.63
C GLN E 291 -27.02 15.51 -31.38
N GLY E 292 -26.81 14.61 -30.42
CA GLY E 292 -27.50 14.65 -29.14
C GLY E 292 -28.99 14.43 -29.20
N LYS E 293 -29.51 13.98 -30.34
CA LYS E 293 -30.94 13.91 -30.57
C LYS E 293 -31.33 12.47 -30.86
N ALA E 294 -32.41 12.03 -30.23
CA ALA E 294 -32.92 10.68 -30.40
C ALA E 294 -34.13 10.76 -31.32
N TYR E 295 -33.94 10.42 -32.58
CA TYR E 295 -35.09 10.17 -33.45
C TYR E 295 -35.74 8.86 -33.06
N ARG E 296 -36.95 8.64 -33.58
CA ARG E 296 -37.83 7.55 -33.22
C ARG E 296 -38.06 7.51 -31.71
N GLN E 297 -38.46 8.67 -31.18
CA GLN E 297 -38.86 8.76 -29.79
C GLN E 297 -40.15 7.96 -29.57
N PRO E 298 -40.33 7.37 -28.40
CA PRO E 298 -41.52 6.53 -28.18
C PRO E 298 -42.81 7.31 -27.99
N LYS E 299 -42.81 8.66 -28.07
CA LYS E 299 -44.06 9.38 -28.18
C LYS E 299 -44.76 9.06 -29.49
N GLN E 300 -44.02 9.13 -30.60
CA GLN E 300 -44.46 8.56 -31.85
C GLN E 300 -44.25 7.04 -31.81
N LYS E 301 -45.02 6.32 -32.60
CA LYS E 301 -44.95 4.87 -32.57
C LYS E 301 -43.97 4.34 -33.59
N LEU E 302 -42.72 4.81 -33.53
CA LEU E 302 -41.74 4.41 -34.53
C LEU E 302 -40.40 3.98 -33.96
N ASP E 303 -40.30 3.76 -32.65
CA ASP E 303 -39.09 3.17 -32.11
C ASP E 303 -39.06 1.67 -32.39
N PHE E 304 -37.98 1.01 -31.99
CA PHE E 304 -37.88 -0.43 -32.21
C PHE E 304 -38.85 -1.20 -31.35
N TYR E 305 -39.13 -0.70 -30.14
CA TYR E 305 -39.85 -1.49 -29.17
C TYR E 305 -41.35 -1.53 -29.44
N THR E 306 -41.96 -0.39 -29.73
CA THR E 306 -43.38 -0.43 -30.06
C THR E 306 -43.63 -1.05 -31.41
N LEU E 307 -42.68 -0.94 -32.35
CA LEU E 307 -42.83 -1.63 -33.63
C LEU E 307 -42.72 -3.14 -33.45
N LEU E 308 -41.82 -3.60 -32.59
CA LEU E 308 -41.70 -5.03 -32.35
C LEU E 308 -42.90 -5.56 -31.57
N ASP E 309 -43.39 -4.79 -30.60
CA ASP E 309 -44.57 -5.19 -29.85
C ASP E 309 -45.85 -5.15 -30.67
N ASN E 310 -45.92 -4.32 -31.70
CA ASN E 310 -47.05 -4.36 -32.60
C ASN E 310 -46.90 -5.44 -33.65
N TRP E 311 -45.69 -5.77 -34.05
CA TRP E 311 -45.49 -6.76 -35.09
C TRP E 311 -45.63 -8.18 -34.55
N VAL E 312 -45.18 -8.42 -33.33
CA VAL E 312 -45.12 -9.79 -32.82
C VAL E 312 -46.32 -10.11 -31.93
N LEU E 313 -46.64 -9.25 -30.98
CA LEU E 313 -47.67 -9.57 -30.00
C LEU E 313 -49.07 -9.44 -30.58
N ARG E 314 -49.46 -8.23 -30.98
CA ARG E 314 -50.80 -7.96 -31.45
C ARG E 314 -50.90 -7.95 -32.97
N ASP E 315 -49.80 -8.27 -33.66
CA ASP E 315 -49.77 -8.60 -35.09
C ASP E 315 -50.20 -7.44 -35.98
N GLU E 316 -49.97 -6.21 -35.55
CA GLU E 316 -50.13 -5.06 -36.44
C GLU E 316 -48.81 -4.89 -37.16
N ALA E 317 -48.69 -5.49 -38.33
CA ALA E 317 -47.44 -5.48 -39.06
C ALA E 317 -47.17 -4.09 -39.63
N PRO E 318 -46.03 -3.49 -39.35
CA PRO E 318 -45.77 -2.13 -39.84
C PRO E 318 -45.44 -2.07 -41.32
N ALA E 319 -45.02 -0.90 -41.78
CA ALA E 319 -44.66 -0.73 -43.17
C ALA E 319 -43.37 -1.49 -43.49
N VAL E 320 -43.03 -1.50 -44.79
CA VAL E 320 -41.86 -2.23 -45.26
C VAL E 320 -40.57 -1.64 -44.73
N GLU E 321 -40.47 -0.31 -44.73
CA GLU E 321 -39.27 0.35 -44.25
C GLU E 321 -39.09 0.17 -42.75
N GLN E 322 -40.20 0.21 -42.00
CA GLN E 322 -40.11 0.06 -40.56
C GLN E 322 -39.75 -1.36 -40.16
N GLN E 323 -40.25 -2.35 -40.89
CA GLN E 323 -39.85 -3.70 -40.55
C GLN E 323 -38.45 -4.02 -41.04
N HIS E 324 -37.97 -3.32 -42.07
CA HIS E 324 -36.54 -3.36 -42.38
C HIS E 324 -35.72 -2.83 -41.22
N TYR E 325 -36.17 -1.73 -40.60
CA TYR E 325 -35.48 -1.18 -39.43
C TYR E 325 -35.52 -2.14 -38.24
N VAL E 326 -36.64 -2.85 -38.07
CA VAL E 326 -36.78 -3.80 -36.97
C VAL E 326 -35.82 -4.97 -37.15
N ILE E 327 -35.76 -5.53 -38.36
CA ILE E 327 -34.84 -6.64 -38.59
C ILE E 327 -33.39 -6.17 -38.60
N ALA E 328 -33.15 -4.90 -38.93
CA ALA E 328 -31.80 -4.35 -38.78
C ALA E 328 -31.40 -4.25 -37.31
N ASN E 329 -32.34 -3.94 -36.43
CA ASN E 329 -32.05 -3.98 -35.00
C ASN E 329 -31.83 -5.40 -34.50
N LEU E 330 -32.53 -6.38 -35.07
CA LEU E 330 -32.29 -7.77 -34.66
C LEU E 330 -30.94 -8.26 -35.13
N ILE E 331 -30.47 -7.79 -36.29
CA ILE E 331 -29.11 -8.07 -36.75
C ILE E 331 -28.10 -7.38 -35.85
N ARG E 332 -28.41 -6.16 -35.40
CA ARG E 332 -27.54 -5.43 -34.48
C ARG E 332 -27.41 -6.13 -33.14
N GLY E 333 -28.46 -6.81 -32.69
CA GLY E 333 -28.44 -7.45 -31.39
C GLY E 333 -28.90 -6.51 -30.29
N GLY E 334 -28.70 -6.94 -29.06
CA GLY E 334 -29.00 -6.11 -27.92
C GLY E 334 -29.61 -6.90 -26.79
N VAL E 335 -29.83 -6.21 -25.68
CA VAL E 335 -30.51 -6.78 -24.53
C VAL E 335 -31.88 -6.17 -24.39
N PHE E 336 -32.87 -6.78 -25.00
CA PHE E 336 -34.24 -6.29 -24.98
C PHE E 336 -35.01 -7.01 -23.88
N GLY E 337 -36.06 -6.39 -23.39
CA GLY E 337 -36.86 -7.01 -22.35
C GLY E 337 -36.85 -6.18 -21.08
N GLU E 338 -37.79 -6.48 -20.19
CA GLU E 338 -37.94 -5.74 -18.95
C GLU E 338 -36.92 -6.21 -17.92
N ALA E 339 -37.09 -5.77 -16.68
CA ALA E 339 -36.27 -6.24 -15.57
C ALA E 339 -37.09 -7.13 -14.64
N ILE F 5 -37.53 -49.60 6.66
CA ILE F 5 -38.46 -49.06 5.67
C ILE F 5 -37.66 -48.49 4.50
N LEU F 6 -36.35 -48.33 4.72
CA LEU F 6 -35.36 -47.88 3.73
C LEU F 6 -35.73 -46.50 3.18
N SER F 7 -35.68 -45.52 4.08
CA SER F 7 -35.89 -44.15 3.68
C SER F 7 -34.61 -43.58 3.07
N THR F 8 -34.73 -42.38 2.51
CA THR F 8 -33.60 -41.76 1.83
C THR F 8 -32.57 -41.25 2.81
N ALA F 9 -31.32 -41.17 2.38
CA ALA F 9 -30.27 -40.66 3.23
C ALA F 9 -30.34 -39.14 3.29
N SER F 10 -29.95 -38.58 4.43
CA SER F 10 -30.02 -37.13 4.58
C SER F 10 -28.93 -36.45 3.77
N VAL F 11 -27.74 -37.04 3.69
CA VAL F 11 -26.69 -36.49 2.84
C VAL F 11 -26.36 -37.49 1.75
N LEU F 12 -26.07 -36.96 0.57
CA LEU F 12 -25.63 -37.76 -0.57
C LEU F 12 -24.71 -36.85 -1.39
N ALA F 13 -23.42 -37.11 -1.33
CA ALA F 13 -22.45 -36.29 -2.04
C ALA F 13 -21.72 -37.18 -3.02
N PHE F 14 -21.97 -36.98 -4.30
CA PHE F 14 -21.30 -37.73 -5.34
C PHE F 14 -20.17 -36.88 -5.90
N GLU F 15 -18.97 -37.45 -5.95
CA GLU F 15 -17.86 -36.76 -6.56
C GLU F 15 -18.05 -36.67 -8.06
N ARG F 16 -17.56 -35.59 -8.64
CA ARG F 16 -17.74 -35.32 -10.06
C ARG F 16 -16.82 -36.23 -10.86
N LYS F 17 -17.42 -37.15 -11.61
CA LYS F 17 -16.68 -37.86 -12.64
C LYS F 17 -16.67 -37.00 -13.90
N LEU F 18 -15.86 -37.42 -14.88
CA LEU F 18 -15.54 -36.63 -16.07
C LEU F 18 -15.00 -35.25 -15.69
N ASP F 19 -13.85 -35.25 -15.03
CA ASP F 19 -13.20 -34.00 -14.67
C ASP F 19 -12.54 -33.36 -15.87
N PRO F 20 -12.98 -32.19 -16.31
CA PRO F 20 -12.24 -31.45 -17.32
C PRO F 20 -11.18 -30.57 -16.65
N SER F 21 -10.55 -29.74 -17.45
CA SER F 21 -9.65 -28.74 -16.94
C SER F 21 -10.03 -27.39 -17.52
N ASP F 22 -9.23 -26.38 -17.24
CA ASP F 22 -9.47 -25.06 -17.81
C ASP F 22 -9.05 -25.05 -19.27
N ALA F 23 -9.95 -24.64 -20.14
CA ALA F 23 -9.72 -24.71 -21.57
C ALA F 23 -8.89 -23.51 -22.00
N LEU F 24 -7.59 -23.72 -22.16
CA LEU F 24 -6.69 -22.68 -22.61
C LEU F 24 -6.89 -22.41 -24.09
N MET F 25 -7.11 -21.15 -24.45
CA MET F 25 -7.31 -20.81 -25.85
C MET F 25 -6.11 -20.03 -26.36
N SER F 26 -5.61 -20.43 -27.53
CA SER F 26 -4.49 -19.79 -28.18
C SER F 26 -4.84 -19.55 -29.65
N ALA F 27 -3.93 -18.90 -30.37
CA ALA F 27 -4.23 -18.40 -31.71
C ALA F 27 -3.16 -18.85 -32.68
N GLY F 28 -3.47 -18.68 -33.97
CA GLY F 28 -2.52 -19.05 -35.00
C GLY F 28 -3.22 -19.14 -36.34
N ALA F 29 -2.49 -19.62 -37.34
CA ALA F 29 -3.00 -19.76 -38.68
C ALA F 29 -3.34 -21.22 -38.96
N TRP F 30 -4.35 -21.43 -39.82
CA TRP F 30 -4.74 -22.77 -40.23
C TRP F 30 -3.66 -23.39 -41.12
N ALA F 31 -3.80 -24.70 -41.37
CA ALA F 31 -2.91 -25.57 -42.11
C ALA F 31 -1.54 -25.73 -41.46
N GLN F 32 -1.34 -25.21 -40.26
CA GLN F 32 -0.22 -25.57 -39.41
C GLN F 32 -0.74 -25.87 -38.01
N ARG F 33 -1.89 -26.54 -37.95
CA ARG F 33 -2.38 -27.12 -36.71
C ARG F 33 -1.50 -28.23 -36.20
N ASP F 34 -0.72 -28.86 -37.08
CA ASP F 34 0.21 -29.90 -36.67
C ASP F 34 1.39 -29.34 -35.89
N ALA F 35 1.72 -28.07 -36.07
CA ALA F 35 2.79 -27.43 -35.33
C ALA F 35 2.24 -26.48 -34.26
N SER F 36 1.05 -26.78 -33.75
CA SER F 36 0.37 -25.91 -32.81
C SER F 36 0.69 -26.25 -31.37
N GLN F 37 1.96 -26.26 -31.01
CA GLN F 37 2.35 -26.36 -29.61
C GLN F 37 3.09 -25.13 -29.12
N GLU F 38 3.62 -24.31 -30.02
CA GLU F 38 4.29 -23.07 -29.65
C GLU F 38 3.43 -21.86 -30.03
N TRP F 39 2.15 -22.10 -30.28
CA TRP F 39 1.24 -21.05 -30.71
C TRP F 39 1.06 -20.01 -29.60
N PRO F 40 1.07 -18.73 -29.94
CA PRO F 40 0.91 -17.69 -28.92
C PRO F 40 -0.50 -17.67 -28.37
N ALA F 41 -0.62 -17.33 -27.10
CA ALA F 41 -1.90 -17.42 -26.45
C ALA F 41 -2.73 -16.16 -26.70
N VAL F 42 -4.06 -16.32 -26.64
CA VAL F 42 -4.96 -15.20 -26.79
C VAL F 42 -5.01 -14.45 -25.48
N THR F 43 -4.49 -13.23 -25.45
CA THR F 43 -4.41 -12.43 -24.25
C THR F 43 -5.64 -11.54 -24.14
N VAL F 44 -6.10 -11.35 -22.91
CA VAL F 44 -7.28 -10.53 -22.66
C VAL F 44 -6.81 -9.08 -22.50
N ARG F 45 -7.34 -8.19 -23.31
CA ARG F 45 -7.03 -6.77 -23.20
C ARG F 45 -8.31 -5.97 -23.05
N GLU F 46 -8.16 -4.70 -22.71
CA GLU F 46 -9.27 -3.82 -22.42
C GLU F 46 -9.52 -2.89 -23.60
N LYS F 47 -10.77 -2.50 -23.77
CA LYS F 47 -11.11 -1.50 -24.75
C LYS F 47 -12.28 -0.69 -24.24
N SER F 48 -12.31 0.58 -24.62
CA SER F 48 -13.36 1.48 -24.20
C SER F 48 -14.55 1.37 -25.13
N VAL F 49 -15.75 1.29 -24.55
CA VAL F 49 -16.98 1.37 -25.32
C VAL F 49 -17.78 2.56 -24.82
N ARG F 50 -18.41 3.25 -25.76
CA ARG F 50 -19.38 4.29 -25.47
C ARG F 50 -20.70 3.87 -26.07
N GLY F 51 -21.74 3.84 -25.25
CA GLY F 51 -23.03 3.37 -25.68
C GLY F 51 -24.13 4.28 -25.18
N THR F 52 -25.05 4.58 -26.08
CA THR F 52 -26.26 5.29 -25.68
C THR F 52 -27.23 4.29 -25.08
N ILE F 53 -28.34 4.81 -24.56
CA ILE F 53 -29.33 3.95 -23.95
C ILE F 53 -30.12 3.24 -25.04
N SER F 54 -30.27 1.93 -24.88
CA SER F 54 -31.03 1.13 -25.82
C SER F 54 -31.92 0.10 -25.16
N ASN F 55 -32.01 0.10 -23.83
CA ASN F 55 -32.97 -0.74 -23.14
C ASN F 55 -34.33 -0.06 -23.10
N ARG F 56 -35.34 -0.82 -22.68
CA ARG F 56 -36.71 -0.33 -22.70
C ARG F 56 -36.93 0.73 -21.63
N LEU F 57 -37.97 1.53 -21.82
CA LEU F 57 -38.35 2.53 -20.84
C LEU F 57 -39.66 2.13 -20.18
N LYS F 58 -39.80 2.47 -18.90
CA LYS F 58 -40.91 1.99 -18.09
C LYS F 58 -42.08 2.98 -18.04
N THR F 59 -42.26 3.74 -19.13
CA THR F 59 -43.33 4.69 -19.51
C THR F 59 -43.29 5.99 -18.70
N LYS F 60 -42.45 6.07 -17.68
CA LYS F 60 -42.21 7.33 -17.00
C LYS F 60 -41.01 8.07 -17.57
N ASP F 61 -40.09 7.36 -18.22
CA ASP F 61 -38.90 7.94 -18.82
C ASP F 61 -39.11 8.27 -20.29
N ARG F 62 -40.36 8.20 -20.78
CA ARG F 62 -40.64 8.38 -22.19
C ARG F 62 -40.79 9.84 -22.60
N ASP F 63 -40.39 10.78 -21.75
CA ASP F 63 -40.35 12.17 -22.16
C ASP F 63 -39.23 12.37 -23.17
N PRO F 64 -39.46 13.17 -24.22
CA PRO F 64 -38.41 13.31 -25.26
C PRO F 64 -37.23 14.13 -24.81
N ALA F 65 -37.44 15.17 -24.00
CA ALA F 65 -36.34 15.97 -23.50
C ALA F 65 -35.50 15.18 -22.50
N LYS F 66 -36.16 14.34 -21.69
CA LYS F 66 -35.43 13.46 -20.78
C LYS F 66 -34.63 12.41 -21.54
N LEU F 67 -35.18 11.91 -22.65
CA LEU F 67 -34.48 10.92 -23.45
C LEU F 67 -33.26 11.52 -24.14
N ASP F 68 -33.40 12.73 -24.69
CA ASP F 68 -32.25 13.39 -25.32
C ASP F 68 -31.21 13.79 -24.29
N ALA F 69 -31.64 14.17 -23.09
CA ALA F 69 -30.69 14.48 -22.02
C ALA F 69 -29.98 13.23 -21.55
N SER F 70 -30.63 12.08 -21.63
CA SER F 70 -29.97 10.85 -21.21
C SER F 70 -29.09 10.27 -22.30
N ILE F 71 -29.33 10.62 -23.57
CA ILE F 71 -28.35 10.23 -24.60
C ILE F 71 -27.27 11.28 -24.78
N GLN F 72 -27.39 12.45 -24.16
CA GLN F 72 -26.30 13.41 -24.16
C GLN F 72 -25.20 13.04 -23.18
N SER F 73 -25.51 12.22 -22.17
CA SER F 73 -24.51 11.72 -21.24
C SER F 73 -24.42 10.20 -21.42
N PRO F 74 -23.67 9.71 -22.41
CA PRO F 74 -23.65 8.28 -22.66
C PRO F 74 -22.73 7.56 -21.69
N ASN F 75 -23.07 6.31 -21.41
CA ASN F 75 -22.32 5.55 -20.44
C ASN F 75 -21.05 5.02 -21.08
N LEU F 76 -19.96 5.10 -20.33
CA LEU F 76 -18.68 4.61 -20.81
C LEU F 76 -18.27 3.39 -20.01
N GLN F 77 -17.57 2.48 -20.65
CA GLN F 77 -17.04 1.31 -19.97
C GLN F 77 -15.63 1.06 -20.46
N THR F 78 -14.92 0.20 -19.76
CA THR F 78 -13.73 -0.45 -20.28
C THR F 78 -13.98 -1.94 -20.18
N VAL F 79 -14.37 -2.55 -21.28
CA VAL F 79 -14.73 -3.96 -21.29
C VAL F 79 -13.49 -4.78 -21.65
N ASP F 80 -13.39 -5.95 -21.06
CA ASP F 80 -12.33 -6.88 -21.42
C ASP F 80 -12.73 -7.67 -22.65
N VAL F 81 -11.91 -7.62 -23.69
CA VAL F 81 -12.15 -8.36 -24.92
C VAL F 81 -10.93 -9.22 -25.23
N ALA F 82 -11.16 -10.32 -25.92
CA ALA F 82 -10.11 -11.18 -26.41
C ALA F 82 -10.32 -11.36 -27.90
N ASN F 83 -9.38 -10.89 -28.70
CA ASN F 83 -9.44 -11.06 -30.14
C ASN F 83 -8.24 -11.85 -30.61
N LEU F 84 -8.41 -12.52 -31.74
CA LEU F 84 -7.27 -13.11 -32.42
C LEU F 84 -6.37 -12.00 -32.98
N PRO F 85 -5.10 -12.30 -33.22
CA PRO F 85 -4.26 -11.32 -33.91
C PRO F 85 -4.68 -11.15 -35.37
N SER F 86 -4.13 -10.13 -35.99
CA SER F 86 -4.46 -9.82 -37.38
C SER F 86 -3.86 -10.81 -38.37
N ASP F 87 -2.91 -11.64 -37.96
CA ASP F 87 -2.37 -12.67 -38.83
C ASP F 87 -2.71 -14.06 -38.32
N ALA F 88 -3.89 -14.23 -37.75
CA ALA F 88 -4.28 -15.51 -37.17
C ALA F 88 -5.77 -15.71 -37.39
N ASP F 89 -6.13 -16.88 -37.91
CA ASP F 89 -7.53 -17.20 -38.16
C ASP F 89 -7.95 -18.54 -37.57
N THR F 90 -7.26 -19.00 -36.52
CA THR F 90 -7.57 -20.28 -35.90
C THR F 90 -7.47 -20.15 -34.40
N LEU F 91 -8.51 -20.58 -33.69
CA LEU F 91 -8.54 -20.55 -32.24
C LEU F 91 -8.37 -21.96 -31.71
N LYS F 92 -7.26 -22.21 -31.02
CA LYS F 92 -6.94 -23.53 -30.50
C LYS F 92 -7.33 -23.59 -29.03
N VAL F 93 -8.42 -24.28 -28.73
CA VAL F 93 -8.87 -24.49 -27.36
C VAL F 93 -8.39 -25.86 -26.91
N ARG F 94 -7.59 -25.89 -25.85
CA ARG F 94 -6.91 -27.12 -25.43
C ARG F 94 -7.15 -27.36 -23.96
N PHE F 95 -7.71 -28.53 -23.64
CA PHE F 95 -7.95 -28.89 -22.26
C PHE F 95 -7.75 -30.39 -22.11
N THR F 96 -7.70 -30.84 -20.87
CA THR F 96 -7.62 -32.26 -20.56
C THR F 96 -8.91 -32.72 -19.92
N LEU F 97 -9.19 -34.01 -20.04
CA LEU F 97 -10.40 -34.60 -19.47
C LEU F 97 -10.03 -35.93 -18.85
N ARG F 98 -10.29 -36.06 -17.55
CA ARG F 98 -10.01 -37.28 -16.83
C ARG F 98 -11.32 -37.94 -16.43
N VAL F 99 -11.54 -39.15 -16.93
CA VAL F 99 -12.75 -39.91 -16.65
C VAL F 99 -12.41 -40.89 -15.53
N LEU F 100 -13.15 -40.81 -14.43
CA LEU F 100 -12.70 -41.43 -13.18
C LEU F 100 -13.27 -42.83 -13.00
N GLY F 101 -14.58 -42.95 -12.91
CA GLY F 101 -15.14 -44.26 -12.69
C GLY F 101 -15.47 -44.50 -11.23
N GLY F 102 -16.39 -45.43 -11.00
CA GLY F 102 -16.94 -45.61 -9.67
C GLY F 102 -18.11 -44.67 -9.47
N ALA F 103 -19.11 -44.76 -10.35
CA ALA F 103 -20.18 -43.79 -10.38
C ALA F 103 -21.17 -43.95 -9.25
N GLY F 104 -21.34 -45.16 -8.73
CA GLY F 104 -22.35 -45.40 -7.71
C GLY F 104 -21.99 -44.97 -6.30
N THR F 105 -20.73 -45.14 -5.90
CA THR F 105 -20.33 -44.86 -4.53
C THR F 105 -20.32 -43.36 -4.28
N PRO F 106 -21.05 -42.87 -3.28
CA PRO F 106 -20.97 -41.45 -2.95
C PRO F 106 -19.82 -41.17 -2.01
N SER F 107 -19.50 -39.89 -1.86
CA SER F 107 -18.49 -39.48 -0.91
C SER F 107 -19.03 -39.25 0.49
N ALA F 108 -20.34 -39.25 0.66
CA ALA F 108 -20.97 -39.05 1.97
C ALA F 108 -22.37 -39.62 1.93
N CYS F 109 -22.70 -40.50 2.87
CA CYS F 109 -24.01 -41.13 2.91
C CYS F 109 -24.28 -41.67 4.29
N ASN F 110 -25.28 -41.09 4.98
CA ASN F 110 -25.63 -41.47 6.34
C ASN F 110 -26.18 -42.88 6.43
N ASP F 111 -27.30 -43.13 5.77
CA ASP F 111 -28.01 -44.41 5.90
C ASP F 111 -27.25 -45.46 5.10
N ALA F 112 -26.63 -46.40 5.80
CA ALA F 112 -25.77 -47.36 5.13
C ALA F 112 -26.56 -48.40 4.35
N ALA F 113 -27.78 -48.69 4.78
CA ALA F 113 -28.64 -49.58 4.01
C ALA F 113 -29.08 -48.94 2.71
N TYR F 114 -29.31 -47.63 2.74
CA TYR F 114 -29.61 -46.90 1.50
C TYR F 114 -28.40 -46.87 0.59
N ARG F 115 -27.20 -46.78 1.16
CA ARG F 115 -25.98 -46.80 0.36
C ARG F 115 -25.79 -48.15 -0.31
N ASP F 116 -26.07 -49.24 0.42
CA ASP F 116 -25.97 -50.56 -0.17
C ASP F 116 -27.05 -50.78 -1.23
N LYS F 117 -28.23 -50.23 -1.01
CA LYS F 117 -29.30 -50.34 -2.01
C LYS F 117 -28.98 -49.56 -3.27
N LEU F 118 -28.39 -48.37 -3.12
CA LEU F 118 -28.01 -47.58 -4.28
C LEU F 118 -26.87 -48.23 -5.05
N LEU F 119 -25.92 -48.84 -4.34
CA LEU F 119 -24.84 -49.54 -5.02
C LEU F 119 -25.34 -50.78 -5.74
N GLN F 120 -26.29 -51.50 -5.13
CA GLN F 120 -26.91 -52.65 -5.79
C GLN F 120 -27.69 -52.22 -7.02
N THR F 121 -28.39 -51.08 -6.93
CA THR F 121 -29.14 -50.55 -8.06
C THR F 121 -28.24 -50.16 -9.22
N VAL F 122 -27.13 -49.47 -8.91
CA VAL F 122 -26.21 -49.02 -9.95
C VAL F 122 -25.49 -50.21 -10.57
N ALA F 123 -25.10 -51.20 -9.77
CA ALA F 123 -24.44 -52.38 -10.33
C ALA F 123 -25.41 -53.22 -11.15
N THR F 124 -26.69 -53.26 -10.77
CA THR F 124 -27.70 -53.94 -11.56
C THR F 124 -27.89 -53.24 -12.90
N TYR F 125 -27.88 -51.90 -12.90
CA TYR F 125 -27.97 -51.15 -14.14
C TYR F 125 -26.77 -51.42 -15.04
N VAL F 126 -25.57 -51.42 -14.46
CA VAL F 126 -24.35 -51.57 -15.25
C VAL F 126 -24.23 -52.97 -15.83
N ASN F 127 -24.59 -53.99 -15.04
CA ASN F 127 -24.61 -55.35 -15.57
C ASN F 127 -25.73 -55.54 -16.58
N ASP F 128 -26.82 -54.78 -16.43
CA ASP F 128 -27.86 -54.80 -17.45
C ASP F 128 -27.38 -54.11 -18.72
N GLN F 129 -27.01 -52.84 -18.63
CA GLN F 129 -26.44 -52.11 -19.76
C GLN F 129 -25.35 -51.19 -19.23
N GLY F 130 -24.14 -51.38 -19.72
CA GLY F 130 -23.01 -50.65 -19.21
C GLY F 130 -23.04 -49.18 -19.60
N PHE F 131 -21.97 -48.49 -19.24
CA PHE F 131 -21.84 -47.08 -19.66
C PHE F 131 -21.49 -47.05 -21.15
N ALA F 132 -22.50 -47.31 -21.97
CA ALA F 132 -22.31 -47.40 -23.40
C ALA F 132 -23.07 -46.33 -24.16
N GLU F 133 -24.34 -46.10 -23.82
CA GLU F 133 -25.06 -44.98 -24.42
C GLU F 133 -24.55 -43.66 -23.88
N LEU F 134 -24.29 -43.61 -22.57
CA LEU F 134 -23.76 -42.40 -21.95
C LEU F 134 -22.38 -42.06 -22.48
N ALA F 135 -21.52 -43.08 -22.62
CA ALA F 135 -20.18 -42.83 -23.13
C ALA F 135 -20.20 -42.44 -24.60
N ARG F 136 -21.14 -42.98 -25.37
CA ARG F 136 -21.31 -42.58 -26.75
C ARG F 136 -21.72 -41.12 -26.85
N ARG F 137 -22.61 -40.68 -25.98
CA ARG F 137 -23.04 -39.29 -26.04
C ARG F 137 -22.01 -38.32 -25.48
N TYR F 138 -21.26 -38.71 -24.44
CA TYR F 138 -20.13 -37.90 -23.99
C TYR F 138 -19.05 -37.81 -25.05
N ALA F 139 -18.83 -38.89 -25.79
CA ALA F 139 -17.85 -38.88 -26.87
C ALA F 139 -18.33 -38.02 -28.03
N HIS F 140 -19.65 -37.92 -28.22
CA HIS F 140 -20.17 -37.00 -29.23
C HIS F 140 -19.97 -35.55 -28.81
N ASN F 141 -20.22 -35.25 -27.53
CA ASN F 141 -19.99 -33.89 -27.05
C ASN F 141 -18.51 -33.54 -26.95
N LEU F 142 -17.63 -34.54 -26.95
CA LEU F 142 -16.22 -34.27 -27.18
C LEU F 142 -15.92 -34.13 -28.66
N ALA F 143 -16.65 -34.84 -29.50
CA ALA F 143 -16.35 -34.89 -30.92
C ALA F 143 -16.81 -33.63 -31.63
N ASN F 144 -18.11 -33.36 -31.62
CA ASN F 144 -18.57 -32.05 -32.05
C ASN F 144 -18.24 -31.07 -30.93
N ALA F 145 -17.51 -30.01 -31.27
CA ALA F 145 -16.92 -29.14 -30.27
C ALA F 145 -18.00 -28.23 -29.67
N ARG F 146 -18.84 -28.82 -28.83
CA ARG F 146 -19.82 -28.02 -28.11
C ARG F 146 -19.18 -27.25 -26.97
N PHE F 147 -17.99 -27.67 -26.53
CA PHE F 147 -17.28 -26.92 -25.51
C PHE F 147 -16.75 -25.60 -26.05
N LEU F 148 -16.54 -25.51 -27.36
CA LEU F 148 -16.44 -24.21 -28.01
C LEU F 148 -17.84 -23.63 -28.01
N TRP F 149 -18.12 -22.74 -27.06
CA TRP F 149 -19.51 -22.38 -26.81
C TRP F 149 -20.02 -21.36 -27.84
N ARG F 150 -19.44 -20.16 -27.85
CA ARG F 150 -19.77 -19.18 -28.87
C ARG F 150 -18.69 -19.10 -29.94
N ASN F 151 -17.55 -19.73 -29.72
CA ASN F 151 -16.49 -19.75 -30.72
C ASN F 151 -16.75 -20.74 -31.84
N ARG F 152 -17.93 -21.36 -31.87
CA ARG F 152 -18.30 -22.35 -32.87
C ARG F 152 -19.38 -21.85 -33.81
N VAL F 153 -20.20 -20.88 -33.37
CA VAL F 153 -21.46 -20.57 -34.04
C VAL F 153 -21.28 -19.91 -35.40
N GLY F 154 -20.09 -19.42 -35.72
CA GLY F 154 -19.88 -18.81 -37.02
C GLY F 154 -18.56 -19.23 -37.62
N ALA F 155 -18.06 -20.38 -37.21
CA ALA F 155 -16.76 -20.84 -37.65
C ALA F 155 -16.87 -21.54 -38.99
N GLU F 156 -15.78 -21.51 -39.75
CA GLU F 156 -15.79 -22.11 -41.08
C GLU F 156 -15.51 -23.61 -41.01
N ALA F 157 -14.51 -24.00 -40.24
CA ALA F 157 -14.19 -25.42 -40.09
C ALA F 157 -13.71 -25.66 -38.67
N VAL F 158 -14.39 -26.54 -37.95
CA VAL F 158 -14.05 -26.88 -36.57
C VAL F 158 -13.51 -28.30 -36.55
N GLU F 159 -12.32 -28.49 -36.00
CA GLU F 159 -11.65 -29.77 -36.01
C GLU F 159 -11.16 -30.11 -34.62
N VAL F 160 -11.50 -31.30 -34.13
CA VAL F 160 -11.20 -31.72 -32.77
C VAL F 160 -10.21 -32.87 -32.81
N ARG F 161 -9.13 -32.75 -32.04
CA ARG F 161 -8.15 -33.81 -31.88
C ARG F 161 -8.16 -34.27 -30.43
N ILE F 162 -8.36 -35.55 -30.21
CA ILE F 162 -8.44 -36.14 -28.88
C ILE F 162 -7.39 -37.23 -28.78
N ASN F 163 -6.54 -37.15 -27.76
CA ASN F 163 -5.46 -38.11 -27.57
C ASN F 163 -5.62 -38.81 -26.23
N HIS F 164 -5.67 -40.13 -26.25
CA HIS F 164 -5.56 -40.91 -25.03
C HIS F 164 -4.13 -40.83 -24.54
N ILE F 165 -3.95 -40.48 -23.28
CA ILE F 165 -2.61 -40.28 -22.72
C ILE F 165 -2.30 -41.42 -21.76
N ARG F 166 -1.37 -42.27 -22.18
CA ARG F 166 -0.79 -43.31 -21.36
C ARG F 166 0.46 -42.71 -20.72
N GLN F 167 1.38 -43.54 -20.22
CA GLN F 167 2.50 -43.25 -19.32
C GLN F 167 3.25 -41.94 -19.55
N GLY F 168 3.49 -41.57 -20.80
CA GLY F 168 3.97 -40.22 -21.04
C GLY F 168 3.50 -39.57 -22.32
N GLU F 169 2.73 -40.30 -23.13
CA GLU F 169 2.57 -39.93 -24.52
C GLU F 169 1.19 -40.33 -25.01
N VAL F 170 0.96 -40.12 -26.30
CA VAL F 170 -0.32 -40.49 -26.92
C VAL F 170 -0.37 -42.00 -27.06
N ALA F 171 -1.51 -42.59 -26.69
CA ALA F 171 -1.70 -44.02 -26.88
C ALA F 171 -2.62 -44.32 -28.03
N ARG F 172 -3.59 -43.45 -28.28
CA ARG F 172 -4.49 -43.59 -29.42
C ARG F 172 -5.05 -42.21 -29.73
N ALA F 173 -4.77 -41.70 -30.93
CA ALA F 173 -5.14 -40.35 -31.31
C ALA F 173 -6.33 -40.39 -32.25
N TRP F 174 -7.28 -39.49 -32.02
CA TRP F 174 -8.44 -39.35 -32.87
C TRP F 174 -8.42 -38.01 -33.58
N ARG F 175 -9.31 -37.86 -34.56
CA ARG F 175 -9.44 -36.63 -35.31
C ARG F 175 -10.84 -36.58 -35.88
N PHE F 176 -11.59 -35.54 -35.53
CA PHE F 176 -12.96 -35.40 -35.98
C PHE F 176 -13.15 -34.08 -36.71
N ASP F 177 -14.14 -34.06 -37.58
CA ASP F 177 -14.66 -32.81 -38.15
C ASP F 177 -15.92 -32.47 -37.37
N ALA F 178 -15.84 -31.44 -36.55
CA ALA F 178 -16.90 -31.17 -35.60
C ALA F 178 -18.15 -30.55 -36.23
N LEU F 179 -18.09 -30.15 -37.50
CA LEU F 179 -19.27 -29.66 -38.18
C LEU F 179 -20.04 -30.74 -38.91
N ALA F 180 -19.39 -31.85 -39.26
CA ALA F 180 -20.12 -32.98 -39.82
C ALA F 180 -20.95 -33.68 -38.76
N ILE F 181 -20.47 -33.71 -37.53
CA ILE F 181 -21.23 -34.23 -36.40
C ILE F 181 -22.10 -33.10 -35.87
N GLY F 182 -23.41 -33.25 -35.95
CA GLY F 182 -24.31 -32.20 -35.55
C GLY F 182 -24.38 -32.04 -34.05
N LEU F 183 -25.09 -31.01 -33.62
CA LEU F 183 -25.29 -30.75 -32.22
C LEU F 183 -26.55 -31.40 -31.66
N ARG F 184 -27.25 -32.21 -32.46
CA ARG F 184 -28.47 -32.82 -31.95
C ARG F 184 -28.66 -34.28 -32.30
N ASP F 185 -27.89 -34.86 -33.23
CA ASP F 185 -28.07 -36.23 -33.63
C ASP F 185 -26.90 -37.07 -33.14
N PHE F 186 -27.19 -38.01 -32.25
CA PHE F 186 -26.17 -38.91 -31.70
C PHE F 186 -26.13 -40.17 -32.57
N LYS F 187 -25.55 -40.02 -33.75
CA LYS F 187 -25.46 -41.11 -34.71
C LYS F 187 -24.27 -42.00 -34.38
N ALA F 188 -23.92 -42.90 -35.29
CA ALA F 188 -22.86 -43.88 -35.08
C ALA F 188 -21.68 -43.56 -35.98
N ASP F 189 -20.49 -43.99 -35.55
CA ASP F 189 -19.26 -43.82 -36.30
C ASP F 189 -18.29 -44.88 -35.80
N ALA F 190 -17.25 -45.15 -36.60
CA ALA F 190 -16.23 -46.10 -36.19
C ALA F 190 -15.27 -45.52 -35.16
N GLU F 191 -14.81 -44.28 -35.38
CA GLU F 191 -13.91 -43.65 -34.43
C GLU F 191 -14.64 -43.23 -33.15
N LEU F 192 -15.89 -42.80 -33.29
CA LEU F 192 -16.68 -42.40 -32.13
C LEU F 192 -17.00 -43.61 -31.26
N ASP F 193 -17.12 -44.79 -31.85
CA ASP F 193 -17.31 -45.99 -31.05
C ASP F 193 -16.04 -46.38 -30.31
N ALA F 194 -14.87 -46.11 -30.90
CA ALA F 194 -13.62 -46.37 -30.18
C ALA F 194 -13.45 -45.41 -29.01
N LEU F 195 -13.80 -44.14 -29.22
CA LEU F 195 -13.77 -43.17 -28.12
C LEU F 195 -14.81 -43.49 -27.07
N ALA F 196 -15.98 -43.98 -27.49
CA ALA F 196 -17.01 -44.39 -26.55
C ALA F 196 -16.59 -45.61 -25.74
N GLU F 197 -15.86 -46.53 -26.37
CA GLU F 197 -15.35 -47.68 -25.63
C GLU F 197 -14.26 -47.27 -24.65
N LEU F 198 -13.47 -46.25 -24.98
CA LEU F 198 -12.48 -45.76 -24.03
C LEU F 198 -13.14 -45.06 -22.84
N ILE F 199 -14.13 -44.21 -23.09
CA ILE F 199 -14.85 -43.55 -22.00
C ILE F 199 -15.67 -44.58 -21.21
N ALA F 200 -16.13 -45.65 -21.85
CA ALA F 200 -16.79 -46.73 -21.15
C ALA F 200 -15.84 -47.46 -20.21
N SER F 201 -14.61 -47.70 -20.66
CA SER F 201 -13.63 -48.32 -19.78
C SER F 201 -13.20 -47.38 -18.66
N GLY F 202 -13.29 -46.07 -18.89
CA GLY F 202 -12.97 -45.13 -17.83
C GLY F 202 -14.05 -45.04 -16.77
N LEU F 203 -15.32 -44.95 -17.21
CA LEU F 203 -16.42 -44.77 -16.27
C LEU F 203 -16.72 -46.04 -15.47
N SER F 204 -16.29 -47.19 -15.97
CA SER F 204 -16.46 -48.43 -15.22
C SER F 204 -15.35 -48.69 -14.23
N GLY F 205 -14.28 -47.89 -14.27
CA GLY F 205 -13.16 -48.08 -13.38
C GLY F 205 -12.18 -49.14 -13.81
N SER F 206 -12.34 -49.70 -15.00
CA SER F 206 -11.47 -50.75 -15.50
C SER F 206 -10.27 -50.22 -16.26
N GLY F 207 -9.85 -48.98 -15.99
CA GLY F 207 -8.69 -48.41 -16.65
C GLY F 207 -8.60 -46.92 -16.44
N HIS F 208 -7.40 -46.37 -16.47
CA HIS F 208 -7.23 -44.94 -16.28
C HIS F 208 -7.36 -44.24 -17.62
N VAL F 209 -8.30 -43.31 -17.73
CA VAL F 209 -8.54 -42.57 -18.96
C VAL F 209 -8.19 -41.11 -18.71
N LEU F 210 -7.26 -40.59 -19.52
CA LEU F 210 -6.90 -39.18 -19.51
C LEU F 210 -6.80 -38.72 -20.95
N LEU F 211 -7.72 -37.86 -21.36
CA LEU F 211 -7.79 -37.40 -22.73
C LEU F 211 -7.38 -35.95 -22.83
N GLU F 212 -6.39 -35.67 -23.66
CA GLU F 212 -6.06 -34.31 -24.06
C GLU F 212 -6.94 -33.97 -25.25
N VAL F 213 -7.78 -32.96 -25.11
CA VAL F 213 -8.74 -32.58 -26.13
C VAL F 213 -8.38 -31.22 -26.68
N VAL F 214 -8.16 -31.15 -27.98
CA VAL F 214 -7.82 -29.93 -28.70
C VAL F 214 -8.94 -29.66 -29.68
N ALA F 215 -9.28 -28.39 -29.91
CA ALA F 215 -10.27 -28.05 -30.91
C ALA F 215 -9.91 -26.75 -31.59
N PHE F 216 -9.80 -26.79 -32.92
CA PHE F 216 -9.47 -25.63 -33.72
C PHE F 216 -10.72 -25.06 -34.35
N ALA F 217 -10.70 -23.79 -34.69
CA ALA F 217 -11.86 -23.15 -35.29
C ALA F 217 -11.42 -22.02 -36.22
N ARG F 218 -11.81 -22.11 -37.48
CA ARG F 218 -11.57 -21.04 -38.44
C ARG F 218 -12.56 -19.92 -38.16
N ILE F 219 -12.10 -18.88 -37.47
CA ILE F 219 -12.95 -17.76 -37.15
C ILE F 219 -12.66 -16.57 -38.06
N GLY F 220 -11.40 -16.33 -38.37
CA GLY F 220 -11.04 -15.25 -39.26
C GLY F 220 -9.89 -14.43 -38.70
N ASP F 221 -9.35 -13.53 -39.51
CA ASP F 221 -8.22 -12.71 -39.08
C ASP F 221 -8.70 -11.63 -38.12
N GLY F 222 -8.26 -11.70 -36.87
CA GLY F 222 -8.57 -10.65 -35.94
C GLY F 222 -9.97 -10.67 -35.36
N GLN F 223 -10.70 -11.76 -35.54
CA GLN F 223 -12.06 -11.86 -35.04
C GLN F 223 -12.09 -12.00 -33.53
N GLU F 224 -13.29 -11.93 -32.98
CA GLU F 224 -13.47 -11.97 -31.54
C GLU F 224 -13.66 -13.40 -31.07
N VAL F 225 -12.86 -13.82 -30.11
CA VAL F 225 -13.05 -15.09 -29.45
C VAL F 225 -13.62 -14.82 -28.07
N PHE F 226 -14.35 -15.78 -27.54
CA PHE F 226 -15.19 -15.56 -26.37
C PHE F 226 -14.81 -16.53 -25.26
N PRO F 227 -13.91 -16.13 -24.36
CA PRO F 227 -13.67 -16.91 -23.16
C PRO F 227 -14.79 -16.70 -22.15
N SER F 228 -14.77 -17.51 -21.11
CA SER F 228 -15.77 -17.42 -20.07
C SER F 228 -15.55 -16.17 -19.24
N GLN F 229 -16.59 -15.76 -18.53
CA GLN F 229 -16.69 -14.41 -18.02
C GLN F 229 -16.76 -14.40 -16.49
N GLU F 230 -15.86 -13.65 -15.88
CA GLU F 230 -15.84 -13.51 -14.44
C GLU F 230 -16.88 -12.49 -13.99
N LEU F 231 -17.04 -12.37 -12.68
CA LEU F 231 -17.96 -11.39 -12.12
C LEU F 231 -17.17 -10.22 -11.54
N ILE F 232 -17.82 -9.06 -11.54
CA ILE F 232 -17.17 -7.81 -11.23
C ILE F 232 -17.37 -7.50 -9.75
N LEU F 233 -16.30 -7.05 -9.10
CA LEU F 233 -16.34 -6.65 -7.69
C LEU F 233 -17.23 -5.45 -7.45
N ASP F 234 -17.37 -4.60 -8.48
CA ASP F 234 -18.13 -3.33 -8.53
C ASP F 234 -17.92 -2.47 -7.27
N LYS F 235 -16.65 -2.10 -7.10
CA LYS F 235 -16.25 -1.08 -6.14
C LYS F 235 -15.81 0.21 -6.82
N GLY F 236 -16.19 0.45 -8.07
CA GLY F 236 -15.69 1.60 -8.80
C GLY F 236 -16.77 2.54 -9.31
N ASP F 237 -16.33 3.51 -10.12
CA ASP F 237 -17.22 4.51 -10.67
C ASP F 237 -17.88 4.02 -11.96
N LYS F 238 -18.53 4.94 -12.67
CA LYS F 238 -19.22 4.64 -13.91
C LYS F 238 -18.36 4.90 -15.14
N LYS F 239 -17.38 5.81 -15.05
CA LYS F 239 -16.58 6.18 -16.21
C LYS F 239 -15.52 5.13 -16.54
N GLY F 240 -14.79 4.64 -15.55
CA GLY F 240 -13.83 3.56 -15.73
C GLY F 240 -14.39 2.26 -15.22
N GLN F 241 -15.65 1.97 -15.60
CA GLN F 241 -16.53 1.07 -14.87
C GLN F 241 -16.02 -0.37 -14.80
N LYS F 242 -15.37 -0.86 -15.86
CA LYS F 242 -14.98 -2.26 -16.03
C LYS F 242 -16.20 -3.18 -15.89
N SER F 243 -17.11 -3.02 -16.85
CA SER F 243 -18.35 -3.78 -16.82
C SER F 243 -18.19 -5.21 -17.32
N LYS F 244 -17.06 -5.54 -17.95
CA LYS F 244 -16.83 -6.90 -18.39
C LYS F 244 -15.40 -7.29 -18.07
N THR F 245 -15.24 -8.42 -17.40
CA THR F 245 -13.94 -9.02 -17.18
C THR F 245 -13.99 -10.48 -17.63
N LEU F 246 -12.88 -10.94 -18.19
CA LEU F 246 -12.82 -12.26 -18.79
C LEU F 246 -11.88 -13.16 -18.00
N TYR F 247 -12.13 -14.45 -18.06
CA TYR F 247 -11.33 -15.41 -17.33
C TYR F 247 -9.99 -15.58 -18.03
N SER F 248 -8.92 -15.52 -17.26
CA SER F 248 -7.59 -15.73 -17.79
C SER F 248 -6.73 -16.38 -16.72
N VAL F 249 -6.04 -17.46 -17.07
CA VAL F 249 -5.32 -18.22 -16.06
C VAL F 249 -3.95 -17.61 -15.80
N ARG F 250 -3.10 -17.50 -16.82
CA ARG F 250 -1.84 -16.77 -16.66
C ARG F 250 -1.57 -16.04 -17.98
N ASP F 251 -2.10 -14.82 -18.08
CA ASP F 251 -1.99 -13.95 -19.26
C ASP F 251 -2.47 -14.66 -20.53
N ALA F 252 -3.54 -15.45 -20.39
CA ALA F 252 -4.02 -16.28 -21.49
C ALA F 252 -5.48 -16.58 -21.22
N ALA F 253 -6.36 -16.26 -22.17
CA ALA F 253 -7.79 -16.39 -21.96
C ALA F 253 -8.18 -17.84 -21.82
N ALA F 254 -9.32 -18.07 -21.18
CA ALA F 254 -9.73 -19.44 -20.88
C ALA F 254 -11.22 -19.51 -20.66
N ILE F 255 -11.79 -20.65 -20.99
CA ILE F 255 -13.14 -21.00 -20.62
C ILE F 255 -13.06 -21.75 -19.30
N HIS F 256 -14.06 -21.56 -18.43
CA HIS F 256 -14.07 -22.22 -17.14
C HIS F 256 -14.17 -23.73 -17.31
N SER F 257 -13.76 -24.45 -16.27
CA SER F 257 -13.83 -25.90 -16.34
C SER F 257 -15.26 -26.39 -16.26
N GLN F 258 -16.10 -25.72 -15.47
CA GLN F 258 -17.49 -26.14 -15.38
C GLN F 258 -18.28 -25.82 -16.64
N LYS F 259 -17.84 -24.86 -17.45
CA LYS F 259 -18.52 -24.60 -18.71
C LYS F 259 -18.26 -25.70 -19.71
N ILE F 260 -17.00 -26.15 -19.78
CA ILE F 260 -16.65 -27.31 -20.60
C ILE F 260 -17.36 -28.55 -20.12
N GLY F 261 -17.42 -28.75 -18.80
CA GLY F 261 -18.12 -29.90 -18.26
C GLY F 261 -19.61 -29.84 -18.46
N ASN F 262 -20.18 -28.63 -18.53
CA ASN F 262 -21.58 -28.50 -18.87
C ASN F 262 -21.82 -28.84 -20.33
N ALA F 263 -20.89 -28.47 -21.21
CA ALA F 263 -21.05 -28.79 -22.62
C ALA F 263 -20.86 -30.27 -22.90
N LEU F 264 -20.02 -30.94 -22.11
CA LEU F 264 -19.94 -32.39 -22.23
C LEU F 264 -21.18 -33.08 -21.67
N ARG F 265 -21.90 -32.42 -20.78
CA ARG F 265 -23.07 -33.05 -20.17
C ARG F 265 -24.35 -32.83 -20.97
N THR F 266 -24.29 -32.23 -22.15
CA THR F 266 -25.49 -32.05 -22.97
C THR F 266 -25.77 -33.36 -23.72
N ILE F 267 -26.22 -34.34 -22.96
CA ILE F 267 -26.61 -35.63 -23.53
C ILE F 267 -28.09 -35.93 -23.32
N ASP F 268 -28.82 -35.05 -22.65
CA ASP F 268 -30.18 -35.32 -22.21
C ASP F 268 -31.15 -35.03 -23.35
N THR F 269 -31.50 -36.07 -24.10
CA THR F 269 -32.52 -36.00 -25.13
C THR F 269 -33.80 -36.69 -24.72
N TRP F 270 -33.98 -36.98 -23.43
CA TRP F 270 -35.11 -37.77 -22.96
C TRP F 270 -36.09 -36.97 -22.09
N TYR F 271 -36.00 -35.65 -22.13
CA TYR F 271 -36.90 -34.85 -21.31
C TYR F 271 -38.30 -34.84 -21.94
N PRO F 272 -39.36 -34.83 -21.11
CA PRO F 272 -40.70 -35.15 -21.61
C PRO F 272 -41.33 -34.13 -22.53
N ASP F 273 -40.75 -32.96 -22.71
CA ASP F 273 -41.33 -31.97 -23.63
C ASP F 273 -40.89 -32.31 -25.05
N GLU F 274 -41.14 -31.40 -25.99
CA GLU F 274 -40.80 -31.66 -27.39
C GLU F 274 -39.29 -31.69 -27.58
N ASP F 275 -38.84 -32.56 -28.48
CA ASP F 275 -37.43 -32.75 -28.72
C ASP F 275 -36.94 -32.02 -29.96
N GLY F 276 -37.69 -31.04 -30.44
CA GLY F 276 -37.22 -30.17 -31.51
C GLY F 276 -36.17 -29.17 -31.10
N LEU F 277 -35.91 -29.03 -29.79
CA LEU F 277 -34.85 -28.17 -29.32
C LEU F 277 -33.50 -28.88 -29.25
N GLY F 278 -33.49 -30.19 -29.07
CA GLY F 278 -32.25 -30.94 -28.99
C GLY F 278 -31.86 -31.26 -27.57
N PRO F 279 -30.63 -31.71 -27.36
CA PRO F 279 -30.19 -32.09 -26.02
C PRO F 279 -29.96 -30.90 -25.11
N ILE F 280 -30.33 -31.09 -23.85
CA ILE F 280 -30.02 -30.16 -22.77
C ILE F 280 -29.02 -30.82 -21.85
N ALA F 281 -28.56 -30.06 -20.87
CA ALA F 281 -27.58 -30.58 -19.94
C ALA F 281 -28.26 -31.43 -18.88
N VAL F 282 -27.59 -32.51 -18.48
CA VAL F 282 -28.12 -33.40 -17.47
C VAL F 282 -28.01 -32.71 -16.12
N GLU F 283 -29.13 -32.21 -15.62
CA GLU F 283 -29.25 -31.60 -14.32
C GLU F 283 -30.52 -32.10 -13.66
N PRO F 284 -30.55 -32.17 -12.33
CA PRO F 284 -31.82 -32.46 -11.66
C PRO F 284 -32.75 -31.28 -11.84
N TYR F 285 -34.04 -31.59 -12.06
CA TYR F 285 -35.06 -30.66 -12.51
C TYR F 285 -34.59 -29.92 -13.77
N GLY F 286 -34.42 -30.71 -14.84
CA GLY F 286 -33.52 -30.39 -15.93
C GLY F 286 -33.67 -29.04 -16.58
N SER F 287 -32.71 -28.17 -16.31
CA SER F 287 -32.90 -26.73 -16.41
C SER F 287 -31.96 -26.13 -17.43
N VAL F 288 -32.48 -25.18 -18.20
CA VAL F 288 -31.66 -24.31 -19.03
C VAL F 288 -31.89 -22.87 -18.58
N THR F 289 -30.89 -22.28 -17.96
CA THR F 289 -31.03 -20.94 -17.41
C THR F 289 -30.99 -19.86 -18.46
N SER F 290 -30.51 -20.17 -19.67
CA SER F 290 -30.62 -19.20 -20.76
C SER F 290 -32.06 -19.07 -21.21
N GLN F 291 -32.77 -20.18 -21.30
CA GLN F 291 -34.17 -20.16 -21.70
C GLN F 291 -35.09 -19.98 -20.49
N GLY F 292 -34.57 -20.11 -19.28
CA GLY F 292 -35.35 -19.84 -18.09
C GLY F 292 -36.40 -20.87 -17.77
N LYS F 293 -36.36 -22.03 -18.42
CA LYS F 293 -37.37 -23.05 -18.26
C LYS F 293 -36.80 -24.20 -17.45
N ALA F 294 -37.68 -25.10 -17.04
CA ALA F 294 -37.31 -26.36 -16.39
C ALA F 294 -38.07 -27.47 -17.10
N TYR F 295 -37.38 -28.20 -17.97
CA TYR F 295 -37.88 -29.51 -18.32
C TYR F 295 -37.67 -30.44 -17.13
N ARG F 296 -38.45 -31.52 -17.10
CA ARG F 296 -38.51 -32.47 -15.99
C ARG F 296 -38.87 -31.77 -14.67
N GLN F 297 -39.99 -31.05 -14.70
CA GLN F 297 -40.54 -30.48 -13.50
C GLN F 297 -41.04 -31.57 -12.56
N PRO F 298 -41.03 -31.34 -11.25
CA PRO F 298 -41.48 -32.37 -10.31
C PRO F 298 -42.98 -32.62 -10.31
N LYS F 299 -43.79 -31.82 -11.01
CA LYS F 299 -45.20 -32.19 -11.17
C LYS F 299 -45.33 -33.43 -12.04
N GLN F 300 -44.57 -33.48 -13.13
CA GLN F 300 -44.35 -34.73 -13.83
C GLN F 300 -43.39 -35.59 -13.03
N LYS F 301 -43.46 -36.89 -13.23
CA LYS F 301 -42.61 -37.80 -12.45
C LYS F 301 -41.31 -38.10 -13.17
N LEU F 302 -40.60 -37.08 -13.63
CA LEU F 302 -39.42 -37.32 -14.44
C LEU F 302 -38.20 -36.49 -14.06
N ASP F 303 -38.15 -35.92 -12.86
CA ASP F 303 -36.92 -35.28 -12.43
C ASP F 303 -35.91 -36.33 -11.99
N PHE F 304 -34.78 -35.88 -11.46
CA PHE F 304 -33.79 -36.84 -10.96
C PHE F 304 -34.24 -37.45 -9.65
N TYR F 305 -34.92 -36.67 -8.82
CA TYR F 305 -35.17 -37.09 -7.44
C TYR F 305 -36.28 -38.12 -7.34
N THR F 306 -37.41 -37.90 -8.03
CA THR F 306 -38.48 -38.90 -7.97
C THR F 306 -38.09 -40.16 -8.71
N LEU F 307 -37.28 -40.05 -9.77
CA LEU F 307 -36.80 -41.23 -10.46
C LEU F 307 -35.85 -42.05 -9.59
N LEU F 308 -34.94 -41.37 -8.87
CA LEU F 308 -34.02 -42.09 -7.99
C LEU F 308 -34.75 -42.68 -6.79
N ASP F 309 -35.74 -41.95 -6.26
CA ASP F 309 -36.50 -42.46 -5.13
C ASP F 309 -37.45 -43.59 -5.51
N ASN F 310 -37.90 -43.65 -6.76
CA ASN F 310 -38.66 -44.81 -7.19
C ASN F 310 -37.77 -45.98 -7.56
N TRP F 311 -36.56 -45.71 -8.03
CA TRP F 311 -35.67 -46.78 -8.45
C TRP F 311 -34.99 -47.46 -7.27
N VAL F 312 -34.66 -46.70 -6.23
CA VAL F 312 -33.85 -47.23 -5.13
C VAL F 312 -34.71 -47.66 -3.94
N LEU F 313 -35.60 -46.77 -3.49
CA LEU F 313 -36.37 -47.05 -2.28
C LEU F 313 -37.40 -48.14 -2.50
N ARG F 314 -38.34 -47.92 -3.43
CA ARG F 314 -39.45 -48.82 -3.65
C ARG F 314 -39.34 -49.59 -4.95
N ASP F 315 -38.18 -49.55 -5.61
CA ASP F 315 -37.78 -50.46 -6.68
C ASP F 315 -38.66 -50.38 -7.92
N GLU F 316 -39.28 -49.23 -8.19
CA GLU F 316 -39.90 -49.02 -9.51
C GLU F 316 -38.79 -48.59 -10.46
N ALA F 317 -38.25 -49.55 -11.20
CA ALA F 317 -37.23 -49.23 -12.18
C ALA F 317 -37.85 -48.46 -13.34
N PRO F 318 -37.26 -47.36 -13.77
CA PRO F 318 -37.83 -46.58 -14.86
C PRO F 318 -37.55 -47.18 -16.22
N ALA F 319 -37.89 -46.45 -17.27
CA ALA F 319 -37.45 -46.82 -18.61
C ALA F 319 -35.94 -46.72 -18.73
N VAL F 320 -35.40 -47.29 -19.81
CA VAL F 320 -33.95 -47.32 -19.97
C VAL F 320 -33.40 -45.92 -20.26
N GLU F 321 -34.23 -45.06 -20.87
CA GLU F 321 -33.83 -43.69 -21.13
C GLU F 321 -33.76 -42.87 -19.84
N GLN F 322 -34.75 -43.04 -18.96
CA GLN F 322 -34.74 -42.27 -17.72
C GLN F 322 -33.69 -42.79 -16.75
N GLN F 323 -33.38 -44.08 -16.80
CA GLN F 323 -32.29 -44.55 -15.94
C GLN F 323 -30.93 -44.21 -16.53
N HIS F 324 -30.83 -44.05 -17.85
CA HIS F 324 -29.66 -43.40 -18.44
C HIS F 324 -29.49 -41.99 -17.89
N TYR F 325 -30.60 -41.26 -17.77
CA TYR F 325 -30.53 -39.90 -17.24
C TYR F 325 -30.15 -39.88 -15.77
N VAL F 326 -30.63 -40.86 -15.00
CA VAL F 326 -30.32 -40.92 -13.58
C VAL F 326 -28.85 -41.23 -13.36
N ILE F 327 -28.30 -42.19 -14.11
CA ILE F 327 -26.88 -42.51 -13.94
C ILE F 327 -26.00 -41.42 -14.55
N ALA F 328 -26.52 -40.67 -15.53
CA ALA F 328 -25.80 -39.48 -15.98
C ALA F 328 -25.74 -38.42 -14.90
N ASN F 329 -26.80 -38.29 -14.10
CA ASN F 329 -26.74 -37.36 -12.98
C ASN F 329 -25.83 -37.86 -11.86
N LEU F 330 -25.72 -39.17 -11.68
CA LEU F 330 -24.79 -39.68 -10.68
C LEU F 330 -23.34 -39.52 -11.13
N ILE F 331 -23.09 -39.63 -12.43
CA ILE F 331 -21.76 -39.33 -12.98
C ILE F 331 -21.46 -37.85 -12.86
N ARG F 332 -22.48 -37.01 -13.02
CA ARG F 332 -22.34 -35.56 -12.91
C ARG F 332 -21.91 -35.13 -11.52
N GLY F 333 -22.35 -35.83 -10.49
CA GLY F 333 -22.04 -35.44 -9.13
C GLY F 333 -23.13 -34.57 -8.56
N GLY F 334 -22.95 -34.15 -7.32
CA GLY F 334 -23.84 -33.17 -6.74
C GLY F 334 -24.08 -33.40 -5.27
N VAL F 335 -24.66 -32.39 -4.65
CA VAL F 335 -25.08 -32.47 -3.26
C VAL F 335 -26.57 -32.76 -3.24
N PHE F 336 -26.94 -34.03 -3.21
CA PHE F 336 -28.32 -34.45 -3.11
C PHE F 336 -28.62 -34.74 -1.64
N GLY F 337 -29.85 -34.51 -1.24
CA GLY F 337 -30.25 -34.84 0.11
C GLY F 337 -30.77 -33.64 0.87
N GLU F 338 -31.65 -33.90 1.83
CA GLU F 338 -32.33 -32.87 2.59
C GLU F 338 -31.47 -32.45 3.78
N ALA F 339 -32.05 -31.71 4.71
CA ALA F 339 -31.34 -31.29 5.90
C ALA F 339 -32.11 -31.67 7.17
N ILE G 5 -9.99 -47.22 45.32
CA ILE G 5 -11.06 -47.69 44.45
C ILE G 5 -10.65 -47.41 43.01
N LEU G 6 -9.73 -46.45 42.85
CA LEU G 6 -9.10 -46.09 41.57
C LEU G 6 -10.13 -45.66 40.54
N SER G 7 -10.76 -44.52 40.82
CA SER G 7 -11.63 -43.91 39.82
C SER G 7 -10.80 -43.20 38.76
N THR G 8 -11.47 -42.82 37.68
CA THR G 8 -10.78 -42.22 36.54
C THR G 8 -10.50 -40.75 36.82
N ALA G 9 -9.36 -40.26 36.31
CA ALA G 9 -8.93 -38.90 36.56
C ALA G 9 -9.86 -37.90 35.89
N SER G 10 -9.91 -36.69 36.45
CA SER G 10 -10.82 -35.68 35.93
C SER G 10 -10.17 -34.84 34.83
N VAL G 11 -8.85 -34.92 34.68
CA VAL G 11 -8.17 -34.47 33.48
C VAL G 11 -7.26 -35.58 32.99
N LEU G 12 -7.35 -35.86 31.69
CA LEU G 12 -6.40 -36.74 31.04
C LEU G 12 -6.08 -36.12 29.69
N ALA G 13 -4.97 -35.40 29.62
CA ALA G 13 -4.56 -34.75 28.38
C ALA G 13 -3.39 -35.52 27.82
N PHE G 14 -3.59 -36.15 26.67
CA PHE G 14 -2.54 -36.91 26.01
C PHE G 14 -2.00 -36.08 24.85
N GLU G 15 -0.67 -36.00 24.75
CA GLU G 15 -0.04 -35.27 23.68
C GLU G 15 -0.23 -36.00 22.36
N ARG G 16 -0.21 -35.24 21.28
CA ARG G 16 -0.25 -35.82 19.96
C ARG G 16 1.13 -36.36 19.61
N LYS G 17 1.24 -37.68 19.52
CA LYS G 17 2.36 -38.31 18.86
C LYS G 17 2.06 -38.37 17.38
N LEU G 18 3.10 -38.63 16.57
CA LEU G 18 3.05 -38.58 15.11
C LEU G 18 2.60 -37.20 14.64
N ASP G 19 3.46 -36.22 14.88
CA ASP G 19 3.15 -34.81 14.65
C ASP G 19 3.56 -34.42 13.23
N PRO G 20 2.62 -34.22 12.31
CA PRO G 20 2.97 -33.86 10.94
C PRO G 20 3.01 -32.36 10.71
N SER G 21 3.39 -32.00 9.51
CA SER G 21 3.38 -30.60 9.09
C SER G 21 2.26 -30.38 8.08
N ASP G 22 2.05 -29.12 7.74
CA ASP G 22 1.11 -28.78 6.67
C ASP G 22 1.67 -29.26 5.35
N ALA G 23 0.90 -30.08 4.65
CA ALA G 23 1.38 -30.71 3.43
C ALA G 23 1.32 -29.71 2.30
N LEU G 24 2.42 -29.00 2.09
CA LEU G 24 2.61 -28.09 0.96
C LEU G 24 2.48 -28.86 -0.34
N MET G 25 1.91 -28.25 -1.36
CA MET G 25 1.82 -28.89 -2.65
C MET G 25 2.41 -28.00 -3.73
N SER G 26 3.26 -28.57 -4.57
CA SER G 26 3.85 -27.92 -5.72
C SER G 26 3.44 -28.67 -6.97
N ALA G 27 4.05 -28.31 -8.10
CA ALA G 27 3.63 -28.85 -9.38
C ALA G 27 4.79 -28.96 -10.33
N GLY G 28 4.80 -30.01 -11.12
CA GLY G 28 5.82 -30.19 -12.11
C GLY G 28 5.49 -31.32 -13.03
N ALA G 29 6.46 -31.69 -13.87
CA ALA G 29 6.29 -32.79 -14.78
C ALA G 29 6.91 -34.05 -14.19
N TRP G 30 6.28 -35.19 -14.45
CA TRP G 30 6.87 -36.48 -14.15
C TRP G 30 8.10 -36.71 -15.02
N ALA G 31 8.92 -37.66 -14.61
CA ALA G 31 10.22 -38.08 -15.11
C ALA G 31 11.31 -37.05 -14.82
N GLN G 32 10.97 -35.91 -14.23
CA GLN G 32 11.90 -35.06 -13.53
C GLN G 32 11.40 -34.81 -12.12
N ARG G 33 10.82 -35.86 -11.52
CA ARG G 33 10.52 -35.86 -10.10
C ARG G 33 11.78 -35.84 -9.25
N ASP G 34 12.90 -36.31 -9.81
CA ASP G 34 14.12 -36.41 -9.02
C ASP G 34 14.74 -35.04 -8.77
N ALA G 35 14.48 -34.07 -9.65
CA ALA G 35 14.97 -32.71 -9.50
C ALA G 35 13.86 -31.78 -9.06
N SER G 36 12.97 -32.27 -8.19
CA SER G 36 11.82 -31.50 -7.74
C SER G 36 12.10 -30.79 -6.43
N GLN G 37 13.08 -29.89 -6.42
CA GLN G 37 13.26 -29.01 -5.28
C GLN G 37 12.86 -27.58 -5.59
N GLU G 38 12.74 -27.24 -6.88
CA GLU G 38 12.46 -25.88 -7.33
C GLU G 38 11.16 -25.79 -8.09
N TRP G 39 10.29 -26.78 -7.88
CA TRP G 39 9.01 -26.82 -8.57
C TRP G 39 8.11 -25.70 -8.09
N PRO G 40 7.39 -25.01 -8.98
CA PRO G 40 6.52 -23.93 -8.55
C PRO G 40 5.32 -24.45 -7.78
N ALA G 41 4.89 -23.65 -6.81
CA ALA G 41 3.82 -24.09 -5.94
C ALA G 41 2.47 -23.88 -6.61
N VAL G 42 1.53 -24.76 -6.29
CA VAL G 42 0.18 -24.64 -6.82
C VAL G 42 -0.53 -23.53 -6.06
N THR G 43 -0.75 -22.41 -6.73
CA THR G 43 -1.36 -21.26 -6.10
C THR G 43 -2.88 -21.39 -6.14
N VAL G 44 -3.52 -20.97 -5.08
CA VAL G 44 -4.97 -20.94 -4.99
C VAL G 44 -5.44 -19.66 -5.66
N ARG G 45 -6.25 -19.80 -6.70
CA ARG G 45 -6.78 -18.66 -7.42
C ARG G 45 -8.30 -18.70 -7.35
N GLU G 46 -8.92 -17.62 -7.80
CA GLU G 46 -10.35 -17.43 -7.71
C GLU G 46 -10.96 -17.61 -9.09
N LYS G 47 -12.21 -18.04 -9.11
CA LYS G 47 -12.98 -18.06 -10.35
C LYS G 47 -14.46 -18.01 -10.01
N SER G 48 -15.26 -17.47 -10.92
CA SER G 48 -16.68 -17.36 -10.68
C SER G 48 -17.37 -18.62 -11.17
N VAL G 49 -18.35 -19.09 -10.41
CA VAL G 49 -19.18 -20.19 -10.84
C VAL G 49 -20.63 -19.75 -10.89
N ARG G 50 -21.43 -20.46 -11.66
CA ARG G 50 -22.83 -20.18 -11.89
C ARG G 50 -23.61 -21.46 -11.67
N GLY G 51 -24.45 -21.48 -10.66
CA GLY G 51 -25.17 -22.67 -10.27
C GLY G 51 -26.64 -22.55 -10.61
N THR G 52 -27.21 -23.63 -11.11
CA THR G 52 -28.66 -23.73 -11.14
C THR G 52 -29.11 -24.47 -9.89
N ILE G 53 -30.41 -24.57 -9.68
CA ILE G 53 -30.94 -25.27 -8.53
C ILE G 53 -30.88 -26.77 -8.79
N SER G 54 -30.26 -27.49 -7.86
CA SER G 54 -30.22 -28.94 -7.93
C SER G 54 -30.54 -29.61 -6.62
N ASN G 55 -30.87 -28.85 -5.57
CA ASN G 55 -31.17 -29.43 -4.27
C ASN G 55 -32.60 -29.96 -4.25
N ARG G 56 -32.90 -30.75 -3.22
CA ARG G 56 -34.24 -31.30 -3.08
C ARG G 56 -35.21 -30.22 -2.62
N LEU G 57 -36.31 -30.08 -3.34
CA LEU G 57 -37.35 -29.14 -2.96
C LEU G 57 -38.12 -29.67 -1.76
N LYS G 58 -38.75 -28.76 -1.03
CA LYS G 58 -39.40 -29.09 0.23
C LYS G 58 -40.92 -29.11 0.10
N THR G 59 -41.42 -29.58 -1.04
CA THR G 59 -42.82 -29.86 -1.41
C THR G 59 -43.64 -28.57 -1.61
N LYS G 60 -43.12 -27.41 -1.22
CA LYS G 60 -43.78 -26.14 -1.46
C LYS G 60 -43.14 -25.36 -2.60
N ASP G 61 -41.88 -25.66 -2.91
CA ASP G 61 -41.18 -25.05 -4.04
C ASP G 61 -41.34 -25.85 -5.32
N ARG G 62 -42.24 -26.81 -5.35
CA ARG G 62 -42.46 -27.64 -6.53
C ARG G 62 -43.46 -27.03 -7.49
N ASP G 63 -43.98 -25.85 -7.18
CA ASP G 63 -44.78 -25.10 -8.14
C ASP G 63 -43.88 -24.69 -9.29
N PRO G 64 -44.24 -24.98 -10.55
CA PRO G 64 -43.36 -24.62 -11.68
C PRO G 64 -43.16 -23.13 -11.87
N ALA G 65 -44.05 -22.28 -11.37
CA ALA G 65 -43.88 -20.84 -11.51
C ALA G 65 -42.69 -20.34 -10.70
N LYS G 66 -42.63 -20.69 -9.42
CA LYS G 66 -41.49 -20.26 -8.60
C LYS G 66 -40.24 -21.04 -8.95
N LEU G 67 -40.38 -22.25 -9.49
CA LEU G 67 -39.24 -23.02 -9.95
C LEU G 67 -38.56 -22.33 -11.14
N ASP G 68 -39.35 -21.96 -12.16
CA ASP G 68 -38.80 -21.24 -13.29
C ASP G 68 -38.34 -19.84 -12.90
N ALA G 69 -38.99 -19.21 -11.92
CA ALA G 69 -38.56 -17.89 -11.49
C ALA G 69 -37.23 -17.95 -10.73
N SER G 70 -36.98 -19.02 -9.99
CA SER G 70 -35.70 -19.14 -9.30
C SER G 70 -34.61 -19.68 -10.22
N ILE G 71 -34.99 -20.36 -11.30
CA ILE G 71 -34.01 -20.70 -12.33
C ILE G 71 -33.61 -19.47 -13.12
N GLN G 72 -34.55 -18.56 -13.34
CA GLN G 72 -34.28 -17.34 -14.09
C GLN G 72 -33.33 -16.41 -13.35
N SER G 73 -33.28 -16.49 -12.03
CA SER G 73 -32.36 -15.69 -11.24
C SER G 73 -31.38 -16.58 -10.48
N PRO G 74 -30.34 -17.09 -11.14
CA PRO G 74 -29.46 -18.07 -10.50
C PRO G 74 -28.38 -17.38 -9.67
N ASN G 75 -27.78 -18.16 -8.78
CA ASN G 75 -26.85 -17.63 -7.80
C ASN G 75 -25.43 -17.64 -8.34
N LEU G 76 -24.76 -16.50 -8.26
CA LEU G 76 -23.35 -16.41 -8.55
C LEU G 76 -22.54 -16.67 -7.30
N GLN G 77 -21.33 -17.16 -7.49
CA GLN G 77 -20.43 -17.44 -6.39
C GLN G 77 -19.01 -17.17 -6.86
N THR G 78 -18.06 -17.33 -5.97
CA THR G 78 -16.65 -17.17 -6.31
C THR G 78 -15.87 -18.21 -5.54
N VAL G 79 -15.65 -19.36 -6.16
CA VAL G 79 -14.97 -20.44 -5.50
C VAL G 79 -13.48 -20.19 -5.60
N ASP G 80 -12.73 -20.89 -4.75
CA ASP G 80 -11.29 -20.96 -4.88
C ASP G 80 -10.93 -22.31 -5.46
N VAL G 81 -10.16 -22.30 -6.53
CA VAL G 81 -9.67 -23.53 -7.12
C VAL G 81 -8.17 -23.48 -7.19
N ALA G 82 -7.54 -24.64 -7.12
CA ALA G 82 -6.11 -24.77 -7.24
C ALA G 82 -5.86 -25.84 -8.28
N ASN G 83 -5.41 -25.44 -9.46
CA ASN G 83 -5.16 -26.36 -10.54
C ASN G 83 -3.68 -26.43 -10.82
N LEU G 84 -3.25 -27.58 -11.33
CA LEU G 84 -1.91 -27.70 -11.88
C LEU G 84 -1.78 -26.79 -13.10
N PRO G 85 -0.56 -26.36 -13.44
CA PRO G 85 -0.39 -25.60 -14.67
C PRO G 85 -0.59 -26.46 -15.89
N SER G 86 -0.69 -25.78 -17.04
CA SER G 86 -1.00 -26.47 -18.28
C SER G 86 0.16 -27.28 -18.83
N ASP G 87 1.36 -27.16 -18.26
CA ASP G 87 2.52 -27.92 -18.69
C ASP G 87 3.01 -28.89 -17.64
N ALA G 88 2.27 -29.05 -16.54
CA ALA G 88 2.68 -29.90 -15.44
C ALA G 88 1.58 -30.91 -15.16
N ASP G 89 1.95 -32.13 -14.81
CA ASP G 89 0.98 -33.20 -14.59
C ASP G 89 1.19 -33.95 -13.30
N THR G 90 2.01 -33.43 -12.38
CA THR G 90 2.38 -34.17 -11.19
C THR G 90 2.35 -33.24 -10.00
N LEU G 91 1.69 -33.67 -8.94
CA LEU G 91 1.50 -32.87 -7.74
C LEU G 91 2.44 -33.35 -6.64
N LYS G 92 3.38 -32.51 -6.25
CA LYS G 92 4.37 -32.86 -5.23
C LYS G 92 3.86 -32.38 -3.89
N VAL G 93 3.30 -33.29 -3.11
CA VAL G 93 2.80 -32.99 -1.77
C VAL G 93 3.88 -33.36 -0.79
N ARG G 94 4.44 -32.37 -0.11
CA ARG G 94 5.61 -32.56 0.72
C ARG G 94 5.34 -32.09 2.13
N PHE G 95 5.39 -33.02 3.08
CA PHE G 95 5.27 -32.67 4.49
C PHE G 95 6.33 -33.43 5.26
N THR G 96 6.57 -33.00 6.50
CA THR G 96 7.48 -33.68 7.40
C THR G 96 6.72 -34.25 8.58
N LEU G 97 7.10 -35.46 8.97
CA LEU G 97 6.42 -36.19 10.02
C LEU G 97 7.42 -36.45 11.13
N ARG G 98 7.15 -35.92 12.32
CA ARG G 98 8.01 -36.14 13.46
C ARG G 98 7.32 -37.13 14.40
N VAL G 99 7.94 -38.27 14.62
CA VAL G 99 7.41 -39.31 15.50
C VAL G 99 8.03 -39.10 16.87
N LEU G 100 7.20 -38.85 17.87
CA LEU G 100 7.72 -38.32 19.13
C LEU G 100 8.09 -39.41 20.13
N GLY G 101 7.14 -40.22 20.55
CA GLY G 101 7.43 -41.27 21.48
C GLY G 101 7.06 -40.90 22.91
N GLY G 102 6.91 -41.93 23.74
CA GLY G 102 6.39 -41.75 25.07
C GLY G 102 4.87 -41.77 25.05
N ALA G 103 4.30 -42.87 24.56
CA ALA G 103 2.90 -42.88 24.12
C ALA G 103 1.93 -42.86 25.30
N GLY G 104 2.25 -43.59 26.37
CA GLY G 104 1.29 -43.76 27.44
C GLY G 104 1.34 -42.69 28.52
N THR G 105 2.34 -41.83 28.50
CA THR G 105 2.46 -40.82 29.55
C THR G 105 1.57 -39.64 29.24
N PRO G 106 0.58 -39.33 30.08
CA PRO G 106 -0.25 -38.17 29.82
C PRO G 106 0.47 -36.88 30.15
N SER G 107 0.08 -35.83 29.44
CA SER G 107 0.62 -34.50 29.71
C SER G 107 -0.02 -33.85 30.92
N ALA G 108 -1.19 -34.30 31.33
CA ALA G 108 -1.87 -33.75 32.50
C ALA G 108 -2.73 -34.83 33.10
N CYS G 109 -2.70 -34.94 34.43
CA CYS G 109 -3.49 -35.94 35.12
C CYS G 109 -3.66 -35.49 36.57
N ASN G 110 -4.84 -35.74 37.13
CA ASN G 110 -5.06 -35.42 38.54
C ASN G 110 -4.46 -36.48 39.44
N ASP G 111 -4.93 -37.72 39.30
CA ASP G 111 -4.54 -38.78 40.22
C ASP G 111 -3.14 -39.28 39.89
N ALA G 112 -2.35 -39.53 40.93
CA ALA G 112 -1.05 -40.17 40.72
C ALA G 112 -1.19 -41.68 40.64
N ALA G 113 -2.18 -42.24 41.34
CA ALA G 113 -2.39 -43.68 41.30
C ALA G 113 -2.94 -44.12 39.96
N TYR G 114 -3.85 -43.33 39.39
CA TYR G 114 -4.40 -43.67 38.08
C TYR G 114 -3.37 -43.46 36.98
N ARG G 115 -2.55 -42.42 37.11
CA ARG G 115 -1.46 -42.20 36.16
C ARG G 115 -0.45 -43.34 36.22
N ASP G 116 -0.15 -43.82 37.43
CA ASP G 116 0.79 -44.92 37.59
C ASP G 116 0.21 -46.22 37.03
N LYS G 117 -1.10 -46.44 37.23
CA LYS G 117 -1.73 -47.64 36.71
C LYS G 117 -1.80 -47.62 35.19
N LEU G 118 -2.04 -46.43 34.61
CA LEU G 118 -2.03 -46.29 33.16
C LEU G 118 -0.63 -46.49 32.59
N LEU G 119 0.39 -46.02 33.30
CA LEU G 119 1.76 -46.22 32.84
C LEU G 119 2.16 -47.68 32.91
N GLN G 120 1.73 -48.38 33.97
CA GLN G 120 1.99 -49.81 34.07
C GLN G 120 1.25 -50.60 33.01
N THR G 121 0.03 -50.16 32.66
CA THR G 121 -0.76 -50.84 31.64
C THR G 121 -0.14 -50.68 30.26
N VAL G 122 0.23 -49.45 29.89
CA VAL G 122 0.88 -49.24 28.61
C VAL G 122 2.26 -49.89 28.58
N ALA G 123 2.95 -49.96 29.73
CA ALA G 123 4.27 -50.58 29.76
C ALA G 123 4.19 -52.09 29.61
N THR G 124 3.17 -52.73 30.21
CA THR G 124 3.05 -54.17 30.01
C THR G 124 2.50 -54.50 28.63
N TYR G 125 1.78 -53.54 28.01
CA TYR G 125 1.45 -53.68 26.60
C TYR G 125 2.71 -53.72 25.75
N VAL G 126 3.56 -52.69 25.91
CA VAL G 126 4.78 -52.53 25.11
C VAL G 126 5.76 -53.68 25.36
N ASN G 127 5.85 -54.16 26.59
CA ASN G 127 6.73 -55.30 26.87
C ASN G 127 6.14 -56.59 26.31
N ASP G 128 4.82 -56.74 26.34
CA ASP G 128 4.21 -57.92 25.73
C ASP G 128 4.33 -57.88 24.23
N GLN G 129 4.15 -56.70 23.63
CA GLN G 129 4.22 -56.53 22.19
C GLN G 129 4.55 -55.07 21.90
N GLY G 130 5.59 -54.83 21.13
CA GLY G 130 6.03 -53.46 20.92
C GLY G 130 5.07 -52.67 20.05
N PHE G 131 5.53 -51.49 19.65
CA PHE G 131 4.78 -50.73 18.66
C PHE G 131 5.17 -51.23 17.26
N ALA G 132 4.90 -52.51 17.01
CA ALA G 132 5.22 -53.11 15.74
C ALA G 132 4.00 -53.31 14.86
N GLU G 133 2.86 -53.62 15.46
CA GLU G 133 1.64 -53.68 14.68
C GLU G 133 1.14 -52.30 14.31
N LEU G 134 1.28 -51.34 15.23
CA LEU G 134 0.83 -49.97 14.94
C LEU G 134 1.73 -49.30 13.93
N ALA G 135 3.05 -49.48 14.06
CA ALA G 135 3.96 -48.77 13.17
C ALA G 135 3.96 -49.37 11.77
N ARG G 136 3.60 -50.64 11.63
CA ARG G 136 3.43 -51.22 10.31
C ARG G 136 2.27 -50.57 9.58
N ARG G 137 1.21 -50.26 10.31
CA ARG G 137 0.05 -49.65 9.69
C ARG G 137 0.26 -48.16 9.44
N TYR G 138 0.98 -47.49 10.34
CA TYR G 138 1.37 -46.11 10.09
C TYR G 138 2.32 -46.01 8.90
N ALA G 139 3.22 -46.99 8.76
CA ALA G 139 4.11 -47.02 7.63
C ALA G 139 3.37 -47.32 6.33
N HIS G 140 2.29 -48.11 6.40
CA HIS G 140 1.49 -48.33 5.20
C HIS G 140 0.73 -47.08 4.82
N ASN G 141 0.17 -46.37 5.80
CA ASN G 141 -0.53 -45.12 5.49
C ASN G 141 0.41 -44.01 5.05
N LEU G 142 1.70 -44.13 5.33
CA LEU G 142 2.68 -43.27 4.68
C LEU G 142 3.02 -43.79 3.28
N ALA G 143 3.09 -45.10 3.10
CA ALA G 143 3.51 -45.67 1.84
C ALA G 143 2.42 -45.56 0.78
N ASN G 144 1.24 -46.11 1.05
CA ASN G 144 0.11 -45.78 0.20
C ASN G 144 -0.30 -44.37 0.55
N ALA G 145 -0.48 -43.53 -0.47
CA ALA G 145 -0.64 -42.11 -0.23
C ALA G 145 -2.10 -41.80 0.05
N ARG G 146 -2.55 -42.22 1.24
CA ARG G 146 -3.89 -41.81 1.65
C ARG G 146 -3.92 -40.37 2.12
N PHE G 147 -2.77 -39.79 2.45
CA PHE G 147 -2.73 -38.38 2.83
C PHE G 147 -2.97 -37.47 1.64
N LEU G 148 -2.71 -37.95 0.44
CA LEU G 148 -3.30 -37.39 -0.78
C LEU G 148 -4.75 -37.82 -0.74
N TRP G 149 -5.63 -36.94 -0.29
CA TRP G 149 -6.98 -37.40 0.04
C TRP G 149 -7.82 -37.63 -1.22
N ARG G 150 -8.06 -36.58 -1.98
CA ARG G 150 -8.77 -36.68 -3.25
C ARG G 150 -7.85 -36.51 -4.44
N ASN G 151 -6.59 -36.13 -4.21
CA ASN G 151 -5.59 -36.08 -5.26
C ASN G 151 -5.09 -37.45 -5.66
N ARG G 152 -5.57 -38.50 -5.01
CA ARG G 152 -5.19 -39.88 -5.28
C ARG G 152 -6.23 -40.67 -6.05
N VAL G 153 -7.50 -40.24 -6.02
CA VAL G 153 -8.60 -41.09 -6.47
C VAL G 153 -8.64 -41.31 -7.96
N GLY G 154 -7.91 -40.52 -8.75
CA GLY G 154 -7.90 -40.73 -10.18
C GLY G 154 -6.51 -40.54 -10.74
N ALA G 155 -5.51 -40.63 -9.87
CA ALA G 155 -4.14 -40.43 -10.29
C ALA G 155 -3.66 -41.63 -11.08
N GLU G 156 -2.85 -41.37 -12.10
CA GLU G 156 -2.37 -42.44 -12.96
C GLU G 156 -1.33 -43.28 -12.24
N ALA G 157 -0.37 -42.64 -11.58
CA ALA G 157 0.68 -43.36 -10.86
C ALA G 157 1.16 -42.47 -9.73
N VAL G 158 1.06 -42.96 -8.51
CA VAL G 158 1.47 -42.22 -7.31
C VAL G 158 2.78 -42.81 -6.84
N GLU G 159 3.72 -41.95 -6.46
CA GLU G 159 4.99 -42.40 -5.91
C GLU G 159 5.30 -41.58 -4.67
N VAL G 160 5.54 -42.26 -3.56
CA VAL G 160 5.84 -41.62 -2.28
C VAL G 160 7.31 -41.84 -1.98
N ARG G 161 8.02 -40.76 -1.68
CA ARG G 161 9.41 -40.83 -1.25
C ARG G 161 9.49 -40.41 0.20
N ILE G 162 9.98 -41.29 1.06
CA ILE G 162 10.10 -41.04 2.48
C ILE G 162 11.58 -41.11 2.84
N ASN G 163 12.09 -40.03 3.40
CA ASN G 163 13.51 -39.93 3.76
C ASN G 163 13.60 -39.77 5.27
N HIS G 164 14.38 -40.63 5.91
CA HIS G 164 14.68 -40.41 7.31
C HIS G 164 15.70 -39.29 7.40
N ILE G 165 15.30 -38.18 8.02
CA ILE G 165 16.19 -37.05 8.19
C ILE G 165 16.89 -37.20 9.52
N ARG G 166 18.22 -37.27 9.49
CA ARG G 166 19.02 -37.35 10.75
C ARG G 166 19.37 -35.92 11.21
N GLN G 167 20.66 -35.61 11.36
CA GLN G 167 21.10 -34.27 11.72
C GLN G 167 20.62 -33.21 10.74
N GLY G 168 21.06 -33.25 9.50
CA GLY G 168 20.41 -32.43 8.49
C GLY G 168 20.26 -33.19 7.20
N GLU G 169 20.87 -34.37 7.16
CA GLU G 169 21.03 -35.14 5.95
C GLU G 169 20.16 -36.39 6.04
N VAL G 170 20.02 -37.06 4.91
CA VAL G 170 19.16 -38.23 4.83
C VAL G 170 19.90 -39.45 5.35
N ALA G 171 19.32 -40.13 6.33
CA ALA G 171 19.97 -41.31 6.87
C ALA G 171 19.63 -42.55 6.07
N ARG G 172 18.39 -42.65 5.61
CA ARG G 172 17.93 -43.77 4.81
C ARG G 172 16.71 -43.33 4.03
N ALA G 173 16.73 -43.52 2.72
CA ALA G 173 15.69 -43.01 1.83
C ALA G 173 14.86 -44.16 1.28
N TRP G 174 13.54 -43.99 1.33
CA TRP G 174 12.60 -44.96 0.79
C TRP G 174 11.96 -44.42 -0.47
N ARG G 175 11.34 -45.32 -1.22
CA ARG G 175 10.68 -44.96 -2.47
C ARG G 175 9.63 -46.03 -2.73
N PHE G 176 8.36 -45.69 -2.56
CA PHE G 176 7.27 -46.66 -2.67
C PHE G 176 6.38 -46.34 -3.86
N ASP G 177 5.74 -47.37 -4.37
CA ASP G 177 4.65 -47.23 -5.33
C ASP G 177 3.36 -47.24 -4.53
N ALA G 178 2.69 -46.10 -4.47
CA ALA G 178 1.55 -45.98 -3.59
C ALA G 178 0.28 -46.62 -4.14
N LEU G 179 0.28 -47.06 -5.38
CA LEU G 179 -0.88 -47.75 -5.94
C LEU G 179 -0.75 -49.26 -5.89
N ALA G 180 0.46 -49.79 -5.82
CA ALA G 180 0.63 -51.22 -5.58
C ALA G 180 0.31 -51.56 -4.14
N ILE G 181 0.80 -50.77 -3.20
CA ILE G 181 0.39 -50.87 -1.80
C ILE G 181 -1.05 -50.38 -1.72
N GLY G 182 -1.97 -51.28 -1.42
CA GLY G 182 -3.38 -50.97 -1.48
C GLY G 182 -3.83 -50.06 -0.36
N LEU G 183 -5.07 -49.62 -0.46
CA LEU G 183 -5.65 -48.74 0.53
C LEU G 183 -6.32 -49.48 1.67
N ARG G 184 -6.45 -50.81 1.58
CA ARG G 184 -7.21 -51.56 2.57
C ARG G 184 -6.55 -52.85 3.03
N ASP G 185 -5.44 -53.26 2.44
CA ASP G 185 -4.78 -54.49 2.83
C ASP G 185 -3.39 -54.16 3.38
N PHE G 186 -3.09 -54.68 4.57
CA PHE G 186 -1.81 -54.40 5.23
C PHE G 186 -0.90 -55.61 5.05
N LYS G 187 -0.19 -55.63 3.93
CA LYS G 187 0.75 -56.70 3.61
C LYS G 187 2.10 -56.42 4.27
N ALA G 188 3.11 -57.18 3.88
CA ALA G 188 4.44 -57.07 4.46
C ALA G 188 5.49 -57.01 3.36
N ASP G 189 6.27 -55.93 3.35
CA ASP G 189 7.39 -55.79 2.43
C ASP G 189 8.67 -55.77 3.24
N ALA G 190 9.79 -55.64 2.54
CA ALA G 190 11.05 -55.44 3.25
C ALA G 190 11.23 -53.98 3.62
N GLU G 191 11.00 -53.08 2.66
CA GLU G 191 11.16 -51.65 2.90
C GLU G 191 10.08 -51.11 3.83
N LEU G 192 8.87 -51.63 3.71
CA LEU G 192 7.81 -51.23 4.63
C LEU G 192 8.07 -51.73 6.03
N ASP G 193 8.72 -52.88 6.17
CA ASP G 193 9.08 -53.34 7.51
C ASP G 193 10.26 -52.57 8.07
N ALA G 194 11.16 -52.08 7.22
CA ALA G 194 12.21 -51.18 7.71
C ALA G 194 11.63 -49.85 8.16
N LEU G 195 10.65 -49.33 7.42
CA LEU G 195 9.98 -48.11 7.85
C LEU G 195 9.15 -48.34 9.10
N ALA G 196 8.58 -49.53 9.25
CA ALA G 196 7.85 -49.87 10.46
C ALA G 196 8.78 -49.97 11.65
N GLU G 197 9.97 -50.51 11.45
CA GLU G 197 10.96 -50.54 12.53
C GLU G 197 11.42 -49.14 12.91
N LEU G 198 11.53 -48.25 11.93
CA LEU G 198 11.89 -46.86 12.24
C LEU G 198 10.80 -46.15 13.02
N ILE G 199 9.54 -46.31 12.62
CA ILE G 199 8.46 -45.66 13.36
C ILE G 199 8.25 -46.34 14.72
N ALA G 200 8.57 -47.63 14.84
CA ALA G 200 8.55 -48.33 16.11
C ALA G 200 9.59 -47.77 17.06
N SER G 201 10.80 -47.53 16.56
CA SER G 201 11.84 -46.94 17.38
C SER G 201 11.52 -45.48 17.71
N GLY G 202 10.75 -44.82 16.86
CA GLY G 202 10.33 -43.47 17.18
C GLY G 202 9.30 -43.43 18.28
N LEU G 203 8.31 -44.34 18.23
CA LEU G 203 7.26 -44.36 19.23
C LEU G 203 7.70 -44.97 20.55
N SER G 204 8.77 -45.76 20.55
CA SER G 204 9.26 -46.33 21.79
C SER G 204 10.20 -45.40 22.55
N GLY G 205 10.49 -44.23 22.00
CA GLY G 205 11.42 -43.32 22.63
C GLY G 205 12.87 -43.66 22.43
N SER G 206 13.18 -44.69 21.63
CA SER G 206 14.54 -45.15 21.44
C SER G 206 15.23 -44.47 20.28
N GLY G 207 14.80 -43.27 19.91
CA GLY G 207 15.43 -42.54 18.83
C GLY G 207 14.58 -41.36 18.45
N HIS G 208 15.19 -40.47 17.68
CA HIS G 208 14.47 -39.33 17.13
C HIS G 208 14.19 -39.61 15.67
N VAL G 209 12.91 -39.58 15.30
CA VAL G 209 12.49 -39.94 13.95
C VAL G 209 11.82 -38.72 13.33
N LEU G 210 12.45 -38.16 12.31
CA LEU G 210 11.88 -37.08 11.51
C LEU G 210 11.89 -37.52 10.05
N LEU G 211 10.73 -37.90 9.54
CA LEU G 211 10.58 -38.33 8.16
C LEU G 211 10.15 -37.15 7.32
N GLU G 212 10.62 -37.11 6.07
CA GLU G 212 10.18 -36.10 5.12
C GLU G 212 9.46 -36.81 3.99
N VAL G 213 8.14 -36.76 4.01
CA VAL G 213 7.30 -37.56 3.13
C VAL G 213 6.92 -36.72 1.92
N VAL G 214 7.43 -37.09 0.76
CA VAL G 214 7.15 -36.43 -0.50
C VAL G 214 6.36 -37.38 -1.37
N ALA G 215 5.24 -36.92 -1.92
CA ALA G 215 4.38 -37.79 -2.69
C ALA G 215 4.01 -37.14 -4.00
N PHE G 216 4.41 -37.78 -5.09
CA PHE G 216 4.15 -37.31 -6.43
C PHE G 216 2.95 -38.03 -7.00
N ALA G 217 1.95 -37.27 -7.43
CA ALA G 217 0.71 -37.83 -7.94
C ALA G 217 0.53 -37.41 -9.38
N ARG G 218 0.67 -38.34 -10.31
CA ARG G 218 0.57 -38.03 -11.73
C ARG G 218 -0.90 -37.89 -12.08
N ILE G 219 -1.43 -36.69 -11.88
CA ILE G 219 -2.84 -36.44 -12.11
C ILE G 219 -3.12 -36.20 -13.59
N GLY G 220 -2.55 -35.16 -14.15
CA GLY G 220 -2.76 -34.82 -15.55
C GLY G 220 -2.43 -33.37 -15.80
N ASP G 221 -2.32 -33.03 -17.08
CA ASP G 221 -1.98 -31.66 -17.47
C ASP G 221 -3.12 -30.71 -17.12
N GLY G 222 -2.84 -29.79 -16.22
CA GLY G 222 -3.78 -28.72 -15.93
C GLY G 222 -4.98 -29.14 -15.11
N GLN G 223 -4.97 -30.33 -14.54
CA GLN G 223 -6.11 -30.83 -13.79
C GLN G 223 -6.20 -30.16 -12.43
N GLU G 224 -7.28 -30.44 -11.74
CA GLU G 224 -7.54 -29.81 -10.45
C GLU G 224 -6.97 -30.67 -9.33
N VAL G 225 -6.24 -30.03 -8.43
CA VAL G 225 -5.81 -30.67 -7.21
C VAL G 225 -6.58 -30.06 -6.05
N PHE G 226 -6.63 -30.78 -4.94
CA PHE G 226 -7.53 -30.45 -3.84
C PHE G 226 -6.74 -30.25 -2.56
N PRO G 227 -6.51 -29.01 -2.16
CA PRO G 227 -5.98 -28.76 -0.83
C PRO G 227 -7.11 -28.75 0.19
N SER G 228 -6.81 -28.54 1.47
CA SER G 228 -7.87 -28.46 2.45
C SER G 228 -8.67 -27.18 2.28
N GLN G 229 -9.86 -27.17 2.85
CA GLN G 229 -10.81 -26.10 2.62
C GLN G 229 -11.14 -25.43 3.94
N GLU G 230 -11.12 -24.11 3.94
CA GLU G 230 -11.41 -23.33 5.13
C GLU G 230 -12.91 -23.24 5.35
N LEU G 231 -13.29 -22.83 6.54
CA LEU G 231 -14.68 -22.49 6.80
C LEU G 231 -14.92 -21.04 6.43
N ILE G 232 -16.13 -20.76 5.99
CA ILE G 232 -16.50 -19.45 5.46
C ILE G 232 -17.21 -18.65 6.54
N LEU G 233 -16.79 -17.40 6.71
CA LEU G 233 -17.42 -16.50 7.67
C LEU G 233 -18.83 -16.14 7.20
N LYS G 239 -23.92 -12.68 -4.23
CA LYS G 239 -23.26 -12.42 -5.51
C LYS G 239 -21.83 -12.94 -5.48
N GLY G 240 -20.95 -12.24 -4.78
CA GLY G 240 -19.63 -12.76 -4.50
C GLY G 240 -19.62 -13.48 -3.18
N GLN G 241 -20.36 -14.59 -3.10
CA GLN G 241 -20.63 -15.20 -1.82
C GLN G 241 -19.45 -15.96 -1.25
N LYS G 242 -18.45 -16.28 -2.09
CA LYS G 242 -17.22 -16.98 -1.70
C LYS G 242 -17.54 -18.32 -1.07
N SER G 243 -18.10 -19.19 -1.90
CA SER G 243 -18.66 -20.44 -1.40
C SER G 243 -17.61 -21.48 -1.06
N LYS G 244 -16.35 -21.24 -1.43
CA LYS G 244 -15.28 -22.18 -1.11
C LYS G 244 -13.98 -21.42 -0.92
N THR G 245 -13.41 -21.50 0.28
CA THR G 245 -12.14 -20.89 0.57
C THR G 245 -11.13 -21.98 0.85
N LEU G 246 -10.04 -22.00 0.10
CA LEU G 246 -9.06 -23.07 0.19
C LEU G 246 -7.90 -22.66 1.08
N TYR G 247 -7.25 -23.66 1.66
CA TYR G 247 -6.10 -23.43 2.51
C TYR G 247 -4.92 -23.00 1.66
N SER G 248 -4.15 -22.06 2.19
CA SER G 248 -2.91 -21.65 1.58
C SER G 248 -2.01 -21.09 2.65
N VAL G 249 -0.77 -21.59 2.70
CA VAL G 249 0.15 -21.17 3.76
C VAL G 249 0.84 -19.86 3.42
N ARG G 250 1.66 -19.83 2.37
CA ARG G 250 2.26 -18.59 1.88
C ARG G 250 2.19 -18.65 0.35
N ASP G 251 1.06 -18.22 -0.20
CA ASP G 251 0.77 -18.23 -1.64
C ASP G 251 1.01 -19.60 -2.27
N ALA G 252 0.61 -20.63 -1.54
CA ALA G 252 0.87 -22.02 -1.95
C ALA G 252 -0.21 -22.85 -1.29
N ALA G 253 -0.93 -23.64 -2.09
CA ALA G 253 -1.98 -24.47 -1.55
C ALA G 253 -1.39 -25.51 -0.61
N ALA G 254 -2.18 -25.94 0.37
CA ALA G 254 -1.65 -26.84 1.38
C ALA G 254 -2.76 -27.66 1.96
N ILE G 255 -2.43 -28.86 2.37
CA ILE G 255 -3.35 -29.71 3.11
C ILE G 255 -3.09 -29.48 4.59
N HIS G 256 -4.17 -29.41 5.37
CA HIS G 256 -4.09 -29.19 6.81
C HIS G 256 -3.30 -30.32 7.48
N SER G 257 -2.71 -30.02 8.63
CA SER G 257 -1.91 -31.02 9.30
C SER G 257 -2.77 -32.10 9.93
N GLN G 258 -3.95 -31.73 10.42
CA GLN G 258 -4.84 -32.73 11.00
C GLN G 258 -5.48 -33.60 9.94
N LYS G 259 -5.53 -33.15 8.68
CA LYS G 259 -6.01 -34.01 7.61
C LYS G 259 -5.00 -35.11 7.31
N ILE G 260 -3.72 -34.76 7.27
CA ILE G 260 -2.66 -35.76 7.11
C ILE G 260 -2.61 -36.68 8.30
N GLY G 261 -2.83 -36.14 9.51
CA GLY G 261 -2.87 -36.97 10.69
C GLY G 261 -4.07 -37.91 10.72
N ASN G 262 -5.20 -37.48 10.17
CA ASN G 262 -6.35 -38.36 10.06
C ASN G 262 -6.13 -39.44 9.03
N ALA G 263 -5.37 -39.14 7.97
CA ALA G 263 -5.11 -40.17 6.98
C ALA G 263 -4.06 -41.17 7.47
N LEU G 264 -3.14 -40.73 8.31
CA LEU G 264 -2.20 -41.67 8.91
C LEU G 264 -2.86 -42.54 9.96
N ARG G 265 -3.93 -42.07 10.58
CA ARG G 265 -4.60 -42.83 11.61
C ARG G 265 -5.68 -43.74 11.08
N THR G 266 -5.79 -43.93 9.77
CA THR G 266 -6.73 -44.91 9.21
C THR G 266 -6.08 -46.28 9.26
N ILE G 267 -5.93 -46.78 10.48
CA ILE G 267 -5.34 -48.08 10.74
C ILE G 267 -6.31 -49.02 11.41
N ASP G 268 -7.51 -48.56 11.72
CA ASP G 268 -8.46 -49.28 12.56
C ASP G 268 -9.29 -50.19 11.68
N THR G 269 -8.87 -51.46 11.59
CA THR G 269 -9.68 -52.49 10.96
C THR G 269 -10.26 -53.46 11.97
N TRP G 270 -10.31 -53.09 13.25
CA TRP G 270 -10.77 -53.98 14.31
C TRP G 270 -12.13 -53.57 14.85
N TYR G 271 -12.85 -52.70 14.15
CA TYR G 271 -14.17 -52.31 14.61
C TYR G 271 -15.14 -53.47 14.42
N PRO G 272 -16.13 -53.63 15.31
CA PRO G 272 -16.89 -54.89 15.36
C PRO G 272 -17.80 -55.13 14.18
N ASP G 273 -18.07 -54.12 13.36
CA ASP G 273 -18.92 -54.31 12.19
C ASP G 273 -18.12 -54.98 11.08
N GLU G 274 -18.70 -55.04 9.88
CA GLU G 274 -18.09 -55.75 8.78
C GLU G 274 -16.83 -55.04 8.30
N ASP G 275 -15.88 -55.83 7.82
CA ASP G 275 -14.63 -55.30 7.30
C ASP G 275 -14.65 -55.18 5.78
N GLY G 276 -15.82 -54.91 5.19
CA GLY G 276 -15.88 -54.58 3.78
C GLY G 276 -15.47 -53.16 3.48
N LEU G 277 -15.61 -52.25 4.46
CA LEU G 277 -15.16 -50.89 4.26
C LEU G 277 -13.65 -50.77 4.33
N GLY G 278 -13.00 -51.54 5.20
CA GLY G 278 -11.58 -51.45 5.39
C GLY G 278 -11.26 -50.58 6.58
N PRO G 279 -10.04 -50.08 6.66
CA PRO G 279 -9.63 -49.32 7.84
C PRO G 279 -10.26 -47.95 7.91
N ILE G 280 -10.73 -47.60 9.10
CA ILE G 280 -11.25 -46.28 9.41
C ILE G 280 -10.28 -45.59 10.34
N ALA G 281 -10.55 -44.33 10.62
CA ALA G 281 -9.66 -43.54 11.47
C ALA G 281 -9.83 -43.93 12.92
N VAL G 282 -8.71 -43.95 13.65
CA VAL G 282 -8.72 -44.28 15.07
C VAL G 282 -9.28 -43.08 15.82
N GLU G 283 -10.48 -43.23 16.34
CA GLU G 283 -11.08 -42.21 17.18
C GLU G 283 -11.85 -42.89 18.30
N PRO G 284 -12.02 -42.22 19.44
CA PRO G 284 -12.98 -42.72 20.42
C PRO G 284 -14.36 -42.58 19.84
N TYR G 285 -15.19 -43.61 20.06
CA TYR G 285 -16.46 -43.82 19.37
C TYR G 285 -16.24 -43.80 17.86
N GLY G 286 -15.47 -44.77 17.38
CA GLY G 286 -14.76 -44.68 16.11
C GLY G 286 -15.60 -44.40 14.89
N SER G 287 -15.51 -43.16 14.42
CA SER G 287 -16.50 -42.57 13.55
C SER G 287 -15.87 -42.05 12.28
N VAL G 288 -16.60 -42.15 11.19
CA VAL G 288 -16.24 -41.55 9.92
C VAL G 288 -17.24 -40.44 9.62
N THR G 289 -16.73 -39.21 9.48
CA THR G 289 -17.61 -38.06 9.34
C THR G 289 -18.22 -37.97 7.95
N SER G 290 -17.61 -38.60 6.95
CA SER G 290 -18.22 -38.65 5.64
C SER G 290 -19.43 -39.56 5.63
N GLN G 291 -19.25 -40.79 6.08
CA GLN G 291 -20.31 -41.78 6.10
C GLN G 291 -21.31 -41.54 7.24
N GLY G 292 -20.99 -40.67 8.19
CA GLY G 292 -21.95 -40.32 9.22
C GLY G 292 -22.29 -41.40 10.21
N LYS G 293 -21.57 -42.50 10.21
CA LYS G 293 -21.87 -43.64 11.06
C LYS G 293 -20.77 -43.77 12.10
N ALA G 294 -21.20 -43.92 13.35
CA ALA G 294 -20.26 -44.09 14.46
C ALA G 294 -20.14 -45.57 14.75
N TYR G 295 -19.08 -46.19 14.26
CA TYR G 295 -18.73 -47.51 14.75
C TYR G 295 -18.14 -47.38 16.15
N ARG G 296 -18.05 -48.53 16.83
CA ARG G 296 -17.68 -48.60 18.24
C ARG G 296 -18.57 -47.70 19.10
N GLN G 297 -19.87 -47.86 18.90
CA GLN G 297 -20.84 -47.19 19.75
C GLN G 297 -20.74 -47.73 21.16
N PRO G 298 -21.02 -46.91 22.18
CA PRO G 298 -20.82 -47.35 23.56
C PRO G 298 -21.82 -48.37 24.07
N LYS G 299 -22.87 -48.71 23.29
CA LYS G 299 -23.72 -49.82 23.68
C LYS G 299 -22.95 -51.13 23.63
N GLN G 300 -22.32 -51.40 22.50
CA GLN G 300 -21.30 -52.43 22.44
C GLN G 300 -20.08 -51.98 23.24
N LYS G 301 -19.35 -52.95 23.78
CA LYS G 301 -18.28 -52.62 24.72
C LYS G 301 -16.96 -52.46 24.01
N LEU G 302 -16.92 -51.63 22.97
CA LEU G 302 -15.72 -51.54 22.15
C LEU G 302 -15.32 -50.12 21.78
N ASP G 303 -15.88 -49.10 22.41
CA ASP G 303 -15.35 -47.75 22.25
C ASP G 303 -14.05 -47.63 23.02
N PHE G 304 -13.36 -46.50 22.84
CA PHE G 304 -12.08 -46.31 23.50
C PHE G 304 -12.24 -46.18 25.01
N TYR G 305 -13.34 -45.59 25.45
CA TYR G 305 -13.47 -45.25 26.86
C TYR G 305 -13.78 -46.48 27.71
N THR G 306 -14.70 -47.34 27.28
CA THR G 306 -14.98 -48.54 28.06
C THR G 306 -13.82 -49.52 27.99
N LEU G 307 -13.10 -49.54 26.88
CA LEU G 307 -11.93 -50.42 26.77
C LEU G 307 -10.81 -49.94 27.68
N LEU G 308 -10.56 -48.63 27.75
CA LEU G 308 -9.52 -48.12 28.64
C LEU G 308 -9.92 -48.24 30.09
N ASP G 309 -11.19 -47.95 30.42
CA ASP G 309 -11.67 -48.10 31.79
C ASP G 309 -11.79 -49.54 32.22
N ASN G 310 -11.85 -50.49 31.30
CA ASN G 310 -11.81 -51.88 31.70
C ASN G 310 -10.39 -52.41 31.72
N TRP G 311 -9.48 -51.78 31.00
CA TRP G 311 -8.11 -52.27 30.96
C TRP G 311 -7.31 -51.72 32.14
N VAL G 312 -7.59 -50.50 32.57
CA VAL G 312 -6.77 -49.83 33.58
C VAL G 312 -7.40 -49.92 34.96
N LEU G 313 -8.69 -49.63 35.09
CA LEU G 313 -9.32 -49.63 36.41
C LEU G 313 -9.47 -51.03 36.96
N ARG G 314 -10.21 -51.89 36.27
CA ARG G 314 -10.60 -53.19 36.80
C ARG G 314 -9.89 -54.35 36.12
N ASP G 315 -8.88 -54.07 35.30
CA ASP G 315 -7.93 -55.04 34.75
C ASP G 315 -8.57 -56.09 33.85
N GLU G 316 -9.77 -55.82 33.33
CA GLU G 316 -10.34 -56.69 32.30
C GLU G 316 -9.66 -56.30 31.00
N ALA G 317 -8.56 -56.97 30.72
CA ALA G 317 -7.77 -56.65 29.54
C ALA G 317 -8.48 -57.12 28.29
N PRO G 318 -8.62 -56.28 27.28
CA PRO G 318 -9.32 -56.70 26.06
C PRO G 318 -8.47 -57.59 25.17
N ALA G 319 -8.97 -57.87 23.98
CA ALA G 319 -8.22 -58.63 23.00
C ALA G 319 -7.03 -57.82 22.49
N VAL G 320 -6.16 -58.49 21.73
CA VAL G 320 -4.94 -57.87 21.23
C VAL G 320 -5.27 -56.75 20.24
N GLU G 321 -6.31 -56.97 19.43
CA GLU G 321 -6.74 -55.98 18.46
C GLU G 321 -7.29 -54.73 19.14
N GLN G 322 -8.09 -54.91 20.19
CA GLN G 322 -8.69 -53.78 20.85
C GLN G 322 -7.67 -53.00 21.66
N GLN G 323 -6.63 -53.64 22.18
CA GLN G 323 -5.63 -52.86 22.85
C GLN G 323 -4.68 -52.19 21.88
N HIS G 324 -4.50 -52.76 20.67
CA HIS G 324 -3.88 -51.99 19.59
C HIS G 324 -4.66 -50.72 19.31
N TYR G 325 -5.99 -50.82 19.32
CA TYR G 325 -6.83 -49.65 19.07
C TYR G 325 -6.72 -48.63 20.21
N VAL G 326 -6.64 -49.10 21.45
CA VAL G 326 -6.54 -48.21 22.60
C VAL G 326 -5.21 -47.46 22.59
N ILE G 327 -4.10 -48.16 22.33
CA ILE G 327 -2.81 -47.49 22.27
C ILE G 327 -2.71 -46.63 21.01
N ALA G 328 -3.46 -46.95 19.96
CA ALA G 328 -3.52 -46.06 18.80
C ALA G 328 -4.25 -44.76 19.13
N ASN G 329 -5.27 -44.82 20.00
CA ASN G 329 -5.90 -43.60 20.47
C ASN G 329 -4.99 -42.80 21.38
N LEU G 330 -4.18 -43.47 22.20
CA LEU G 330 -3.24 -42.73 23.04
C LEU G 330 -2.12 -42.09 22.21
N ILE G 331 -1.73 -42.74 21.12
CA ILE G 331 -0.76 -42.16 20.19
C ILE G 331 -1.38 -40.99 19.45
N ARG G 332 -2.69 -41.09 19.14
CA ARG G 332 -3.41 -39.98 18.55
C ARG G 332 -3.48 -38.78 19.48
N GLY G 333 -3.74 -39.01 20.76
CA GLY G 333 -3.92 -37.93 21.71
C GLY G 333 -5.35 -37.48 21.75
N GLY G 334 -5.68 -36.74 22.80
CA GLY G 334 -7.04 -36.28 22.97
C GLY G 334 -7.28 -35.68 24.34
N VAL G 335 -8.53 -35.31 24.57
CA VAL G 335 -8.97 -34.76 25.84
C VAL G 335 -9.88 -35.80 26.47
N PHE G 336 -9.31 -36.67 27.30
CA PHE G 336 -10.06 -37.71 27.99
C PHE G 336 -10.26 -37.29 29.44
N GLY G 337 -11.17 -37.95 30.13
CA GLY G 337 -11.45 -37.64 31.51
C GLY G 337 -12.75 -36.89 31.62
N GLU G 338 -13.47 -37.14 32.73
CA GLU G 338 -14.80 -36.59 32.92
C GLU G 338 -14.73 -35.26 33.66
N ALA G 339 -15.88 -34.76 34.09
CA ALA G 339 -15.93 -33.51 34.84
C ALA G 339 -16.39 -33.77 36.27
N ILE H 5 5.76 -8.75 71.00
CA ILE H 5 5.14 -10.02 70.67
C ILE H 5 5.50 -10.40 69.23
N LEU H 6 5.69 -9.37 68.39
CA LEU H 6 6.09 -9.49 66.98
C LEU H 6 5.08 -10.34 66.19
N SER H 7 3.89 -9.79 66.04
CA SER H 7 2.89 -10.40 65.18
C SER H 7 3.26 -10.19 63.71
N THR H 8 2.61 -10.97 62.86
CA THR H 8 2.85 -10.93 61.42
C THR H 8 2.37 -9.60 60.84
N ALA H 9 3.18 -9.02 59.95
CA ALA H 9 2.80 -7.81 59.24
C ALA H 9 1.55 -8.04 58.42
N SER H 10 0.57 -7.15 58.57
CA SER H 10 -0.71 -7.33 57.92
C SER H 10 -0.63 -7.09 56.43
N VAL H 11 0.39 -6.39 55.96
CA VAL H 11 0.70 -6.26 54.54
C VAL H 11 2.12 -6.74 54.33
N LEU H 12 2.28 -7.79 53.53
CA LEU H 12 3.58 -8.14 52.98
C LEU H 12 3.47 -8.22 51.48
N ALA H 13 4.52 -7.81 50.80
CA ALA H 13 4.57 -7.87 49.35
C ALA H 13 6.03 -7.85 48.96
N PHE H 14 6.42 -8.73 48.05
CA PHE H 14 7.79 -8.79 47.56
C PHE H 14 7.79 -8.56 46.06
N GLU H 15 8.67 -7.68 45.61
CA GLU H 15 8.80 -7.42 44.20
C GLU H 15 9.43 -8.64 43.52
N ARG H 16 8.97 -8.91 42.31
CA ARG H 16 9.47 -10.03 41.53
C ARG H 16 10.91 -9.76 41.12
N LYS H 17 11.84 -10.46 41.74
CA LYS H 17 13.17 -10.56 41.18
C LYS H 17 13.15 -11.66 40.14
N LEU H 18 14.21 -11.72 39.32
CA LEU H 18 14.29 -12.59 38.14
C LEU H 18 13.10 -12.35 37.20
N ASP H 19 13.11 -11.18 36.58
CA ASP H 19 12.02 -10.68 35.77
C ASP H 19 12.35 -10.91 34.30
N PRO H 20 11.79 -11.91 33.64
CA PRO H 20 12.07 -12.14 32.23
C PRO H 20 11.10 -11.36 31.35
N SER H 21 11.41 -11.35 30.07
CA SER H 21 10.55 -10.74 29.09
C SER H 21 9.88 -11.82 28.27
N ASP H 22 9.13 -11.40 27.26
CA ASP H 22 8.45 -12.34 26.39
C ASP H 22 9.45 -13.03 25.50
N ALA H 23 9.31 -14.34 25.36
CA ALA H 23 10.26 -15.15 24.62
C ALA H 23 9.88 -15.14 23.15
N LEU H 24 10.42 -14.20 22.40
CA LEU H 24 10.07 -14.06 20.99
C LEU H 24 10.69 -15.18 20.18
N MET H 25 9.86 -15.92 19.43
CA MET H 25 10.35 -17.04 18.66
C MET H 25 10.37 -16.71 17.17
N SER H 26 11.53 -16.91 16.56
CA SER H 26 11.78 -16.70 15.14
C SER H 26 12.52 -17.90 14.59
N ALA H 27 12.49 -18.06 13.27
CA ALA H 27 12.78 -19.34 12.66
C ALA H 27 13.90 -19.23 11.64
N GLY H 28 14.52 -20.35 11.36
CA GLY H 28 15.60 -20.38 10.40
C GLY H 28 16.21 -21.75 10.33
N ALA H 29 17.45 -21.80 9.84
CA ALA H 29 18.14 -23.05 9.61
C ALA H 29 19.25 -23.24 10.63
N TRP H 30 19.42 -24.47 11.08
CA TRP H 30 20.57 -24.85 11.88
C TRP H 30 21.82 -24.78 11.00
N ALA H 31 22.98 -24.74 11.66
CA ALA H 31 24.31 -24.49 11.10
C ALA H 31 24.43 -23.12 10.45
N GLN H 32 23.50 -22.21 10.73
CA GLN H 32 23.75 -20.78 10.68
C GLN H 32 23.11 -20.11 11.89
N ARG H 33 23.20 -20.77 13.04
CA ARG H 33 22.76 -20.19 14.30
C ARG H 33 23.63 -19.02 14.73
N ASP H 34 24.87 -18.97 14.25
CA ASP H 34 25.78 -17.90 14.64
C ASP H 34 25.45 -16.59 13.93
N ALA H 35 24.67 -16.63 12.85
CA ALA H 35 24.25 -15.45 12.14
C ALA H 35 22.75 -15.19 12.28
N SER H 36 22.22 -15.44 13.48
CA SER H 36 20.78 -15.44 13.72
C SER H 36 20.28 -14.10 14.25
N GLN H 37 20.48 -13.02 13.51
CA GLN H 37 19.88 -11.75 13.90
C GLN H 37 18.80 -11.29 12.93
N GLU H 38 18.77 -11.82 11.72
CA GLU H 38 17.80 -11.45 10.71
C GLU H 38 16.84 -12.59 10.44
N TRP H 39 16.65 -13.48 11.40
CA TRP H 39 15.78 -14.62 11.20
C TRP H 39 14.33 -14.14 11.22
N PRO H 40 13.51 -14.61 10.28
CA PRO H 40 12.12 -14.16 10.22
C PRO H 40 11.31 -14.73 11.38
N ALA H 41 10.37 -13.92 11.84
CA ALA H 41 9.60 -14.25 13.02
C ALA H 41 8.56 -15.32 12.71
N VAL H 42 8.35 -16.23 13.66
CA VAL H 42 7.30 -17.22 13.51
C VAL H 42 5.97 -16.52 13.72
N THR H 43 5.17 -16.45 12.67
CA THR H 43 3.94 -15.70 12.69
C THR H 43 2.79 -16.60 13.09
N VAL H 44 1.84 -16.03 13.83
CA VAL H 44 0.66 -16.74 14.28
C VAL H 44 -0.43 -16.52 13.25
N ARG H 45 -0.84 -17.60 12.60
CA ARG H 45 -1.87 -17.54 11.58
C ARG H 45 -2.99 -18.51 11.94
N GLU H 46 -4.14 -18.32 11.31
CA GLU H 46 -5.34 -19.08 11.62
C GLU H 46 -5.45 -20.28 10.70
N LYS H 47 -6.16 -21.30 11.17
CA LYS H 47 -6.57 -22.39 10.31
C LYS H 47 -7.87 -22.94 10.85
N SER H 48 -8.61 -23.59 9.99
CA SER H 48 -9.91 -24.14 10.35
C SER H 48 -9.78 -25.62 10.64
N VAL H 49 -10.52 -26.09 11.64
CA VAL H 49 -10.50 -27.49 12.04
C VAL H 49 -11.91 -28.02 12.19
N ARG H 50 -12.17 -29.18 11.58
CA ARG H 50 -13.36 -29.97 11.85
C ARG H 50 -12.99 -31.07 12.81
N GLY H 51 -13.87 -31.37 13.72
CA GLY H 51 -13.67 -32.47 14.63
C GLY H 51 -14.95 -33.27 14.78
N THR H 52 -14.80 -34.58 14.85
CA THR H 52 -15.89 -35.39 15.34
C THR H 52 -15.74 -35.46 16.85
N ILE H 53 -16.88 -35.50 17.56
CA ILE H 53 -16.87 -35.39 19.02
C ILE H 53 -16.22 -36.61 19.64
N SER H 54 -15.54 -36.39 20.75
CA SER H 54 -14.86 -37.47 21.45
C SER H 54 -14.92 -37.35 22.96
N ASN H 55 -15.71 -36.42 23.50
CA ASN H 55 -15.82 -36.30 24.94
C ASN H 55 -16.58 -37.49 25.51
N ARG H 56 -16.38 -37.71 26.80
CA ARG H 56 -17.07 -38.81 27.47
C ARG H 56 -18.55 -38.52 27.60
N LEU H 57 -19.36 -39.38 27.01
CA LEU H 57 -20.80 -39.29 27.17
C LEU H 57 -21.18 -39.70 28.59
N LYS H 58 -22.15 -39.00 29.15
CA LYS H 58 -22.46 -39.07 30.57
C LYS H 58 -23.56 -40.10 30.89
N THR H 59 -23.59 -41.19 30.10
CA THR H 59 -24.38 -42.41 30.24
C THR H 59 -25.85 -42.14 29.90
N LYS H 60 -26.17 -40.90 29.53
CA LYS H 60 -27.48 -40.57 29.00
C LYS H 60 -27.47 -40.21 27.54
N ASP H 61 -26.31 -39.88 26.98
CA ASP H 61 -26.17 -39.65 25.55
C ASP H 61 -25.53 -40.82 24.83
N ARG H 62 -25.69 -42.03 25.35
CA ARG H 62 -25.17 -43.23 24.72
C ARG H 62 -26.18 -43.87 23.77
N ASP H 63 -27.24 -43.15 23.41
CA ASP H 63 -28.15 -43.60 22.37
C ASP H 63 -27.41 -43.62 21.04
N PRO H 64 -27.64 -44.62 20.19
CA PRO H 64 -27.01 -44.59 18.87
C PRO H 64 -27.55 -43.49 17.98
N ALA H 65 -28.83 -43.13 18.13
CA ALA H 65 -29.42 -42.11 17.28
C ALA H 65 -28.86 -40.73 17.60
N LYS H 66 -28.77 -40.38 18.89
CA LYS H 66 -28.25 -39.08 19.28
C LYS H 66 -26.77 -38.94 18.95
N LEU H 67 -25.99 -40.01 19.14
CA LEU H 67 -24.57 -39.95 18.82
C LEU H 67 -24.34 -39.88 17.32
N ASP H 68 -25.08 -40.68 16.54
CA ASP H 68 -24.95 -40.63 15.09
C ASP H 68 -25.40 -39.29 14.53
N ALA H 69 -26.41 -38.67 15.13
CA ALA H 69 -26.81 -37.35 14.69
C ALA H 69 -25.86 -36.28 15.19
N SER H 70 -25.09 -36.57 16.23
CA SER H 70 -24.09 -35.62 16.72
C SER H 70 -22.77 -35.70 15.97
N ILE H 71 -22.49 -36.81 15.29
CA ILE H 71 -21.30 -36.83 14.44
C ILE H 71 -21.60 -36.32 13.04
N GLN H 72 -22.85 -35.94 12.77
CA GLN H 72 -23.18 -35.28 11.52
C GLN H 72 -23.36 -33.78 11.67
N SER H 73 -23.30 -33.26 12.89
CA SER H 73 -23.24 -31.82 13.16
C SER H 73 -21.94 -31.55 13.88
N PRO H 74 -20.82 -31.51 13.17
CA PRO H 74 -19.52 -31.41 13.85
C PRO H 74 -19.24 -30.00 14.30
N ASN H 75 -18.28 -29.87 15.21
CA ASN H 75 -17.88 -28.56 15.69
C ASN H 75 -16.85 -27.98 14.73
N LEU H 76 -17.03 -26.71 14.39
CA LEU H 76 -16.25 -26.04 13.35
C LEU H 76 -15.48 -24.92 14.02
N GLN H 77 -14.21 -25.16 14.31
CA GLN H 77 -13.43 -24.17 15.04
C GLN H 77 -12.45 -23.48 14.11
N THR H 78 -11.84 -22.43 14.65
CA THR H 78 -10.76 -21.71 13.98
C THR H 78 -9.65 -21.59 15.01
N VAL H 79 -8.59 -22.36 14.83
CA VAL H 79 -7.50 -22.39 15.77
C VAL H 79 -6.34 -21.61 15.20
N ASP H 80 -5.56 -20.99 16.07
CA ASP H 80 -4.33 -20.34 15.64
C ASP H 80 -3.18 -21.32 15.71
N VAL H 81 -2.35 -21.32 14.69
CA VAL H 81 -1.18 -22.18 14.65
C VAL H 81 0.05 -21.34 14.40
N ALA H 82 1.16 -21.77 14.97
CA ALA H 82 2.46 -21.18 14.72
C ALA H 82 3.35 -22.29 14.20
N ASN H 83 3.72 -22.21 12.93
CA ASN H 83 4.55 -23.22 12.32
C ASN H 83 5.85 -22.58 11.87
N LEU H 84 6.92 -23.37 11.91
CA LEU H 84 8.13 -23.01 11.20
C LEU H 84 7.84 -23.02 9.69
N PRO H 85 8.59 -22.26 8.90
CA PRO H 85 8.41 -22.32 7.46
C PRO H 85 8.92 -23.63 6.91
N SER H 86 8.62 -23.87 5.64
CA SER H 86 8.99 -25.13 5.01
C SER H 86 10.48 -25.26 4.76
N ASP H 87 11.23 -24.16 4.80
CA ASP H 87 12.67 -24.17 4.62
C ASP H 87 13.40 -23.76 5.88
N ALA H 88 12.89 -24.16 7.04
CA ALA H 88 13.48 -23.80 8.33
C ALA H 88 13.19 -24.91 9.31
N ASP H 89 14.22 -25.40 9.99
CA ASP H 89 14.07 -26.45 10.97
C ASP H 89 14.51 -26.07 12.36
N THR H 90 14.74 -24.79 12.63
CA THR H 90 15.31 -24.33 13.89
C THR H 90 14.45 -23.21 14.44
N LEU H 91 14.24 -23.23 15.75
CA LEU H 91 13.41 -22.24 16.43
C LEU H 91 14.25 -21.43 17.40
N LYS H 92 14.49 -20.16 17.07
CA LYS H 92 15.26 -19.27 17.92
C LYS H 92 14.32 -18.58 18.88
N VAL H 93 14.44 -18.89 20.16
CA VAL H 93 13.58 -18.34 21.20
C VAL H 93 14.43 -17.42 22.06
N ARG H 94 14.11 -16.13 22.04
CA ARG H 94 15.03 -15.10 22.51
C ARG H 94 14.32 -14.19 23.49
N PHE H 95 14.81 -14.15 24.73
CA PHE H 95 14.24 -13.27 25.72
C PHE H 95 15.37 -12.66 26.55
N THR H 96 15.01 -11.68 27.36
CA THR H 96 15.94 -10.98 28.23
C THR H 96 15.57 -11.31 29.66
N LEU H 97 16.54 -11.21 30.56
CA LEU H 97 16.30 -11.55 31.96
C LEU H 97 17.03 -10.56 32.84
N ARG H 98 16.29 -9.90 33.72
CA ARG H 98 16.87 -9.00 34.70
C ARG H 98 16.85 -9.69 36.06
N VAL H 99 18.02 -9.85 36.65
CA VAL H 99 18.16 -10.43 37.98
C VAL H 99 18.38 -9.25 38.91
N LEU H 100 17.32 -8.84 39.62
CA LEU H 100 17.21 -7.45 40.05
C LEU H 100 18.05 -7.15 41.28
N GLY H 101 17.77 -7.77 42.40
CA GLY H 101 18.60 -7.45 43.55
C GLY H 101 17.81 -6.86 44.70
N GLY H 102 18.22 -7.21 45.91
CA GLY H 102 17.45 -6.87 47.09
C GLY H 102 16.41 -7.93 47.35
N ALA H 103 16.86 -9.18 47.44
CA ALA H 103 15.94 -10.31 47.38
C ALA H 103 15.16 -10.50 48.68
N GLY H 104 15.58 -9.86 49.75
CA GLY H 104 14.86 -10.02 51.00
C GLY H 104 14.10 -8.79 51.43
N THR H 105 14.39 -7.66 50.80
CA THR H 105 13.73 -6.41 51.16
C THR H 105 12.33 -6.40 50.57
N PRO H 106 11.28 -6.35 51.38
CA PRO H 106 9.93 -6.40 50.84
C PRO H 106 9.53 -5.09 50.17
N SER H 107 8.58 -5.21 49.24
CA SER H 107 8.04 -4.04 48.57
C SER H 107 6.97 -3.34 49.39
N ALA H 108 6.43 -3.99 50.41
CA ALA H 108 5.44 -3.39 51.30
C ALA H 108 5.46 -4.15 52.61
N CYS H 109 5.54 -3.43 53.72
CA CYS H 109 5.54 -4.08 55.02
C CYS H 109 5.00 -3.09 56.05
N ASN H 110 4.05 -3.55 56.88
CA ASN H 110 3.50 -2.69 57.91
C ASN H 110 4.50 -2.46 59.03
N ASP H 111 4.84 -3.52 59.75
CA ASP H 111 5.60 -3.41 60.98
C ASP H 111 7.08 -3.19 60.67
N ALA H 112 7.67 -2.19 61.31
CA ALA H 112 9.11 -2.02 61.20
C ALA H 112 9.85 -3.09 61.98
N ALA H 113 9.24 -3.61 63.05
CA ALA H 113 9.86 -4.70 63.80
C ALA H 113 9.85 -5.99 62.99
N TYR H 114 8.73 -6.28 62.31
CA TYR H 114 8.71 -7.43 61.43
C TYR H 114 9.63 -7.23 60.23
N ARG H 115 9.75 -5.98 59.75
CA ARG H 115 10.58 -5.72 58.59
C ARG H 115 12.05 -5.90 58.91
N ASP H 116 12.48 -5.36 60.06
CA ASP H 116 13.90 -5.47 60.51
C ASP H 116 14.21 -6.92 60.88
N LYS H 117 13.25 -7.63 61.47
CA LYS H 117 13.42 -9.04 61.81
C LYS H 117 13.55 -9.89 60.56
N LEU H 118 12.73 -9.61 59.54
CA LEU H 118 12.82 -10.33 58.28
C LEU H 118 14.12 -10.02 57.54
N LEU H 119 14.57 -8.77 57.59
CA LEU H 119 15.81 -8.40 56.93
C LEU H 119 17.02 -9.01 57.64
N GLN H 120 16.97 -9.10 58.97
CA GLN H 120 18.02 -9.79 59.71
C GLN H 120 18.02 -11.28 59.41
N THR H 121 16.83 -11.87 59.25
CA THR H 121 16.72 -13.29 58.91
C THR H 121 17.28 -13.59 57.52
N VAL H 122 16.92 -12.78 56.53
CA VAL H 122 17.42 -12.99 55.18
C VAL H 122 18.91 -12.69 55.11
N ALA H 123 19.39 -11.72 55.89
CA ALA H 123 20.83 -11.45 55.93
C ALA H 123 21.59 -12.58 56.60
N THR H 124 20.99 -13.23 57.61
CA THR H 124 21.57 -14.42 58.19
C THR H 124 21.66 -15.55 57.18
N TYR H 125 20.63 -15.71 56.36
CA TYR H 125 20.64 -16.72 55.31
C TYR H 125 21.73 -16.43 54.28
N VAL H 126 21.78 -15.20 53.77
CA VAL H 126 22.71 -14.84 52.71
C VAL H 126 24.15 -14.89 53.20
N ASN H 127 24.37 -14.54 54.48
CA ASN H 127 25.70 -14.65 55.05
C ASN H 127 26.11 -16.09 55.28
N ASP H 128 25.19 -16.94 55.73
CA ASP H 128 25.52 -18.33 55.98
C ASP H 128 25.65 -19.10 54.67
N GLN H 129 24.57 -19.17 53.91
CA GLN H 129 24.59 -19.84 52.60
C GLN H 129 23.91 -18.92 51.60
N GLY H 130 24.71 -18.27 50.77
CA GLY H 130 24.20 -17.26 49.87
C GLY H 130 23.37 -17.86 48.76
N PHE H 131 23.07 -17.02 47.78
CA PHE H 131 22.32 -17.53 46.64
C PHE H 131 23.24 -18.34 45.73
N ALA H 132 23.67 -19.51 46.18
CA ALA H 132 24.50 -20.39 45.38
C ALA H 132 23.85 -21.72 45.12
N GLU H 133 22.90 -22.13 45.96
CA GLU H 133 22.07 -23.27 45.65
C GLU H 133 20.88 -22.87 44.81
N LEU H 134 20.24 -21.75 45.13
CA LEU H 134 19.12 -21.28 44.32
C LEU H 134 19.58 -20.85 42.94
N ALA H 135 20.68 -20.11 42.87
CA ALA H 135 21.10 -19.56 41.58
C ALA H 135 21.67 -20.64 40.67
N ARG H 136 22.19 -21.72 41.23
CA ARG H 136 22.56 -22.88 40.44
C ARG H 136 21.35 -23.48 39.74
N ARG H 137 20.22 -23.52 40.43
CA ARG H 137 19.02 -24.10 39.84
C ARG H 137 18.34 -23.15 38.86
N TYR H 138 18.37 -21.84 39.13
CA TYR H 138 17.92 -20.87 38.14
C TYR H 138 18.79 -20.91 36.90
N ALA H 139 20.11 -21.07 37.09
CA ALA H 139 21.02 -21.20 35.97
C ALA H 139 20.82 -22.52 35.22
N HIS H 140 20.32 -23.55 35.89
CA HIS H 140 20.00 -24.79 35.19
C HIS H 140 18.74 -24.63 34.34
N ASN H 141 17.69 -24.02 34.91
CA ASN H 141 16.49 -23.77 34.12
C ASN H 141 16.72 -22.76 33.01
N LEU H 142 17.77 -21.95 33.10
CA LEU H 142 18.23 -21.22 31.93
C LEU H 142 19.01 -22.13 31.00
N ALA H 143 19.83 -23.03 31.55
CA ALA H 143 20.77 -23.80 30.74
C ALA H 143 20.05 -24.88 29.96
N ASN H 144 19.39 -25.81 30.65
CA ASN H 144 18.44 -26.66 29.96
C ASN H 144 17.23 -25.82 29.63
N ALA H 145 16.73 -25.94 28.42
CA ALA H 145 15.69 -25.04 27.96
C ALA H 145 14.34 -25.54 28.44
N ARG H 146 14.12 -25.38 29.74
CA ARG H 146 12.80 -25.62 30.27
C ARG H 146 11.83 -24.53 29.86
N PHE H 147 12.32 -23.33 29.54
CA PHE H 147 11.45 -22.26 29.09
C PHE H 147 10.90 -22.53 27.69
N LEU H 148 11.60 -23.35 26.91
CA LEU H 148 11.01 -24.01 25.75
C LEU H 148 10.07 -25.06 26.31
N TRP H 149 8.77 -24.78 26.30
CA TRP H 149 7.87 -25.59 27.11
C TRP H 149 7.48 -26.89 26.42
N ARG H 150 6.75 -26.79 25.31
CA ARG H 150 6.42 -27.95 24.50
C ARG H 150 7.27 -28.01 23.25
N ASN H 151 8.13 -27.02 23.04
CA ASN H 151 9.04 -27.00 21.92
C ASN H 151 10.28 -27.85 22.17
N ARG H 152 10.34 -28.48 23.33
CA ARG H 152 11.48 -29.27 23.77
C ARG H 152 11.23 -30.77 23.69
N VAL H 153 9.97 -31.20 23.56
CA VAL H 153 9.62 -32.60 23.78
C VAL H 153 10.14 -33.54 22.71
N GLY H 154 10.39 -33.06 21.50
CA GLY H 154 10.90 -33.93 20.47
C GLY H 154 11.94 -33.25 19.62
N ALA H 155 12.61 -32.26 20.19
CA ALA H 155 13.65 -31.55 19.47
C ALA H 155 14.85 -32.44 19.27
N GLU H 156 15.54 -32.24 18.14
CA GLU H 156 16.70 -33.05 17.85
C GLU H 156 17.89 -32.65 18.69
N ALA H 157 18.15 -31.35 18.81
CA ALA H 157 19.17 -30.85 19.71
C ALA H 157 18.79 -29.42 20.09
N VAL H 158 18.81 -29.13 21.38
CA VAL H 158 18.56 -27.79 21.88
C VAL H 158 19.87 -27.20 22.34
N GLU H 159 20.13 -25.95 21.92
CA GLU H 159 21.35 -25.27 22.32
C GLU H 159 20.99 -23.89 22.84
N VAL H 160 21.44 -23.57 24.04
CA VAL H 160 21.07 -22.34 24.73
C VAL H 160 22.30 -21.45 24.84
N ARG H 161 22.19 -20.21 24.38
CA ARG H 161 23.27 -19.24 24.42
C ARG H 161 22.87 -18.07 25.29
N ILE H 162 23.63 -17.83 26.34
CA ILE H 162 23.34 -16.79 27.33
C ILE H 162 24.47 -15.77 27.31
N ASN H 163 24.11 -14.50 27.15
CA ASN H 163 25.09 -13.42 27.08
C ASN H 163 24.82 -12.45 28.21
N HIS H 164 25.83 -12.24 29.06
CA HIS H 164 25.74 -11.20 30.07
C HIS H 164 25.88 -9.86 29.39
N ILE H 165 24.75 -9.22 29.13
CA ILE H 165 24.73 -7.91 28.49
C ILE H 165 25.11 -6.88 29.54
N ARG H 166 26.29 -6.31 29.39
CA ARG H 166 26.78 -5.20 30.19
C ARG H 166 26.18 -3.90 29.64
N GLN H 167 26.80 -2.77 29.94
CA GLN H 167 26.43 -1.40 29.56
C GLN H 167 25.92 -1.27 28.13
N GLY H 168 26.61 -1.86 27.17
CA GLY H 168 26.01 -1.98 25.86
C GLY H 168 26.31 -3.25 25.09
N GLU H 169 27.11 -4.14 25.66
CA GLU H 169 27.67 -5.22 24.86
C GLU H 169 27.78 -6.48 25.71
N VAL H 170 28.21 -7.55 25.04
CA VAL H 170 28.31 -8.87 25.67
C VAL H 170 29.57 -8.92 26.51
N ALA H 171 29.40 -9.11 27.82
CA ALA H 171 30.55 -9.19 28.71
C ALA H 171 31.04 -10.61 28.89
N ARG H 172 30.15 -11.58 28.85
CA ARG H 172 30.51 -12.99 29.00
C ARG H 172 29.42 -13.83 28.36
N ALA H 173 29.81 -14.71 27.45
CA ALA H 173 28.87 -15.47 26.65
C ALA H 173 29.00 -16.95 26.97
N TRP H 174 27.87 -17.59 27.26
CA TRP H 174 27.80 -19.02 27.51
C TRP H 174 27.14 -19.73 26.35
N ARG H 175 27.30 -21.04 26.32
CA ARG H 175 26.77 -21.86 25.24
C ARG H 175 26.59 -23.26 25.78
N PHE H 176 25.35 -23.71 25.92
CA PHE H 176 25.04 -24.96 26.58
C PHE H 176 24.39 -25.95 25.63
N ASP H 177 24.46 -27.22 25.99
CA ASP H 177 23.72 -28.28 25.30
C ASP H 177 22.54 -28.64 26.20
N ALA H 178 21.36 -28.17 25.83
CA ALA H 178 20.22 -28.21 26.75
C ALA H 178 19.57 -29.57 26.84
N LEU H 179 19.98 -30.55 26.04
CA LEU H 179 19.47 -31.89 26.19
C LEU H 179 20.40 -32.79 26.98
N ALA H 180 21.68 -32.43 27.07
CA ALA H 180 22.57 -33.13 27.98
C ALA H 180 22.28 -32.75 29.42
N ILE H 181 22.05 -31.47 29.67
CA ILE H 181 21.57 -31.00 30.96
C ILE H 181 20.10 -31.40 31.08
N GLY H 182 19.80 -32.28 32.01
CA GLY H 182 18.45 -32.81 32.10
C GLY H 182 17.47 -31.83 32.70
N LEU H 183 16.22 -32.27 32.78
CA LEU H 183 15.17 -31.47 33.39
C LEU H 183 14.95 -31.82 34.85
N ARG H 184 15.69 -32.77 35.40
CA ARG H 184 15.48 -33.13 36.80
C ARG H 184 16.74 -33.41 37.59
N ASP H 185 17.92 -33.11 37.08
CA ASP H 185 19.16 -33.28 37.84
C ASP H 185 19.91 -31.97 37.86
N PHE H 186 20.08 -31.40 39.05
CA PHE H 186 20.80 -30.14 39.23
C PHE H 186 22.24 -30.50 39.62
N LYS H 187 23.02 -30.90 38.63
CA LYS H 187 24.40 -31.29 38.81
C LYS H 187 25.27 -30.03 38.86
N ALA H 188 26.58 -30.17 38.97
CA ALA H 188 27.49 -29.03 38.99
C ALA H 188 28.35 -29.03 37.74
N ASP H 189 28.42 -27.87 37.09
CA ASP H 189 29.19 -27.70 35.86
C ASP H 189 29.88 -26.36 35.99
N ALA H 190 31.07 -26.25 35.36
CA ALA H 190 31.92 -25.08 35.57
C ALA H 190 31.34 -23.82 34.95
N GLU H 191 30.85 -23.92 33.70
CA GLU H 191 30.16 -22.78 33.10
C GLU H 191 28.83 -22.51 33.79
N LEU H 192 28.17 -23.57 34.24
CA LEU H 192 26.96 -23.40 35.03
C LEU H 192 27.25 -22.77 36.38
N ASP H 193 28.41 -23.06 36.95
CA ASP H 193 28.80 -22.40 38.19
C ASP H 193 29.13 -20.94 37.96
N ALA H 194 29.73 -20.59 36.83
CA ALA H 194 30.00 -19.18 36.52
C ALA H 194 28.70 -18.42 36.33
N LEU H 195 27.73 -19.02 35.65
CA LEU H 195 26.41 -18.40 35.52
C LEU H 195 25.70 -18.32 36.87
N ALA H 196 25.92 -19.30 37.74
CA ALA H 196 25.33 -19.27 39.06
C ALA H 196 25.92 -18.14 39.91
N GLU H 197 27.22 -17.89 39.81
CA GLU H 197 27.77 -16.74 40.53
C GLU H 197 27.34 -15.43 39.91
N LEU H 198 27.05 -15.40 38.61
CA LEU H 198 26.55 -14.16 38.04
C LEU H 198 25.13 -13.85 38.50
N ILE H 199 24.25 -14.86 38.52
CA ILE H 199 22.90 -14.65 39.04
C ILE H 199 22.93 -14.40 40.55
N ALA H 200 23.93 -14.94 41.25
CA ALA H 200 24.12 -14.64 42.67
C ALA H 200 24.49 -13.18 42.90
N SER H 201 25.45 -12.67 42.14
CA SER H 201 25.84 -11.28 42.26
C SER H 201 24.74 -10.34 41.78
N GLY H 202 23.85 -10.81 40.91
CA GLY H 202 22.68 -10.03 40.58
C GLY H 202 21.67 -9.99 41.71
N LEU H 203 21.46 -11.13 42.37
CA LEU H 203 20.49 -11.20 43.46
C LEU H 203 21.00 -10.56 44.74
N SER H 204 22.30 -10.35 44.87
CA SER H 204 22.84 -9.77 46.09
C SER H 204 22.97 -8.25 46.02
N GLY H 205 23.59 -7.73 44.96
CA GLY H 205 23.82 -6.31 44.85
C GLY H 205 22.58 -5.53 44.53
N SER H 206 22.72 -4.20 44.50
CA SER H 206 21.58 -3.33 44.29
C SER H 206 21.24 -3.13 42.83
N GLY H 207 22.16 -3.46 41.92
CA GLY H 207 21.93 -3.31 40.50
C GLY H 207 21.47 -4.60 39.86
N HIS H 208 20.77 -4.45 38.74
CA HIS H 208 20.27 -5.60 38.02
C HIS H 208 21.33 -6.15 37.07
N VAL H 209 21.38 -7.47 36.98
CA VAL H 209 22.23 -8.17 36.03
C VAL H 209 21.35 -8.60 34.88
N LEU H 210 21.72 -8.18 33.67
CA LEU H 210 20.93 -8.46 32.49
C LEU H 210 21.60 -9.58 31.70
N LEU H 211 20.82 -10.60 31.38
CA LEU H 211 21.23 -11.71 30.54
C LEU H 211 20.36 -11.72 29.29
N GLU H 212 20.87 -12.30 28.23
CA GLU H 212 20.08 -12.53 27.02
C GLU H 212 20.12 -14.03 26.72
N VAL H 213 18.99 -14.69 26.85
CA VAL H 213 18.93 -16.14 26.78
C VAL H 213 18.29 -16.55 25.47
N VAL H 214 19.10 -17.08 24.56
CA VAL H 214 18.68 -17.46 23.22
C VAL H 214 18.77 -18.96 23.10
N ALA H 215 17.67 -19.61 22.72
CA ALA H 215 17.64 -21.07 22.65
C ALA H 215 17.22 -21.49 21.26
N PHE H 216 17.94 -22.44 20.69
CA PHE H 216 17.67 -22.95 19.36
C PHE H 216 17.23 -24.40 19.46
N ALA H 217 16.03 -24.70 18.99
CA ALA H 217 15.50 -26.05 19.00
C ALA H 217 15.38 -26.56 17.58
N ARG H 218 16.14 -27.58 17.24
CA ARG H 218 16.08 -28.15 15.89
C ARG H 218 14.88 -29.06 15.81
N ILE H 219 13.72 -28.50 15.53
CA ILE H 219 12.48 -29.26 15.53
C ILE H 219 12.34 -30.03 14.23
N GLY H 220 12.24 -29.30 13.13
CA GLY H 220 12.05 -29.92 11.83
C GLY H 220 11.41 -28.94 10.86
N ASP H 221 11.45 -29.31 9.59
CA ASP H 221 10.97 -28.44 8.54
C ASP H 221 9.46 -28.32 8.60
N GLY H 222 8.97 -27.11 8.79
CA GLY H 222 7.56 -26.85 8.71
C GLY H 222 6.75 -27.33 9.89
N GLN H 223 7.39 -27.77 10.96
CA GLN H 223 6.68 -28.37 12.08
C GLN H 223 6.02 -27.29 12.92
N GLU H 224 5.23 -27.73 13.89
CA GLU H 224 4.50 -26.82 14.74
C GLU H 224 5.34 -26.43 15.94
N VAL H 225 5.43 -25.13 16.20
CA VAL H 225 5.97 -24.64 17.43
C VAL H 225 4.82 -24.16 18.29
N PHE H 226 5.06 -24.04 19.59
CA PHE H 226 3.99 -23.89 20.56
C PHE H 226 4.24 -22.64 21.39
N PRO H 227 3.73 -21.49 20.99
CA PRO H 227 3.76 -20.32 21.85
C PRO H 227 2.64 -20.39 22.86
N SER H 228 2.66 -19.45 23.79
CA SER H 228 1.68 -19.45 24.85
C SER H 228 0.33 -19.03 24.32
N GLN H 229 -0.72 -19.41 25.03
CA GLN H 229 -2.08 -19.28 24.55
C GLN H 229 -2.84 -18.35 25.49
N GLU H 230 -3.65 -17.47 24.92
CA GLU H 230 -4.20 -16.36 25.68
C GLU H 230 -5.50 -16.77 26.36
N LEU H 231 -5.62 -16.40 27.64
CA LEU H 231 -6.78 -16.78 28.44
C LEU H 231 -7.89 -15.80 28.15
N ILE H 232 -8.80 -16.20 27.27
CA ILE H 232 -9.91 -15.35 26.87
C ILE H 232 -11.18 -16.02 27.38
N LEU H 233 -11.75 -15.46 28.44
CA LEU H 233 -13.14 -15.70 28.72
C LEU H 233 -13.98 -14.88 27.75
N ASP H 234 -15.22 -15.32 27.55
CA ASP H 234 -16.18 -14.72 26.61
C ASP H 234 -15.61 -14.68 25.19
N LYS H 235 -15.45 -15.87 24.63
CA LYS H 235 -15.04 -15.97 23.23
C LYS H 235 -16.14 -15.48 22.29
N GLY H 236 -17.39 -15.59 22.69
CA GLY H 236 -18.49 -15.05 21.90
C GLY H 236 -19.42 -16.10 21.36
N ASP H 237 -20.18 -15.74 20.32
CA ASP H 237 -21.06 -16.70 19.66
C ASP H 237 -20.25 -17.75 18.93
N LYS H 238 -20.84 -18.93 18.75
CA LYS H 238 -20.12 -20.07 18.21
C LYS H 238 -19.93 -20.02 16.70
N LYS H 239 -20.41 -18.97 16.02
CA LYS H 239 -20.29 -18.91 14.58
C LYS H 239 -18.86 -18.52 14.17
N GLY H 240 -18.42 -17.34 14.59
CA GLY H 240 -17.08 -16.88 14.23
C GLY H 240 -16.10 -17.03 15.35
N GLN H 241 -16.32 -18.01 16.22
CA GLN H 241 -15.53 -18.14 17.44
C GLN H 241 -14.15 -18.71 17.14
N LYS H 242 -13.12 -18.04 17.63
CA LYS H 242 -11.75 -18.51 17.53
C LYS H 242 -11.43 -19.28 18.80
N SER H 243 -11.31 -20.60 18.68
CA SER H 243 -11.30 -21.44 19.87
C SER H 243 -9.92 -21.52 20.50
N LYS H 244 -8.89 -20.98 19.86
CA LYS H 244 -7.54 -21.04 20.40
C LYS H 244 -6.75 -19.85 19.89
N THR H 245 -6.30 -19.01 20.81
CA THR H 245 -5.58 -17.79 20.46
C THR H 245 -4.16 -17.88 20.96
N LEU H 246 -3.21 -17.93 20.04
CA LEU H 246 -1.80 -17.97 20.39
C LEU H 246 -1.27 -16.56 20.56
N TYR H 247 -0.35 -16.38 21.50
CA TYR H 247 0.14 -15.07 21.86
C TYR H 247 1.16 -14.61 20.84
N SER H 248 1.05 -13.35 20.44
CA SER H 248 1.96 -12.77 19.47
C SER H 248 2.29 -11.35 19.91
N VAL H 249 3.58 -10.99 19.94
CA VAL H 249 3.96 -9.66 20.39
C VAL H 249 3.71 -8.63 19.32
N ARG H 250 4.39 -8.73 18.18
CA ARG H 250 4.05 -7.85 17.05
C ARG H 250 4.27 -8.66 15.77
N ASP H 251 3.22 -9.37 15.35
CA ASP H 251 3.27 -10.37 14.27
C ASP H 251 4.44 -11.34 14.47
N ALA H 252 4.60 -11.81 15.70
CA ALA H 252 5.73 -12.64 16.06
C ALA H 252 5.30 -13.45 17.27
N ALA H 253 5.26 -14.77 17.13
CA ALA H 253 4.82 -15.63 18.23
C ALA H 253 5.75 -15.50 19.41
N ALA H 254 5.19 -15.66 20.60
CA ALA H 254 5.98 -15.52 21.80
C ALA H 254 5.34 -16.29 22.93
N ILE H 255 6.18 -16.77 23.81
CA ILE H 255 5.76 -17.32 25.09
C ILE H 255 5.62 -16.15 26.05
N HIS H 256 4.68 -16.25 26.98
CA HIS H 256 4.41 -15.17 27.92
C HIS H 256 5.58 -14.98 28.87
N SER H 257 5.60 -13.84 29.55
CA SER H 257 6.66 -13.59 30.53
C SER H 257 6.50 -14.47 31.75
N GLN H 258 5.26 -14.70 32.19
CA GLN H 258 5.05 -15.50 33.39
C GLN H 258 5.28 -16.98 33.11
N LYS H 259 5.19 -17.40 31.86
CA LYS H 259 5.49 -18.79 31.53
C LYS H 259 6.98 -19.06 31.60
N ILE H 260 7.78 -18.13 31.08
CA ILE H 260 9.23 -18.24 31.19
C ILE H 260 9.65 -18.14 32.64
N GLY H 261 9.00 -17.27 33.41
CA GLY H 261 9.29 -17.20 34.83
C GLY H 261 8.90 -18.47 35.57
N ASN H 262 7.81 -19.11 35.15
CA ASN H 262 7.40 -20.37 35.77
C ASN H 262 8.34 -21.50 35.45
N ALA H 263 8.99 -21.44 34.28
CA ALA H 263 9.99 -22.47 33.99
C ALA H 263 11.30 -22.18 34.70
N LEU H 264 11.62 -20.91 34.92
CA LEU H 264 12.82 -20.57 35.69
C LEU H 264 12.66 -20.89 37.16
N ARG H 265 11.47 -20.73 37.71
CA ARG H 265 11.26 -21.00 39.13
C ARG H 265 11.15 -22.49 39.45
N THR H 266 11.13 -23.36 38.44
CA THR H 266 10.95 -24.80 38.68
C THR H 266 12.26 -25.34 39.23
N ILE H 267 12.46 -25.10 40.52
CA ILE H 267 13.69 -25.45 41.21
C ILE H 267 13.32 -26.25 42.45
N ASP H 268 12.05 -26.27 42.78
CA ASP H 268 11.58 -26.82 44.06
C ASP H 268 11.50 -28.33 43.96
N THR H 269 12.55 -29.00 44.39
CA THR H 269 12.55 -30.44 44.58
C THR H 269 12.55 -30.83 46.04
N TRP H 270 12.26 -29.88 46.93
CA TRP H 270 12.35 -30.08 48.37
C TRP H 270 11.01 -30.35 49.01
N TYR H 271 9.94 -30.51 48.23
CA TYR H 271 8.61 -30.69 48.80
C TYR H 271 8.48 -32.09 49.40
N PRO H 272 7.65 -32.26 50.45
CA PRO H 272 7.64 -33.53 51.18
C PRO H 272 7.07 -34.70 50.42
N ASP H 273 6.29 -34.46 49.38
CA ASP H 273 5.80 -35.55 48.55
C ASP H 273 6.95 -36.12 47.73
N GLU H 274 6.76 -37.33 47.23
CA GLU H 274 7.80 -37.99 46.46
C GLU H 274 7.97 -37.29 45.11
N ASP H 275 9.20 -37.35 44.59
CA ASP H 275 9.56 -36.59 43.40
C ASP H 275 9.36 -37.41 42.13
N GLY H 276 8.11 -37.85 41.95
CA GLY H 276 7.71 -38.33 40.63
C GLY H 276 7.65 -37.21 39.62
N LEU H 277 7.33 -36.00 40.08
CA LEU H 277 7.39 -34.83 39.22
C LEU H 277 8.81 -34.28 39.12
N GLY H 278 9.67 -34.62 40.07
CA GLY H 278 10.97 -34.01 40.14
C GLY H 278 10.84 -32.62 40.72
N PRO H 279 11.45 -31.65 40.07
CA PRO H 279 11.26 -30.26 40.51
C PRO H 279 9.93 -29.70 40.04
N ILE H 280 9.26 -28.97 40.93
CA ILE H 280 8.07 -28.22 40.59
C ILE H 280 8.37 -26.74 40.82
N ALA H 281 7.39 -25.90 40.52
CA ALA H 281 7.57 -24.47 40.64
C ALA H 281 7.53 -24.05 42.10
N VAL H 282 8.30 -23.01 42.42
CA VAL H 282 8.31 -22.46 43.77
C VAL H 282 7.04 -21.65 43.95
N GLU H 283 6.11 -22.17 44.73
CA GLU H 283 4.85 -21.50 45.01
C GLU H 283 4.58 -21.61 46.50
N PRO H 284 3.87 -20.66 47.09
CA PRO H 284 3.34 -20.88 48.43
C PRO H 284 2.12 -21.80 48.33
N TYR H 285 2.05 -22.75 49.27
CA TYR H 285 1.23 -23.96 49.14
C TYR H 285 1.51 -24.64 47.81
N GLY H 286 2.76 -25.12 47.67
CA GLY H 286 3.38 -25.34 46.38
C GLY H 286 2.65 -26.27 45.45
N SER H 287 1.97 -25.65 44.50
CA SER H 287 0.90 -26.28 43.75
C SER H 287 1.30 -26.39 42.30
N VAL H 288 0.99 -27.53 41.70
CA VAL H 288 1.29 -27.76 40.31
C VAL H 288 -0.01 -27.63 39.54
N THR H 289 -0.03 -26.73 38.55
CA THR H 289 -1.23 -26.48 37.77
C THR H 289 -1.61 -27.67 36.91
N SER H 290 -0.62 -28.34 36.30
CA SER H 290 -0.91 -29.52 35.49
C SER H 290 -1.37 -30.70 36.33
N GLN H 291 -0.85 -30.85 37.54
CA GLN H 291 -1.29 -31.95 38.39
C GLN H 291 -2.65 -31.67 39.03
N GLY H 292 -3.06 -30.41 39.11
CA GLY H 292 -4.29 -30.08 39.79
C GLY H 292 -4.26 -30.31 41.27
N LYS H 293 -3.08 -30.35 41.88
CA LYS H 293 -2.90 -30.79 43.25
C LYS H 293 -1.88 -29.89 43.94
N ALA H 294 -2.21 -29.45 45.14
CA ALA H 294 -1.35 -28.55 45.90
C ALA H 294 -0.51 -29.38 46.86
N TYR H 295 0.77 -29.54 46.53
CA TYR H 295 1.74 -30.02 47.49
C TYR H 295 2.11 -28.89 48.43
N ARG H 296 2.93 -29.22 49.43
CA ARG H 296 3.30 -28.31 50.52
C ARG H 296 2.06 -27.71 51.18
N GLN H 297 1.21 -28.59 51.69
CA GLN H 297 -0.06 -28.18 52.26
C GLN H 297 0.17 -27.49 53.60
N PRO H 298 -0.78 -26.67 54.06
CA PRO H 298 -0.68 -26.13 55.41
C PRO H 298 -1.01 -27.15 56.49
N LYS H 299 -1.54 -28.32 56.14
CA LYS H 299 -1.77 -29.36 57.13
C LYS H 299 -0.45 -29.92 57.64
N GLN H 300 0.46 -30.28 56.73
CA GLN H 300 1.84 -30.46 57.14
C GLN H 300 2.46 -29.10 57.37
N LYS H 301 3.58 -29.07 58.07
CA LYS H 301 4.20 -27.80 58.43
C LYS H 301 5.26 -27.41 57.42
N LEU H 302 4.90 -27.40 56.12
CA LEU H 302 5.90 -27.19 55.09
C LEU H 302 5.42 -26.30 53.95
N ASP H 303 4.51 -25.37 54.22
CA ASP H 303 4.22 -24.36 53.21
C ASP H 303 5.07 -23.13 53.50
N PHE H 304 4.94 -22.12 52.63
CA PHE H 304 5.81 -20.95 52.74
C PHE H 304 5.46 -20.07 53.92
N TYR H 305 4.17 -19.95 54.24
CA TYR H 305 3.73 -19.04 55.28
C TYR H 305 4.16 -19.52 56.66
N THR H 306 3.98 -20.81 56.95
CA THR H 306 4.32 -21.30 58.28
C THR H 306 5.83 -21.42 58.45
N LEU H 307 6.55 -21.76 57.38
CA LEU H 307 8.01 -21.76 57.46
C LEU H 307 8.55 -20.35 57.65
N LEU H 308 7.98 -19.35 56.98
CA LEU H 308 8.41 -17.98 57.16
C LEU H 308 8.07 -17.44 58.53
N ASP H 309 6.89 -17.78 59.06
CA ASP H 309 6.51 -17.31 60.39
C ASP H 309 7.33 -17.99 61.48
N ASN H 310 7.63 -19.28 61.33
CA ASN H 310 8.47 -19.94 62.32
C ASN H 310 9.92 -19.47 62.20
N TRP H 311 10.34 -19.04 61.01
CA TRP H 311 11.70 -18.59 60.83
C TRP H 311 11.89 -17.16 61.33
N VAL H 312 10.87 -16.32 61.18
CA VAL H 312 11.00 -14.91 61.51
C VAL H 312 10.50 -14.62 62.92
N LEU H 313 9.28 -15.04 63.24
CA LEU H 313 8.66 -14.65 64.51
C LEU H 313 9.29 -15.39 65.68
N ARG H 314 9.20 -16.72 65.67
CA ARG H 314 9.58 -17.51 66.83
C ARG H 314 10.92 -18.22 66.63
N ASP H 315 11.72 -17.79 65.67
CA ASP H 315 13.15 -18.13 65.52
C ASP H 315 13.40 -19.62 65.30
N GLU H 316 12.39 -20.40 64.95
CA GLU H 316 12.61 -21.79 64.58
C GLU H 316 13.10 -21.79 63.14
N ALA H 317 14.41 -21.88 62.98
CA ALA H 317 14.98 -21.95 61.65
C ALA H 317 14.67 -23.32 61.04
N PRO H 318 14.08 -23.37 59.86
CA PRO H 318 13.79 -24.66 59.22
C PRO H 318 15.04 -25.34 58.70
N ALA H 319 14.86 -26.44 57.97
CA ALA H 319 15.99 -27.09 57.33
C ALA H 319 16.54 -26.20 56.23
N VAL H 320 17.77 -26.51 55.81
CA VAL H 320 18.45 -25.67 54.82
C VAL H 320 17.74 -25.73 53.47
N GLU H 321 17.10 -26.86 53.16
CA GLU H 321 16.33 -26.99 51.95
C GLU H 321 15.04 -26.18 52.02
N GLN H 322 14.38 -26.19 53.18
CA GLN H 322 13.15 -25.44 53.30
C GLN H 322 13.40 -23.94 53.37
N GLN H 323 14.56 -23.52 53.88
CA GLN H 323 14.83 -22.10 53.82
C GLN H 323 15.35 -21.67 52.47
N HIS H 324 15.95 -22.59 51.69
CA HIS H 324 16.13 -22.35 50.26
C HIS H 324 14.79 -22.10 49.58
N TYR H 325 13.76 -22.89 49.95
CA TYR H 325 12.43 -22.70 49.39
C TYR H 325 11.83 -21.37 49.80
N VAL H 326 12.04 -20.96 51.05
CA VAL H 326 11.48 -19.71 51.54
C VAL H 326 12.11 -18.51 50.85
N ILE H 327 13.44 -18.52 50.71
CA ILE H 327 14.09 -17.40 50.04
C ILE H 327 13.83 -17.43 48.54
N ALA H 328 13.63 -18.62 47.95
CA ALA H 328 13.23 -18.66 46.54
C ALA H 328 11.80 -18.17 46.36
N ASN H 329 10.98 -18.29 47.39
CA ASN H 329 9.66 -17.70 47.32
C ASN H 329 9.72 -16.19 47.50
N LEU H 330 10.73 -15.69 48.21
CA LEU H 330 10.92 -14.25 48.30
C LEU H 330 11.44 -13.67 46.99
N ILE H 331 12.33 -14.39 46.31
CA ILE H 331 12.80 -13.99 44.99
C ILE H 331 11.68 -14.08 43.98
N ARG H 332 10.80 -15.07 44.14
CA ARG H 332 9.61 -15.20 43.30
C ARG H 332 8.66 -14.02 43.47
N GLY H 333 8.61 -13.44 44.66
CA GLY H 333 7.70 -12.35 44.93
C GLY H 333 6.43 -12.84 45.58
N GLY H 334 5.46 -11.96 45.66
CA GLY H 334 4.14 -12.32 46.14
C GLY H 334 3.42 -11.18 46.80
N VAL H 335 2.20 -11.48 47.26
CA VAL H 335 1.39 -10.60 48.09
C VAL H 335 0.86 -11.44 49.24
N PHE H 336 1.22 -11.08 50.46
CA PHE H 336 0.88 -11.85 51.66
C PHE H 336 0.24 -10.94 52.70
N GLY H 337 -0.15 -11.52 53.83
CA GLY H 337 -0.65 -10.74 54.94
C GLY H 337 -2.05 -11.12 55.36
N GLU H 338 -2.33 -11.04 56.66
CA GLU H 338 -3.66 -11.40 57.17
C GLU H 338 -4.52 -10.15 57.28
N ALA H 339 -5.76 -10.34 57.73
CA ALA H 339 -6.72 -9.25 57.82
C ALA H 339 -6.48 -8.39 59.04
N PRO I 8 -47.24 13.12 55.44
CA PRO I 8 -46.52 13.79 56.52
C PRO I 8 -47.09 13.47 57.91
N THR I 9 -48.23 12.78 57.95
CA THR I 9 -48.77 12.35 59.23
C THR I 9 -48.30 10.95 59.57
N TRP I 10 -48.29 10.62 60.86
CA TRP I 10 -47.69 9.38 61.31
C TRP I 10 -48.60 8.19 61.08
N GLN I 11 -49.92 8.43 60.90
CA GLN I 11 -50.85 7.32 60.77
C GLN I 11 -50.74 6.66 59.40
N GLU I 12 -50.54 7.47 58.34
CA GLU I 12 -50.41 6.89 57.01
C GLU I 12 -49.06 6.20 56.86
N LEU I 13 -48.03 6.71 57.54
CA LEU I 13 -46.73 6.03 57.54
C LEU I 13 -46.81 4.72 58.30
N ARG I 14 -47.53 4.72 59.42
CA ARG I 14 -47.77 3.50 60.19
C ARG I 14 -48.49 2.45 59.35
N GLN I 15 -49.58 2.84 58.68
CA GLN I 15 -50.34 1.87 57.90
C GLN I 15 -49.59 1.47 56.63
N PHE I 16 -48.68 2.32 56.15
CA PHE I 16 -47.85 1.95 55.00
C PHE I 16 -46.83 0.90 55.39
N ILE I 17 -46.20 1.06 56.56
CA ILE I 17 -45.27 0.05 57.06
C ILE I 17 -46.00 -1.26 57.37
N GLU I 18 -47.20 -1.17 57.96
CA GLU I 18 -47.99 -2.39 58.22
C GLU I 18 -48.42 -3.05 56.93
N SER I 19 -48.67 -2.26 55.88
CA SER I 19 -49.03 -2.83 54.59
C SER I 19 -47.85 -3.54 53.95
N PHE I 20 -46.63 -3.00 54.14
CA PHE I 20 -45.45 -3.67 53.60
C PHE I 20 -45.18 -4.99 54.34
N ILE I 21 -45.31 -4.96 55.67
CA ILE I 21 -45.14 -6.17 56.47
C ILE I 21 -46.19 -7.22 56.10
N GLN I 22 -47.43 -6.78 55.88
CA GLN I 22 -48.50 -7.70 55.54
C GLN I 22 -48.36 -8.22 54.12
N GLU I 23 -47.79 -7.42 53.22
CA GLU I 23 -47.50 -7.91 51.87
C GLU I 23 -46.41 -8.97 51.91
N ARG I 24 -45.41 -8.78 52.77
CA ARG I 24 -44.37 -9.79 52.96
C ARG I 24 -44.96 -11.08 53.52
N LEU I 25 -45.85 -10.96 54.50
CA LEU I 25 -46.47 -12.15 55.10
C LEU I 25 -47.39 -12.86 54.12
N GLN I 26 -48.12 -12.09 53.30
CA GLN I 26 -49.02 -12.70 52.33
C GLN I 26 -48.24 -13.38 51.22
N GLY I 27 -47.10 -12.81 50.82
CA GLY I 27 -46.25 -13.48 49.86
C GLY I 27 -45.65 -14.76 50.42
N LYS I 28 -45.27 -14.75 51.70
CA LYS I 28 -44.75 -15.96 52.33
C LYS I 28 -45.82 -17.04 52.46
N LEU I 29 -47.04 -16.65 52.80
CA LEU I 29 -48.12 -17.62 52.95
C LEU I 29 -48.58 -18.15 51.60
N ASP I 30 -48.51 -17.32 50.56
CA ASP I 30 -48.89 -17.79 49.23
C ASP I 30 -47.83 -18.69 48.64
N LYS I 31 -46.56 -18.43 48.93
CA LYS I 31 -45.47 -19.29 48.44
C LYS I 31 -45.06 -20.33 49.48
N LEU I 32 -45.91 -20.52 50.49
CA LEU I 32 -45.67 -21.53 51.51
C LEU I 32 -45.99 -22.95 51.06
N GLN I 33 -47.01 -23.13 50.20
CA GLN I 33 -47.58 -24.39 49.74
C GLN I 33 -47.95 -25.25 50.95
N PRO I 34 -48.55 -24.66 51.99
CA PRO I 34 -48.78 -25.38 53.23
C PRO I 34 -50.18 -25.99 53.31
N ASP I 35 -50.26 -27.11 54.03
CA ASP I 35 -51.53 -27.71 54.41
C ASP I 35 -51.58 -28.14 55.86
N GLU I 36 -50.44 -28.35 56.51
CA GLU I 36 -50.39 -28.82 57.89
C GLU I 36 -49.22 -28.14 58.58
N ASP I 37 -48.82 -28.68 59.73
CA ASP I 37 -47.65 -28.37 60.56
C ASP I 37 -47.76 -27.05 61.30
N ASP I 38 -48.81 -26.25 61.07
CA ASP I 38 -49.16 -25.05 61.84
C ASP I 38 -48.05 -24.00 61.83
N LYS I 39 -47.38 -23.88 60.69
CA LYS I 39 -46.35 -22.86 60.53
C LYS I 39 -46.94 -21.46 60.33
N ARG I 40 -48.23 -21.37 60.02
CA ARG I 40 -48.89 -20.08 59.87
C ARG I 40 -48.94 -19.31 61.18
N GLN I 41 -49.03 -20.01 62.32
CA GLN I 41 -49.05 -19.34 63.61
C GLN I 41 -47.69 -18.70 63.92
N THR I 42 -46.59 -19.42 63.67
CA THR I 42 -45.26 -18.86 63.91
C THR I 42 -44.95 -17.75 62.91
N LEU I 43 -45.38 -17.91 61.65
CA LEU I 43 -45.15 -16.87 60.66
C LEU I 43 -45.98 -15.61 60.94
N LEU I 44 -47.20 -15.76 61.42
CA LEU I 44 -48.02 -14.60 61.80
C LEU I 44 -47.63 -14.03 63.15
N ALA I 45 -46.86 -14.77 63.95
CA ALA I 45 -46.30 -14.19 65.17
C ALA I 45 -45.00 -13.45 64.90
N THR I 46 -44.22 -13.90 63.93
CA THR I 46 -42.93 -13.26 63.65
C THR I 46 -43.06 -12.19 62.57
N HIS I 47 -43.50 -12.57 61.38
CA HIS I 47 -43.45 -11.69 60.22
C HIS I 47 -44.69 -10.83 60.05
N ARG I 48 -45.44 -10.59 61.11
CA ARG I 48 -46.62 -9.75 60.99
C ARG I 48 -46.64 -8.59 61.97
N ARG I 49 -46.20 -8.80 63.19
CA ARG I 49 -46.34 -7.78 64.24
C ARG I 49 -45.18 -6.80 64.16
N GLU I 50 -45.03 -5.97 65.19
CA GLU I 50 -43.92 -5.03 65.28
C GLU I 50 -42.65 -5.65 65.82
N ALA I 51 -42.62 -6.98 66.00
CA ALA I 51 -41.37 -7.70 66.17
C ALA I 51 -40.66 -7.91 64.85
N TRP I 52 -41.36 -7.73 63.73
CA TRP I 52 -40.69 -7.65 62.43
C TRP I 52 -39.75 -6.47 62.38
N LEU I 53 -40.15 -5.34 62.96
CA LEU I 53 -39.25 -4.22 63.10
C LEU I 53 -38.09 -4.55 64.05
N ALA I 54 -38.34 -5.40 65.04
CA ALA I 54 -37.30 -5.76 66.00
C ALA I 54 -36.22 -6.61 65.34
N ASP I 55 -36.60 -7.70 64.66
CA ASP I 55 -35.56 -8.52 64.06
C ASP I 55 -35.03 -7.90 62.77
N ALA I 56 -35.78 -6.95 62.18
CA ALA I 56 -35.21 -6.18 61.08
C ALA I 56 -34.13 -5.22 61.56
N ALA I 57 -34.37 -4.56 62.70
CA ALA I 57 -33.34 -3.69 63.27
C ALA I 57 -32.16 -4.50 63.81
N ARG I 58 -32.41 -5.76 64.16
CA ARG I 58 -31.29 -6.66 64.42
C ARG I 58 -30.56 -7.01 63.13
N ARG I 59 -31.28 -7.06 62.02
CA ARG I 59 -30.70 -7.47 60.73
C ARG I 59 -29.96 -6.37 60.01
N VAL I 60 -30.15 -5.09 60.40
CA VAL I 60 -29.49 -3.97 59.72
C VAL I 60 -27.97 -4.08 59.78
N GLY I 61 -27.42 -4.60 60.88
CA GLY I 61 -25.97 -4.71 61.00
C GLY I 61 -25.35 -5.72 60.05
N GLN I 62 -26.18 -6.54 59.40
CA GLN I 62 -25.69 -7.38 58.33
C GLN I 62 -25.58 -6.62 57.01
N LEU I 63 -26.37 -5.56 56.83
CA LEU I 63 -26.35 -4.80 55.58
C LEU I 63 -25.45 -3.58 55.69
N GLN I 64 -25.27 -2.91 54.55
CA GLN I 64 -24.71 -1.57 54.49
C GLN I 64 -25.05 -0.89 53.17
N LEU I 65 -25.66 0.29 53.23
CA LEU I 65 -25.71 1.15 52.05
C LEU I 65 -24.34 1.70 51.77
N VAL I 66 -23.90 1.60 50.52
CA VAL I 66 -22.55 1.97 50.14
C VAL I 66 -22.61 2.74 48.83
N THR I 67 -21.58 3.55 48.59
CA THR I 67 -21.37 4.23 47.33
C THR I 67 -20.01 3.86 46.74
N HIS I 68 -19.07 3.44 47.57
CA HIS I 68 -17.71 3.11 47.15
C HIS I 68 -17.29 1.79 47.80
N THR I 69 -17.48 0.70 47.08
CA THR I 69 -17.17 -0.62 47.62
C THR I 69 -15.70 -0.96 47.41
N LEU I 70 -15.26 -2.02 48.07
CA LEU I 70 -13.87 -2.46 47.94
C LEU I 70 -13.77 -3.70 47.06
N LYS I 71 -14.76 -4.58 47.13
CA LYS I 71 -14.82 -5.90 46.50
C LYS I 71 -14.50 -6.01 45.01
N PRO I 72 -14.69 -4.99 44.16
CA PRO I 72 -14.08 -5.08 42.81
C PRO I 72 -12.56 -5.17 42.80
N ILE I 73 -11.86 -4.40 43.64
CA ILE I 73 -10.50 -4.78 43.99
C ILE I 73 -10.58 -6.09 44.73
N HIS I 74 -9.56 -6.96 44.55
CA HIS I 74 -9.57 -8.42 44.63
C HIS I 74 -10.48 -8.99 45.70
N PRO I 75 -11.41 -9.88 45.34
CA PRO I 75 -12.61 -10.11 46.17
C PRO I 75 -12.38 -10.89 47.46
N ASP I 76 -11.15 -11.23 47.83
CA ASP I 76 -10.86 -11.66 49.19
C ASP I 76 -10.28 -10.48 49.97
N ALA I 77 -11.09 -9.44 50.11
CA ALA I 77 -10.66 -8.21 50.78
C ALA I 77 -11.77 -7.79 51.75
N ARG I 78 -11.48 -7.87 53.04
CA ARG I 78 -12.41 -7.41 54.08
C ARG I 78 -11.92 -6.08 54.64
N GLY I 79 -12.31 -5.02 53.97
CA GLY I 79 -11.91 -3.68 54.33
C GLY I 79 -13.07 -2.80 54.69
N SER I 80 -12.99 -1.54 54.26
CA SER I 80 -14.00 -0.54 54.56
C SER I 80 -14.70 -0.11 53.29
N ASN I 81 -16.03 -0.08 53.34
CA ASN I 81 -16.86 0.40 52.27
C ASN I 81 -17.63 1.63 52.74
N LEU I 82 -17.66 2.66 51.90
CA LEU I 82 -18.11 3.97 52.32
C LEU I 82 -19.33 4.40 51.54
N HIS I 83 -20.35 4.89 52.24
CA HIS I 83 -21.39 5.71 51.62
C HIS I 83 -21.09 7.18 51.92
N SER I 84 -20.11 7.69 51.19
CA SER I 84 -19.74 9.09 51.32
C SER I 84 -19.63 9.69 49.94
N LEU I 85 -20.23 10.85 49.77
CA LEU I 85 -20.10 11.59 48.53
C LEU I 85 -18.98 12.60 48.69
N PRO I 86 -18.07 12.72 47.75
CA PRO I 86 -17.01 13.71 47.87
C PRO I 86 -17.56 15.12 47.73
N GLN I 87 -16.82 16.07 48.31
CA GLN I 87 -17.12 17.47 48.06
C GLN I 87 -16.66 17.84 46.66
N ALA I 88 -17.27 18.87 46.10
CA ALA I 88 -16.95 19.26 44.74
C ALA I 88 -15.59 19.95 44.72
N PRO I 89 -14.73 19.61 43.76
CA PRO I 89 -13.51 20.40 43.56
C PRO I 89 -13.83 21.83 43.16
N GLY I 90 -13.04 22.75 43.69
CA GLY I 90 -13.10 24.13 43.20
C GLY I 90 -12.39 24.29 41.88
N GLN I 91 -11.48 23.36 41.57
CA GLN I 91 -10.78 23.40 40.30
C GLN I 91 -11.71 22.99 39.17
N PRO I 92 -11.72 23.71 38.05
CA PRO I 92 -12.68 23.42 36.99
C PRO I 92 -12.23 22.28 36.11
N GLY I 93 -13.19 21.72 35.37
CA GLY I 93 -12.88 20.63 34.47
C GLY I 93 -13.27 19.28 35.01
N LEU I 94 -12.27 18.60 35.59
CA LEU I 94 -12.38 17.27 36.15
C LEU I 94 -13.51 17.14 37.18
N ALA I 95 -14.26 16.03 37.10
CA ALA I 95 -15.23 15.64 38.10
C ALA I 95 -15.65 14.19 37.93
N GLY I 96 -16.11 13.60 39.03
CA GLY I 96 -16.68 12.27 39.06
C GLY I 96 -17.23 11.92 40.43
N SER I 97 -18.44 11.36 40.48
CA SER I 97 -19.16 10.77 41.62
C SER I 97 -19.64 11.77 42.66
N HIS I 98 -19.38 13.06 42.50
CA HIS I 98 -20.05 14.07 43.29
C HIS I 98 -21.08 14.83 42.48
N GLU I 99 -21.25 14.46 41.22
CA GLU I 99 -22.26 15.10 40.38
C GLU I 99 -23.63 14.51 40.65
N LEU I 100 -23.65 13.30 41.18
CA LEU I 100 -24.89 12.59 41.44
C LEU I 100 -25.61 13.20 42.64
N GLY I 101 -26.59 14.08 42.37
CA GLY I 101 -27.30 14.71 43.46
C GLY I 101 -28.57 13.98 43.81
N ASP I 102 -29.41 13.73 42.82
CA ASP I 102 -30.64 12.99 43.00
C ASP I 102 -30.70 11.73 42.16
N ARG I 103 -29.60 11.35 41.52
CA ARG I 103 -29.54 10.17 40.68
C ARG I 103 -28.63 9.10 41.26
N LEU I 104 -28.45 9.08 42.57
CA LEU I 104 -27.67 8.03 43.22
C LEU I 104 -28.43 6.72 43.19
N VAL I 105 -27.73 5.65 42.84
CA VAL I 105 -28.38 4.35 42.83
C VAL I 105 -28.07 3.58 44.11
N SER I 106 -26.95 3.88 44.77
CA SER I 106 -26.71 3.58 46.18
C SER I 106 -26.71 2.08 46.47
N ASP I 107 -25.64 1.43 46.02
CA ASP I 107 -25.39 -0.01 46.23
C ASP I 107 -25.56 -0.48 47.66
N VAL I 108 -25.85 -1.78 47.79
CA VAL I 108 -26.00 -2.46 49.08
C VAL I 108 -24.99 -3.58 49.12
N VAL I 109 -24.16 -3.61 50.15
CA VAL I 109 -23.33 -4.77 50.41
C VAL I 109 -23.76 -5.38 51.73
N GLY I 110 -23.41 -6.64 51.91
CA GLY I 110 -23.71 -7.35 53.13
C GLY I 110 -24.48 -8.61 52.84
N ASN I 111 -25.10 -9.15 53.89
CA ASN I 111 -25.84 -10.39 53.79
C ASN I 111 -27.07 -10.19 52.90
N ALA I 112 -27.15 -10.97 51.83
CA ALA I 112 -28.29 -10.89 50.92
C ALA I 112 -29.55 -11.50 51.52
N ALA I 113 -29.43 -12.23 52.63
CA ALA I 113 -30.60 -12.75 53.31
C ALA I 113 -31.34 -11.65 54.08
N ALA I 114 -30.70 -10.51 54.30
CA ALA I 114 -31.33 -9.39 54.99
C ALA I 114 -31.76 -8.29 54.03
N LEU I 115 -32.04 -8.62 52.77
CA LEU I 115 -32.41 -7.62 51.79
C LEU I 115 -33.81 -7.06 52.00
N ASP I 116 -34.64 -7.73 52.81
CA ASP I 116 -35.96 -7.20 53.13
C ASP I 116 -35.86 -5.92 53.95
N VAL I 117 -34.78 -5.77 54.72
CA VAL I 117 -34.56 -4.53 55.46
C VAL I 117 -34.29 -3.37 54.52
N PHE I 118 -33.49 -3.60 53.46
CA PHE I 118 -33.23 -2.54 52.49
C PHE I 118 -34.46 -2.25 51.64
N LYS I 119 -35.23 -3.29 51.29
CA LYS I 119 -36.51 -3.07 50.61
C LYS I 119 -37.51 -2.37 51.49
N PHE I 120 -37.38 -2.51 52.80
CA PHE I 120 -38.26 -1.82 53.74
C PHE I 120 -37.86 -0.37 53.91
N LEU I 121 -36.56 -0.10 53.90
CA LEU I 121 -36.09 1.27 54.04
C LEU I 121 -36.16 2.03 52.72
N SER I 122 -36.40 1.32 51.62
CA SER I 122 -36.43 1.99 50.33
C SER I 122 -37.83 2.21 49.80
N LEU I 123 -38.86 2.10 50.63
CA LEU I 123 -40.22 2.39 50.16
C LEU I 123 -40.45 3.89 50.04
N GLN I 124 -41.27 4.28 49.08
CA GLN I 124 -41.34 5.67 48.63
C GLN I 124 -42.58 6.39 49.14
N TYR I 125 -42.94 6.18 50.41
CA TYR I 125 -44.25 6.41 51.06
C TYR I 125 -44.87 7.75 50.71
N GLN I 126 -44.26 8.88 51.04
CA GLN I 126 -44.90 10.16 50.72
C GLN I 126 -44.32 10.81 49.48
N GLY I 127 -43.03 11.14 49.53
CA GLY I 127 -42.34 11.66 48.36
C GLY I 127 -40.90 11.24 48.34
N LYS I 128 -40.49 10.46 49.33
CA LYS I 128 -39.08 10.12 49.51
C LYS I 128 -38.99 8.77 50.21
N ASN I 129 -37.75 8.32 50.40
CA ASN I 129 -37.51 7.03 51.02
C ASN I 129 -37.87 7.08 52.49
N LEU I 130 -38.17 5.90 53.05
CA LEU I 130 -38.43 5.79 54.48
C LEU I 130 -37.16 6.08 55.28
N LEU I 131 -36.02 5.68 54.73
CA LEU I 131 -34.71 5.99 55.32
C LEU I 131 -34.48 7.49 55.39
N ASN I 132 -34.84 8.20 54.31
CA ASN I 132 -34.69 9.65 54.29
C ASN I 132 -35.71 10.32 55.21
N TRP I 133 -36.82 9.64 55.50
CA TRP I 133 -37.69 10.11 56.57
C TRP I 133 -37.04 9.89 57.91
N LEU I 134 -36.22 8.85 58.04
CA LEU I 134 -35.66 8.53 59.35
C LEU I 134 -34.41 9.35 59.66
N THR I 135 -33.75 9.90 58.63
CA THR I 135 -32.62 10.80 58.89
C THR I 135 -33.08 12.12 59.49
N GLU I 136 -34.10 12.74 58.90
CA GLU I 136 -34.68 13.95 59.46
C GLU I 136 -35.69 13.56 60.53
N ASP I 137 -35.29 13.70 61.79
CA ASP I 137 -36.15 13.31 62.91
C ASP I 137 -37.35 14.24 62.99
N SER I 138 -38.52 13.70 62.69
CA SER I 138 -39.73 14.49 62.61
C SER I 138 -40.82 13.82 63.43
N ALA I 139 -42.03 14.36 63.33
CA ALA I 139 -43.17 13.72 63.96
C ALA I 139 -43.63 12.51 63.15
N GLU I 140 -43.48 12.57 61.83
CA GLU I 140 -43.83 11.42 60.98
C GLU I 140 -42.82 10.31 61.16
N ALA I 141 -41.55 10.66 61.32
CA ALA I 141 -40.55 9.69 61.74
C ALA I 141 -40.71 9.40 63.23
N LEU I 142 -40.18 8.25 63.67
CA LEU I 142 -39.96 7.98 65.12
C LEU I 142 -41.26 8.12 65.94
N GLN I 143 -42.41 7.95 65.28
CA GLN I 143 -43.70 7.71 65.91
C GLN I 143 -44.43 6.53 65.30
N ALA I 144 -44.16 6.26 64.03
CA ALA I 144 -44.88 5.19 63.33
C ALA I 144 -44.40 3.82 63.75
N LEU I 145 -43.10 3.66 63.94
CA LEU I 145 -42.49 2.33 63.98
C LEU I 145 -42.43 1.81 65.42
N SER I 146 -43.15 2.46 66.34
CA SER I 146 -43.43 1.92 67.67
C SER I 146 -44.56 2.69 68.34
N ASP I 147 -44.95 2.25 69.54
CA ASP I 147 -45.83 3.03 70.40
C ASP I 147 -45.08 3.61 71.60
N ASN I 148 -43.88 3.11 71.87
CA ASN I 148 -42.99 3.65 72.89
C ASN I 148 -41.79 4.26 72.18
N ALA I 149 -41.43 5.49 72.57
CA ALA I 149 -40.42 6.23 71.82
C ALA I 149 -39.01 5.74 72.12
N GLU I 150 -38.85 4.89 73.14
CA GLU I 150 -37.52 4.40 73.48
C GLU I 150 -37.05 3.34 72.48
N GLN I 151 -37.86 2.30 72.26
CA GLN I 151 -37.51 1.30 71.26
C GLN I 151 -37.65 1.87 69.85
N ALA I 152 -38.49 2.90 69.68
CA ALA I 152 -38.54 3.62 68.43
C ALA I 152 -37.23 4.36 68.15
N ARG I 153 -36.66 4.98 69.19
CA ARG I 153 -35.36 5.63 69.05
C ARG I 153 -34.27 4.61 68.78
N GLU I 154 -34.36 3.45 69.43
CA GLU I 154 -33.38 2.39 69.21
C GLU I 154 -33.45 1.85 67.78
N TRP I 155 -34.66 1.65 67.26
CA TRP I 155 -34.80 1.12 65.91
C TRP I 155 -34.47 2.18 64.87
N ARG I 156 -34.70 3.45 65.19
CA ARG I 156 -34.28 4.53 64.30
C ARG I 156 -32.75 4.62 64.25
N GLN I 157 -32.09 4.45 65.40
CA GLN I 157 -30.64 4.46 65.42
C GLN I 157 -30.06 3.23 64.72
N ALA I 158 -30.81 2.13 64.73
CA ALA I 158 -30.39 0.97 63.96
C ALA I 158 -30.54 1.22 62.46
N PHE I 159 -31.67 1.79 62.05
CA PHE I 159 -31.95 1.97 60.62
C PHE I 159 -31.06 3.03 60.00
N ILE I 160 -30.70 4.06 60.77
CA ILE I 160 -29.76 5.07 60.31
C ILE I 160 -28.36 4.48 60.11
N GLY I 161 -28.00 3.46 60.89
CA GLY I 161 -26.69 2.84 60.78
C GLY I 161 -26.48 1.97 59.54
N ILE I 162 -27.40 2.01 58.57
CA ILE I 162 -27.22 1.24 57.35
C ILE I 162 -26.30 1.97 56.38
N THR I 163 -26.01 3.23 56.65
CA THR I 163 -25.12 4.01 55.79
C THR I 163 -23.83 4.41 56.48
N THR I 164 -23.48 3.76 57.58
CA THR I 164 -22.28 4.07 58.34
C THR I 164 -21.28 2.92 58.21
N VAL I 165 -20.00 3.25 58.30
CA VAL I 165 -18.96 2.23 58.32
C VAL I 165 -19.04 1.44 59.62
N LYS I 166 -19.00 0.11 59.49
CA LYS I 166 -19.13 -0.78 60.63
C LYS I 166 -17.75 -1.29 61.04
N GLY I 167 -17.26 -0.81 62.18
CA GLY I 167 -15.94 -1.14 62.64
C GLY I 167 -14.95 -0.01 62.43
N ALA I 168 -13.70 -0.31 62.74
CA ALA I 168 -12.61 0.61 62.47
C ALA I 168 -12.38 0.68 60.96
N PRO I 169 -11.87 1.80 60.44
CA PRO I 169 -11.56 1.88 59.01
C PRO I 169 -10.39 0.98 58.67
N ALA I 170 -10.44 0.37 57.49
CA ALA I 170 -9.45 -0.61 57.11
C ALA I 170 -9.37 -0.69 55.59
N SER I 171 -8.26 -1.21 55.11
CA SER I 171 -8.08 -1.54 53.71
C SER I 171 -7.16 -2.73 53.61
N HIS I 172 -7.64 -3.83 53.06
CA HIS I 172 -6.96 -5.12 53.09
C HIS I 172 -5.63 -5.06 52.34
N SER I 173 -4.81 -6.09 52.57
CA SER I 173 -3.51 -6.20 51.91
C SER I 173 -3.67 -6.43 50.41
N LEU I 174 -4.84 -6.91 49.98
CA LEU I 174 -5.10 -7.09 48.56
C LEU I 174 -5.71 -5.84 47.95
N ALA I 175 -6.06 -4.86 48.77
CA ALA I 175 -6.58 -3.60 48.24
C ALA I 175 -5.45 -2.72 47.76
N LYS I 176 -5.80 -1.65 47.06
CA LYS I 176 -4.82 -0.70 46.54
C LYS I 176 -4.75 0.50 47.47
N GLN I 177 -3.55 1.02 47.66
CA GLN I 177 -3.29 2.20 48.49
C GLN I 177 -1.95 2.79 48.09
N LEU I 178 -1.94 4.07 47.74
CA LEU I 178 -0.93 4.65 46.86
C LEU I 178 -0.41 5.95 47.44
N TYR I 179 0.91 6.04 47.61
CA TYR I 179 1.52 7.25 48.13
C TYR I 179 1.32 8.42 47.18
N PHE I 180 1.10 9.60 47.74
CA PHE I 180 0.91 10.82 46.96
C PHE I 180 1.82 11.89 47.54
N PRO I 181 2.79 12.40 46.76
CA PRO I 181 3.72 13.41 47.28
C PRO I 181 3.02 14.74 47.51
N LEU I 182 3.01 15.17 48.77
CA LEU I 182 2.49 16.47 49.15
C LEU I 182 3.42 17.57 48.63
N PRO I 183 2.96 18.85 48.60
CA PRO I 183 3.85 19.92 48.16
C PRO I 183 5.05 20.14 49.06
N GLY I 184 4.85 20.18 50.37
CA GLY I 184 5.97 20.36 51.27
C GLY I 184 6.85 19.13 51.36
N SER I 185 6.35 18.09 52.03
CA SER I 185 7.02 16.81 52.16
C SER I 185 5.98 15.79 52.60
N GLY I 186 6.42 14.55 52.74
CA GLY I 186 5.55 13.50 53.23
C GLY I 186 4.57 13.02 52.18
N TYR I 187 3.78 12.02 52.56
CA TYR I 187 2.89 11.38 51.62
C TYR I 187 1.55 11.12 52.29
N HIS I 188 0.57 10.74 51.48
CA HIS I 188 -0.73 10.27 51.94
C HIS I 188 -0.98 8.91 51.31
N LEU I 189 -1.60 7.99 52.07
CA LEU I 189 -1.64 6.61 51.59
C LEU I 189 -2.68 6.36 50.51
N LEU I 190 -3.81 7.07 50.54
CA LEU I 190 -4.79 7.15 49.46
C LEU I 190 -5.28 5.79 49.00
N ALA I 191 -6.04 5.12 49.82
CA ALA I 191 -6.60 3.87 49.34
C ALA I 191 -7.86 4.13 48.53
N PRO I 192 -7.84 3.97 47.19
CA PRO I 192 -9.03 4.29 46.43
C PRO I 192 -10.03 3.15 46.46
N LEU I 193 -11.30 3.53 46.51
CA LEU I 193 -12.39 2.58 46.50
C LEU I 193 -13.09 2.65 45.16
N PHE I 194 -13.65 1.52 44.75
CA PHE I 194 -14.31 1.44 43.46
C PHE I 194 -15.63 2.20 43.51
N PRO I 195 -15.79 3.29 42.76
CA PRO I 195 -17.05 4.03 42.81
C PRO I 195 -18.13 3.30 42.07
N THR I 196 -19.02 2.63 42.80
CA THR I 196 -19.94 1.74 42.13
C THR I 196 -21.24 2.42 41.75
N SER I 197 -21.64 3.47 42.48
CA SER I 197 -22.82 4.22 42.07
C SER I 197 -22.52 5.08 40.84
N LEU I 198 -21.30 5.61 40.74
CA LEU I 198 -20.89 6.32 39.54
C LEU I 198 -20.78 5.38 38.35
N VAL I 199 -20.24 4.17 38.59
CA VAL I 199 -20.14 3.18 37.53
C VAL I 199 -21.52 2.74 37.07
N HIS I 200 -22.48 2.66 38.00
CA HIS I 200 -23.85 2.34 37.62
C HIS I 200 -24.50 3.47 36.85
N HIS I 201 -24.18 4.72 37.20
CA HIS I 201 -24.73 5.84 36.46
C HIS I 201 -24.19 5.93 35.03
N VAL I 202 -22.87 5.77 34.85
CA VAL I 202 -22.29 5.79 33.51
C VAL I 202 -22.73 4.55 32.72
N HIS I 203 -22.94 3.43 33.41
CA HIS I 203 -23.44 2.23 32.76
C HIS I 203 -24.88 2.43 32.30
N ALA I 204 -25.69 3.15 33.09
CA ALA I 204 -27.05 3.45 32.66
C ALA I 204 -27.07 4.40 31.47
N LEU I 205 -26.17 5.38 31.47
CA LEU I 205 -26.06 6.30 30.32
C LEU I 205 -25.62 5.57 29.07
N LEU I 206 -24.67 4.63 29.21
CA LEU I 206 -24.19 3.90 28.05
C LEU I 206 -25.21 2.90 27.54
N ARG I 207 -25.98 2.28 28.45
CA ARG I 207 -27.03 1.37 28.01
C ARG I 207 -28.18 2.11 27.36
N GLU I 208 -28.50 3.32 27.83
CA GLU I 208 -29.52 4.11 27.18
C GLU I 208 -29.04 4.61 25.82
N ALA I 209 -27.76 4.90 25.67
CA ALA I 209 -27.28 5.40 24.39
C ALA I 209 -26.93 4.29 23.41
N ARG I 210 -26.83 3.04 23.85
CA ARG I 210 -26.58 1.95 22.92
C ARG I 210 -27.82 1.10 22.66
N PHE I 211 -28.48 0.62 23.71
CA PHE I 211 -29.62 -0.26 23.56
C PHE I 211 -30.94 0.41 23.88
N GLY I 212 -30.97 1.72 24.02
CA GLY I 212 -32.21 2.41 24.29
C GLY I 212 -33.09 2.49 23.06
N ASP I 213 -34.37 2.80 23.29
CA ASP I 213 -35.31 2.88 22.18
C ASP I 213 -35.18 4.20 21.43
N ALA I 214 -34.90 5.29 22.15
CA ALA I 214 -34.73 6.59 21.50
C ALA I 214 -33.45 6.68 20.69
N ALA I 215 -32.49 5.80 20.94
CA ALA I 215 -31.29 5.72 20.12
C ALA I 215 -31.42 4.71 19.00
N LYS I 216 -32.13 3.61 19.24
CA LYS I 216 -32.39 2.63 18.19
C LYS I 216 -33.29 3.20 17.10
N ALA I 217 -34.23 4.08 17.48
CA ALA I 217 -35.09 4.73 16.49
C ALA I 217 -34.28 5.62 15.56
N ALA I 218 -33.37 6.43 16.12
CA ALA I 218 -32.54 7.28 15.27
C ALA I 218 -31.52 6.47 14.49
N ARG I 219 -31.09 5.33 15.05
CA ARG I 219 -30.16 4.47 14.32
C ARG I 219 -30.83 3.82 13.12
N GLU I 220 -32.12 3.50 13.23
CA GLU I 220 -32.85 3.02 12.06
C GLU I 220 -33.19 4.15 11.11
N ALA I 221 -33.42 5.36 11.62
CA ALA I 221 -33.67 6.50 10.75
C ALA I 221 -32.43 6.91 9.98
N ARG I 222 -31.25 6.58 10.48
CA ARG I 222 -30.04 6.77 9.68
C ARG I 222 -30.02 5.80 8.50
N SER I 223 -30.52 4.59 8.70
CA SER I 223 -30.56 3.61 7.61
C SER I 223 -31.70 3.92 6.63
N ARG I 224 -32.72 4.65 7.09
CA ARG I 224 -33.74 5.14 6.16
C ARG I 224 -33.23 6.34 5.37
N GLN I 225 -32.13 6.94 5.82
CA GLN I 225 -31.57 8.21 5.34
C GLN I 225 -32.57 9.36 5.44
N GLU I 226 -33.50 9.30 6.38
CA GLU I 226 -34.48 10.35 6.59
C GLU I 226 -33.97 11.37 7.60
N SER I 227 -34.88 12.20 8.08
CA SER I 227 -34.55 13.23 9.05
C SER I 227 -35.24 12.92 10.37
N TRP I 228 -34.48 12.92 11.44
CA TRP I 228 -34.91 12.69 12.80
C TRP I 228 -34.69 13.94 13.65
N PRO I 229 -35.45 14.12 14.74
CA PRO I 229 -35.20 15.28 15.62
C PRO I 229 -33.86 15.24 16.33
N HIS I 230 -33.55 14.15 17.02
CA HIS I 230 -32.30 14.03 17.76
C HIS I 230 -31.41 12.98 17.11
N GLY I 231 -30.13 13.05 17.44
CA GLY I 231 -29.17 12.11 16.89
C GLY I 231 -28.90 10.96 17.84
N PHE I 232 -27.73 10.36 17.71
CA PHE I 232 -27.36 9.23 18.56
C PHE I 232 -25.85 9.14 18.60
N SER I 233 -25.36 8.33 19.53
CA SER I 233 -23.94 8.13 19.74
C SER I 233 -23.57 6.72 19.34
N GLU I 234 -22.28 6.40 19.41
CA GLU I 234 -21.85 5.08 19.00
C GLU I 234 -20.99 4.34 20.02
N TYR I 235 -20.11 5.04 20.76
CA TYR I 235 -19.21 4.51 21.78
C TYR I 235 -18.35 3.34 21.30
N PRO I 236 -17.34 3.58 20.47
CA PRO I 236 -16.51 2.46 20.03
C PRO I 236 -15.41 2.14 21.04
N ASN I 237 -14.80 0.97 20.83
CA ASN I 237 -13.63 0.49 21.58
C ASN I 237 -13.90 0.37 23.07
N LEU I 238 -15.11 0.01 23.44
CA LEU I 238 -15.39 -0.27 24.84
C LEU I 238 -14.83 -1.62 25.22
N ALA I 239 -14.35 -1.73 26.45
CA ALA I 239 -13.84 -2.98 26.97
C ALA I 239 -14.69 -3.41 28.14
N ILE I 240 -14.97 -4.69 28.22
CA ILE I 240 -15.81 -5.23 29.29
C ILE I 240 -14.89 -5.80 30.36
N GLN I 241 -15.16 -5.45 31.61
CA GLN I 241 -14.42 -5.99 32.75
C GLN I 241 -15.42 -6.52 33.76
N LYS I 242 -15.42 -7.82 33.97
CA LYS I 242 -16.31 -8.44 34.95
C LYS I 242 -15.53 -8.76 36.20
N PHE I 243 -16.19 -8.63 37.35
CA PHE I 243 -15.51 -8.62 38.64
C PHE I 243 -15.58 -9.95 39.35
N GLY I 244 -16.78 -10.46 39.61
CA GLY I 244 -16.91 -11.84 40.01
C GLY I 244 -16.56 -12.74 38.84
N GLY I 245 -15.81 -13.80 39.11
CA GLY I 245 -15.33 -14.65 38.05
C GLY I 245 -16.44 -15.45 37.40
N THR I 246 -16.99 -16.40 38.15
CA THR I 246 -18.21 -17.06 37.75
C THR I 246 -19.39 -16.65 38.62
N LYS I 247 -19.13 -15.98 39.74
CA LYS I 247 -20.16 -15.53 40.67
C LYS I 247 -20.07 -14.02 40.81
N PRO I 248 -20.70 -13.27 39.90
CA PRO I 248 -20.79 -11.82 40.10
C PRO I 248 -21.84 -11.42 41.11
N GLN I 249 -22.55 -12.38 41.68
CA GLN I 249 -23.51 -12.07 42.73
C GLN I 249 -22.82 -11.69 44.03
N ASN I 250 -21.62 -12.19 44.26
CA ASN I 250 -20.94 -12.06 45.53
C ASN I 250 -20.12 -10.79 45.66
N ILE I 251 -20.33 -9.80 44.79
CA ILE I 251 -19.58 -8.56 44.91
C ILE I 251 -20.43 -7.47 45.56
N SER I 252 -21.57 -7.17 44.98
CA SER I 252 -22.39 -6.05 45.43
C SER I 252 -23.82 -6.25 44.94
N GLN I 253 -24.67 -5.28 45.26
CA GLN I 253 -26.07 -5.32 44.84
C GLN I 253 -26.19 -5.02 43.35
N LEU I 254 -25.60 -3.91 42.90
CA LEU I 254 -25.77 -3.52 41.52
C LEU I 254 -24.92 -4.34 40.58
N ASN I 255 -23.94 -5.07 41.10
CA ASN I 255 -23.20 -6.03 40.28
C ASN I 255 -24.00 -7.29 39.97
N ASN I 256 -25.22 -7.42 40.50
CA ASN I 256 -26.20 -8.33 39.94
C ASN I 256 -26.87 -7.77 38.70
N GLU I 257 -27.12 -6.46 38.67
CA GLU I 257 -27.80 -5.86 37.53
C GLU I 257 -26.89 -5.79 36.32
N ARG I 258 -25.77 -5.08 36.44
CA ARG I 258 -24.68 -5.24 35.49
C ARG I 258 -23.89 -6.47 35.93
N ARG I 259 -24.06 -7.57 35.23
CA ARG I 259 -23.46 -8.85 35.65
C ARG I 259 -21.97 -8.78 35.36
N GLY I 260 -21.22 -8.30 36.35
CA GLY I 260 -19.86 -7.88 36.07
C GLY I 260 -19.93 -6.60 35.26
N GLU I 261 -19.23 -6.60 34.11
CA GLU I 261 -19.48 -5.68 33.00
C GLU I 261 -19.29 -4.21 33.40
N ASN I 262 -18.03 -3.86 33.67
CA ASN I 262 -17.70 -2.51 34.06
C ASN I 262 -17.87 -1.51 32.93
N TRP I 263 -17.70 -1.93 31.67
CA TRP I 263 -17.90 -1.13 30.45
C TRP I 263 -17.00 0.09 30.42
N LEU I 264 -15.70 -0.15 30.28
CA LEU I 264 -14.72 0.91 30.35
C LEU I 264 -14.68 1.69 29.04
N LEU I 265 -14.54 3.00 29.13
CA LEU I 265 -14.35 3.82 27.95
C LEU I 265 -12.90 3.73 27.49
N PRO I 266 -12.62 3.94 26.21
CA PRO I 266 -11.24 3.86 25.75
C PRO I 266 -10.44 5.13 25.96
N SER I 267 -9.31 5.02 26.65
CA SER I 267 -8.32 6.08 26.72
C SER I 267 -7.09 5.60 25.95
N LEU I 268 -7.12 5.76 24.64
CA LEU I 268 -6.11 5.14 23.81
C LEU I 268 -5.29 6.18 23.07
N PRO I 269 -3.99 5.95 22.91
CA PRO I 269 -3.20 6.82 22.07
C PRO I 269 -3.56 6.62 20.61
N PRO I 270 -3.26 7.58 19.74
CA PRO I 270 -3.67 7.44 18.34
C PRO I 270 -2.90 6.38 17.58
N ASN I 271 -1.68 6.04 18.01
CA ASN I 271 -0.97 4.91 17.43
C ASN I 271 -1.19 3.65 18.25
N TRP I 272 -2.44 3.32 18.54
CA TRP I 272 -2.75 2.06 19.18
C TRP I 272 -3.07 0.97 18.17
N GLN I 273 -3.18 1.32 16.89
CA GLN I 273 -3.23 0.36 15.80
C GLN I 273 -1.90 0.41 15.08
N ARG I 274 -1.14 -0.66 15.14
CA ARG I 274 0.19 -0.70 14.54
C ARG I 274 0.06 -0.75 13.02
N GLN I 275 0.54 0.28 12.35
CA GLN I 275 0.65 0.29 10.90
C GLN I 275 2.07 -0.10 10.52
N ASN I 276 2.21 -1.16 9.73
CA ASN I 276 3.52 -1.57 9.27
C ASN I 276 4.03 -0.61 8.20
N VAL I 277 5.34 -0.63 7.97
CA VAL I 277 6.00 0.34 7.10
C VAL I 277 6.28 -0.32 5.75
N ASN I 278 6.18 0.47 4.69
CA ASN I 278 6.38 -0.01 3.32
C ASN I 278 7.05 1.09 2.51
N ALA I 279 8.19 0.78 1.92
CA ALA I 279 8.85 1.73 1.04
C ALA I 279 8.65 1.33 -0.42
N PRO I 280 8.54 2.28 -1.33
CA PRO I 280 8.34 1.95 -2.76
C PRO I 280 9.59 1.33 -3.39
N MET I 281 9.36 0.30 -4.21
CA MET I 281 10.44 -0.42 -4.89
C MET I 281 10.54 -0.07 -6.37
N ARG I 282 9.46 -0.26 -7.12
CA ARG I 282 9.45 -0.12 -8.57
C ARG I 282 8.81 1.20 -8.96
N HIS I 283 8.62 1.39 -10.27
CA HIS I 283 8.03 2.62 -10.78
C HIS I 283 6.54 2.71 -10.45
N SER I 284 5.82 1.60 -10.58
CA SER I 284 4.42 1.57 -10.15
C SER I 284 4.31 1.70 -8.63
N SER I 285 5.28 1.13 -7.91
CA SER I 285 5.34 1.32 -6.47
C SER I 285 5.68 2.77 -6.12
N VAL I 286 6.45 3.45 -6.95
CA VAL I 286 6.80 4.85 -6.67
C VAL I 286 5.67 5.77 -7.09
N PHE I 287 4.77 5.29 -7.94
CA PHE I 287 3.59 6.09 -8.28
C PHE I 287 2.45 5.87 -7.31
N GLU I 288 2.36 4.66 -6.72
CA GLU I 288 1.28 4.39 -5.78
C GLU I 288 1.70 4.61 -4.33
N HIS I 289 3.01 4.78 -4.08
CA HIS I 289 3.55 4.82 -2.73
C HIS I 289 4.41 6.05 -2.47
N ASP I 290 4.33 7.06 -3.36
CA ASP I 290 4.93 8.35 -3.06
C ASP I 290 4.22 9.03 -1.90
N PHE I 291 2.90 8.94 -1.89
CA PHE I 291 2.12 9.50 -0.80
C PHE I 291 2.02 8.55 0.38
N GLY I 292 1.68 7.27 0.11
CA GLY I 292 1.38 6.29 1.13
C GLY I 292 0.34 6.75 2.13
N ARG I 293 -0.91 6.92 1.69
CA ARG I 293 -1.91 7.59 2.51
C ARG I 293 -2.68 6.58 3.37
N THR I 294 -2.56 6.75 4.68
CA THR I 294 -3.15 5.92 5.69
C THR I 294 -4.67 6.10 5.72
N PRO I 295 -5.41 5.25 6.45
CA PRO I 295 -6.84 5.54 6.67
C PRO I 295 -7.11 6.83 7.41
N GLU I 296 -6.20 7.29 8.26
CA GLU I 296 -6.48 8.47 9.07
C GLU I 296 -6.43 9.74 8.23
N VAL I 297 -5.47 9.84 7.30
CA VAL I 297 -5.39 11.06 6.49
C VAL I 297 -6.49 11.10 5.45
N SER I 298 -6.99 9.94 5.01
CA SER I 298 -8.18 9.93 4.15
C SER I 298 -9.41 10.33 4.94
N ARG I 299 -9.52 9.87 6.19
CA ARG I 299 -10.60 10.29 7.08
C ARG I 299 -10.51 11.78 7.40
N LEU I 300 -9.30 12.34 7.36
CA LEU I 300 -9.12 13.74 7.66
C LEU I 300 -9.35 14.63 6.44
N THR I 301 -9.02 14.14 5.24
CA THR I 301 -9.30 14.90 4.03
C THR I 301 -10.75 14.81 3.61
N ARG I 302 -11.46 13.73 3.95
CA ARG I 302 -12.89 13.68 3.76
C ARG I 302 -13.63 14.70 4.62
N THR I 303 -13.06 15.08 5.77
CA THR I 303 -13.66 16.13 6.58
C THR I 303 -13.37 17.51 5.99
N LEU I 304 -12.20 17.68 5.35
CA LEU I 304 -11.91 18.92 4.64
C LEU I 304 -12.78 19.06 3.41
N GLN I 305 -13.14 17.94 2.77
CA GLN I 305 -14.06 17.98 1.63
C GLN I 305 -15.46 18.39 2.05
N ARG I 306 -15.84 18.15 3.30
CA ARG I 306 -17.11 18.62 3.85
C ARG I 306 -17.00 20.00 4.48
N PHE I 307 -16.01 20.79 4.08
CA PHE I 307 -15.85 22.14 4.60
C PHE I 307 -15.79 23.14 3.45
N LEU I 308 -16.69 23.00 2.48
CA LEU I 308 -16.73 23.89 1.31
C LEU I 308 -17.67 25.06 1.50
N ALA I 309 -18.96 24.81 1.72
CA ALA I 309 -19.93 25.88 1.85
C ALA I 309 -19.90 26.46 3.26
N LYS I 310 -20.19 27.76 3.36
CA LYS I 310 -20.14 28.46 4.64
C LYS I 310 -20.92 29.77 4.57
N THR I 311 -21.59 30.09 5.68
CA THR I 311 -22.01 31.45 5.98
C THR I 311 -20.98 32.03 6.95
N VAL I 312 -20.89 33.37 6.97
CA VAL I 312 -19.70 34.07 7.50
C VAL I 312 -19.54 33.85 9.01
N HIS I 313 -20.64 33.96 9.76
CA HIS I 313 -20.59 33.72 11.21
C HIS I 313 -20.27 32.27 11.51
N ASN I 314 -20.66 31.34 10.64
CA ASN I 314 -20.16 29.98 10.69
C ASN I 314 -18.79 29.83 10.05
N ASN I 315 -18.43 30.72 9.11
CA ASN I 315 -17.15 30.61 8.43
C ASN I 315 -15.98 30.99 9.31
N LEU I 316 -16.21 31.74 10.40
CA LEU I 316 -15.14 31.98 11.36
C LEU I 316 -14.67 30.67 12.03
N ALA I 317 -15.61 29.95 12.63
CA ALA I 317 -15.32 28.64 13.20
C ALA I 317 -14.90 27.63 12.14
N ILE I 318 -15.45 27.74 10.93
CA ILE I 318 -15.06 26.85 9.85
C ILE I 318 -13.62 27.11 9.41
N ARG I 319 -13.17 28.36 9.45
CA ARG I 319 -11.79 28.68 9.09
C ARG I 319 -10.82 28.21 10.17
N GLN I 320 -11.22 28.36 11.44
CA GLN I 320 -10.38 27.79 12.51
C GLN I 320 -10.32 26.27 12.42
N ARG I 321 -11.43 25.62 12.05
CA ARG I 321 -11.43 24.17 11.90
C ARG I 321 -10.63 23.73 10.68
N ARG I 322 -10.65 24.52 9.61
CA ARG I 322 -9.85 24.21 8.43
C ARG I 322 -8.36 24.34 8.72
N ALA I 323 -8.00 25.35 9.52
CA ALA I 323 -6.61 25.48 9.97
C ALA I 323 -6.19 24.29 10.83
N GLN I 324 -7.08 23.84 11.73
CA GLN I 324 -6.79 22.69 12.58
C GLN I 324 -6.65 21.41 11.75
N LEU I 325 -7.48 21.23 10.73
CA LEU I 325 -7.41 20.02 9.91
C LEU I 325 -6.15 20.01 9.05
N VAL I 326 -5.74 21.15 8.51
CA VAL I 326 -4.52 21.16 7.72
C VAL I 326 -3.31 20.98 8.63
N ALA I 327 -3.39 21.46 9.89
CA ALA I 327 -2.34 21.19 10.86
C ALA I 327 -2.23 19.71 11.18
N GLN I 328 -3.37 19.04 11.36
CA GLN I 328 -3.36 17.60 11.64
C GLN I 328 -2.86 16.80 10.45
N ILE I 329 -3.18 17.24 9.23
CA ILE I 329 -2.72 16.53 8.03
C ILE I 329 -1.21 16.70 7.85
N CYS I 330 -0.71 17.93 8.01
CA CYS I 330 0.72 18.19 7.95
C CYS I 330 1.49 17.45 9.04
N ASP I 331 0.88 17.33 10.22
CA ASP I 331 1.56 16.68 11.32
C ASP I 331 1.56 15.17 11.15
N GLU I 332 0.49 14.61 10.59
CA GLU I 332 0.50 13.20 10.26
C GLU I 332 1.47 12.89 9.13
N ALA I 333 1.68 13.84 8.21
CA ALA I 333 2.72 13.66 7.20
C ALA I 333 4.10 13.67 7.83
N LEU I 334 4.32 14.53 8.82
CA LEU I 334 5.60 14.54 9.53
C LEU I 334 5.83 13.25 10.30
N GLN I 335 4.78 12.68 10.87
CA GLN I 335 4.95 11.42 11.58
C GLN I 335 5.12 10.25 10.65
N TYR I 336 4.49 10.28 9.47
CA TYR I 336 4.72 9.23 8.48
C TYR I 336 6.15 9.26 7.98
N ALA I 337 6.66 10.46 7.69
CA ALA I 337 8.07 10.60 7.31
C ALA I 337 8.99 10.15 8.44
N ALA I 338 8.62 10.43 9.69
CA ALA I 338 9.43 10.05 10.84
C ALA I 338 9.52 8.54 11.00
N ARG I 339 8.37 7.86 11.04
CA ARG I 339 8.40 6.43 11.27
C ARG I 339 8.90 5.67 10.04
N LEU I 340 8.75 6.22 8.84
CA LEU I 340 9.29 5.54 7.67
C LEU I 340 10.80 5.72 7.60
N ARG I 341 11.32 6.90 7.96
CA ARG I 341 12.76 7.11 7.94
C ARG I 341 13.44 6.39 9.09
N GLU I 342 12.75 6.16 10.19
CA GLU I 342 13.39 5.52 11.32
C GLU I 342 13.22 4.01 11.36
N LEU I 343 12.06 3.48 11.00
CA LEU I 343 11.79 2.07 11.22
C LEU I 343 12.40 1.18 10.15
N GLU I 344 12.17 1.49 8.89
CA GLU I 344 12.54 0.62 7.79
C GLU I 344 13.82 1.10 7.13
N PRO I 345 14.78 0.20 6.91
CA PRO I 345 15.88 0.48 5.98
C PRO I 345 15.54 0.25 4.52
N GLY I 346 14.25 0.09 4.19
CA GLY I 346 13.79 -0.23 2.84
C GLY I 346 13.91 0.89 1.85
N TRP I 347 14.13 2.13 2.30
CA TRP I 347 14.39 3.22 1.35
C TRP I 347 15.71 3.05 0.64
N SER I 348 16.66 2.33 1.25
CA SER I 348 17.93 1.97 0.63
C SER I 348 18.05 0.46 0.51
N ALA I 349 16.95 -0.19 0.12
CA ALA I 349 16.94 -1.64 -0.04
C ALA I 349 17.35 -2.06 -1.44
N THR I 350 16.78 -1.43 -2.47
CA THR I 350 17.04 -1.81 -3.84
C THR I 350 17.17 -0.58 -4.71
N PRO I 351 17.98 -0.65 -5.76
CA PRO I 351 18.00 0.44 -6.76
C PRO I 351 17.08 0.15 -7.93
N GLY I 352 16.72 1.21 -8.62
CA GLY I 352 15.84 1.10 -9.77
C GLY I 352 15.97 2.32 -10.65
N CYS I 353 14.95 2.53 -11.49
CA CYS I 353 14.89 3.69 -12.37
C CYS I 353 13.98 4.78 -11.83
N GLN I 354 12.87 4.41 -11.20
CA GLN I 354 11.92 5.37 -10.64
C GLN I 354 11.64 5.00 -9.19
N LEU I 355 12.10 5.86 -8.27
CA LEU I 355 11.77 5.70 -6.85
C LEU I 355 11.32 7.02 -6.24
N HIS I 356 11.00 8.03 -7.06
CA HIS I 356 10.71 9.41 -6.67
C HIS I 356 11.86 9.97 -5.81
N ASP I 357 13.02 10.04 -6.44
CA ASP I 357 14.25 10.47 -5.77
C ASP I 357 14.31 11.96 -5.49
N ALA I 358 13.33 12.73 -5.94
CA ALA I 358 13.24 14.15 -5.61
C ALA I 358 12.73 14.38 -4.20
N GLU I 359 12.13 13.36 -3.57
CA GLU I 359 11.68 13.45 -2.18
C GLU I 359 12.85 13.65 -1.24
N GLN I 360 13.72 12.63 -1.12
CA GLN I 360 14.95 12.64 -0.32
C GLN I 360 14.73 13.01 1.15
N LEU I 361 13.52 12.81 1.66
CA LEU I 361 13.19 13.07 3.05
C LEU I 361 12.88 11.82 3.83
N TRP I 362 12.37 10.79 3.18
CA TRP I 362 12.10 9.52 3.82
C TRP I 362 13.28 8.56 3.79
N LEU I 363 14.47 9.07 3.47
CA LEU I 363 15.70 8.27 3.44
C LEU I 363 16.84 9.04 4.10
N ASP I 364 16.58 9.57 5.29
CA ASP I 364 17.57 10.43 5.95
C ASP I 364 18.82 9.67 6.36
N PRO I 365 18.75 8.63 7.20
CA PRO I 365 19.95 7.86 7.53
C PRO I 365 20.36 6.87 6.45
N LEU I 366 19.55 6.70 5.41
CA LEU I 366 19.82 5.70 4.38
C LEU I 366 20.91 6.15 3.42
N ARG I 367 21.01 7.45 3.13
CA ARG I 367 21.97 7.95 2.16
C ARG I 367 23.14 8.69 2.80
N ALA I 368 23.21 8.75 4.12
CA ALA I 368 24.30 9.45 4.81
C ALA I 368 25.13 8.54 5.71
N GLN I 369 24.49 7.60 6.41
CA GLN I 369 25.23 6.71 7.30
C GLN I 369 25.99 5.62 6.56
N THR I 370 25.71 5.40 5.28
CA THR I 370 26.45 4.48 4.44
C THR I 370 27.31 5.21 3.41
N ASP I 371 26.70 6.06 2.61
CA ASP I 371 27.44 6.94 1.71
C ASP I 371 27.84 8.20 2.47
N GLU I 372 29.13 8.36 2.74
CA GLU I 372 29.63 9.45 3.56
C GLU I 372 29.71 10.78 2.81
N THR I 373 30.30 10.77 1.60
CA THR I 373 30.45 11.98 0.82
C THR I 373 29.65 11.98 -0.47
N PHE I 374 28.91 10.92 -0.76
CA PHE I 374 28.20 10.80 -2.03
C PHE I 374 26.88 11.57 -2.04
N LEU I 375 25.95 11.21 -1.16
CA LEU I 375 24.64 11.85 -1.11
C LEU I 375 24.44 12.74 0.11
N GLN I 376 25.29 12.59 1.14
CA GLN I 376 25.20 13.46 2.30
C GLN I 376 25.63 14.89 1.97
N ARG I 377 26.54 15.04 1.00
CA ARG I 377 26.91 16.36 0.51
C ARG I 377 25.89 16.93 -0.46
N ARG I 378 24.98 16.09 -0.96
CA ARG I 378 23.89 16.52 -1.83
C ARG I 378 22.60 16.70 -1.05
N LEU I 379 22.62 16.47 0.27
CA LEU I 379 21.46 16.68 1.13
C LEU I 379 21.67 17.75 2.17
N ARG I 380 22.92 18.07 2.52
CA ARG I 380 23.20 19.11 3.50
C ARG I 380 23.39 20.48 2.87
N GLY I 381 23.95 20.56 1.67
CA GLY I 381 24.12 21.82 0.99
C GLY I 381 22.89 22.18 0.19
N ASP I 382 22.22 21.16 -0.35
CA ASP I 382 20.98 21.39 -1.09
C ASP I 382 19.81 21.66 -0.15
N TRP I 383 19.79 20.96 1.00
CA TRP I 383 18.76 20.98 2.05
C TRP I 383 17.38 20.73 1.45
N PRO I 384 17.06 19.46 1.10
CA PRO I 384 15.85 19.23 0.31
C PRO I 384 14.57 19.46 1.10
N ALA I 385 13.94 20.59 0.81
CA ALA I 385 12.70 21.01 1.44
C ALA I 385 11.63 21.31 0.40
N GLU I 386 11.87 20.94 -0.86
CA GLU I 386 10.91 21.14 -1.93
C GLU I 386 9.78 20.12 -1.92
N VAL I 387 9.73 19.24 -0.91
CA VAL I 387 8.66 18.27 -0.77
C VAL I 387 7.36 18.95 -0.39
N GLY I 388 7.42 20.11 0.25
CA GLY I 388 6.21 20.81 0.63
C GLY I 388 5.44 21.37 -0.55
N ASN I 389 6.14 21.74 -1.62
CA ASN I 389 5.45 22.21 -2.81
C ASN I 389 4.70 21.07 -3.50
N ARG I 390 5.27 19.87 -3.49
CA ARG I 390 4.55 18.71 -4.00
C ARG I 390 3.44 18.29 -3.03
N PHE I 391 3.62 18.57 -1.74
CA PHE I 391 2.63 18.22 -0.73
C PHE I 391 1.44 19.16 -0.80
N ALA I 392 1.64 20.38 -1.27
CA ALA I 392 0.55 21.33 -1.45
C ALA I 392 -0.42 20.87 -2.54
N ASN I 393 0.07 20.10 -3.50
CA ASN I 393 -0.81 19.53 -4.53
C ASN I 393 -1.81 18.56 -3.93
N TRP I 394 -1.44 17.85 -2.86
CA TRP I 394 -2.38 16.97 -2.18
C TRP I 394 -3.52 17.74 -1.57
N LEU I 395 -3.24 18.89 -0.96
CA LEU I 395 -4.28 19.68 -0.34
C LEU I 395 -5.06 20.52 -1.34
N ASN I 396 -4.50 20.77 -2.53
CA ASN I 396 -5.33 21.28 -3.61
C ASN I 396 -6.21 20.19 -4.20
N ARG I 397 -5.78 18.93 -4.12
CA ARG I 397 -6.67 17.83 -4.47
C ARG I 397 -7.70 17.56 -3.38
N ALA I 398 -7.42 17.99 -2.15
CA ALA I 398 -8.39 17.83 -1.07
C ALA I 398 -9.55 18.80 -1.21
N VAL I 399 -9.32 19.94 -1.84
CA VAL I 399 -10.40 20.89 -2.09
C VAL I 399 -10.93 20.67 -3.49
N SER I 400 -12.19 21.06 -3.70
CA SER I 400 -12.85 20.90 -4.98
C SER I 400 -12.65 22.16 -5.82
N SER I 401 -13.41 22.28 -6.90
CA SER I 401 -13.35 23.44 -7.80
C SER I 401 -14.45 24.44 -7.51
N ASP I 402 -14.82 24.61 -6.24
CA ASP I 402 -15.91 25.50 -5.87
C ASP I 402 -15.52 26.96 -6.10
N SER I 403 -16.15 27.58 -7.11
CA SER I 403 -15.86 28.96 -7.46
C SER I 403 -16.54 29.95 -6.54
N GLN I 404 -17.42 29.50 -5.64
CA GLN I 404 -18.00 30.40 -4.65
C GLN I 404 -16.98 30.84 -3.61
N ILE I 405 -15.91 30.07 -3.43
CA ILE I 405 -14.77 30.50 -2.64
C ILE I 405 -13.62 31.01 -3.51
N LEU I 406 -13.48 30.51 -4.74
CA LEU I 406 -12.42 30.95 -5.63
C LEU I 406 -12.64 32.35 -6.18
N GLY I 407 -13.88 32.83 -6.17
CA GLY I 407 -14.16 34.20 -6.56
C GLY I 407 -14.59 35.03 -5.36
N SER I 408 -14.06 34.68 -4.19
CA SER I 408 -14.40 35.36 -2.95
C SER I 408 -13.18 35.47 -2.05
N PRO I 409 -13.30 36.08 -0.88
CA PRO I 409 -12.15 36.18 0.03
C PRO I 409 -11.86 34.91 0.81
N GLU I 410 -12.62 33.83 0.62
CA GLU I 410 -12.32 32.57 1.28
C GLU I 410 -11.08 31.91 0.68
N ALA I 411 -10.81 32.15 -0.61
CA ALA I 411 -9.56 31.67 -1.20
C ALA I 411 -8.36 32.40 -0.64
N ALA I 412 -8.53 33.67 -0.25
CA ALA I 412 -7.43 34.40 0.38
C ALA I 412 -7.12 33.86 1.76
N GLN I 413 -8.15 33.56 2.55
CA GLN I 413 -7.94 32.99 3.89
C GLN I 413 -7.38 31.58 3.79
N TRP I 414 -7.86 30.80 2.81
CA TRP I 414 -7.33 29.46 2.58
C TRP I 414 -5.87 29.50 2.16
N SER I 415 -5.51 30.44 1.28
CA SER I 415 -4.13 30.55 0.84
C SER I 415 -3.22 31.07 1.96
N GLN I 416 -3.73 31.95 2.83
CA GLN I 416 -2.87 32.45 3.90
C GLN I 416 -2.62 31.38 4.96
N GLU I 417 -3.65 30.58 5.29
CA GLU I 417 -3.42 29.51 6.27
C GLU I 417 -2.55 28.41 5.67
N LEU I 418 -2.72 28.11 4.38
CA LEU I 418 -1.85 27.15 3.71
C LEU I 418 -0.41 27.64 3.63
N SER I 419 -0.21 28.94 3.43
CA SER I 419 1.15 29.47 3.32
C SER I 419 1.84 29.46 4.67
N LYS I 420 1.13 29.83 5.74
CA LYS I 420 1.77 29.81 7.06
C LYS I 420 2.01 28.38 7.54
N GLU I 421 1.17 27.44 7.11
CA GLU I 421 1.34 26.08 7.54
C GLU I 421 2.44 25.38 6.75
N LEU I 422 2.56 25.68 5.47
CA LEU I 422 3.71 25.20 4.72
C LEU I 422 4.98 25.93 5.12
N THR I 423 4.88 27.13 5.69
CA THR I 423 6.05 27.80 6.27
C THR I 423 6.58 27.04 7.48
N MET I 424 5.68 26.64 8.39
CA MET I 424 6.17 25.87 9.53
C MET I 424 6.58 24.46 9.12
N PHE I 425 5.92 23.89 8.10
CA PHE I 425 6.36 22.59 7.57
C PHE I 425 7.73 22.71 6.91
N LYS I 426 8.02 23.85 6.29
CA LYS I 426 9.32 24.05 5.67
C LYS I 426 10.42 24.19 6.72
N GLU I 427 10.16 24.95 7.79
CA GLU I 427 11.23 25.11 8.78
C GLU I 427 11.41 23.86 9.62
N ILE I 428 10.37 23.02 9.77
CA ILE I 428 10.59 21.70 10.37
C ILE I 428 11.35 20.80 9.41
N LEU I 429 11.06 20.91 8.11
CA LEU I 429 11.78 20.10 7.12
C LEU I 429 13.16 20.64 6.80
N GLU I 430 13.49 21.87 7.23
CA GLU I 430 14.77 22.46 6.84
C GLU I 430 15.92 21.87 7.64
N ASP I 431 15.68 21.48 8.88
CA ASP I 431 16.78 21.16 9.77
C ASP I 431 16.82 19.67 10.09
N GLU I 432 16.68 18.84 9.05
CA GLU I 432 16.93 17.41 9.14
C GLU I 432 18.40 17.07 9.26
N ARG I 433 19.29 18.05 9.10
CA ARG I 433 20.73 17.80 9.08
C ARG I 433 21.36 17.78 10.46
N ASP I 434 20.75 18.43 11.45
CA ASP I 434 21.30 18.47 12.79
C ASP I 434 21.03 17.17 13.55
N THR K 18 -26.53 -23.12 38.71
CA THR K 18 -27.24 -24.37 38.88
C THR K 18 -26.52 -25.28 39.87
N THR K 19 -25.30 -24.93 40.22
CA THR K 19 -24.51 -25.68 41.19
C THR K 19 -24.54 -24.90 42.51
N PHE K 20 -25.40 -25.32 43.43
CA PHE K 20 -25.62 -24.59 44.68
C PHE K 20 -24.69 -25.17 45.73
N THR K 21 -23.51 -24.56 45.86
CA THR K 21 -22.57 -25.00 46.87
C THR K 21 -22.96 -24.45 48.24
N SER K 22 -22.23 -24.90 49.27
CA SER K 22 -22.47 -24.45 50.62
C SER K 22 -21.20 -24.61 51.44
N ILE K 23 -20.96 -23.67 52.35
CA ILE K 23 -19.83 -23.73 53.26
C ILE K 23 -20.24 -23.11 54.60
N VAL K 24 -19.92 -23.78 55.68
CA VAL K 24 -20.18 -23.25 57.03
C VAL K 24 -19.02 -22.33 57.40
N THR K 25 -19.30 -21.03 57.48
CA THR K 25 -18.31 -20.05 57.85
C THR K 25 -18.59 -19.57 59.27
N THR K 26 -17.53 -19.42 60.07
CA THR K 26 -17.69 -18.91 61.42
C THR K 26 -17.77 -17.40 61.42
N ASN K 27 -16.83 -16.73 60.75
CA ASN K 27 -16.98 -15.30 60.51
C ASN K 27 -17.39 -15.09 59.06
N PRO K 28 -18.47 -14.36 58.81
CA PRO K 28 -18.91 -14.14 57.44
C PRO K 28 -18.24 -12.94 56.79
N ASP K 29 -18.25 -12.95 55.46
CA ASP K 29 -17.69 -11.86 54.67
C ASP K 29 -18.86 -10.93 54.34
N PHE K 30 -19.09 -9.95 55.20
CA PHE K 30 -20.19 -9.02 55.01
C PHE K 30 -19.82 -7.83 54.14
N GLY K 31 -18.67 -7.88 53.47
CA GLY K 31 -18.30 -6.82 52.56
C GLY K 31 -18.84 -6.98 51.16
N GLY K 32 -19.25 -8.19 50.79
CA GLY K 32 -19.86 -8.45 49.51
C GLY K 32 -21.31 -8.89 49.69
N PHE K 33 -21.94 -9.15 48.55
CA PHE K 33 -23.36 -9.49 48.53
C PHE K 33 -23.56 -11.01 48.57
N GLU K 34 -23.06 -11.62 49.63
CA GLU K 34 -23.18 -13.06 49.78
C GLU K 34 -24.37 -13.42 50.65
N PHE K 35 -24.89 -14.62 50.46
CA PHE K 35 -26.05 -15.11 51.18
C PHE K 35 -25.57 -15.92 52.37
N TYR K 36 -25.76 -15.38 53.57
CA TYR K 36 -25.41 -16.07 54.80
C TYR K 36 -26.69 -16.38 55.57
N VAL K 37 -26.86 -17.63 55.94
CA VAL K 37 -27.98 -18.05 56.78
C VAL K 37 -27.52 -18.03 58.23
N GLU K 38 -28.30 -17.39 59.09
CA GLU K 38 -28.03 -17.36 60.52
C GLU K 38 -28.09 -18.77 61.10
N ALA K 39 -27.29 -19.02 62.13
CA ALA K 39 -27.23 -20.33 62.77
C ALA K 39 -28.57 -20.72 63.37
N GLY K 40 -29.18 -19.84 64.14
CA GLY K 40 -30.49 -20.12 64.69
C GLY K 40 -31.63 -19.64 63.81
N GLN K 41 -31.56 -19.95 62.52
CA GLN K 41 -32.60 -19.59 61.56
C GLN K 41 -32.70 -20.69 60.52
N GLN K 42 -33.48 -20.45 59.49
CA GLN K 42 -33.75 -21.43 58.45
C GLN K 42 -33.51 -20.79 57.09
N PHE K 43 -33.20 -21.62 56.11
CA PHE K 43 -33.05 -21.18 54.72
C PHE K 43 -34.36 -20.60 54.20
N ASP K 44 -34.23 -19.57 53.37
CA ASP K 44 -35.38 -18.85 52.84
C ASP K 44 -35.24 -18.83 51.33
N ASP K 45 -36.09 -19.60 50.65
CA ASP K 45 -36.06 -19.63 49.19
C ASP K 45 -36.57 -18.31 48.60
N SER K 46 -37.47 -17.64 49.31
CA SER K 46 -38.00 -16.37 48.83
C SER K 46 -36.93 -15.29 48.85
N ALA K 47 -36.08 -15.28 49.88
CA ALA K 47 -35.02 -14.29 49.96
C ALA K 47 -33.93 -14.55 48.92
N TYR K 48 -33.70 -15.82 48.57
CA TYR K 48 -32.72 -16.12 47.53
C TYR K 48 -33.26 -15.80 46.15
N GLU K 49 -34.56 -16.02 45.93
CA GLU K 49 -35.17 -15.63 44.66
C GLU K 49 -35.35 -14.12 44.55
N GLU K 50 -35.38 -13.41 45.68
CA GLU K 50 -35.53 -11.96 45.65
C GLU K 50 -34.19 -11.25 45.52
N ALA K 51 -33.16 -11.74 46.23
CA ALA K 51 -31.86 -11.08 46.18
C ALA K 51 -31.17 -11.35 44.85
N TYR K 52 -30.90 -12.61 44.56
CA TYR K 52 -30.40 -12.99 43.25
C TYR K 52 -31.58 -13.34 42.35
N GLY K 53 -31.35 -13.29 41.04
CA GLY K 53 -32.44 -13.51 40.10
C GLY K 53 -32.91 -14.94 40.02
N VAL K 54 -32.04 -15.89 40.32
CA VAL K 54 -32.31 -17.30 40.09
C VAL K 54 -33.16 -17.82 41.24
N SER K 55 -34.01 -18.81 40.94
CA SER K 55 -34.82 -19.45 41.95
C SER K 55 -34.21 -20.78 42.36
N VAL K 56 -34.36 -21.12 43.63
CA VAL K 56 -33.73 -22.32 44.17
C VAL K 56 -34.53 -23.54 43.75
N PRO K 57 -33.90 -24.58 43.21
CA PRO K 57 -34.63 -25.81 42.93
C PRO K 57 -34.99 -26.53 44.22
N SER K 58 -36.11 -27.25 44.18
CA SER K 58 -36.72 -27.79 45.39
C SER K 58 -35.95 -28.97 45.98
N ALA K 59 -34.96 -29.51 45.26
CA ALA K 59 -34.12 -30.56 45.81
C ALA K 59 -32.91 -30.00 46.56
N VAL K 60 -32.57 -28.74 46.34
CA VAL K 60 -31.47 -28.12 47.07
C VAL K 60 -31.93 -27.69 48.46
N VAL K 61 -33.23 -27.46 48.62
CA VAL K 61 -33.78 -26.80 49.79
C VAL K 61 -33.67 -27.70 51.02
N GLU K 62 -33.90 -29.00 50.88
CA GLU K 62 -33.84 -29.86 52.04
C GLU K 62 -32.40 -30.14 52.45
N GLU K 63 -31.47 -30.12 51.50
CA GLU K 63 -30.05 -30.21 51.85
C GLU K 63 -29.60 -28.96 52.60
N MET K 64 -30.04 -27.79 52.15
CA MET K 64 -29.70 -26.55 52.83
C MET K 64 -30.37 -26.45 54.19
N ASN K 65 -31.56 -27.04 54.33
CA ASN K 65 -32.22 -27.08 55.63
C ASN K 65 -31.50 -28.01 56.60
N ALA K 66 -31.06 -29.18 56.11
CA ALA K 66 -30.29 -30.09 56.95
C ALA K 66 -28.92 -29.53 57.31
N LYS K 67 -28.36 -28.65 56.47
CA LYS K 67 -27.13 -27.98 56.85
C LYS K 67 -27.38 -26.82 57.80
N ALA K 68 -28.49 -26.09 57.62
CA ALA K 68 -28.74 -24.90 58.42
C ALA K 68 -29.23 -25.25 59.81
N ALA K 69 -29.98 -26.35 59.94
CA ALA K 69 -30.41 -26.79 61.26
C ALA K 69 -29.25 -27.35 62.06
N GLN K 70 -28.36 -28.08 61.40
CA GLN K 70 -27.18 -28.65 62.04
C GLN K 70 -26.11 -27.55 62.00
N LEU K 71 -26.21 -26.62 62.95
CA LEU K 71 -25.29 -25.50 63.02
C LEU K 71 -25.08 -25.15 64.48
N LYS K 72 -23.81 -25.02 64.86
CA LYS K 72 -23.49 -24.55 66.19
C LYS K 72 -23.80 -23.06 66.29
N ASP K 73 -23.89 -22.56 67.53
CA ASP K 73 -24.21 -21.17 67.74
C ASP K 73 -23.03 -20.29 67.33
N GLY K 74 -23.27 -19.40 66.37
CA GLY K 74 -22.21 -18.60 65.81
C GLY K 74 -21.56 -19.23 64.59
N GLU K 75 -22.32 -19.94 63.78
CA GLU K 75 -21.81 -20.54 62.56
C GLU K 75 -22.78 -20.24 61.44
N TRP K 76 -22.33 -19.46 60.46
CA TRP K 76 -23.19 -19.02 59.39
C TRP K 76 -23.10 -19.99 58.22
N LEU K 77 -24.20 -20.10 57.47
CA LEU K 77 -24.27 -20.98 56.32
C LEU K 77 -24.24 -20.14 55.06
N ASN K 78 -23.17 -20.23 54.30
CA ASN K 78 -22.98 -19.46 53.08
C ASN K 78 -23.48 -20.28 51.90
N VAL K 79 -24.50 -19.78 51.21
CA VAL K 79 -25.12 -20.48 50.10
C VAL K 79 -24.91 -19.65 48.84
N SER K 80 -24.35 -20.27 47.80
CA SER K 80 -24.09 -19.54 46.57
C SER K 80 -24.15 -20.50 45.39
N HIS K 81 -24.60 -19.98 44.26
CA HIS K 81 -24.68 -20.73 43.01
C HIS K 81 -23.60 -20.24 42.06
N GLU K 82 -23.14 -21.13 41.18
CA GLU K 82 -22.08 -20.79 40.24
C GLU K 82 -22.58 -20.70 38.80
N ALA K 83 -23.82 -20.27 38.61
CA ALA K 83 -24.34 -20.10 37.25
C ALA K 83 -23.77 -18.85 36.60
#